data_9H2H
#
_entry.id   9H2H
#
_cell.length_a   1.00
_cell.length_b   1.00
_cell.length_c   1.00
_cell.angle_alpha   90.00
_cell.angle_beta   90.00
_cell.angle_gamma   90.00
#
_symmetry.space_group_name_H-M   'P 1'
#
loop_
_entity.id
_entity.type
_entity.pdbx_description
1 polymer 'Protein AC54'
2 polymer 'DNA (58-MER)'
3 polymer 'DNA (58-MER)'
4 polymer 'Occlusion-derived virus envelope protein E27'
5 polymer 'Protein C42'
#
loop_
_entity_poly.entity_id
_entity_poly.type
_entity_poly.pdbx_seq_one_letter_code
_entity_poly.pdbx_strand_id
1 'polypeptide(L)'
;MCSTKKPIKLDLCASVKLTPFKPMRPPKPMQCWIHPRRANCKVTRPRNNYSDPDNENDMLHMTVLNSVFLNEHAKLYYRH
LLRNDQAEARKTILNADSVYECMLIRPIRTEHFRSVDEAGEHNMSVLKIIIDAVIKYIGKLADDEYILIADRMYVDLIYS
EFRAIILPQSAYIIKGDYAESDSESGQSVDVCNELEYPWKLITANNCIVSTDESRQSQYIYRTFLLYNTVLTAILKQNNP
FDVIAENTSISIIVRNLGSCPNNKDRVKCCDLNYGGVPPGHVMCPPREITKKFFHYAKWVRNPNKYKRYSELIARQSETG
GGSASLRENVNNQLHARDVSQLHLLDWENFMGEFSSYFGLHAHNV
;
A,B,C,D
2 'polydeoxyribonucleotide'
;(DT)(DA)(DT)(DT)(DC)(DC)(DA)(DA)(DA)(DC)(DG)(DT)(DT)(DA)(DA)(DA)(DA)(DC)(DC)(DT)
(DT)(DT)(DA)(DG)(DG)(DA)(DG)(DA)(DA)(DG)(DT)(DA)(DA)(DA)(DA)(DC)(DA)(DA)(DA)(DA)
(DA)(DA)(DA)(DA)(DA)(DT)(DT)(DT)(DA)(DA)(DT)(DT)(DA)(DA)(DA)(DT)(DG)(DG)
;
E
3 'polydeoxyribonucleotide'
;(DC)(DC)(DA)(DT)(DT)(DT)(DA)(DA)(DT)(DT)(DA)(DA)(DA)(DT)(DT)(DT)(DT)(DT)(DT)(DT)
(DT)(DT)(DG)(DT)(DT)(DT)(DT)(DA)(DC)(DT)(DT)(DC)(DT)(DC)(DC)(DT)(DA)(DA)(DA)(DG)
(DG)(DT)(DT)(DT)(DT)(DA)(DA)(DC)(DG)(DT)(DT)(DT)(DG)(DG)(DA)(DA)(DT)(DA)
;
F
4 'polypeptide(L)'
;MKRIKCNKVRTVTEIVNSDEKIQKTYELAEFDLKNLSSLESYETLKIKLALSKYMAMLSTLEMTQPLLEIFRNKADTRQI
AAVVFSTLAFIHNRFHPLVTNFTNKMEFVVTETNDTSIPGEPILFTENEGVLLCSVDRPSIVKMLSREFDTEALVNFEND
NCNVRIAKTFGASKRKNTTRSDDYESNKQPNYDMDLSDFSITEVEATQYLTLLLTVEHAYLHYYIFKNYGVFEYCKSLTD
HSLFTNKLRSTMSTKTSNLLLSKFKFTIEDFDKINSNSVTSGFNIYNFNK
;
G,H,K,L,O,P,S,T
5 'polypeptide(L)'
;MSAIALYLEINKLRLKIDEPMQLAIWPQLFPLLCDEHQSVQLNTDVLINFMMHVARKSQNTILNNNAAIASQYAAGNADV
VAAPASAQPTPRPVINLFARANAAAPAQPSEELINMRRYRNAARKLIHHYSLNSTSSTEYKISDVVMTMIFLLRSEKYHS
LFKLLETTFDDYTCRPQMTQVQTDTLLDAVRSLLEMPSTTIDLTTVDIMRSSFARCFNSPIMRYAKIVLLQNVALQRDKR
TTLEELLIERGEKIQMLQPQQYINSGTEIPFCDDAEFLNRLLKHIDPYPLSRMYYNAANTMFYTTMENYAVSNCKFNIED
YNNIFKVMENIRKHSNKNSNDQDELNIYLGVQSSNAKRKKY
;
I,J,M,N,Q,R,U,V
#
loop_
_chem_comp.id
_chem_comp.type
_chem_comp.name
_chem_comp.formula
DA DNA linking 2'-DEOXYADENOSINE-5'-MONOPHOSPHATE 'C10 H14 N5 O6 P'
DC DNA linking 2'-DEOXYCYTIDINE-5'-MONOPHOSPHATE 'C9 H14 N3 O7 P'
DG DNA linking 2'-DEOXYGUANOSINE-5'-MONOPHOSPHATE 'C10 H14 N5 O7 P'
DT DNA linking THYMIDINE-5'-MONOPHOSPHATE 'C10 H15 N2 O8 P'
#
# COMPACT_ATOMS: atom_id res chain seq x y z
N LYS A 17 -33.28 20.36 -57.32
CA LYS A 17 -33.46 21.72 -57.82
C LYS A 17 -32.49 22.67 -57.11
N LEU A 18 -31.73 23.41 -57.91
CA LEU A 18 -30.84 24.44 -57.41
C LEU A 18 -31.08 25.72 -58.20
N THR A 19 -30.86 26.86 -57.55
CA THR A 19 -30.98 28.13 -58.23
C THR A 19 -29.87 28.26 -59.27
N PRO A 20 -30.19 28.55 -60.53
CA PRO A 20 -29.14 28.77 -61.52
C PRO A 20 -28.47 30.12 -61.33
N PHE A 21 -27.47 30.18 -60.46
CA PHE A 21 -26.92 31.46 -60.06
C PHE A 21 -26.53 32.30 -61.27
N LYS A 22 -26.87 33.58 -61.21
CA LYS A 22 -26.63 34.49 -62.31
C LYS A 22 -25.39 35.32 -62.02
N PRO A 23 -24.29 35.17 -62.76
CA PRO A 23 -23.07 35.93 -62.48
C PRO A 23 -23.06 37.36 -63.01
N MET A 24 -24.18 37.90 -63.46
CA MET A 24 -24.21 39.26 -63.98
C MET A 24 -25.64 39.79 -63.94
N ARG A 25 -25.75 41.11 -63.96
CA ARG A 25 -27.06 41.77 -64.02
C ARG A 25 -27.74 41.46 -65.35
N PRO A 26 -28.94 40.88 -65.36
CA PRO A 26 -29.63 40.65 -66.63
C PRO A 26 -30.09 41.96 -67.23
N PRO A 27 -29.58 42.33 -68.41
CA PRO A 27 -29.97 43.61 -68.99
C PRO A 27 -31.46 43.65 -69.30
N LYS A 28 -32.21 44.46 -68.55
CA LYS A 28 -33.66 44.52 -68.72
C LYS A 28 -34.04 45.29 -69.99
N PRO A 29 -33.29 46.35 -70.40
CA PRO A 29 -33.84 47.17 -71.50
C PRO A 29 -33.71 46.49 -72.85
N MET A 30 -34.69 45.64 -73.16
CA MET A 30 -34.66 44.85 -74.39
C MET A 30 -35.20 45.74 -75.50
N GLN A 31 -34.38 46.70 -75.91
CA GLN A 31 -34.76 47.72 -76.88
C GLN A 31 -33.80 47.69 -78.06
N CYS A 32 -34.35 47.45 -79.25
CA CYS A 32 -33.57 47.40 -80.49
C CYS A 32 -34.45 48.00 -81.58
N TRP A 33 -34.23 49.29 -81.86
CA TRP A 33 -34.94 49.92 -82.97
C TRP A 33 -34.67 49.20 -84.27
N ILE A 34 -33.55 48.48 -84.36
CA ILE A 34 -33.30 47.67 -85.54
C ILE A 34 -34.26 46.49 -85.59
N HIS A 35 -34.56 45.90 -84.42
CA HIS A 35 -35.39 44.69 -84.37
C HIS A 35 -36.31 44.71 -83.16
N PRO A 36 -37.21 45.70 -83.09
CA PRO A 36 -38.11 45.77 -81.93
C PRO A 36 -39.01 44.55 -81.79
N ARG A 37 -39.42 43.95 -82.90
CA ARG A 37 -40.44 42.89 -82.85
C ARG A 37 -39.96 41.65 -82.11
N ARG A 38 -38.67 41.48 -81.90
CA ARG A 38 -38.14 40.31 -81.23
C ARG A 38 -37.95 40.55 -79.74
N ALA A 39 -37.80 39.45 -79.00
CA ALA A 39 -37.68 39.49 -77.56
C ALA A 39 -36.23 39.37 -77.07
N ASN A 40 -35.26 39.24 -77.98
CA ASN A 40 -33.86 39.13 -77.59
C ASN A 40 -32.95 40.12 -78.27
N CYS A 41 -33.41 40.84 -79.30
CA CYS A 41 -32.57 41.81 -79.99
C CYS A 41 -32.58 43.13 -79.23
N LYS A 42 -31.42 43.51 -78.68
CA LYS A 42 -31.22 44.81 -78.06
C LYS A 42 -30.06 45.50 -78.76
N VAL A 43 -30.31 46.68 -79.32
CA VAL A 43 -29.24 47.53 -79.81
C VAL A 43 -29.21 48.79 -78.97
N THR A 44 -28.03 49.40 -78.89
CA THR A 44 -27.80 50.59 -78.08
C THR A 44 -26.43 51.13 -78.41
N ARG A 45 -26.27 52.44 -78.28
CA ARG A 45 -25.05 53.12 -78.70
C ARG A 45 -24.27 53.61 -77.50
N PRO A 46 -22.97 53.85 -77.65
CA PRO A 46 -22.18 54.33 -76.51
C PRO A 46 -22.52 55.76 -76.15
N ARG A 47 -22.12 56.14 -74.94
CA ARG A 47 -22.19 57.51 -74.45
C ARG A 47 -20.81 57.98 -74.03
N ASN A 48 -19.80 57.61 -74.82
CA ASN A 48 -18.41 57.85 -74.48
C ASN A 48 -18.04 59.30 -74.80
N ASN A 49 -16.75 59.61 -74.75
CA ASN A 49 -16.27 60.95 -75.02
C ASN A 49 -16.80 61.44 -76.37
N TYR A 50 -17.59 62.51 -76.33
CA TYR A 50 -18.26 62.99 -77.54
C TYR A 50 -17.38 63.89 -78.39
N SER A 51 -16.16 64.19 -77.93
CA SER A 51 -15.23 64.94 -78.77
C SER A 51 -14.95 64.20 -80.07
N ASP A 52 -15.14 62.88 -80.07
CA ASP A 52 -15.04 62.07 -81.28
C ASP A 52 -16.44 61.65 -81.71
N PRO A 53 -17.08 62.41 -82.62
CA PRO A 53 -18.43 62.01 -83.04
C PRO A 53 -18.49 60.60 -83.62
N ASP A 54 -17.38 60.12 -84.18
CA ASP A 54 -17.36 58.74 -84.68
C ASP A 54 -17.54 57.74 -83.53
N ASN A 55 -16.93 58.02 -82.38
CA ASN A 55 -17.18 57.20 -81.21
C ASN A 55 -18.67 57.14 -80.89
N GLU A 56 -19.37 58.26 -81.09
CA GLU A 56 -20.82 58.25 -80.96
C GLU A 56 -21.47 57.48 -82.10
N ASN A 57 -20.86 57.51 -83.29
CA ASN A 57 -21.35 56.74 -84.42
C ASN A 57 -21.31 55.24 -84.13
N ASP A 58 -20.54 54.84 -83.13
CA ASP A 58 -20.49 53.44 -82.73
C ASP A 58 -21.88 52.96 -82.31
N MET A 59 -22.14 51.68 -82.54
CA MET A 59 -23.38 51.05 -82.12
C MET A 59 -23.06 49.71 -81.46
N LEU A 60 -23.96 49.27 -80.60
CA LEU A 60 -23.66 48.18 -79.66
C LEU A 60 -24.93 47.35 -79.48
N HIS A 61 -24.99 46.19 -80.13
CA HIS A 61 -26.15 45.31 -80.04
C HIS A 61 -25.76 44.01 -79.36
N MET A 62 -26.50 43.64 -78.32
CA MET A 62 -26.39 42.33 -77.69
C MET A 62 -27.70 41.58 -77.88
N THR A 63 -27.60 40.31 -78.26
CA THR A 63 -28.75 39.44 -78.40
C THR A 63 -28.67 38.34 -77.35
N VAL A 64 -29.82 38.01 -76.77
CA VAL A 64 -29.90 37.00 -75.72
C VAL A 64 -30.34 35.69 -76.33
N LEU A 65 -29.47 34.67 -76.22
CA LEU A 65 -29.79 33.33 -76.71
C LEU A 65 -29.63 32.34 -75.57
N ASN A 66 -29.65 31.04 -75.86
CA ASN A 66 -29.49 30.00 -74.86
C ASN A 66 -28.11 29.37 -74.96
N SER A 67 -27.55 29.01 -73.81
CA SER A 67 -26.18 28.48 -73.77
C SER A 67 -26.05 27.14 -74.48
N VAL A 68 -27.16 26.47 -74.78
CA VAL A 68 -27.11 25.16 -75.42
C VAL A 68 -26.35 25.25 -76.74
N PHE A 69 -26.30 26.45 -77.33
CA PHE A 69 -25.62 26.65 -78.60
C PHE A 69 -24.12 26.80 -78.44
N LEU A 70 -23.58 26.41 -77.30
CA LEU A 70 -22.14 26.44 -77.03
C LEU A 70 -21.60 25.01 -77.16
N ASN A 71 -20.50 24.86 -77.89
CA ASN A 71 -20.03 23.52 -78.19
C ASN A 71 -19.30 22.94 -76.98
N GLU A 72 -18.64 21.81 -77.21
CA GLU A 72 -17.68 21.28 -76.25
C GLU A 72 -16.65 22.31 -75.82
N HIS A 73 -16.04 23.00 -76.79
CA HIS A 73 -15.08 24.04 -76.46
C HIS A 73 -15.73 25.24 -75.77
N ALA A 74 -17.03 25.20 -75.48
CA ALA A 74 -17.76 26.36 -75.01
C ALA A 74 -17.64 27.50 -76.01
N LYS A 75 -18.11 27.22 -77.23
CA LYS A 75 -18.00 28.12 -78.36
C LYS A 75 -19.35 28.20 -79.04
N LEU A 76 -19.86 29.41 -79.21
CA LEU A 76 -21.17 29.58 -79.84
C LEU A 76 -21.09 29.11 -81.30
N TYR A 77 -22.03 28.26 -81.69
CA TYR A 77 -21.85 27.43 -82.87
C TYR A 77 -21.64 28.26 -84.13
N TYR A 78 -22.52 29.23 -84.38
CA TYR A 78 -22.41 29.98 -85.63
C TYR A 78 -21.10 30.76 -85.72
N ARG A 79 -20.41 30.95 -84.59
CA ARG A 79 -19.13 31.65 -84.60
C ARG A 79 -18.06 30.90 -85.37
N HIS A 80 -18.29 29.62 -85.68
CA HIS A 80 -17.35 28.88 -86.52
C HIS A 80 -17.21 29.51 -87.90
N LEU A 81 -18.16 30.35 -88.30
CA LEU A 81 -18.17 30.98 -89.60
C LEU A 81 -17.95 32.49 -89.54
N LEU A 82 -17.62 33.03 -88.37
CA LEU A 82 -17.35 34.46 -88.21
C LEU A 82 -15.92 34.75 -88.67
N ARG A 83 -15.73 34.67 -89.98
CA ARG A 83 -14.41 34.80 -90.61
C ARG A 83 -14.36 36.08 -91.43
N ASN A 84 -13.21 36.74 -91.41
CA ASN A 84 -13.05 38.03 -92.08
C ASN A 84 -14.12 39.00 -91.58
N ASP A 85 -14.26 39.07 -90.26
CA ASP A 85 -15.34 39.82 -89.64
C ASP A 85 -15.41 41.26 -90.17
N GLN A 86 -16.48 41.57 -90.90
CA GLN A 86 -16.68 42.93 -91.37
C GLN A 86 -17.18 43.84 -90.25
N ALA A 87 -17.93 43.28 -89.29
CA ALA A 87 -18.31 44.03 -88.11
C ALA A 87 -17.11 44.26 -87.22
N GLU A 88 -17.31 45.04 -86.16
CA GLU A 88 -16.19 45.46 -85.31
C GLU A 88 -15.86 44.40 -84.26
N ALA A 89 -16.81 44.08 -83.39
CA ALA A 89 -16.57 43.12 -82.31
C ALA A 89 -17.73 42.15 -82.19
N ARG A 90 -17.41 40.93 -81.76
CA ARG A 90 -18.42 39.92 -81.46
C ARG A 90 -17.85 39.05 -80.34
N LYS A 91 -18.30 39.28 -79.12
CA LYS A 91 -17.85 38.53 -77.96
C LYS A 91 -19.03 37.84 -77.29
N THR A 92 -18.75 36.73 -76.63
CA THR A 92 -19.78 35.95 -75.94
C THR A 92 -19.66 36.14 -74.43
N ILE A 93 -20.83 36.18 -73.78
CA ILE A 93 -20.89 36.35 -72.33
C ILE A 93 -22.24 35.81 -71.87
N LEU A 94 -22.24 35.14 -70.72
CA LEU A 94 -23.42 34.40 -70.27
C LEU A 94 -23.78 34.78 -68.84
N ASN A 95 -25.07 34.74 -68.54
CA ASN A 95 -25.60 34.82 -67.18
C ASN A 95 -26.21 33.45 -66.90
N ALA A 96 -25.40 32.53 -66.45
CA ALA A 96 -25.81 31.13 -66.30
C ALA A 96 -26.27 30.66 -67.68
N ASP A 97 -27.37 29.90 -67.78
CA ASP A 97 -27.77 29.35 -69.07
C ASP A 97 -27.92 30.44 -70.13
N SER A 98 -28.42 31.61 -69.74
CA SER A 98 -28.58 32.69 -70.69
C SER A 98 -27.22 33.08 -71.27
N VAL A 99 -27.19 33.38 -72.56
CA VAL A 99 -25.99 33.80 -73.25
C VAL A 99 -26.26 35.10 -73.98
N TYR A 100 -25.17 35.79 -74.32
CA TYR A 100 -25.24 37.16 -74.82
C TYR A 100 -24.11 37.35 -75.81
N GLU A 101 -24.44 37.43 -77.10
CA GLU A 101 -23.47 37.86 -78.08
C GLU A 101 -23.52 39.38 -78.18
N CYS A 102 -22.41 40.03 -77.83
CA CYS A 102 -22.33 41.47 -77.74
C CYS A 102 -21.57 41.99 -78.94
N MET A 103 -22.11 43.01 -79.60
CA MET A 103 -21.63 43.48 -80.89
C MET A 103 -21.11 44.90 -80.76
N LEU A 104 -19.93 45.15 -81.30
CA LEU A 104 -19.45 46.50 -81.55
C LEU A 104 -19.66 46.81 -83.02
N ILE A 105 -20.03 48.06 -83.30
CA ILE A 105 -20.28 48.50 -84.67
C ILE A 105 -19.76 49.93 -84.77
N ARG A 106 -19.40 50.33 -85.99
CA ARG A 106 -19.00 51.71 -86.23
C ARG A 106 -19.10 52.03 -87.72
N PRO A 107 -20.27 52.34 -88.25
CA PRO A 107 -20.36 52.73 -89.65
C PRO A 107 -19.74 54.10 -89.87
N ILE A 108 -19.45 54.40 -91.13
CA ILE A 108 -19.00 55.74 -91.49
C ILE A 108 -20.19 56.68 -91.30
N ARG A 109 -19.93 57.98 -91.39
CA ARG A 109 -20.92 58.96 -90.96
C ARG A 109 -22.29 58.70 -91.59
N THR A 110 -22.31 58.48 -92.90
CA THR A 110 -23.57 58.26 -93.61
C THR A 110 -23.96 56.80 -93.71
N GLU A 111 -23.08 55.88 -93.30
CA GLU A 111 -23.41 54.46 -93.34
C GLU A 111 -24.28 54.11 -92.14
N HIS A 112 -25.33 53.34 -92.38
CA HIS A 112 -26.26 52.91 -91.33
C HIS A 112 -26.86 51.58 -91.72
N PHE A 113 -26.60 50.55 -90.92
CA PHE A 113 -27.13 49.22 -91.22
C PHE A 113 -28.58 49.10 -90.76
N ARG A 114 -29.29 48.13 -91.34
CA ARG A 114 -30.72 47.99 -91.14
C ARG A 114 -31.10 46.51 -91.14
N SER A 115 -32.25 46.22 -90.55
CA SER A 115 -32.74 44.86 -90.45
C SER A 115 -33.01 44.25 -91.83
N VAL A 116 -32.56 43.00 -92.01
CA VAL A 116 -32.93 42.26 -93.21
C VAL A 116 -34.43 42.02 -93.25
N ASP A 117 -35.07 42.00 -92.09
CA ASP A 117 -36.50 41.70 -92.01
C ASP A 117 -37.30 42.63 -92.92
N GLU A 118 -37.93 42.05 -93.93
CA GLU A 118 -38.83 42.79 -94.81
C GLU A 118 -38.19 44.09 -95.27
N ALA A 119 -36.90 44.02 -95.57
CA ALA A 119 -36.16 45.23 -95.92
C ALA A 119 -36.71 45.92 -97.16
N GLY A 120 -37.43 45.20 -98.01
CA GLY A 120 -37.96 45.81 -99.22
C GLY A 120 -36.89 46.44 -100.08
N GLU A 121 -35.67 45.92 -100.02
CA GLU A 121 -34.52 46.59 -100.63
C GLU A 121 -34.67 46.56 -102.15
N HIS A 122 -34.67 47.75 -102.76
CA HIS A 122 -34.69 47.85 -104.21
C HIS A 122 -33.30 47.88 -104.81
N ASN A 123 -32.33 48.46 -104.12
CA ASN A 123 -30.98 48.57 -104.65
C ASN A 123 -30.44 47.19 -104.99
N MET A 124 -30.21 46.95 -106.29
CA MET A 124 -29.71 45.64 -106.71
C MET A 124 -28.33 45.38 -106.13
N SER A 125 -27.45 46.38 -106.18
CA SER A 125 -26.06 46.18 -105.76
C SER A 125 -25.95 45.84 -104.28
N VAL A 126 -26.76 46.51 -103.45
CA VAL A 126 -26.74 46.20 -102.02
C VAL A 126 -27.15 44.76 -101.78
N LEU A 127 -28.20 44.32 -102.45
CA LEU A 127 -28.60 42.92 -102.37
C LEU A 127 -27.47 42.01 -102.82
N LYS A 128 -26.79 42.37 -103.92
CA LYS A 128 -25.68 41.57 -104.42
C LYS A 128 -24.62 41.38 -103.33
N ILE A 129 -24.18 42.48 -102.73
CA ILE A 129 -23.11 42.39 -101.73
C ILE A 129 -23.58 41.60 -100.52
N ILE A 130 -24.82 41.81 -100.09
CA ILE A 130 -25.33 41.09 -98.93
C ILE A 130 -25.34 39.59 -99.20
N ILE A 131 -25.83 39.19 -100.37
CA ILE A 131 -25.91 37.77 -100.68
C ILE A 131 -24.52 37.18 -100.84
N ASP A 132 -23.58 37.94 -101.40
CA ASP A 132 -22.20 37.48 -101.44
C ASP A 132 -21.70 37.20 -100.04
N ALA A 133 -21.95 38.13 -99.11
CA ALA A 133 -21.51 37.94 -97.74
C ALA A 133 -22.10 36.66 -97.15
N VAL A 134 -23.41 36.46 -97.34
CA VAL A 134 -24.05 35.29 -96.73
C VAL A 134 -23.51 34.00 -97.35
N ILE A 135 -23.36 33.96 -98.67
CA ILE A 135 -22.91 32.74 -99.32
C ILE A 135 -21.49 32.40 -98.88
N LYS A 136 -20.61 33.41 -98.83
CA LYS A 136 -19.25 33.14 -98.37
C LYS A 136 -19.25 32.69 -96.91
N TYR A 137 -20.11 33.30 -96.09
CA TYR A 137 -20.22 32.90 -94.69
C TYR A 137 -20.55 31.42 -94.59
N ILE A 138 -21.57 30.97 -95.33
CA ILE A 138 -21.97 29.57 -95.25
C ILE A 138 -21.02 28.64 -95.98
N GLY A 139 -20.16 29.18 -96.86
CA GLY A 139 -19.35 28.32 -97.70
C GLY A 139 -18.38 27.45 -96.92
N LYS A 140 -17.77 28.01 -95.88
CA LYS A 140 -16.69 27.32 -95.18
C LYS A 140 -17.17 26.05 -94.48
N LEU A 141 -18.49 25.86 -94.35
CA LEU A 141 -19.00 24.63 -93.78
C LEU A 141 -18.43 23.41 -94.50
N ALA A 142 -17.95 22.45 -93.73
CA ALA A 142 -17.30 21.29 -94.31
C ALA A 142 -18.32 20.39 -95.02
N ASP A 143 -17.84 19.60 -95.96
CA ASP A 143 -18.72 18.78 -96.78
C ASP A 143 -19.49 17.79 -95.91
N ASP A 144 -18.78 17.02 -95.09
CA ASP A 144 -19.45 16.10 -94.17
C ASP A 144 -20.10 16.83 -93.00
N GLU A 145 -19.85 18.13 -92.84
CA GLU A 145 -20.52 18.91 -91.82
C GLU A 145 -21.90 19.32 -92.30
N TYR A 146 -22.84 19.36 -91.36
CA TYR A 146 -24.22 19.77 -91.64
C TYR A 146 -24.65 20.78 -90.59
N ILE A 147 -25.32 21.84 -91.05
CA ILE A 147 -25.82 22.88 -90.17
C ILE A 147 -27.33 22.73 -90.05
N LEU A 148 -27.86 23.19 -88.92
CA LEU A 148 -29.30 23.23 -88.71
C LEU A 148 -29.64 24.54 -88.02
N ILE A 149 -30.58 25.29 -88.58
CA ILE A 149 -31.00 26.54 -87.97
C ILE A 149 -32.03 26.25 -86.90
N ALA A 150 -32.10 27.13 -85.90
CA ALA A 150 -32.92 26.90 -84.73
C ALA A 150 -33.87 28.05 -84.42
N ASP A 151 -33.95 29.05 -85.30
CA ASP A 151 -34.80 30.21 -85.04
C ASP A 151 -35.67 30.58 -86.24
N ARG A 152 -35.26 30.20 -87.44
CA ARG A 152 -35.94 30.70 -88.64
C ARG A 152 -35.34 30.02 -89.86
N MET A 153 -36.15 29.93 -90.92
CA MET A 153 -35.65 29.39 -92.19
C MET A 153 -35.02 30.49 -93.03
N TYR A 154 -34.12 31.27 -92.43
CA TYR A 154 -33.32 32.24 -93.16
C TYR A 154 -32.26 32.81 -92.22
N VAL A 155 -31.03 32.96 -92.74
CA VAL A 155 -29.96 33.54 -91.96
C VAL A 155 -30.29 35.00 -91.69
N ASP A 156 -30.08 35.43 -90.45
CA ASP A 156 -30.45 36.76 -90.03
C ASP A 156 -29.23 37.68 -90.01
N LEU A 157 -29.45 38.95 -90.32
CA LEU A 157 -28.34 39.88 -90.50
C LEU A 157 -28.90 41.30 -90.56
N ILE A 158 -28.01 42.26 -90.81
CA ILE A 158 -28.36 43.65 -91.10
C ILE A 158 -27.55 44.09 -92.30
N TYR A 159 -27.76 45.32 -92.74
CA TYR A 159 -27.14 45.80 -93.97
C TYR A 159 -27.21 47.32 -94.06
N SER A 160 -26.09 47.96 -94.36
CA SER A 160 -26.07 49.37 -94.71
C SER A 160 -26.00 49.52 -96.22
N GLU A 161 -26.33 50.73 -96.69
CA GLU A 161 -26.27 51.00 -98.11
C GLU A 161 -24.93 50.61 -98.72
N PHE A 162 -23.88 50.55 -97.90
CA PHE A 162 -22.53 50.26 -98.38
C PHE A 162 -22.10 48.83 -98.07
N ARG A 163 -22.17 48.42 -96.81
CA ARG A 163 -21.69 47.12 -96.38
C ARG A 163 -22.84 46.32 -95.77
N ALA A 164 -22.50 45.16 -95.21
CA ALA A 164 -23.46 44.32 -94.52
C ALA A 164 -22.79 43.69 -93.31
N ILE A 165 -23.56 43.50 -92.24
CA ILE A 165 -23.09 42.91 -90.99
C ILE A 165 -23.99 41.74 -90.65
N ILE A 166 -23.43 40.53 -90.66
CA ILE A 166 -24.20 39.36 -90.24
C ILE A 166 -24.64 39.57 -88.80
N LEU A 167 -25.74 38.91 -88.43
CA LEU A 167 -26.22 38.90 -87.07
C LEU A 167 -26.09 37.51 -86.47
N PRO A 168 -26.04 37.40 -85.15
CA PRO A 168 -25.90 36.08 -84.53
C PRO A 168 -27.02 35.13 -84.94
N GLN A 169 -26.66 33.86 -85.09
CA GLN A 169 -27.59 32.83 -85.53
C GLN A 169 -27.53 31.66 -84.57
N SER A 170 -28.70 31.19 -84.15
CA SER A 170 -28.80 30.05 -83.25
C SER A 170 -28.91 28.80 -84.11
N ALA A 171 -27.82 28.04 -84.19
CA ALA A 171 -27.77 26.84 -85.02
C ALA A 171 -26.83 25.83 -84.36
N TYR A 172 -27.00 24.57 -84.74
CA TYR A 172 -26.17 23.48 -84.24
C TYR A 172 -25.34 22.92 -85.38
N ILE A 173 -24.05 22.74 -85.13
CA ILE A 173 -23.15 22.09 -86.06
C ILE A 173 -23.20 20.59 -85.81
N ILE A 174 -22.80 19.82 -86.82
CA ILE A 174 -22.61 18.38 -86.67
C ILE A 174 -21.64 17.92 -87.73
N LYS A 175 -20.79 16.96 -87.37
CA LYS A 175 -19.79 16.42 -88.28
C LYS A 175 -20.19 15.01 -88.71
N GLY A 176 -19.92 14.68 -89.96
CA GLY A 176 -20.19 13.37 -90.49
C GLY A 176 -18.92 12.71 -91.01
N ASP A 177 -19.06 11.43 -91.36
CA ASP A 177 -17.92 10.68 -91.89
C ASP A 177 -18.41 9.56 -92.80
N TYR A 178 -17.67 9.33 -93.88
CA TYR A 178 -17.93 8.25 -94.82
C TYR A 178 -16.71 7.35 -94.91
N ALA A 179 -16.88 6.23 -95.62
CA ALA A 179 -15.84 5.22 -95.77
C ALA A 179 -15.69 4.84 -97.24
N GLU A 180 -15.56 5.85 -98.09
CA GLU A 180 -15.42 5.64 -99.53
C GLU A 180 -14.26 4.70 -99.83
N SER A 181 -14.31 4.03 -100.97
CA SER A 181 -13.23 3.13 -101.35
C SER A 181 -11.88 3.82 -101.27
N ASP A 182 -11.79 5.02 -101.85
CA ASP A 182 -10.56 5.83 -101.78
C ASP A 182 -10.58 6.62 -100.47
N SER A 183 -10.47 5.87 -99.37
CA SER A 183 -10.50 6.45 -98.03
C SER A 183 -9.17 7.06 -97.62
N GLU A 184 -8.24 7.26 -98.55
CA GLU A 184 -6.92 7.80 -98.24
C GLU A 184 -6.62 9.10 -98.97
N SER A 185 -7.00 9.22 -100.24
CA SER A 185 -6.69 10.40 -101.00
C SER A 185 -7.37 11.63 -100.40
N GLY A 186 -6.68 12.78 -100.49
CA GLY A 186 -7.21 14.02 -99.95
C GLY A 186 -6.93 14.17 -98.47
N GLN A 187 -7.47 15.27 -97.93
CA GLN A 187 -7.27 15.64 -96.53
C GLN A 187 -8.32 14.91 -95.69
N SER A 188 -7.88 13.88 -94.97
CA SER A 188 -8.76 13.12 -94.09
C SER A 188 -8.52 13.41 -92.61
N VAL A 189 -7.66 14.39 -92.30
CA VAL A 189 -7.35 14.66 -90.90
C VAL A 189 -8.58 15.14 -90.15
N ASP A 190 -9.54 15.74 -90.86
CA ASP A 190 -10.77 16.21 -90.22
C ASP A 190 -11.65 15.04 -89.81
N VAL A 191 -11.49 14.61 -88.56
CA VAL A 191 -12.27 13.51 -88.00
C VAL A 191 -12.90 14.00 -86.70
N CYS A 192 -13.94 13.28 -86.28
CA CYS A 192 -14.70 13.64 -85.08
C CYS A 192 -13.95 13.32 -83.80
N ASN A 193 -12.69 12.91 -83.90
CA ASN A 193 -11.84 12.65 -82.73
C ASN A 193 -10.93 13.86 -82.51
N GLU A 194 -11.55 14.97 -82.13
CA GLU A 194 -10.89 16.28 -82.11
C GLU A 194 -10.41 16.65 -80.71
N LEU A 195 -9.99 15.68 -79.92
CA LEU A 195 -9.40 15.92 -78.61
C LEU A 195 -7.90 15.63 -78.68
N GLU A 196 -7.21 15.77 -77.56
CA GLU A 196 -5.77 15.59 -77.50
C GLU A 196 -5.48 14.22 -76.92
N TYR A 197 -4.35 13.62 -77.35
CA TYR A 197 -4.17 12.17 -77.40
C TYR A 197 -4.82 11.42 -76.24
N PRO A 198 -4.59 11.79 -74.98
CA PRO A 198 -5.28 11.09 -73.89
C PRO A 198 -6.76 11.45 -73.81
N TRP A 199 -7.07 12.74 -73.91
CA TRP A 199 -8.46 13.17 -73.79
C TRP A 199 -9.32 12.55 -74.89
N LYS A 200 -8.80 12.47 -76.11
CA LYS A 200 -9.49 11.68 -77.14
C LYS A 200 -9.56 10.22 -76.73
N LEU A 201 -8.51 9.71 -76.08
CA LEU A 201 -8.54 8.35 -75.56
C LEU A 201 -9.65 8.17 -74.54
N ILE A 202 -10.15 9.25 -73.94
CA ILE A 202 -11.25 9.16 -72.98
C ILE A 202 -12.60 9.27 -73.67
N THR A 203 -12.75 10.22 -74.57
CA THR A 203 -14.05 10.51 -75.18
C THR A 203 -13.82 11.20 -76.52
N ALA A 204 -14.83 11.11 -77.38
CA ALA A 204 -14.78 11.68 -78.71
C ALA A 204 -15.98 12.57 -78.96
N ASN A 205 -15.84 13.46 -79.95
CA ASN A 205 -16.94 14.35 -80.31
C ASN A 205 -18.12 13.54 -80.82
N ASN A 206 -19.32 14.03 -80.54
CA ASN A 206 -20.50 13.44 -81.16
C ASN A 206 -20.38 13.56 -82.66
N CYS A 207 -20.80 12.52 -83.36
CA CYS A 207 -20.59 12.45 -84.80
C CYS A 207 -21.63 11.53 -85.42
N ILE A 208 -21.74 11.60 -86.74
CA ILE A 208 -22.68 10.84 -87.53
C ILE A 208 -21.98 10.38 -88.81
N VAL A 209 -22.71 9.67 -89.66
CA VAL A 209 -22.20 9.21 -90.94
C VAL A 209 -22.69 10.16 -92.02
N SER A 210 -21.75 10.69 -92.80
CA SER A 210 -22.05 11.55 -93.94
C SER A 210 -21.97 10.74 -95.22
N THR A 211 -22.89 11.01 -96.14
CA THR A 211 -22.86 10.37 -97.45
C THR A 211 -23.46 11.33 -98.47
N ASP A 212 -23.06 11.15 -99.73
CA ASP A 212 -23.34 12.14 -100.77
C ASP A 212 -24.79 12.63 -100.73
N GLU A 213 -25.74 11.73 -100.53
CA GLU A 213 -27.15 12.09 -100.62
C GLU A 213 -27.56 13.10 -99.53
N SER A 214 -27.13 12.87 -98.29
CA SER A 214 -27.37 13.88 -97.27
C SER A 214 -26.63 15.17 -97.59
N ARG A 215 -25.49 15.07 -98.27
CA ARG A 215 -24.78 16.28 -98.69
C ARG A 215 -25.62 17.08 -99.68
N GLN A 216 -26.28 16.40 -100.62
CA GLN A 216 -27.21 17.11 -101.50
C GLN A 216 -28.36 17.71 -100.72
N SER A 217 -28.88 16.98 -99.73
CA SER A 217 -29.91 17.56 -98.87
C SER A 217 -29.41 18.86 -98.26
N GLN A 218 -28.18 18.85 -97.75
CA GLN A 218 -27.61 20.03 -97.10
C GLN A 218 -27.39 21.16 -98.11
N TYR A 219 -26.95 20.83 -99.32
CA TYR A 219 -26.78 21.86 -100.34
C TYR A 219 -28.13 22.53 -100.62
N ILE A 220 -29.15 21.73 -100.86
CA ILE A 220 -30.48 22.28 -101.09
C ILE A 220 -30.89 23.14 -99.92
N TYR A 221 -30.62 22.65 -98.70
CA TYR A 221 -31.02 23.37 -97.49
C TYR A 221 -30.39 24.75 -97.45
N ARG A 222 -29.06 24.80 -97.55
CA ARG A 222 -28.35 26.07 -97.46
C ARG A 222 -28.78 27.01 -98.56
N THR A 223 -28.92 26.51 -99.79
CA THR A 223 -29.31 27.36 -100.89
C THR A 223 -30.69 27.95 -100.67
N PHE A 224 -31.63 27.16 -100.19
CA PHE A 224 -32.97 27.70 -99.95
C PHE A 224 -32.98 28.62 -98.73
N LEU A 225 -32.08 28.42 -97.77
CA LEU A 225 -31.90 29.44 -96.74
C LEU A 225 -31.44 30.77 -97.35
N LEU A 226 -30.50 30.71 -98.28
CA LEU A 226 -30.09 31.92 -98.99
C LEU A 226 -31.26 32.55 -99.72
N TYR A 227 -32.06 31.72 -100.39
CA TYR A 227 -33.22 32.23 -101.10
C TYR A 227 -34.21 32.90 -100.15
N ASN A 228 -34.45 32.30 -98.99
CA ASN A 228 -35.33 32.90 -98.01
C ASN A 228 -34.78 34.23 -97.53
N THR A 229 -33.47 34.30 -97.30
CA THR A 229 -32.87 35.55 -96.85
C THR A 229 -33.06 36.64 -97.89
N VAL A 230 -32.82 36.32 -99.17
CA VAL A 230 -32.98 37.35 -100.20
C VAL A 230 -34.43 37.79 -100.31
N LEU A 231 -35.37 36.84 -100.24
CA LEU A 231 -36.78 37.22 -100.21
C LEU A 231 -37.05 38.18 -99.06
N THR A 232 -36.62 37.82 -97.86
CA THR A 232 -36.81 38.69 -96.70
C THR A 232 -36.26 40.09 -96.98
N ALA A 233 -35.06 40.14 -97.58
CA ALA A 233 -34.42 41.42 -97.83
C ALA A 233 -35.27 42.27 -98.78
N ILE A 234 -35.67 41.72 -99.92
CA ILE A 234 -36.38 42.52 -100.92
C ILE A 234 -37.89 42.57 -100.67
N LEU A 235 -38.38 41.85 -99.68
CA LEU A 235 -39.82 41.80 -99.40
C LEU A 235 -40.27 43.05 -98.64
N LYS A 236 -41.32 43.70 -99.14
CA LYS A 236 -42.05 44.70 -98.36
C LYS A 236 -43.19 44.08 -97.57
N GLN A 237 -43.21 42.75 -97.46
CA GLN A 237 -44.14 42.03 -96.60
C GLN A 237 -43.36 40.97 -95.85
N ASN A 238 -44.04 40.29 -94.93
CA ASN A 238 -43.39 39.20 -94.21
C ASN A 238 -42.98 38.11 -95.19
N ASN A 239 -42.16 37.18 -94.69
CA ASN A 239 -41.69 36.03 -95.45
C ASN A 239 -42.25 34.78 -94.80
N PRO A 240 -43.39 34.26 -95.26
CA PRO A 240 -43.96 33.06 -94.62
C PRO A 240 -43.06 31.85 -94.72
N PHE A 241 -42.10 31.84 -95.64
CA PHE A 241 -41.15 30.75 -95.79
C PHE A 241 -40.00 30.84 -94.81
N ASP A 242 -40.15 31.58 -93.71
CA ASP A 242 -39.07 31.81 -92.75
C ASP A 242 -39.41 31.34 -91.35
N VAL A 243 -40.54 30.68 -91.15
CA VAL A 243 -41.01 30.28 -89.82
C VAL A 243 -40.70 28.80 -89.63
N ILE A 244 -40.03 28.47 -88.52
CA ILE A 244 -39.66 27.09 -88.22
C ILE A 244 -40.56 26.49 -87.14
N ALA A 245 -41.76 27.05 -86.94
CA ALA A 245 -42.64 26.57 -85.90
C ALA A 245 -43.25 25.23 -86.29
N GLU A 246 -43.93 24.60 -85.33
CA GLU A 246 -44.41 23.24 -85.50
C GLU A 246 -45.67 23.20 -86.37
N ASN A 247 -46.73 23.87 -85.92
CA ASN A 247 -48.00 23.81 -86.64
C ASN A 247 -47.86 24.28 -88.07
N THR A 248 -46.86 25.10 -88.38
CA THR A 248 -46.58 25.45 -89.76
C THR A 248 -46.25 24.20 -90.56
N SER A 249 -46.93 24.01 -91.68
CA SER A 249 -46.71 22.88 -92.56
C SER A 249 -46.54 23.38 -93.98
N ILE A 250 -45.49 22.93 -94.66
CA ILE A 250 -45.28 23.34 -96.05
C ILE A 250 -46.51 23.02 -96.88
N SER A 251 -47.23 21.96 -96.52
CA SER A 251 -48.43 21.60 -97.26
C SER A 251 -49.44 22.75 -97.26
N ILE A 252 -49.76 23.28 -96.08
CA ILE A 252 -50.79 24.31 -95.99
C ILE A 252 -50.31 25.59 -96.67
N ILE A 253 -49.04 25.95 -96.50
CA ILE A 253 -48.53 27.15 -97.13
C ILE A 253 -48.61 27.03 -98.65
N VAL A 254 -48.21 25.87 -99.18
CA VAL A 254 -48.34 25.61 -100.61
C VAL A 254 -49.78 25.78 -101.04
N ARG A 255 -50.70 25.13 -100.32
CA ARG A 255 -52.12 25.27 -100.65
C ARG A 255 -52.52 26.74 -100.68
N ASN A 256 -51.92 27.54 -99.79
CA ASN A 256 -52.24 28.95 -99.77
C ASN A 256 -51.73 29.66 -101.02
N LEU A 257 -50.52 29.34 -101.47
CA LEU A 257 -49.88 30.14 -102.51
C LEU A 257 -50.04 29.52 -103.89
N GLY A 258 -49.65 28.26 -104.08
CA GLY A 258 -50.02 27.53 -105.27
C GLY A 258 -48.99 27.60 -106.39
N SER A 259 -49.27 26.82 -107.45
CA SER A 259 -48.33 26.65 -108.55
C SER A 259 -48.18 27.93 -109.37
N CYS A 260 -46.94 28.23 -109.74
CA CYS A 260 -46.66 29.49 -110.42
C CYS A 260 -47.15 29.43 -111.87
N PRO A 261 -47.74 30.52 -112.39
CA PRO A 261 -48.37 30.44 -113.72
C PRO A 261 -47.48 29.98 -114.86
N ASN A 262 -46.38 30.67 -115.16
CA ASN A 262 -45.61 30.28 -116.33
C ASN A 262 -44.88 28.96 -116.13
N ASN A 263 -44.85 28.44 -114.90
CA ASN A 263 -44.25 27.13 -114.63
C ASN A 263 -44.93 26.62 -113.36
N LYS A 264 -45.91 25.73 -113.54
CA LYS A 264 -46.70 25.29 -112.39
C LYS A 264 -45.88 24.49 -111.39
N ASP A 265 -44.81 23.84 -111.84
CA ASP A 265 -43.93 23.16 -110.90
C ASP A 265 -43.40 24.12 -109.85
N ARG A 266 -43.29 25.40 -110.20
CA ARG A 266 -42.84 26.43 -109.26
C ARG A 266 -44.02 26.88 -108.41
N VAL A 267 -43.84 27.98 -107.69
CA VAL A 267 -44.82 28.50 -106.73
C VAL A 267 -45.08 29.97 -107.04
N LYS A 268 -46.29 30.44 -106.69
CA LYS A 268 -46.75 31.74 -107.16
C LYS A 268 -46.18 32.88 -106.33
N CYS A 269 -44.85 32.95 -106.20
CA CYS A 269 -44.24 34.09 -105.54
C CYS A 269 -44.28 35.36 -106.38
N CYS A 270 -44.65 35.25 -107.66
CA CYS A 270 -44.70 36.43 -108.51
C CYS A 270 -45.65 37.49 -107.96
N ASP A 271 -46.72 37.07 -107.29
CA ASP A 271 -47.72 38.01 -106.77
C ASP A 271 -47.32 38.63 -105.44
N LEU A 272 -46.23 38.17 -104.83
CA LEU A 272 -45.81 38.71 -103.54
C LEU A 272 -45.42 40.18 -103.63
N ASN A 273 -45.16 40.78 -102.47
CA ASN A 273 -44.98 42.22 -102.34
C ASN A 273 -43.54 42.49 -101.97
N TYR A 274 -42.81 43.15 -102.88
CA TYR A 274 -41.42 43.50 -102.67
C TYR A 274 -41.28 45.01 -102.59
N GLY A 275 -40.44 45.48 -101.66
CA GLY A 275 -40.08 46.88 -101.67
C GLY A 275 -39.40 47.28 -102.96
N GLY A 276 -38.52 46.42 -103.45
CA GLY A 276 -38.03 46.57 -104.81
C GLY A 276 -39.09 46.20 -105.82
N VAL A 277 -38.84 46.56 -107.07
CA VAL A 277 -39.84 46.30 -108.12
C VAL A 277 -40.07 44.80 -108.23
N PRO A 278 -41.31 44.32 -108.24
CA PRO A 278 -41.56 42.88 -108.30
C PRO A 278 -40.95 42.27 -109.55
N PRO A 279 -40.00 41.34 -109.41
CA PRO A 279 -39.52 40.59 -110.57
C PRO A 279 -40.50 39.51 -111.03
N GLY A 280 -41.53 39.23 -110.24
CA GLY A 280 -42.55 38.29 -110.67
C GLY A 280 -42.07 36.86 -110.56
N HIS A 281 -42.24 36.11 -111.66
CA HIS A 281 -41.88 34.70 -111.69
C HIS A 281 -40.47 34.41 -111.19
N VAL A 282 -39.57 35.40 -111.21
CA VAL A 282 -38.16 35.13 -110.94
C VAL A 282 -38.01 34.44 -109.59
N MET A 283 -38.89 34.74 -108.64
CA MET A 283 -38.76 34.28 -107.27
C MET A 283 -39.66 33.09 -106.99
N CYS A 284 -39.82 32.18 -107.94
CA CYS A 284 -40.78 31.08 -107.84
C CYS A 284 -40.03 29.75 -107.88
N PRO A 285 -39.68 29.20 -106.73
CA PRO A 285 -38.97 27.91 -106.70
C PRO A 285 -39.91 26.75 -106.93
N PRO A 286 -39.38 25.55 -107.17
CA PRO A 286 -40.24 24.39 -107.45
C PRO A 286 -41.11 23.99 -106.27
N ARG A 287 -41.91 22.95 -106.45
CA ARG A 287 -42.87 22.55 -105.42
C ARG A 287 -42.33 21.47 -104.49
N GLU A 288 -42.06 20.29 -105.05
CA GLU A 288 -41.63 19.17 -104.21
C GLU A 288 -40.28 19.48 -103.59
N ILE A 289 -39.48 20.33 -104.24
CA ILE A 289 -38.22 20.75 -103.66
C ILE A 289 -38.48 21.45 -102.33
N THR A 290 -39.43 22.39 -102.32
CA THR A 290 -39.78 23.07 -101.08
C THR A 290 -40.39 22.11 -100.06
N LYS A 291 -41.20 21.18 -100.54
CA LYS A 291 -41.75 20.16 -99.64
C LYS A 291 -40.63 19.45 -98.89
N LYS A 292 -39.71 18.84 -99.63
CA LYS A 292 -38.64 18.08 -99.01
C LYS A 292 -37.72 18.98 -98.20
N PHE A 293 -37.54 20.23 -98.63
CA PHE A 293 -36.84 21.22 -97.82
C PHE A 293 -37.47 21.35 -96.44
N PHE A 294 -38.79 21.55 -96.39
CA PHE A 294 -39.46 21.74 -95.10
C PHE A 294 -39.35 20.49 -94.25
N HIS A 295 -39.53 19.32 -94.87
CA HIS A 295 -39.44 18.08 -94.09
C HIS A 295 -38.03 17.87 -93.55
N TYR A 296 -37.03 18.25 -94.34
CA TYR A 296 -35.65 18.22 -93.87
C TYR A 296 -35.47 19.19 -92.69
N ALA A 297 -36.08 20.36 -92.79
CA ALA A 297 -35.92 21.39 -91.76
C ALA A 297 -36.52 20.93 -90.44
N LYS A 298 -37.70 20.31 -90.48
CA LYS A 298 -38.39 19.93 -89.26
C LYS A 298 -37.60 18.86 -88.51
N TRP A 299 -36.51 18.39 -89.12
CA TRP A 299 -35.58 17.51 -88.43
C TRP A 299 -35.11 18.10 -87.11
N VAL A 300 -34.85 19.41 -87.09
CA VAL A 300 -34.11 20.06 -86.01
C VAL A 300 -34.68 19.75 -84.63
N ARG A 301 -35.94 19.33 -84.57
CA ARG A 301 -36.57 19.12 -83.26
C ARG A 301 -35.72 18.21 -82.40
N ASN A 302 -35.32 17.05 -82.93
CA ASN A 302 -34.46 16.11 -82.24
C ASN A 302 -33.36 15.67 -83.19
N PRO A 303 -32.25 16.40 -83.26
CA PRO A 303 -31.17 15.99 -84.17
C PRO A 303 -30.61 14.62 -83.85
N ASN A 304 -30.71 14.17 -82.61
CA ASN A 304 -30.14 12.88 -82.23
C ASN A 304 -30.72 11.74 -83.05
N LYS A 305 -31.98 11.87 -83.48
CA LYS A 305 -32.55 10.93 -84.43
C LYS A 305 -32.10 11.34 -85.82
N TYR A 306 -30.80 11.46 -86.01
CA TYR A 306 -30.29 12.14 -87.20
C TYR A 306 -30.73 11.44 -88.47
N LYS A 307 -30.63 10.12 -88.50
CA LYS A 307 -30.93 9.40 -89.74
C LYS A 307 -32.37 9.57 -90.17
N ARG A 308 -33.27 9.88 -89.24
CA ARG A 308 -34.68 10.03 -89.61
C ARG A 308 -34.86 11.09 -90.69
N TYR A 309 -33.94 12.06 -90.76
CA TYR A 309 -33.98 13.07 -91.81
C TYR A 309 -32.62 13.31 -92.46
N SER A 310 -31.58 12.57 -92.07
CA SER A 310 -30.25 12.85 -92.61
C SER A 310 -30.28 12.90 -94.13
N GLU A 311 -31.06 12.03 -94.75
CA GLU A 311 -31.07 11.89 -96.19
C GLU A 311 -32.33 12.46 -96.82
N LEU A 312 -33.26 12.96 -96.02
CA LEU A 312 -34.65 13.15 -96.43
C LEU A 312 -34.80 13.69 -97.85
N ILE A 313 -34.14 14.81 -98.14
CA ILE A 313 -34.43 15.53 -99.39
C ILE A 313 -34.17 14.64 -100.59
N ALA A 314 -32.99 14.01 -100.63
CA ALA A 314 -32.55 13.26 -101.80
C ALA A 314 -32.77 11.75 -101.66
N ARG A 315 -33.75 11.34 -100.86
CA ARG A 315 -34.01 9.91 -100.66
C ARG A 315 -34.68 9.26 -101.85
N GLN A 316 -34.27 8.02 -102.10
CA GLN A 316 -34.88 7.17 -103.11
C GLN A 316 -35.94 6.26 -102.51
N SER A 317 -36.89 6.83 -101.79
CA SER A 317 -37.89 6.02 -101.10
C SER A 317 -38.97 5.60 -102.09
N HIS A 335 -39.11 5.64 -111.86
CA HIS A 335 -39.11 5.23 -110.47
C HIS A 335 -38.73 6.42 -109.59
N ALA A 336 -38.66 6.19 -108.27
CA ALA A 336 -38.24 7.25 -107.37
C ALA A 336 -36.86 7.77 -107.74
N ARG A 337 -36.03 6.95 -108.39
CA ARG A 337 -34.76 7.43 -108.92
C ARG A 337 -34.99 8.60 -109.85
N ASP A 338 -35.88 8.42 -110.84
CA ASP A 338 -36.20 9.51 -111.74
C ASP A 338 -36.76 10.71 -110.97
N VAL A 339 -37.67 10.45 -110.02
CA VAL A 339 -38.35 11.54 -109.34
C VAL A 339 -37.35 12.42 -108.59
N SER A 340 -36.50 11.79 -107.78
CA SER A 340 -35.58 12.60 -106.97
C SER A 340 -34.49 13.22 -107.83
N GLN A 341 -33.99 12.50 -108.84
CA GLN A 341 -32.95 13.10 -109.67
C GLN A 341 -33.50 14.30 -110.44
N LEU A 342 -34.73 14.20 -110.95
CA LEU A 342 -35.31 15.33 -111.65
C LEU A 342 -35.65 16.45 -110.68
N HIS A 343 -35.96 16.12 -109.43
CA HIS A 343 -36.13 17.15 -108.41
C HIS A 343 -34.82 17.90 -108.19
N LEU A 344 -33.70 17.17 -108.13
CA LEU A 344 -32.40 17.82 -108.06
C LEU A 344 -32.17 18.70 -109.28
N LEU A 345 -32.54 18.21 -110.46
CA LEU A 345 -32.39 19.00 -111.68
C LEU A 345 -33.19 20.30 -111.59
N ASP A 346 -34.43 20.21 -111.12
CA ASP A 346 -35.25 21.41 -111.00
C ASP A 346 -34.65 22.39 -109.99
N TRP A 347 -34.17 21.86 -108.86
CA TRP A 347 -33.56 22.72 -107.86
C TRP A 347 -32.35 23.45 -108.44
N GLU A 348 -31.44 22.70 -109.08
CA GLU A 348 -30.26 23.34 -109.64
C GLU A 348 -30.62 24.29 -110.78
N ASN A 349 -31.71 24.03 -111.49
CA ASN A 349 -32.20 25.00 -112.46
C ASN A 349 -32.57 26.31 -111.77
N PHE A 350 -33.31 26.22 -110.65
CA PHE A 350 -33.62 27.42 -109.89
C PHE A 350 -32.34 28.11 -109.44
N MET A 351 -31.37 27.32 -108.95
CA MET A 351 -30.12 27.89 -108.48
C MET A 351 -29.42 28.68 -109.58
N GLY A 352 -29.24 28.06 -110.75
CA GLY A 352 -28.53 28.72 -111.81
C GLY A 352 -29.27 29.94 -112.35
N GLU A 353 -30.59 29.84 -112.48
CA GLU A 353 -31.35 30.97 -113.01
C GLU A 353 -31.34 32.13 -112.03
N PHE A 354 -31.42 31.84 -110.73
CA PHE A 354 -31.20 32.89 -109.74
C PHE A 354 -29.82 33.52 -109.92
N SER A 355 -28.78 32.69 -109.92
CA SER A 355 -27.43 33.22 -109.99
C SER A 355 -27.26 34.14 -111.21
N SER A 356 -27.74 33.69 -112.36
CA SER A 356 -27.68 34.53 -113.56
C SER A 356 -28.53 35.78 -113.38
N TYR A 357 -29.66 35.67 -112.69
CA TYR A 357 -30.53 36.82 -112.50
C TYR A 357 -29.86 37.93 -111.71
N PHE A 358 -28.81 37.60 -110.94
CA PHE A 358 -28.07 38.60 -110.18
C PHE A 358 -26.58 38.58 -110.53
N GLY A 359 -26.22 38.09 -111.71
CA GLY A 359 -24.85 38.04 -112.16
C GLY A 359 -23.96 37.05 -111.43
N LEU A 360 -24.45 36.41 -110.37
CA LEU A 360 -23.65 35.44 -109.64
C LEU A 360 -23.19 34.32 -110.57
N HIS A 361 -21.91 33.98 -110.49
CA HIS A 361 -21.39 32.83 -111.19
C HIS A 361 -22.01 31.55 -110.61
N ALA A 362 -22.29 30.58 -111.48
CA ALA A 362 -22.81 29.31 -111.00
C ALA A 362 -21.77 28.55 -110.17
N HIS A 363 -20.52 28.99 -110.20
CA HIS A 363 -19.42 28.30 -109.52
C HIS A 363 -19.23 28.78 -108.09
N ASN A 364 -20.12 29.62 -107.58
CA ASN A 364 -20.01 30.13 -106.22
C ASN A 364 -20.59 29.18 -105.18
N VAL A 365 -21.11 28.03 -105.60
CA VAL A 365 -21.68 27.04 -104.69
C VAL A 365 -20.71 26.74 -103.55
N PRO B 7 -35.73 20.00 -72.61
CA PRO B 7 -36.86 20.90 -72.82
C PRO B 7 -36.45 22.36 -72.91
N ILE B 8 -36.19 22.83 -74.13
CA ILE B 8 -35.73 24.19 -74.37
C ILE B 8 -36.64 24.82 -75.42
N LYS B 9 -37.01 26.08 -75.19
CA LYS B 9 -37.92 26.80 -76.06
C LYS B 9 -37.36 28.18 -76.37
N LEU B 10 -37.80 28.75 -77.49
CA LEU B 10 -37.46 30.11 -77.87
C LEU B 10 -38.67 31.02 -77.66
N ASP B 11 -38.40 32.31 -77.59
CA ASP B 11 -39.42 33.29 -77.22
C ASP B 11 -40.29 33.74 -78.40
N LEU B 12 -40.06 33.20 -79.59
CA LEU B 12 -40.85 33.59 -80.76
C LEU B 12 -42.28 33.07 -80.60
N CYS B 13 -43.10 33.32 -81.63
CA CYS B 13 -44.54 33.05 -81.57
C CYS B 13 -44.84 31.56 -81.42
N ALA B 14 -43.82 30.71 -81.44
CA ALA B 14 -43.99 29.28 -81.19
C ALA B 14 -42.81 28.81 -80.36
N SER B 15 -43.07 28.48 -79.09
CA SER B 15 -42.03 28.04 -78.18
C SER B 15 -41.70 26.59 -78.50
N VAL B 16 -40.72 26.41 -79.39
CA VAL B 16 -40.40 25.10 -79.93
C VAL B 16 -39.66 24.27 -78.90
N LYS B 17 -40.10 23.02 -78.71
CA LYS B 17 -39.35 22.08 -77.88
C LYS B 17 -38.07 21.68 -78.59
N LEU B 18 -36.94 21.80 -77.90
CA LEU B 18 -35.63 21.49 -78.47
C LEU B 18 -35.03 20.33 -77.70
N THR B 19 -34.67 19.27 -78.42
CA THR B 19 -34.00 18.14 -77.80
C THR B 19 -32.60 18.57 -77.37
N PRO B 20 -32.22 18.43 -76.10
CA PRO B 20 -30.85 18.76 -75.71
C PRO B 20 -29.82 18.01 -76.54
N PHE B 21 -29.06 18.74 -77.35
CA PHE B 21 -28.10 18.12 -78.25
C PHE B 21 -26.93 17.56 -77.46
N LYS B 22 -26.42 16.41 -77.91
CA LYS B 22 -25.33 15.72 -77.23
C LYS B 22 -24.05 15.91 -78.02
N PRO B 23 -23.24 16.91 -77.71
CA PRO B 23 -21.99 17.13 -78.46
C PRO B 23 -20.84 16.21 -78.08
N MET B 24 -21.04 15.23 -77.18
CA MET B 24 -19.94 14.35 -76.77
C MET B 24 -20.50 13.01 -76.32
N ARG B 25 -20.01 11.94 -76.92
CA ARG B 25 -20.22 10.58 -76.42
C ARG B 25 -20.05 10.55 -74.90
N PRO B 26 -21.10 10.30 -74.13
CA PRO B 26 -20.92 10.10 -72.69
C PRO B 26 -20.30 8.75 -72.41
N PRO B 27 -19.20 8.69 -71.67
CA PRO B 27 -18.54 7.39 -71.42
C PRO B 27 -19.49 6.42 -70.74
N LYS B 28 -19.75 5.29 -71.43
CA LYS B 28 -20.57 4.26 -70.82
C LYS B 28 -19.97 3.66 -69.56
N PRO B 29 -18.62 3.39 -69.47
CA PRO B 29 -18.07 2.69 -68.30
C PRO B 29 -17.78 3.62 -67.13
N MET B 30 -18.77 4.45 -66.78
CA MET B 30 -18.56 5.50 -65.80
C MET B 30 -18.24 4.92 -64.43
N GLN B 31 -17.00 5.07 -63.98
CA GLN B 31 -16.58 4.56 -62.69
C GLN B 31 -15.19 5.07 -62.37
N CYS B 32 -14.96 5.39 -61.10
CA CYS B 32 -13.61 5.65 -60.59
C CYS B 32 -13.38 4.72 -59.40
N TRP B 33 -12.32 3.92 -59.46
CA TRP B 33 -12.03 3.04 -58.35
C TRP B 33 -11.55 3.81 -57.13
N ILE B 34 -10.86 4.93 -57.34
CA ILE B 34 -10.51 5.81 -56.22
C ILE B 34 -11.76 6.46 -55.64
N HIS B 35 -12.84 6.50 -56.42
CA HIS B 35 -14.10 7.13 -55.99
C HIS B 35 -15.23 6.15 -56.25
N PRO B 36 -15.22 4.99 -55.58
CA PRO B 36 -16.22 3.96 -55.88
C PRO B 36 -17.65 4.39 -55.60
N ARG B 37 -17.87 5.24 -54.60
CA ARG B 37 -19.21 5.69 -54.25
C ARG B 37 -19.71 6.83 -55.13
N ARG B 38 -18.88 7.35 -56.02
CA ARG B 38 -19.24 8.49 -56.87
C ARG B 38 -19.37 8.05 -58.32
N ALA B 39 -20.53 8.32 -58.92
CA ALA B 39 -20.74 8.01 -60.33
C ALA B 39 -20.07 9.06 -61.20
N ASN B 40 -20.27 10.34 -60.90
CA ASN B 40 -19.63 11.40 -61.67
C ASN B 40 -18.12 11.26 -61.67
N CYS B 41 -17.55 10.59 -60.66
CA CYS B 41 -16.12 10.37 -60.60
C CYS B 41 -15.75 9.16 -61.46
N LYS B 42 -14.82 9.37 -62.39
CA LYS B 42 -14.31 8.29 -63.22
C LYS B 42 -12.80 8.42 -63.36
N VAL B 43 -12.09 7.31 -63.14
CA VAL B 43 -10.65 7.26 -63.28
C VAL B 43 -10.33 6.23 -64.35
N THR B 44 -9.12 6.33 -64.89
CA THR B 44 -8.70 5.48 -65.99
C THR B 44 -7.23 5.73 -66.27
N ARG B 45 -6.55 4.68 -66.72
CA ARG B 45 -5.14 4.74 -67.07
C ARG B 45 -5.00 4.60 -68.57
N PRO B 46 -4.41 5.56 -69.27
CA PRO B 46 -4.38 5.48 -70.74
C PRO B 46 -3.36 4.46 -71.24
N ARG B 47 -3.63 3.95 -72.45
CA ARG B 47 -2.70 3.05 -73.12
C ARG B 47 -1.56 3.90 -73.68
N ASN B 48 -0.63 4.25 -72.79
CA ASN B 48 0.49 5.07 -73.20
C ASN B 48 1.39 4.29 -74.15
N ASN B 49 2.31 5.02 -74.78
CA ASN B 49 3.29 4.37 -75.64
C ASN B 49 3.99 3.28 -74.84
N TYR B 50 3.76 2.02 -75.22
CA TYR B 50 4.20 0.91 -74.38
C TYR B 50 5.71 0.69 -74.42
N SER B 51 6.43 1.35 -75.33
CA SER B 51 7.88 1.31 -75.28
C SER B 51 8.42 1.95 -74.00
N ASP B 52 7.65 2.84 -73.39
CA ASP B 52 8.10 3.57 -72.20
C ASP B 52 7.30 3.12 -70.98
N PRO B 53 7.89 2.36 -70.05
CA PRO B 53 7.16 2.03 -68.81
C PRO B 53 6.79 3.26 -67.99
N ASP B 54 7.52 4.37 -68.16
CA ASP B 54 7.27 5.56 -67.35
C ASP B 54 5.86 6.08 -67.54
N ASN B 55 5.40 6.15 -68.79
CA ASN B 55 4.07 6.71 -69.06
C ASN B 55 2.97 5.87 -68.44
N GLU B 56 3.26 4.63 -68.07
CA GLU B 56 2.24 3.79 -67.45
C GLU B 56 1.63 4.45 -66.23
N ASN B 57 2.45 5.17 -65.45
CA ASN B 57 1.98 5.77 -64.20
C ASN B 57 0.88 6.80 -64.41
N ASP B 58 0.73 7.33 -65.63
CA ASP B 58 -0.15 8.46 -65.85
C ASP B 58 -1.59 8.14 -65.49
N MET B 59 -2.11 8.79 -64.45
CA MET B 59 -3.48 8.61 -64.00
C MET B 59 -4.37 9.70 -64.57
N LEU B 60 -5.52 9.29 -65.10
CA LEU B 60 -6.47 10.19 -65.74
C LEU B 60 -7.84 10.03 -65.11
N HIS B 61 -8.39 11.10 -64.56
CA HIS B 61 -9.71 11.05 -63.91
C HIS B 61 -10.60 12.17 -64.43
N MET B 62 -11.70 11.78 -65.07
CA MET B 62 -12.77 12.71 -65.42
C MET B 62 -13.82 12.76 -64.34
N THR B 63 -14.34 13.96 -64.09
CA THR B 63 -15.40 14.18 -63.11
C THR B 63 -16.57 14.85 -63.79
N VAL B 64 -17.78 14.35 -63.52
CA VAL B 64 -18.99 14.85 -64.16
C VAL B 64 -19.63 15.86 -63.22
N LEU B 65 -20.39 16.80 -63.79
CA LEU B 65 -21.03 17.86 -63.03
C LEU B 65 -21.86 18.71 -63.98
N ASN B 66 -22.75 19.51 -63.39
CA ASN B 66 -23.63 20.38 -64.14
C ASN B 66 -22.84 21.51 -64.80
N SER B 67 -23.45 22.13 -65.81
CA SER B 67 -22.80 23.21 -66.54
C SER B 67 -22.98 24.57 -65.88
N VAL B 68 -23.93 24.69 -64.94
CA VAL B 68 -24.17 25.97 -64.28
C VAL B 68 -22.92 26.44 -63.55
N PHE B 69 -22.07 25.50 -63.13
CA PHE B 69 -20.91 25.86 -62.34
C PHE B 69 -19.88 26.65 -63.13
N LEU B 70 -20.03 26.74 -64.45
CA LEU B 70 -19.15 27.60 -65.23
C LEU B 70 -19.48 29.07 -64.95
N ASN B 71 -18.52 29.95 -65.23
CA ASN B 71 -18.71 31.35 -64.91
C ASN B 71 -19.29 32.08 -66.13
N GLU B 72 -19.43 33.40 -66.01
CA GLU B 72 -19.90 34.19 -67.14
C GLU B 72 -19.00 34.00 -68.35
N HIS B 73 -17.70 33.79 -68.13
CA HIS B 73 -16.75 33.53 -69.21
C HIS B 73 -16.76 32.08 -69.67
N ALA B 74 -17.73 31.28 -69.24
CA ALA B 74 -17.70 29.84 -69.43
C ALA B 74 -16.34 29.27 -68.98
N LYS B 75 -16.10 29.43 -67.68
CA LYS B 75 -14.89 28.97 -67.03
C LYS B 75 -15.23 28.61 -65.60
N LEU B 76 -14.84 27.40 -65.19
CA LEU B 76 -15.36 26.79 -63.97
C LEU B 76 -14.72 27.41 -62.74
N TYR B 77 -15.51 27.57 -61.69
CA TYR B 77 -15.19 28.49 -60.60
C TYR B 77 -13.93 28.08 -59.84
N TYR B 78 -13.78 26.80 -59.50
CA TYR B 78 -12.62 26.43 -58.68
C TYR B 78 -11.33 26.78 -59.39
N ARG B 79 -11.33 26.70 -60.72
CA ARG B 79 -10.14 27.06 -61.50
C ARG B 79 -9.69 28.48 -61.19
N HIS B 80 -10.63 29.38 -60.91
CA HIS B 80 -10.24 30.73 -60.52
C HIS B 80 -9.36 30.68 -59.28
N LEU B 81 -9.76 29.87 -58.29
CA LEU B 81 -8.96 29.69 -57.09
C LEU B 81 -7.74 28.81 -57.32
N LEU B 82 -7.71 28.06 -58.42
CA LEU B 82 -6.54 27.23 -58.73
C LEU B 82 -5.33 28.11 -59.02
N ARG B 83 -4.16 27.66 -58.56
CA ARG B 83 -2.91 28.32 -58.88
C ARG B 83 -1.77 27.41 -58.47
N ASN B 84 -0.73 27.34 -59.30
CA ASN B 84 0.39 26.45 -59.07
C ASN B 84 -0.11 25.02 -58.86
N ASP B 85 -1.13 24.66 -59.62
CA ASP B 85 -1.76 23.35 -59.48
C ASP B 85 -0.74 22.23 -59.53
N GLN B 86 -1.11 21.11 -58.92
CA GLN B 86 -0.26 19.93 -58.88
C GLN B 86 -0.65 18.85 -59.89
N ALA B 87 -1.92 18.79 -60.27
CA ALA B 87 -2.32 17.86 -61.33
C ALA B 87 -1.54 18.15 -62.60
N GLU B 88 -1.10 17.09 -63.26
CA GLU B 88 -0.22 17.25 -64.41
C GLU B 88 -0.85 18.11 -65.49
N ALA B 89 -2.18 18.09 -65.58
CA ALA B 89 -2.91 18.94 -66.51
C ALA B 89 -4.40 18.82 -66.20
N ARG B 90 -5.17 19.77 -66.75
CA ARG B 90 -6.63 19.86 -66.57
C ARG B 90 -7.22 20.58 -67.76
N LYS B 91 -8.50 20.32 -68.00
CA LYS B 91 -9.30 21.05 -68.98
C LYS B 91 -10.77 20.70 -68.79
N THR B 92 -11.65 21.62 -69.20
CA THR B 92 -13.08 21.47 -69.01
C THR B 92 -13.75 20.84 -70.23
N ILE B 93 -14.93 20.25 -69.99
CA ILE B 93 -15.62 19.46 -71.00
C ILE B 93 -17.12 19.74 -70.98
N LEU B 94 -17.61 20.52 -71.94
CA LEU B 94 -19.03 20.90 -71.98
C LEU B 94 -19.81 19.96 -72.89
N ASN B 95 -20.77 19.21 -72.32
CA ASN B 95 -21.68 18.38 -73.11
C ASN B 95 -23.09 18.68 -72.63
N ALA B 96 -23.81 19.49 -73.39
CA ALA B 96 -25.16 19.89 -73.01
C ALA B 96 -25.14 20.43 -71.59
N ASP B 97 -26.20 20.17 -70.82
CA ASP B 97 -26.18 20.56 -69.41
C ASP B 97 -25.05 19.86 -68.68
N SER B 98 -24.85 18.58 -68.95
CA SER B 98 -23.78 17.84 -68.31
C SER B 98 -22.42 18.45 -68.66
N VAL B 99 -21.43 18.15 -67.82
CA VAL B 99 -20.07 18.65 -67.99
C VAL B 99 -19.11 17.62 -67.39
N TYR B 100 -17.88 17.65 -67.88
CA TYR B 100 -16.86 16.70 -67.48
C TYR B 100 -15.56 17.46 -67.32
N GLU B 101 -14.60 16.85 -66.62
CA GLU B 101 -13.40 17.54 -66.18
C GLU B 101 -12.33 16.48 -65.97
N CYS B 102 -11.48 16.30 -66.98
CA CYS B 102 -10.48 15.25 -66.99
C CYS B 102 -9.20 15.73 -66.34
N MET B 103 -8.54 14.83 -65.63
CA MET B 103 -7.36 15.10 -64.82
C MET B 103 -6.21 14.29 -65.37
N LEU B 104 -5.20 14.95 -65.90
CA LEU B 104 -3.96 14.25 -66.22
C LEU B 104 -3.03 14.31 -65.01
N ILE B 105 -2.47 13.16 -64.66
CA ILE B 105 -1.56 13.04 -63.53
C ILE B 105 -0.46 12.10 -63.97
N ARG B 106 0.75 12.32 -63.45
CA ARG B 106 1.88 11.41 -63.67
C ARG B 106 2.53 11.14 -62.33
N PRO B 107 1.94 10.28 -61.50
CA PRO B 107 2.59 9.95 -60.23
C PRO B 107 3.97 9.37 -60.47
N ILE B 108 4.92 9.74 -59.61
CA ILE B 108 6.30 9.28 -59.78
C ILE B 108 6.32 7.78 -59.65
N ARG B 109 7.46 7.17 -59.96
CA ARG B 109 7.57 5.72 -60.09
C ARG B 109 6.88 4.96 -58.95
N THR B 110 6.75 5.57 -57.77
CA THR B 110 6.08 4.93 -56.64
C THR B 110 4.88 5.69 -56.10
N GLU B 111 4.65 6.92 -56.56
CA GLU B 111 3.56 7.73 -56.03
C GLU B 111 2.22 7.05 -56.24
N HIS B 112 1.36 7.14 -55.23
CA HIS B 112 0.06 6.48 -55.24
C HIS B 112 -0.95 7.40 -54.57
N PHE B 113 -1.83 8.02 -55.36
CA PHE B 113 -2.84 8.90 -54.82
C PHE B 113 -4.01 8.08 -54.25
N ARG B 114 -4.93 8.78 -53.59
CA ARG B 114 -6.08 8.14 -52.98
C ARG B 114 -7.03 9.23 -52.48
N SER B 115 -8.32 8.93 -52.48
CA SER B 115 -9.32 9.93 -52.16
C SER B 115 -9.26 10.32 -50.69
N VAL B 116 -9.42 11.61 -50.41
CA VAL B 116 -9.37 12.10 -49.04
C VAL B 116 -10.46 11.47 -48.20
N ASP B 117 -11.59 11.13 -48.81
CA ASP B 117 -12.74 10.64 -48.06
C ASP B 117 -12.38 9.37 -47.30
N GLU B 118 -12.88 9.27 -46.07
CA GLU B 118 -12.82 8.04 -45.28
C GLU B 118 -11.40 7.61 -44.96
N ALA B 119 -10.44 8.53 -45.03
CA ALA B 119 -9.04 8.16 -44.88
C ALA B 119 -8.75 7.63 -43.48
N GLY B 120 -9.20 8.34 -42.45
CA GLY B 120 -8.76 8.04 -41.11
C GLY B 120 -7.30 8.30 -40.84
N GLU B 121 -6.53 8.64 -41.87
CA GLU B 121 -5.07 8.58 -41.78
C GLU B 121 -4.56 9.44 -40.65
N HIS B 122 -3.71 8.85 -39.80
CA HIS B 122 -3.08 9.55 -38.69
C HIS B 122 -1.70 10.07 -39.06
N ASN B 123 -1.20 9.78 -40.27
CA ASN B 123 0.14 10.22 -40.67
C ASN B 123 0.09 11.72 -40.90
N MET B 124 0.22 12.46 -39.79
CA MET B 124 0.13 13.92 -39.82
C MET B 124 1.03 14.54 -40.89
N SER B 125 2.04 13.83 -41.36
CA SER B 125 2.84 14.39 -42.47
C SER B 125 1.99 14.54 -43.72
N VAL B 126 1.32 13.46 -44.13
CA VAL B 126 0.43 13.54 -45.28
C VAL B 126 -0.72 14.51 -44.98
N LEU B 127 -1.29 14.39 -43.78
CA LEU B 127 -2.38 15.29 -43.41
C LEU B 127 -1.96 16.74 -43.54
N LYS B 128 -0.75 17.06 -43.12
CA LYS B 128 -0.29 18.43 -43.23
C LYS B 128 -0.05 18.81 -44.69
N ILE B 129 0.37 17.85 -45.52
CA ILE B 129 0.46 18.11 -46.95
C ILE B 129 -0.90 18.55 -47.48
N ILE B 130 -1.96 17.81 -47.15
CA ILE B 130 -3.29 18.15 -47.63
C ILE B 130 -3.73 19.51 -47.10
N ILE B 131 -3.49 19.80 -45.81
CA ILE B 131 -3.96 21.07 -45.28
C ILE B 131 -3.23 22.22 -45.97
N ASP B 132 -1.93 22.04 -46.25
CA ASP B 132 -1.20 23.07 -46.97
C ASP B 132 -1.78 23.28 -48.35
N ALA B 133 -2.06 22.19 -49.07
CA ALA B 133 -2.65 22.33 -50.40
C ALA B 133 -3.95 23.12 -50.33
N VAL B 134 -4.86 22.71 -49.45
CA VAL B 134 -6.17 23.33 -49.40
C VAL B 134 -6.08 24.77 -48.92
N ILE B 135 -5.24 25.04 -47.92
CA ILE B 135 -5.16 26.40 -47.38
C ILE B 135 -4.58 27.34 -48.43
N LYS B 136 -3.52 26.92 -49.12
CA LYS B 136 -2.96 27.77 -50.15
C LYS B 136 -3.97 27.98 -51.28
N TYR B 137 -4.71 26.94 -51.64
CA TYR B 137 -5.72 27.06 -52.68
C TYR B 137 -6.78 28.09 -52.29
N ILE B 138 -7.36 27.95 -51.11
CA ILE B 138 -8.39 28.88 -50.68
C ILE B 138 -7.83 30.26 -50.42
N GLY B 139 -6.51 30.38 -50.25
CA GLY B 139 -5.91 31.69 -50.07
C GLY B 139 -6.12 32.59 -51.27
N LYS B 140 -6.30 32.01 -52.46
CA LYS B 140 -6.55 32.81 -53.65
C LYS B 140 -7.87 33.56 -53.56
N LEU B 141 -8.73 33.21 -52.62
CA LEU B 141 -9.96 33.95 -52.39
C LEU B 141 -9.64 35.36 -51.90
N ALA B 142 -10.35 36.34 -52.43
CA ALA B 142 -10.19 37.72 -51.99
C ALA B 142 -11.10 37.97 -50.78
N ASP B 143 -10.69 38.93 -49.95
CA ASP B 143 -11.46 39.21 -48.74
C ASP B 143 -12.86 39.69 -49.07
N ASP B 144 -12.99 40.56 -50.07
CA ASP B 144 -14.30 41.05 -50.49
C ASP B 144 -14.96 40.12 -51.51
N GLU B 145 -14.32 39.03 -51.86
CA GLU B 145 -14.90 37.98 -52.69
C GLU B 145 -15.20 36.78 -51.81
N TYR B 146 -16.32 36.11 -52.09
CA TYR B 146 -16.80 35.03 -51.25
C TYR B 146 -17.22 33.85 -52.12
N ILE B 147 -17.53 32.73 -51.46
CA ILE B 147 -17.71 31.47 -52.17
C ILE B 147 -18.59 30.56 -51.33
N LEU B 148 -19.37 29.73 -52.00
CA LEU B 148 -20.14 28.66 -51.38
C LEU B 148 -19.88 27.37 -52.15
N ILE B 149 -20.04 26.24 -51.48
CA ILE B 149 -19.74 24.93 -52.03
C ILE B 149 -21.04 24.12 -51.99
N ALA B 150 -21.77 24.15 -53.10
CA ALA B 150 -22.99 23.35 -53.24
C ALA B 150 -22.69 21.85 -53.28
N ASP B 151 -21.45 21.45 -53.52
CA ASP B 151 -21.09 20.04 -53.52
C ASP B 151 -21.42 19.42 -52.17
N ARG B 152 -20.72 19.87 -51.14
CA ARG B 152 -20.85 19.38 -49.77
C ARG B 152 -20.17 20.41 -48.87
N MET B 153 -20.01 20.08 -47.60
CA MET B 153 -19.38 21.01 -46.65
C MET B 153 -17.88 20.74 -46.54
N TYR B 154 -17.21 20.61 -47.69
CA TYR B 154 -15.77 20.40 -47.68
C TYR B 154 -15.29 20.47 -49.13
N VAL B 155 -14.02 20.15 -49.36
CA VAL B 155 -13.47 20.06 -50.72
C VAL B 155 -13.00 18.63 -50.94
N ASP B 156 -13.45 18.02 -52.03
CA ASP B 156 -12.91 16.73 -52.46
C ASP B 156 -11.46 16.90 -52.89
N LEU B 157 -10.70 15.82 -52.76
CA LEU B 157 -9.35 15.77 -53.30
C LEU B 157 -8.86 14.33 -53.24
N ILE B 158 -7.75 14.07 -53.91
CA ILE B 158 -7.01 12.83 -53.72
C ILE B 158 -5.63 13.22 -53.18
N TYR B 159 -4.83 12.23 -52.81
CA TYR B 159 -3.57 12.51 -52.15
C TYR B 159 -2.67 11.29 -52.24
N SER B 160 -1.42 11.51 -52.63
CA SER B 160 -0.37 10.52 -52.53
C SER B 160 0.66 10.95 -51.50
N GLU B 161 1.61 10.07 -51.21
CA GLU B 161 2.66 10.41 -50.27
C GLU B 161 3.42 11.65 -50.73
N PHE B 162 3.48 11.89 -52.03
CA PHE B 162 4.23 13.00 -52.59
C PHE B 162 3.40 14.25 -52.80
N ARG B 163 2.08 14.13 -52.97
CA ARG B 163 1.27 15.28 -53.35
C ARG B 163 -0.12 15.13 -52.75
N ALA B 164 -0.92 16.18 -52.94
CA ALA B 164 -2.34 16.21 -52.54
C ALA B 164 -3.09 16.92 -53.66
N ILE B 165 -3.57 16.16 -54.63
CA ILE B 165 -4.20 16.74 -55.81
C ILE B 165 -5.62 17.17 -55.49
N ILE B 166 -5.94 18.41 -55.82
CA ILE B 166 -7.28 18.98 -55.60
C ILE B 166 -8.22 18.38 -56.63
N LEU B 167 -9.52 18.53 -56.43
CA LEU B 167 -10.52 18.03 -57.36
C LEU B 167 -11.52 19.12 -57.72
N PRO B 168 -12.17 19.02 -58.88
CA PRO B 168 -13.20 19.99 -59.23
C PRO B 168 -14.33 20.02 -58.21
N GLN B 169 -14.87 21.21 -57.97
CA GLN B 169 -15.87 21.42 -56.94
C GLN B 169 -17.10 22.10 -57.52
N SER B 170 -18.27 21.72 -56.99
CA SER B 170 -19.53 22.37 -57.33
C SER B 170 -19.73 23.56 -56.39
N ALA B 171 -19.07 24.66 -56.74
CA ALA B 171 -19.09 25.89 -55.97
C ALA B 171 -19.58 27.04 -56.84
N TYR B 172 -19.83 28.18 -56.20
CA TYR B 172 -20.32 29.38 -56.89
C TYR B 172 -19.57 30.60 -56.37
N ILE B 173 -18.87 31.29 -57.27
CA ILE B 173 -18.23 32.56 -56.91
C ILE B 173 -19.30 33.63 -56.73
N ILE B 174 -19.08 34.51 -55.76
CA ILE B 174 -19.94 35.66 -55.51
C ILE B 174 -19.06 36.85 -55.15
N LYS B 175 -19.01 37.84 -56.04
CA LYS B 175 -18.19 39.04 -55.82
C LYS B 175 -19.04 40.09 -55.13
N GLY B 176 -18.93 40.16 -53.81
CA GLY B 176 -19.50 41.28 -53.08
C GLY B 176 -18.64 42.53 -53.25
N ASP B 177 -19.20 43.65 -52.84
CA ASP B 177 -18.51 44.94 -52.99
C ASP B 177 -18.86 45.83 -51.81
N TYR B 178 -17.87 46.16 -51.00
CA TYR B 178 -18.04 47.06 -49.87
C TYR B 178 -17.52 48.43 -50.31
N ALA B 179 -18.44 49.32 -50.68
CA ALA B 179 -18.04 50.64 -51.11
C ALA B 179 -17.56 51.43 -49.91
N GLU B 180 -16.26 51.37 -49.65
CA GLU B 180 -15.69 52.04 -48.49
C GLU B 180 -15.98 53.53 -48.57
N SER B 181 -16.33 54.12 -47.43
CA SER B 181 -16.61 55.56 -47.39
C SER B 181 -15.48 56.35 -48.03
N ASP B 182 -14.24 55.94 -47.77
CA ASP B 182 -13.08 56.44 -48.51
C ASP B 182 -12.95 55.59 -49.77
N SER B 183 -13.74 55.94 -50.78
CA SER B 183 -13.74 55.17 -52.03
C SER B 183 -12.40 55.25 -52.73
N GLU B 184 -11.55 56.21 -52.38
CA GLU B 184 -10.25 56.36 -53.02
C GLU B 184 -9.29 55.27 -52.55
N ASP B 190 -10.52 45.49 -58.28
CA ASP B 190 -11.63 44.67 -58.74
C ASP B 190 -12.94 45.42 -58.57
N VAL B 191 -13.59 45.71 -59.70
CA VAL B 191 -14.88 46.38 -59.70
C VAL B 191 -15.86 45.53 -60.50
N CYS B 192 -17.12 45.62 -60.11
CA CYS B 192 -18.16 44.79 -60.74
C CYS B 192 -18.23 45.06 -62.23
N ASN B 193 -17.94 46.30 -62.65
CA ASN B 193 -17.94 46.69 -64.05
C ASN B 193 -16.51 46.64 -64.58
N GLU B 194 -16.04 45.43 -64.88
CA GLU B 194 -14.70 45.23 -65.39
C GLU B 194 -14.67 44.98 -66.89
N LEU B 195 -15.83 44.95 -67.55
CA LEU B 195 -15.86 44.69 -68.98
C LEU B 195 -15.20 45.85 -69.72
N GLU B 196 -15.12 45.75 -71.04
CA GLU B 196 -14.68 46.89 -71.84
C GLU B 196 -15.83 47.90 -71.88
N TYR B 197 -15.48 49.18 -71.83
CA TYR B 197 -16.44 50.26 -71.53
C TYR B 197 -17.77 50.05 -72.25
N PRO B 198 -17.80 49.93 -73.58
CA PRO B 198 -19.07 49.61 -74.25
C PRO B 198 -19.85 48.51 -73.56
N TRP B 199 -19.22 47.35 -73.35
CA TRP B 199 -19.94 46.22 -72.77
C TRP B 199 -20.39 46.54 -71.35
N LYS B 200 -19.56 47.25 -70.59
CA LYS B 200 -19.97 47.71 -69.26
C LYS B 200 -21.22 48.56 -69.32
N LEU B 201 -21.42 49.29 -70.44
CA LEU B 201 -22.61 50.13 -70.55
C LEU B 201 -23.89 49.32 -70.45
N ILE B 202 -23.82 48.00 -70.62
CA ILE B 202 -25.01 47.16 -70.64
C ILE B 202 -25.20 46.47 -69.28
N THR B 203 -24.10 46.10 -68.62
CA THR B 203 -24.21 45.19 -67.48
C THR B 203 -22.86 45.03 -66.80
N ALA B 204 -22.88 44.33 -65.67
CA ALA B 204 -21.70 44.04 -64.86
C ALA B 204 -21.95 42.75 -64.09
N ASN B 205 -21.04 42.42 -63.17
CA ASN B 205 -21.20 41.23 -62.36
C ASN B 205 -22.46 41.31 -61.51
N ASN B 206 -23.01 40.16 -61.17
CA ASN B 206 -24.17 40.09 -60.29
C ASN B 206 -23.72 40.23 -58.83
N CYS B 207 -23.17 41.40 -58.54
CA CYS B 207 -22.49 41.64 -57.28
C CYS B 207 -23.50 41.73 -56.14
N ILE B 208 -22.98 41.98 -54.94
CA ILE B 208 -23.80 42.18 -53.76
C ILE B 208 -23.09 43.20 -52.87
N VAL B 209 -23.70 43.54 -51.74
CA VAL B 209 -23.13 44.51 -50.81
C VAL B 209 -22.26 43.77 -49.80
N SER B 210 -20.96 43.92 -49.92
CA SER B 210 -20.04 43.41 -48.92
C SER B 210 -20.11 44.25 -47.64
N THR B 211 -19.48 43.73 -46.60
CA THR B 211 -19.38 44.41 -45.31
C THR B 211 -18.50 43.57 -44.41
N ASP B 212 -18.19 44.11 -43.23
CA ASP B 212 -17.38 43.38 -42.27
C ASP B 212 -17.98 42.00 -42.02
N GLU B 213 -19.24 41.96 -41.59
CA GLU B 213 -19.85 40.71 -41.18
C GLU B 213 -19.78 39.66 -42.27
N SER B 214 -20.00 40.06 -43.53
CA SER B 214 -19.91 39.10 -44.62
C SER B 214 -18.49 38.56 -44.76
N ARG B 215 -17.50 39.43 -44.62
CA ARG B 215 -16.11 38.98 -44.65
C ARG B 215 -15.87 37.93 -43.58
N GLN B 216 -16.27 38.21 -42.35
CA GLN B 216 -16.07 37.25 -41.27
C GLN B 216 -16.83 35.96 -41.55
N SER B 217 -18.05 36.07 -42.08
CA SER B 217 -18.84 34.88 -42.36
C SER B 217 -18.14 33.98 -43.36
N GLN B 218 -17.68 34.55 -44.48
CA GLN B 218 -17.00 33.75 -45.48
C GLN B 218 -15.70 33.17 -44.94
N TYR B 219 -14.94 33.97 -44.18
CA TYR B 219 -13.68 33.48 -43.62
C TYR B 219 -13.93 32.29 -42.71
N ILE B 220 -14.88 32.43 -41.79
CA ILE B 220 -15.20 31.34 -40.87
C ILE B 220 -15.74 30.14 -41.64
N TYR B 221 -16.48 30.40 -42.72
CA TYR B 221 -17.02 29.31 -43.52
C TYR B 221 -15.91 28.49 -44.16
N ARG B 222 -14.93 29.17 -44.77
CA ARG B 222 -13.82 28.46 -45.37
C ARG B 222 -13.00 27.75 -44.30
N THR B 223 -12.87 28.35 -43.13
CA THR B 223 -12.16 27.70 -42.04
C THR B 223 -12.86 26.40 -41.64
N PHE B 224 -14.18 26.43 -41.52
CA PHE B 224 -14.92 25.21 -41.22
C PHE B 224 -14.76 24.19 -42.33
N LEU B 225 -14.71 24.65 -43.57
CA LEU B 225 -14.43 23.72 -44.67
C LEU B 225 -13.09 23.04 -44.47
N LEU B 226 -12.08 23.81 -44.10
CA LEU B 226 -10.77 23.24 -43.78
C LEU B 226 -10.88 22.18 -42.70
N TYR B 227 -11.61 22.51 -41.64
CA TYR B 227 -11.67 21.60 -40.49
C TYR B 227 -12.47 20.35 -40.84
N ASN B 228 -13.52 20.49 -41.65
CA ASN B 228 -14.27 19.33 -42.09
C ASN B 228 -13.41 18.43 -42.97
N THR B 229 -12.61 19.03 -43.86
CA THR B 229 -11.70 18.22 -44.66
C THR B 229 -10.69 17.50 -43.78
N VAL B 230 -10.16 18.19 -42.77
CA VAL B 230 -9.20 17.57 -41.85
C VAL B 230 -9.85 16.39 -41.14
N LEU B 231 -11.07 16.60 -40.62
CA LEU B 231 -11.83 15.52 -40.03
C LEU B 231 -11.93 14.34 -41.00
N THR B 232 -12.42 14.60 -42.21
CA THR B 232 -12.58 13.54 -43.19
C THR B 232 -11.27 12.78 -43.36
N ALA B 233 -10.16 13.50 -43.40
CA ALA B 233 -8.86 12.85 -43.53
C ALA B 233 -8.59 11.94 -42.34
N ILE B 234 -8.91 12.39 -41.12
CA ILE B 234 -8.60 11.61 -39.93
C ILE B 234 -9.77 10.72 -39.50
N LEU B 235 -10.88 10.71 -40.26
CA LEU B 235 -12.02 9.83 -40.00
C LEU B 235 -11.93 8.61 -40.91
N LYS B 236 -11.71 7.44 -40.29
CA LYS B 236 -11.83 6.18 -41.02
C LYS B 236 -13.28 5.76 -41.23
N GLN B 237 -14.22 6.43 -40.57
CA GLN B 237 -15.65 6.22 -40.78
C GLN B 237 -16.23 7.40 -41.55
N ASN B 238 -17.54 7.37 -41.75
CA ASN B 238 -18.23 8.47 -42.40
C ASN B 238 -18.07 9.74 -41.59
N ASN B 239 -17.74 10.83 -42.29
CA ASN B 239 -17.73 12.17 -41.73
C ASN B 239 -19.06 12.84 -42.08
N PRO B 240 -20.09 12.69 -41.25
CA PRO B 240 -21.42 13.15 -41.67
C PRO B 240 -21.48 14.65 -41.92
N PHE B 241 -20.47 15.40 -41.47
CA PHE B 241 -20.51 16.86 -41.63
C PHE B 241 -20.63 17.26 -43.10
N ASP B 242 -20.04 16.49 -44.01
CA ASP B 242 -20.12 16.85 -45.43
C ASP B 242 -21.56 17.01 -45.86
N VAL B 243 -22.44 16.18 -45.30
CA VAL B 243 -23.79 16.06 -45.82
C VAL B 243 -24.45 17.42 -45.82
N ILE B 244 -24.99 17.80 -46.97
CA ILE B 244 -25.74 19.03 -47.13
C ILE B 244 -27.20 18.72 -47.45
N ALA B 245 -27.66 17.52 -47.09
CA ALA B 245 -28.98 17.08 -47.49
C ALA B 245 -30.05 18.05 -46.99
N GLU B 246 -31.04 18.31 -47.83
CA GLU B 246 -32.11 19.23 -47.46
C GLU B 246 -32.81 18.77 -46.19
N ASN B 247 -33.15 17.48 -46.14
CA ASN B 247 -33.80 16.94 -44.94
C ASN B 247 -32.89 17.01 -43.73
N THR B 248 -31.58 16.95 -43.94
CA THR B 248 -30.65 16.93 -42.81
C THR B 248 -30.61 18.29 -42.12
N SER B 249 -30.71 18.27 -40.80
CA SER B 249 -30.60 19.46 -39.98
C SER B 249 -29.45 19.28 -39.00
N ILE B 250 -28.68 20.34 -38.79
CA ILE B 250 -27.58 20.26 -37.84
C ILE B 250 -28.12 20.05 -36.43
N SER B 251 -29.28 20.61 -36.12
CA SER B 251 -29.90 20.41 -34.82
C SER B 251 -29.93 18.92 -34.47
N ILE B 252 -30.57 18.12 -35.33
CA ILE B 252 -30.66 16.69 -35.09
C ILE B 252 -29.27 16.05 -35.13
N ILE B 253 -28.38 16.58 -35.97
CA ILE B 253 -27.04 15.99 -36.08
C ILE B 253 -26.32 16.04 -34.74
N VAL B 254 -26.29 17.22 -34.12
CA VAL B 254 -25.63 17.34 -32.83
C VAL B 254 -26.48 16.76 -31.70
N ARG B 255 -27.78 16.62 -31.90
CA ARG B 255 -28.58 15.89 -30.92
C ARG B 255 -28.14 14.43 -30.87
N ASN B 256 -27.97 13.82 -32.04
CA ASN B 256 -27.46 12.46 -32.09
C ASN B 256 -26.04 12.38 -31.56
N LEU B 257 -25.16 13.26 -32.04
CA LEU B 257 -23.76 13.20 -31.65
C LEU B 257 -23.53 13.67 -30.22
N GLY B 258 -24.44 14.47 -29.67
CA GLY B 258 -24.23 15.09 -28.38
C GLY B 258 -23.11 16.11 -28.42
N SER B 259 -22.84 16.75 -27.28
CA SER B 259 -21.81 17.78 -27.19
C SER B 259 -20.54 17.22 -26.57
N CYS B 260 -19.49 18.03 -26.61
CA CYS B 260 -18.18 17.60 -26.15
C CYS B 260 -18.22 17.27 -24.67
N PRO B 261 -17.87 16.04 -24.27
CA PRO B 261 -17.85 15.73 -22.83
C PRO B 261 -16.89 16.61 -22.03
N ASN B 262 -15.75 16.97 -22.62
CA ASN B 262 -14.79 17.80 -21.92
C ASN B 262 -15.30 19.22 -21.72
N ASN B 263 -16.28 19.64 -22.52
CA ASN B 263 -16.89 20.96 -22.39
C ASN B 263 -18.20 20.98 -23.18
N LYS B 264 -19.31 21.34 -22.54
CA LYS B 264 -20.57 21.36 -23.27
C LYS B 264 -20.45 22.23 -24.51
N ASP B 265 -19.71 23.33 -24.41
CA ASP B 265 -19.59 24.33 -25.46
C ASP B 265 -19.37 23.72 -26.82
N ARG B 266 -18.55 22.67 -26.88
CA ARG B 266 -18.09 22.10 -28.13
C ARG B 266 -18.95 20.88 -28.49
N VAL B 267 -18.55 20.17 -29.55
CA VAL B 267 -19.32 19.04 -30.06
C VAL B 267 -18.65 17.76 -29.57
N LYS B 268 -19.42 16.67 -29.55
CA LYS B 268 -18.90 15.37 -29.13
C LYS B 268 -18.10 14.71 -30.25
N CYS B 269 -17.04 15.39 -30.66
CA CYS B 269 -16.12 14.86 -31.66
C CYS B 269 -14.97 14.08 -31.03
N CYS B 270 -14.91 14.00 -29.70
CA CYS B 270 -13.91 13.18 -29.06
C CYS B 270 -14.14 11.69 -29.32
N ASP B 271 -15.40 11.29 -29.51
CA ASP B 271 -15.77 9.89 -29.59
C ASP B 271 -15.70 9.34 -31.01
N LEU B 272 -15.27 10.14 -31.98
CA LEU B 272 -15.32 9.71 -33.37
C LEU B 272 -14.34 8.57 -33.61
N ASN B 273 -14.36 8.05 -34.84
CA ASN B 273 -13.61 6.87 -35.24
C ASN B 273 -12.48 7.30 -36.14
N TYR B 274 -11.24 7.00 -35.75
CA TYR B 274 -10.05 7.59 -36.35
C TYR B 274 -9.15 6.49 -36.90
N GLY B 275 -8.61 6.71 -38.09
CA GLY B 275 -7.77 5.69 -38.72
C GLY B 275 -6.63 5.26 -37.83
N GLY B 276 -5.94 6.22 -37.22
CA GLY B 276 -4.86 5.91 -36.31
C GLY B 276 -5.13 6.44 -34.92
N VAL B 277 -4.22 7.26 -34.41
CA VAL B 277 -4.33 7.82 -33.07
C VAL B 277 -5.55 8.74 -32.99
N PRO B 278 -6.48 8.51 -32.06
CA PRO B 278 -7.46 9.54 -31.76
C PRO B 278 -6.78 10.78 -31.21
N PRO B 279 -7.20 11.97 -31.63
CA PRO B 279 -6.60 13.21 -31.08
C PRO B 279 -7.26 13.69 -29.81
N GLY B 280 -8.41 13.13 -29.42
CA GLY B 280 -9.10 13.56 -28.22
C GLY B 280 -10.24 14.53 -28.53
N HIS B 281 -10.53 15.42 -27.58
CA HIS B 281 -11.54 16.45 -27.80
C HIS B 281 -11.04 17.58 -28.70
N VAL B 282 -9.87 17.40 -29.31
CA VAL B 282 -9.31 18.43 -30.17
C VAL B 282 -10.26 18.76 -31.31
N MET B 283 -10.88 17.74 -31.88
CA MET B 283 -11.77 17.90 -33.02
C MET B 283 -13.16 18.36 -32.62
N CYS B 284 -13.33 18.87 -31.40
CA CYS B 284 -14.64 19.26 -30.89
C CYS B 284 -14.85 20.76 -31.03
N PRO B 285 -15.47 21.24 -32.10
CA PRO B 285 -15.71 22.67 -32.24
C PRO B 285 -16.90 23.11 -31.42
N PRO B 286 -16.96 24.38 -31.02
CA PRO B 286 -18.20 24.92 -30.47
C PRO B 286 -19.39 24.56 -31.35
N ARG B 287 -20.55 24.36 -30.72
CA ARG B 287 -21.70 23.90 -31.47
C ARG B 287 -22.45 25.05 -32.15
N GLU B 288 -22.81 26.10 -31.41
CA GLU B 288 -23.66 27.12 -32.00
C GLU B 288 -22.99 27.72 -33.23
N ILE B 289 -21.66 27.83 -33.20
CA ILE B 289 -20.93 28.32 -34.37
C ILE B 289 -21.14 27.37 -35.54
N THR B 290 -21.09 26.06 -35.29
CA THR B 290 -21.35 25.11 -36.36
C THR B 290 -22.77 25.27 -36.88
N LYS B 291 -23.74 25.42 -35.98
CA LYS B 291 -25.13 25.64 -36.41
C LYS B 291 -25.22 26.82 -37.36
N LYS B 292 -24.72 27.97 -36.92
CA LYS B 292 -24.75 29.16 -37.75
C LYS B 292 -23.98 28.94 -39.05
N PHE B 293 -22.92 28.13 -39.01
CA PHE B 293 -22.21 27.77 -40.23
C PHE B 293 -23.11 27.01 -41.20
N PHE B 294 -23.88 26.04 -40.69
CA PHE B 294 -24.76 25.29 -41.57
C PHE B 294 -25.83 26.21 -42.16
N HIS B 295 -26.34 27.13 -41.36
CA HIS B 295 -27.31 28.09 -41.87
C HIS B 295 -26.69 28.95 -42.98
N TYR B 296 -25.45 29.39 -42.77
CA TYR B 296 -24.72 30.11 -43.81
C TYR B 296 -24.57 29.24 -45.06
N ALA B 297 -24.30 27.96 -44.86
CA ALA B 297 -24.07 27.05 -45.99
C ALA B 297 -25.34 26.86 -46.79
N LYS B 298 -26.50 26.86 -46.13
CA LYS B 298 -27.76 26.72 -46.85
C LYS B 298 -27.94 27.75 -47.96
N TRP B 299 -27.08 28.77 -48.01
CA TRP B 299 -27.12 29.74 -49.11
C TRP B 299 -27.00 29.06 -50.46
N VAL B 300 -26.32 27.91 -50.51
CA VAL B 300 -25.95 27.29 -51.78
C VAL B 300 -27.15 27.24 -52.73
N ARG B 301 -28.34 27.03 -52.20
CA ARG B 301 -29.50 26.76 -53.05
C ARG B 301 -30.02 28.01 -53.72
N ASN B 302 -29.85 29.19 -53.11
CA ASN B 302 -30.22 30.47 -53.72
C ASN B 302 -29.06 31.45 -53.57
N PRO B 303 -27.99 31.24 -54.32
CA PRO B 303 -26.81 32.13 -54.18
C PRO B 303 -27.12 33.60 -54.43
N ASN B 304 -28.02 33.91 -55.35
CA ASN B 304 -28.26 35.31 -55.72
C ASN B 304 -28.85 36.09 -54.55
N LYS B 305 -29.79 35.50 -53.82
CA LYS B 305 -30.37 36.19 -52.67
C LYS B 305 -29.37 36.18 -51.53
N TYR B 306 -28.48 37.17 -51.51
CA TYR B 306 -27.38 37.18 -50.55
C TYR B 306 -27.79 37.72 -49.19
N LYS B 307 -28.83 38.55 -49.12
CA LYS B 307 -29.18 39.17 -47.85
C LYS B 307 -29.50 38.13 -46.79
N ARG B 308 -29.90 36.93 -47.18
CA ARG B 308 -30.29 35.91 -46.22
C ARG B 308 -29.12 35.13 -45.66
N TYR B 309 -27.95 35.20 -46.28
CA TYR B 309 -26.83 34.39 -45.82
C TYR B 309 -25.48 35.10 -45.78
N SER B 310 -25.31 36.26 -46.39
CA SER B 310 -23.97 36.79 -46.62
C SER B 310 -23.25 37.08 -45.30
N GLU B 311 -23.93 37.73 -44.36
CA GLU B 311 -23.36 38.02 -43.05
C GLU B 311 -23.68 36.93 -42.03
N LEU B 312 -24.28 35.82 -42.45
CA LEU B 312 -25.01 34.96 -41.52
C LEU B 312 -24.11 34.50 -40.37
N ILE B 313 -22.95 33.95 -40.70
CA ILE B 313 -22.05 33.45 -39.65
C ILE B 313 -21.66 34.57 -38.71
N ALA B 314 -21.46 35.77 -39.24
CA ALA B 314 -21.06 36.92 -38.45
C ALA B 314 -22.25 37.76 -37.96
N ARG B 315 -23.48 37.34 -38.24
CA ARG B 315 -24.63 38.13 -37.85
C ARG B 315 -24.89 38.03 -36.36
N GLN B 316 -25.68 38.98 -35.87
CA GLN B 316 -26.06 39.06 -34.46
C GLN B 316 -27.43 38.42 -34.28
N SER B 317 -27.53 37.51 -33.32
CA SER B 317 -28.78 36.80 -33.08
C SER B 317 -29.90 37.77 -32.72
N HIS B 335 -26.49 40.77 -24.43
CA HIS B 335 -27.31 41.01 -25.60
C HIS B 335 -26.95 40.02 -26.71
N ALA B 336 -27.83 39.90 -27.71
CA ALA B 336 -27.60 38.95 -28.79
C ALA B 336 -26.31 39.28 -29.55
N ARG B 337 -26.08 40.57 -29.81
CA ARG B 337 -24.83 40.96 -30.47
C ARG B 337 -23.63 40.52 -29.64
N ASP B 338 -23.71 40.70 -28.32
CA ASP B 338 -22.60 40.32 -27.46
C ASP B 338 -22.35 38.82 -27.52
N VAL B 339 -23.42 38.01 -27.50
CA VAL B 339 -23.26 36.57 -27.57
C VAL B 339 -22.63 36.16 -28.89
N SER B 340 -23.12 36.74 -29.99
CA SER B 340 -22.56 36.41 -31.30
C SER B 340 -21.08 36.74 -31.36
N GLN B 341 -20.71 37.95 -30.93
CA GLN B 341 -19.30 38.34 -30.95
C GLN B 341 -18.47 37.41 -30.07
N LEU B 342 -18.94 37.16 -28.85
CA LEU B 342 -18.19 36.32 -27.93
C LEU B 342 -17.98 34.93 -28.49
N HIS B 343 -19.02 34.35 -29.08
CA HIS B 343 -18.91 32.96 -29.50
C HIS B 343 -18.08 32.86 -30.77
N LEU B 344 -18.16 33.86 -31.64
CA LEU B 344 -17.25 33.93 -32.78
C LEU B 344 -15.81 34.02 -32.31
N LEU B 345 -15.56 34.82 -31.25
CA LEU B 345 -14.20 34.88 -30.71
C LEU B 345 -13.79 33.55 -30.10
N ASP B 346 -14.73 32.83 -29.51
CA ASP B 346 -14.43 31.48 -29.04
C ASP B 346 -14.02 30.57 -30.20
N TRP B 347 -14.72 30.68 -31.32
CA TRP B 347 -14.34 29.90 -32.50
C TRP B 347 -12.97 30.33 -33.00
N GLU B 348 -12.65 31.62 -32.92
CA GLU B 348 -11.32 32.08 -33.28
C GLU B 348 -10.26 31.47 -32.37
N ASN B 349 -10.55 31.39 -31.08
CA ASN B 349 -9.66 30.68 -30.17
C ASN B 349 -9.49 29.23 -30.59
N PHE B 350 -10.59 28.62 -31.04
CA PHE B 350 -10.49 27.24 -31.52
C PHE B 350 -9.58 27.14 -32.73
N MET B 351 -9.68 28.09 -33.65
CA MET B 351 -8.73 28.11 -34.77
C MET B 351 -7.30 28.29 -34.29
N GLY B 352 -7.09 29.15 -33.30
CA GLY B 352 -5.74 29.34 -32.79
C GLY B 352 -5.16 28.05 -32.25
N GLU B 353 -5.93 27.36 -31.41
CA GLU B 353 -5.43 26.10 -30.83
C GLU B 353 -5.29 25.03 -31.92
N PHE B 354 -6.16 25.06 -32.93
CA PHE B 354 -6.03 24.13 -34.04
C PHE B 354 -4.71 24.34 -34.78
N SER B 355 -4.45 25.60 -35.18
CA SER B 355 -3.20 25.91 -35.85
C SER B 355 -2.01 25.49 -34.99
N SER B 356 -2.05 25.79 -33.69
CA SER B 356 -0.98 25.33 -32.82
C SER B 356 -0.85 23.81 -32.84
N TYR B 357 -1.98 23.11 -32.94
CA TYR B 357 -1.98 21.66 -32.98
C TYR B 357 -1.22 21.13 -34.19
N PHE B 358 -1.08 21.93 -35.24
CA PHE B 358 -0.34 21.51 -36.43
C PHE B 358 0.77 22.49 -36.79
N GLY B 359 1.15 23.39 -35.90
CA GLY B 359 2.24 24.31 -36.17
C GLY B 359 2.04 25.13 -37.42
N LEU B 360 0.84 25.69 -37.57
CA LEU B 360 0.46 26.39 -38.78
C LEU B 360 0.73 27.88 -38.64
N HIS B 361 0.33 28.66 -39.63
CA HIS B 361 0.55 30.10 -39.65
C HIS B 361 -0.63 30.78 -40.31
N ALA B 362 -1.12 31.85 -39.71
CA ALA B 362 -2.31 32.55 -40.19
C ALA B 362 -1.99 33.59 -41.25
N HIS B 363 -0.80 33.56 -41.84
CA HIS B 363 -0.52 34.47 -42.96
C HIS B 363 -1.52 34.27 -44.09
N ASN B 364 -2.06 33.05 -44.23
CA ASN B 364 -3.17 32.85 -45.16
C ASN B 364 -4.40 33.62 -44.72
N VAL B 365 -4.70 33.62 -43.43
CA VAL B 365 -5.84 34.36 -42.89
C VAL B 365 -5.73 35.82 -43.31
N LYS C 17 -27.08 -16.94 4.30
CA LYS C 17 -26.61 -18.02 5.17
C LYS C 17 -25.56 -18.85 4.46
N LEU C 18 -24.41 -19.01 5.11
CA LEU C 18 -23.32 -19.84 4.61
C LEU C 18 -23.27 -21.10 5.47
N THR C 19 -23.49 -22.26 4.84
CA THR C 19 -23.43 -23.51 5.58
C THR C 19 -21.97 -23.85 5.86
N PRO C 20 -21.55 -23.99 7.11
CA PRO C 20 -20.13 -24.25 7.39
C PRO C 20 -19.67 -25.53 6.71
N PHE C 21 -18.45 -25.49 6.19
CA PHE C 21 -17.84 -26.69 5.66
C PHE C 21 -17.49 -27.64 6.79
N LYS C 22 -17.60 -28.94 6.51
CA LYS C 22 -17.48 -29.98 7.51
C LYS C 22 -16.35 -30.92 7.12
N PRO C 23 -15.14 -30.77 7.68
CA PRO C 23 -14.02 -31.61 7.26
C PRO C 23 -14.01 -33.04 7.82
N MET C 24 -14.61 -33.27 8.98
CA MET C 24 -14.46 -34.51 9.71
C MET C 24 -15.82 -35.18 9.90
N ARG C 25 -15.89 -36.48 9.64
CA ARG C 25 -17.09 -37.24 9.94
C ARG C 25 -17.28 -37.29 11.46
N PRO C 26 -18.22 -36.51 12.00
CA PRO C 26 -18.34 -36.45 13.46
C PRO C 26 -18.78 -37.80 14.00
N PRO C 27 -17.93 -38.51 14.73
CA PRO C 27 -18.23 -39.90 15.08
C PRO C 27 -19.62 -40.06 15.69
N LYS C 28 -20.51 -40.73 14.97
CA LYS C 28 -21.88 -40.87 15.43
C LYS C 28 -21.97 -41.59 16.76
N PRO C 29 -21.30 -42.73 16.98
CA PRO C 29 -21.37 -43.37 18.31
C PRO C 29 -20.50 -42.66 19.34
N MET C 30 -21.02 -41.55 19.86
CA MET C 30 -20.27 -40.73 20.79
C MET C 30 -20.50 -41.17 22.23
N GLN C 31 -20.30 -42.47 22.48
CA GLN C 31 -20.56 -43.06 23.80
C GLN C 31 -19.25 -43.18 24.56
N CYS C 32 -19.21 -42.61 25.76
CA CYS C 32 -18.12 -42.83 26.71
C CYS C 32 -18.69 -43.64 27.86
N TRP C 33 -18.32 -44.91 27.95
CA TRP C 33 -18.80 -45.72 29.05
C TRP C 33 -18.32 -45.20 30.40
N ILE C 34 -17.25 -44.38 30.39
CA ILE C 34 -16.83 -43.72 31.63
C ILE C 34 -17.72 -42.51 31.91
N HIS C 35 -18.30 -41.93 30.87
CA HIS C 35 -19.18 -40.76 30.98
C HIS C 35 -20.41 -40.95 30.11
N PRO C 36 -21.20 -42.00 30.36
CA PRO C 36 -22.41 -42.18 29.54
C PRO C 36 -23.33 -40.97 29.62
N ARG C 37 -23.38 -40.30 30.77
CA ARG C 37 -24.22 -39.11 30.89
C ARG C 37 -23.79 -38.03 29.92
N ARG C 38 -22.49 -37.83 29.75
CA ARG C 38 -21.97 -36.82 28.83
C ARG C 38 -21.95 -37.41 27.43
N ALA C 39 -22.92 -37.00 26.61
CA ALA C 39 -22.92 -37.42 25.21
C ALA C 39 -21.68 -36.91 24.47
N ASN C 40 -21.29 -35.66 24.75
CA ASN C 40 -20.09 -35.12 24.12
C ASN C 40 -18.83 -35.88 24.50
N CYS C 41 -18.91 -36.78 25.48
CA CYS C 41 -17.78 -37.61 25.87
C CYS C 41 -17.92 -38.97 25.21
N LYS C 42 -16.93 -39.34 24.41
CA LYS C 42 -16.87 -40.66 23.79
C LYS C 42 -15.55 -41.33 24.12
N VAL C 43 -15.62 -42.56 24.57
CA VAL C 43 -14.44 -43.39 24.73
C VAL C 43 -14.48 -44.43 23.62
N THR C 44 -13.36 -45.09 23.40
CA THR C 44 -13.27 -46.14 22.39
C THR C 44 -11.96 -46.89 22.53
N ARG C 45 -12.04 -48.21 22.62
CA ARG C 45 -10.84 -49.00 22.62
C ARG C 45 -10.13 -48.86 21.28
N PRO C 46 -8.81 -48.99 21.25
CA PRO C 46 -8.09 -48.77 19.98
C PRO C 46 -8.00 -50.04 19.16
N ARG C 47 -8.17 -49.87 17.84
CA ARG C 47 -7.81 -50.93 16.89
C ARG C 47 -6.30 -50.87 16.64
N ASN C 48 -5.57 -51.06 17.73
CA ASN C 48 -4.14 -50.80 17.77
C ASN C 48 -3.35 -51.95 17.18
N ASN C 49 -2.02 -51.83 17.23
CA ASN C 49 -1.15 -52.89 16.74
C ASN C 49 -1.37 -54.15 17.57
N TYR C 50 -1.97 -55.17 16.96
CA TYR C 50 -2.28 -56.38 17.70
C TYR C 50 -1.02 -57.13 18.10
N SER C 51 0.05 -57.02 17.33
CA SER C 51 1.31 -57.66 17.70
C SER C 51 1.97 -56.97 18.89
N ASP C 52 1.52 -55.76 19.26
CA ASP C 52 2.08 -55.02 20.37
C ASP C 52 1.20 -55.22 21.58
N PRO C 53 1.55 -56.11 22.52
CA PRO C 53 0.60 -56.48 23.57
C PRO C 53 0.21 -55.33 24.50
N ASP C 54 1.01 -54.27 24.60
CA ASP C 54 0.68 -53.19 25.52
C ASP C 54 -0.40 -52.26 24.94
N ASN C 55 -0.55 -52.24 23.62
CA ASN C 55 -1.50 -51.30 23.01
C ASN C 55 -2.96 -51.70 23.25
N GLU C 56 -3.24 -52.99 23.46
CA GLU C 56 -4.63 -53.43 23.58
C GLU C 56 -5.31 -52.81 24.78
N ASN C 57 -4.67 -52.83 25.95
CA ASN C 57 -5.34 -52.25 27.10
C ASN C 57 -5.35 -50.71 27.08
N ASP C 58 -4.92 -50.09 25.99
CA ASP C 58 -5.01 -48.65 25.85
C ASP C 58 -6.47 -48.21 25.74
N MET C 59 -6.74 -46.95 26.10
CA MET C 59 -8.05 -46.35 25.89
C MET C 59 -7.90 -45.05 25.13
N LEU C 60 -8.84 -44.79 24.21
CA LEU C 60 -8.86 -43.57 23.43
C LEU C 60 -10.19 -42.86 23.66
N HIS C 61 -10.13 -41.61 24.12
CA HIS C 61 -11.33 -40.84 24.38
C HIS C 61 -11.22 -39.47 23.72
N MET C 62 -12.30 -39.07 23.05
CA MET C 62 -12.41 -37.75 22.43
C MET C 62 -13.65 -37.04 22.97
N THR C 63 -13.54 -35.74 23.16
CA THR C 63 -14.65 -34.91 23.63
C THR C 63 -14.97 -33.84 22.60
N VAL C 64 -16.25 -33.55 22.47
CA VAL C 64 -16.74 -32.53 21.54
C VAL C 64 -17.07 -31.28 22.34
N LEU C 65 -16.50 -30.15 21.96
CA LEU C 65 -16.68 -28.91 22.68
C LEU C 65 -16.81 -27.78 21.66
N ASN C 66 -16.84 -26.55 22.15
CA ASN C 66 -17.01 -25.38 21.31
C ASN C 66 -15.66 -24.75 21.02
N SER C 67 -15.44 -24.35 19.77
CA SER C 67 -14.20 -23.71 19.37
C SER C 67 -14.01 -22.34 20.01
N VAL C 68 -15.03 -21.81 20.68
CA VAL C 68 -14.90 -20.50 21.32
C VAL C 68 -13.75 -20.50 22.32
N PHE C 69 -13.45 -21.65 22.91
CA PHE C 69 -12.46 -21.73 23.98
C PHE C 69 -11.03 -21.86 23.46
N LEU C 70 -10.82 -21.56 22.18
CA LEU C 70 -9.51 -21.56 21.56
C LEU C 70 -8.91 -20.16 21.67
N ASN C 71 -7.59 -20.07 21.74
CA ASN C 71 -6.94 -18.79 21.99
C ASN C 71 -6.51 -18.14 20.68
N GLU C 72 -5.70 -17.08 20.79
CA GLU C 72 -5.17 -16.42 19.60
C GLU C 72 -4.30 -17.38 18.79
N HIS C 73 -3.66 -18.34 19.44
CA HIS C 73 -2.89 -19.37 18.76
C HIS C 73 -3.75 -20.56 18.35
N ALA C 74 -5.06 -20.41 18.27
CA ALA C 74 -5.97 -21.51 18.01
C ALA C 74 -5.57 -22.72 18.86
N LYS C 75 -5.59 -22.49 20.16
CA LYS C 75 -5.17 -23.48 21.14
C LYS C 75 -6.17 -23.45 22.29
N LEU C 76 -6.68 -24.61 22.66
CA LEU C 76 -7.79 -24.66 23.60
C LEU C 76 -7.27 -24.41 25.01
N TYR C 77 -7.98 -23.58 25.76
CA TYR C 77 -7.37 -22.83 26.86
C TYR C 77 -6.75 -23.73 27.92
N TYR C 78 -7.48 -24.76 28.36
CA TYR C 78 -7.02 -25.51 29.52
C TYR C 78 -5.63 -26.10 29.29
N ARG C 79 -5.26 -26.37 28.03
CA ARG C 79 -3.96 -27.00 27.79
C ARG C 79 -2.80 -26.15 28.26
N HIS C 80 -3.01 -24.84 28.45
CA HIS C 80 -1.94 -24.00 28.96
C HIS C 80 -1.46 -24.46 30.31
N LEU C 81 -2.27 -25.23 31.03
CA LEU C 81 -1.98 -25.62 32.41
C LEU C 81 -1.52 -27.06 32.53
N LEU C 82 -0.92 -27.61 31.47
CA LEU C 82 -0.52 -29.02 31.43
C LEU C 82 1.00 -29.12 31.43
N ARG C 83 1.58 -29.15 32.63
CA ARG C 83 3.00 -29.47 32.81
C ARG C 83 3.14 -30.92 33.24
N ASN C 84 4.32 -31.48 32.96
CA ASN C 84 4.65 -32.86 33.30
C ASN C 84 3.44 -33.77 33.06
N ASP C 85 2.77 -33.55 31.93
CA ASP C 85 1.51 -34.24 31.66
C ASP C 85 1.74 -35.75 31.61
N GLN C 86 1.13 -36.47 32.55
CA GLN C 86 1.18 -37.92 32.54
C GLN C 86 0.31 -38.52 31.44
N ALA C 87 -0.45 -37.69 30.74
CA ALA C 87 -1.19 -38.13 29.57
C ALA C 87 -0.25 -38.74 28.54
N GLU C 88 -0.68 -39.82 27.90
CA GLU C 88 0.10 -40.41 26.82
C GLU C 88 0.25 -39.41 25.67
N ALA C 89 -0.86 -38.84 25.22
CA ALA C 89 -0.86 -37.87 24.15
C ALA C 89 -2.26 -37.29 23.97
N ARG C 90 -2.31 -36.03 23.58
CA ARG C 90 -3.58 -35.37 23.27
C ARG C 90 -3.35 -34.38 22.14
N LYS C 91 -4.44 -33.98 21.49
CA LYS C 91 -4.38 -32.90 20.51
C LYS C 91 -5.80 -32.49 20.14
N THR C 92 -5.93 -31.28 19.63
CA THR C 92 -7.22 -30.71 19.27
C THR C 92 -7.48 -30.86 17.78
N ILE C 93 -8.75 -31.13 17.44
CA ILE C 93 -9.19 -31.32 16.07
C ILE C 93 -10.54 -30.61 15.93
N LEU C 94 -10.54 -29.45 15.28
CA LEU C 94 -11.76 -28.65 15.14
C LEU C 94 -12.46 -29.01 13.83
N ASN C 95 -13.62 -29.66 13.93
CA ASN C 95 -14.50 -29.89 12.81
C ASN C 95 -15.61 -28.85 12.87
N ALA C 96 -15.68 -27.99 11.85
CA ALA C 96 -16.59 -26.86 11.92
C ALA C 96 -16.39 -26.16 13.26
N ASP C 97 -17.49 -25.82 13.95
CA ASP C 97 -17.37 -25.24 15.27
C ASP C 97 -16.89 -26.28 16.29
N SER C 98 -17.31 -27.54 16.14
CA SER C 98 -16.96 -28.56 17.11
C SER C 98 -15.45 -28.74 17.19
N VAL C 99 -14.97 -29.04 18.40
CA VAL C 99 -13.55 -29.26 18.65
C VAL C 99 -13.39 -30.59 19.35
N TYR C 100 -12.28 -31.27 19.07
CA TYR C 100 -12.07 -32.65 19.49
C TYR C 100 -10.69 -32.79 20.15
N GLU C 101 -10.68 -33.06 21.45
CA GLU C 101 -9.44 -33.38 22.16
C GLU C 101 -9.41 -34.88 22.37
N CYS C 102 -8.46 -35.55 21.74
CA CYS C 102 -8.31 -36.99 21.92
C CYS C 102 -7.43 -37.26 23.14
N MET C 103 -7.57 -38.46 23.69
CA MET C 103 -6.94 -38.81 24.96
C MET C 103 -6.44 -40.25 24.86
N LEU C 104 -5.13 -40.40 24.64
CA LEU C 104 -4.48 -41.71 24.60
C LEU C 104 -4.08 -42.16 26.00
N ILE C 105 -4.44 -43.39 26.34
CA ILE C 105 -4.09 -44.00 27.62
C ILE C 105 -3.44 -45.33 27.31
N ARG C 106 -2.36 -45.64 28.01
CA ARG C 106 -1.64 -46.91 27.87
C ARG C 106 -1.39 -47.46 29.26
N PRO C 107 -2.43 -48.04 29.88
CA PRO C 107 -2.33 -48.39 31.29
C PRO C 107 -1.41 -49.56 31.58
N ILE C 108 -1.24 -49.88 32.86
CA ILE C 108 -0.68 -51.17 33.23
C ILE C 108 -1.72 -52.25 32.97
N ARG C 109 -1.26 -53.50 32.89
CA ARG C 109 -2.15 -54.63 32.68
C ARG C 109 -3.40 -54.50 33.54
N THR C 110 -3.25 -53.99 34.76
CA THR C 110 -4.35 -53.89 35.70
C THR C 110 -4.85 -52.46 35.90
N GLU C 111 -4.07 -51.45 35.54
CA GLU C 111 -4.48 -50.08 35.77
C GLU C 111 -5.74 -49.76 34.98
N HIS C 112 -6.86 -49.57 35.68
CA HIS C 112 -8.15 -49.28 35.05
C HIS C 112 -8.76 -48.07 35.73
N PHE C 113 -9.26 -47.13 34.92
CA PHE C 113 -9.66 -45.81 35.40
C PHE C 113 -11.18 -45.73 35.56
N ARG C 114 -11.63 -44.66 36.20
CA ARG C 114 -13.05 -44.45 36.43
C ARG C 114 -13.29 -42.95 36.67
N SER C 115 -14.48 -42.49 36.29
CA SER C 115 -14.79 -41.06 36.29
C SER C 115 -15.06 -40.55 37.69
N VAL C 116 -14.36 -39.48 38.10
CA VAL C 116 -14.56 -38.85 39.41
C VAL C 116 -16.03 -38.56 39.67
N ASP C 117 -16.81 -38.41 38.60
CA ASP C 117 -18.25 -38.23 38.76
C ASP C 117 -18.82 -39.34 39.64
N GLU C 118 -19.31 -38.96 40.82
CA GLU C 118 -20.14 -39.83 41.64
C GLU C 118 -19.30 -40.89 42.35
N ALA C 119 -18.02 -40.63 42.57
CA ALA C 119 -17.10 -41.70 42.95
C ALA C 119 -17.39 -42.30 44.31
N GLY C 120 -18.02 -41.56 45.22
CA GLY C 120 -18.21 -42.09 46.55
C GLY C 120 -16.85 -42.49 47.10
N GLU C 121 -15.82 -41.79 46.66
CA GLU C 121 -14.46 -42.27 46.84
C GLU C 121 -14.12 -42.40 48.32
N HIS C 122 -13.38 -43.45 48.66
CA HIS C 122 -12.96 -43.74 50.02
C HIS C 122 -11.45 -43.78 50.16
N ASN C 123 -10.75 -44.33 49.19
CA ASN C 123 -9.32 -44.60 49.33
C ASN C 123 -8.56 -43.30 49.54
N MET C 124 -7.91 -43.17 50.70
CA MET C 124 -7.14 -41.98 50.99
C MET C 124 -6.03 -41.77 49.97
N SER C 125 -5.39 -42.85 49.52
CA SER C 125 -4.30 -42.74 48.55
C SER C 125 -4.79 -42.22 47.21
N VAL C 126 -5.91 -42.75 46.72
CA VAL C 126 -6.42 -42.30 45.43
C VAL C 126 -6.87 -40.84 45.53
N LEU C 127 -7.50 -40.48 46.65
CA LEU C 127 -7.81 -39.08 46.88
C LEU C 127 -6.55 -38.23 46.85
N LYS C 128 -5.46 -38.73 47.44
CA LYS C 128 -4.20 -38.01 47.39
C LYS C 128 -3.73 -37.81 45.96
N ILE C 129 -3.81 -38.87 45.15
CA ILE C 129 -3.43 -38.76 43.75
C ILE C 129 -4.24 -37.67 43.06
N ILE C 130 -5.55 -37.69 43.29
CA ILE C 130 -6.45 -36.75 42.60
C ILE C 130 -6.10 -35.31 43.02
N ILE C 131 -5.93 -35.09 44.32
CA ILE C 131 -5.63 -33.75 44.80
C ILE C 131 -4.28 -33.28 44.26
N ASP C 132 -3.30 -34.17 44.19
CA ASP C 132 -2.02 -33.78 43.60
C ASP C 132 -2.20 -33.34 42.16
N ALA C 133 -2.90 -34.15 41.36
CA ALA C 133 -3.10 -33.80 39.95
C ALA C 133 -3.73 -32.42 39.85
N VAL C 134 -4.84 -32.21 40.55
CA VAL C 134 -5.58 -30.95 40.41
C VAL C 134 -4.75 -29.77 40.90
N ILE C 135 -4.12 -29.90 42.07
CA ILE C 135 -3.41 -28.77 42.65
C ILE C 135 -2.21 -28.40 41.79
N LYS C 136 -1.45 -29.40 41.34
CA LYS C 136 -0.33 -29.07 40.46
C LYS C 136 -0.82 -28.51 39.14
N TYR C 137 -2.02 -28.89 38.71
CA TYR C 137 -2.57 -28.35 37.48
C TYR C 137 -2.94 -26.87 37.63
N ILE C 138 -3.48 -26.49 38.78
CA ILE C 138 -4.10 -25.18 38.94
C ILE C 138 -3.13 -24.17 39.53
N GLY C 139 -2.28 -24.56 40.48
CA GLY C 139 -1.41 -23.61 41.14
C GLY C 139 -0.42 -22.93 40.22
N LYS C 140 -0.19 -23.50 39.05
CA LYS C 140 0.72 -22.89 38.07
C LYS C 140 0.21 -21.54 37.59
N LEU C 141 -1.08 -21.24 37.81
CA LEU C 141 -1.62 -19.95 37.40
C LEU C 141 -0.82 -18.81 37.98
N ALA C 142 -0.47 -17.85 37.13
CA ALA C 142 0.07 -16.60 37.62
C ALA C 142 -0.94 -15.92 38.54
N ASP C 143 -0.44 -15.01 39.38
CA ASP C 143 -1.30 -14.38 40.36
C ASP C 143 -2.39 -13.54 39.69
N ASP C 144 -2.04 -12.81 38.63
CA ASP C 144 -2.95 -11.86 38.02
C ASP C 144 -3.74 -12.43 36.85
N GLU C 145 -3.63 -13.73 36.58
CA GLU C 145 -4.39 -14.36 35.50
C GLU C 145 -5.59 -15.08 36.09
N TYR C 146 -6.77 -14.77 35.58
CA TYR C 146 -8.03 -15.30 36.08
C TYR C 146 -8.61 -16.28 35.06
N ILE C 147 -9.12 -17.40 35.55
CA ILE C 147 -9.62 -18.47 34.70
C ILE C 147 -11.03 -18.82 35.18
N LEU C 148 -12.00 -18.85 34.26
CA LEU C 148 -13.38 -19.17 34.58
C LEU C 148 -13.83 -20.37 33.78
N ILE C 149 -14.00 -21.51 34.47
CA ILE C 149 -14.55 -22.70 33.84
C ILE C 149 -15.98 -22.42 33.38
N ALA C 150 -16.44 -23.22 32.41
CA ALA C 150 -17.80 -23.08 31.88
C ALA C 150 -18.51 -24.43 31.91
N ASP C 151 -17.76 -25.52 31.83
CA ASP C 151 -18.37 -26.84 31.96
C ASP C 151 -19.10 -26.97 33.29
N ARG C 152 -18.35 -26.92 34.39
CA ARG C 152 -18.87 -27.23 35.71
C ARG C 152 -18.06 -26.44 36.73
N MET C 153 -18.60 -26.37 37.96
CA MET C 153 -17.83 -25.85 39.08
C MET C 153 -16.88 -26.91 39.63
N TYR C 154 -16.11 -27.53 38.74
CA TYR C 154 -15.04 -28.46 39.13
C TYR C 154 -14.38 -28.92 37.84
N VAL C 155 -13.17 -29.44 37.98
CA VAL C 155 -12.45 -29.98 36.84
C VAL C 155 -12.79 -31.46 36.71
N ASP C 156 -12.76 -31.94 35.46
CA ASP C 156 -13.16 -33.30 35.13
C ASP C 156 -11.93 -34.16 34.97
N LEU C 157 -11.93 -35.35 35.58
CA LEU C 157 -10.80 -36.25 35.40
C LEU C 157 -11.25 -37.67 35.68
N ILE C 158 -10.46 -38.62 35.20
CA ILE C 158 -10.66 -40.04 35.43
C ILE C 158 -9.49 -40.51 36.28
N TYR C 159 -9.64 -41.66 36.93
CA TYR C 159 -8.61 -42.11 37.86
C TYR C 159 -8.59 -43.62 37.92
N SER C 160 -7.39 -44.19 37.83
CA SER C 160 -7.16 -45.59 38.13
C SER C 160 -6.63 -45.72 39.56
N GLU C 161 -6.26 -46.95 39.93
CA GLU C 161 -5.70 -47.19 41.24
C GLU C 161 -4.30 -46.60 41.40
N PHE C 162 -3.67 -46.14 40.33
CA PHE C 162 -2.31 -45.61 40.38
C PHE C 162 -2.20 -44.16 39.93
N ARG C 163 -2.95 -43.75 38.91
CA ARG C 163 -2.83 -42.41 38.34
C ARG C 163 -4.21 -41.82 38.12
N ALA C 164 -4.23 -40.59 37.59
CA ALA C 164 -5.47 -39.93 37.21
C ALA C 164 -5.19 -39.01 36.04
N ILE C 165 -6.10 -39.01 35.07
CA ILE C 165 -5.94 -38.25 33.83
C ILE C 165 -6.97 -37.14 33.82
N ILE C 166 -6.51 -35.92 33.58
CA ILE C 166 -7.40 -34.76 33.54
C ILE C 166 -8.16 -34.83 32.22
N LEU C 167 -9.21 -34.04 32.08
CA LEU C 167 -9.99 -34.03 30.85
C LEU C 167 -9.99 -32.63 30.25
N PRO C 168 -10.42 -32.48 29.00
CA PRO C 168 -10.59 -31.13 28.44
C PRO C 168 -11.61 -30.34 29.26
N GLN C 169 -11.29 -29.07 29.47
CA GLN C 169 -12.11 -28.19 30.29
C GLN C 169 -12.34 -26.89 29.54
N SER C 170 -13.55 -26.35 29.65
CA SER C 170 -13.96 -25.20 28.87
C SER C 170 -13.87 -23.96 29.75
N ALA C 171 -12.66 -23.43 29.90
CA ALA C 171 -12.39 -22.27 30.72
C ALA C 171 -11.70 -21.18 29.91
N TYR C 172 -12.22 -19.95 30.02
CA TYR C 172 -11.59 -18.80 29.40
C TYR C 172 -10.33 -18.38 30.15
N ILE C 173 -9.39 -17.82 29.39
CA ILE C 173 -8.19 -17.21 29.95
C ILE C 173 -8.44 -15.72 30.10
N ILE C 174 -7.96 -15.14 31.19
CA ILE C 174 -8.04 -13.71 31.43
C ILE C 174 -6.69 -13.23 31.93
N LYS C 175 -6.20 -12.14 31.35
CA LYS C 175 -4.96 -11.50 31.77
C LYS C 175 -5.29 -10.11 32.29
N GLY C 176 -4.74 -9.76 33.46
CA GLY C 176 -4.88 -8.44 34.02
C GLY C 176 -3.52 -7.79 34.25
N ASP C 177 -3.57 -6.53 34.66
CA ASP C 177 -2.34 -5.81 34.97
C ASP C 177 -2.75 -4.61 35.82
N TYR C 178 -1.82 -3.66 36.04
CA TYR C 178 -2.04 -2.55 36.96
C TYR C 178 -0.81 -1.68 36.97
N ALA C 179 -0.94 -0.43 37.40
CA ALA C 179 0.08 0.60 37.20
C ALA C 179 0.79 0.96 38.50
N GLU C 180 1.06 -0.05 39.34
CA GLU C 180 1.79 0.18 40.58
C GLU C 180 3.08 0.94 40.30
N SER C 181 3.45 1.81 41.24
CA SER C 181 4.73 2.50 41.14
C SER C 181 5.87 1.49 41.02
N ASP C 182 5.82 0.41 41.81
CA ASP C 182 6.81 -0.65 41.74
C ASP C 182 6.46 -1.63 40.62
N ASP C 190 5.79 -9.35 32.78
CA ASP C 190 4.42 -9.80 32.94
C ASP C 190 3.44 -8.80 32.34
N VAL C 191 3.91 -8.07 31.33
CA VAL C 191 3.07 -7.07 30.66
C VAL C 191 1.96 -7.75 29.87
N CYS C 192 0.81 -7.11 29.80
CA CYS C 192 -0.29 -7.67 29.02
C CYS C 192 0.13 -7.93 27.58
N ASN C 193 0.84 -6.97 26.98
CA ASN C 193 1.17 -6.99 25.56
C ASN C 193 2.24 -8.05 25.29
N GLU C 194 1.79 -9.31 25.23
CA GLU C 194 2.66 -10.44 24.95
C GLU C 194 2.86 -10.67 23.46
N LEU C 195 2.06 -10.02 22.62
CA LEU C 195 2.22 -10.18 21.17
C LEU C 195 3.63 -9.80 20.75
N GLU C 196 4.07 -10.36 19.62
CA GLU C 196 5.32 -9.93 19.01
C GLU C 196 5.13 -8.58 18.32
N TYR C 197 6.21 -7.80 18.27
CA TYR C 197 6.10 -6.43 17.78
C TYR C 197 5.39 -6.32 16.43
N PRO C 198 5.79 -7.06 15.40
CA PRO C 198 5.20 -6.85 14.06
C PRO C 198 3.74 -7.20 13.98
N TRP C 199 3.12 -7.55 15.11
CA TRP C 199 1.67 -7.72 15.14
C TRP C 199 0.98 -6.92 16.23
N LYS C 200 1.65 -6.61 17.35
CA LYS C 200 0.97 -5.82 18.38
C LYS C 200 0.65 -4.43 17.85
N LEU C 201 1.52 -3.88 17.01
CA LEU C 201 1.32 -2.53 16.49
C LEU C 201 -0.06 -2.33 15.92
N ILE C 202 -0.75 -3.42 15.54
CA ILE C 202 -2.08 -3.32 14.98
C ILE C 202 -3.16 -3.84 15.93
N THR C 203 -2.88 -4.87 16.72
CA THR C 203 -3.86 -5.45 17.63
C THR C 203 -3.20 -5.72 18.98
N ALA C 204 -3.99 -5.60 20.04
CA ALA C 204 -3.50 -5.79 21.40
C ALA C 204 -4.38 -6.78 22.14
N ASN C 205 -3.81 -7.41 23.15
CA ASN C 205 -4.57 -8.36 23.95
C ASN C 205 -5.73 -7.65 24.65
N ASN C 206 -6.83 -8.37 24.80
CA ASN C 206 -7.99 -7.85 25.52
C ASN C 206 -7.81 -8.07 27.02
N CYS C 207 -6.74 -7.47 27.54
CA CYS C 207 -6.32 -7.66 28.91
C CYS C 207 -7.21 -6.83 29.83
N ILE C 208 -6.97 -6.91 31.14
CA ILE C 208 -7.80 -6.25 32.14
C ILE C 208 -6.88 -5.62 33.19
N VAL C 209 -7.48 -5.05 34.22
CA VAL C 209 -6.71 -4.48 35.33
C VAL C 209 -6.91 -5.40 36.53
N SER C 210 -5.93 -6.26 36.77
CA SER C 210 -5.93 -7.08 37.97
C SER C 210 -5.83 -6.20 39.20
N THR C 211 -6.54 -6.60 40.26
CA THR C 211 -6.57 -5.85 41.51
C THR C 211 -6.46 -6.82 42.68
N ASP C 212 -6.05 -6.29 43.83
CA ASP C 212 -5.91 -7.12 45.01
C ASP C 212 -7.20 -7.87 45.30
N GLU C 213 -8.31 -7.14 45.38
CA GLU C 213 -9.58 -7.75 45.75
C GLU C 213 -9.94 -8.89 44.81
N SER C 214 -9.89 -8.64 43.51
CA SER C 214 -10.14 -9.70 42.55
C SER C 214 -9.11 -10.81 42.67
N ARG C 215 -7.90 -10.49 43.12
CA ARG C 215 -6.87 -11.53 43.23
C ARG C 215 -7.25 -12.55 44.30
N GLN C 216 -7.59 -12.09 45.51
CA GLN C 216 -7.99 -13.10 46.49
C GLN C 216 -9.34 -13.70 46.12
N SER C 217 -10.20 -12.95 45.41
CA SER C 217 -11.43 -13.55 44.91
C SER C 217 -11.13 -14.78 44.06
N GLN C 218 -10.21 -14.63 43.10
CA GLN C 218 -9.84 -15.76 42.24
C GLN C 218 -9.14 -16.85 43.03
N TYR C 219 -8.30 -16.45 44.00
CA TYR C 219 -7.64 -17.41 44.88
C TYR C 219 -8.65 -18.35 45.51
N ILE C 220 -9.61 -17.77 46.24
CA ILE C 220 -10.61 -18.57 46.92
C ILE C 220 -11.52 -19.27 45.90
N TYR C 221 -11.68 -18.67 44.72
CA TYR C 221 -12.47 -19.30 43.66
C TYR C 221 -11.87 -20.65 43.28
N ARG C 222 -10.56 -20.67 43.00
CA ARG C 222 -9.93 -21.94 42.65
C ARG C 222 -9.92 -22.88 43.85
N THR C 223 -9.79 -22.34 45.06
CA THR C 223 -9.81 -23.20 46.23
C THR C 223 -11.14 -23.94 46.36
N PHE C 224 -12.25 -23.22 46.20
CA PHE C 224 -13.56 -23.87 46.17
C PHE C 224 -13.75 -24.76 44.96
N LEU C 225 -13.17 -24.44 43.81
CA LEU C 225 -13.26 -25.36 42.68
C LEU C 225 -12.60 -26.69 43.05
N LEU C 226 -11.44 -26.63 43.68
CA LEU C 226 -10.82 -27.82 44.24
C LEU C 226 -11.74 -28.54 45.21
N TYR C 227 -12.34 -27.77 46.13
CA TYR C 227 -13.22 -28.37 47.12
C TYR C 227 -14.37 -29.11 46.44
N ASN C 228 -14.95 -28.52 45.41
CA ASN C 228 -16.04 -29.16 44.69
C ASN C 228 -15.57 -30.42 43.98
N THR C 229 -14.36 -30.40 43.43
CA THR C 229 -13.84 -31.63 42.83
C THR C 229 -13.78 -32.74 43.88
N VAL C 230 -13.25 -32.41 45.06
CA VAL C 230 -13.14 -33.41 46.12
C VAL C 230 -14.53 -33.93 46.50
N LEU C 231 -15.49 -33.03 46.67
CA LEU C 231 -16.83 -33.43 47.07
C LEU C 231 -17.49 -34.30 46.01
N THR C 232 -17.35 -33.94 44.74
CA THR C 232 -17.89 -34.79 43.68
C THR C 232 -17.28 -36.18 43.75
N ALA C 233 -15.97 -36.25 44.01
CA ALA C 233 -15.33 -37.55 44.15
C ALA C 233 -15.93 -38.34 45.31
N ILE C 234 -15.78 -37.84 46.53
CA ILE C 234 -16.05 -38.64 47.72
C ILE C 234 -17.50 -39.11 47.80
N LEU C 235 -18.40 -38.51 47.02
CA LEU C 235 -19.84 -38.76 47.16
C LEU C 235 -20.36 -39.62 46.02
N LYS C 236 -21.19 -40.60 46.36
CA LYS C 236 -21.83 -41.44 45.35
C LYS C 236 -22.98 -40.75 44.64
N GLN C 237 -23.35 -39.55 45.07
CA GLN C 237 -24.53 -38.86 44.57
C GLN C 237 -24.12 -37.52 43.96
N ASN C 238 -24.99 -37.03 43.07
CA ASN C 238 -24.80 -35.72 42.44
C ASN C 238 -24.29 -34.69 43.44
N ASN C 239 -23.28 -33.93 43.00
CA ASN C 239 -22.79 -32.83 43.81
C ASN C 239 -23.68 -31.62 43.53
N PRO C 240 -24.66 -31.32 44.38
CA PRO C 240 -25.64 -30.29 44.03
C PRO C 240 -25.03 -28.91 43.84
N PHE C 241 -23.97 -28.61 44.60
CA PHE C 241 -23.38 -27.27 44.54
C PHE C 241 -22.93 -26.93 43.14
N ASP C 242 -22.54 -27.95 42.37
CA ASP C 242 -21.96 -27.70 41.06
C ASP C 242 -22.94 -27.11 40.07
N VAL C 243 -24.23 -27.44 40.20
CA VAL C 243 -25.20 -26.99 39.20
C VAL C 243 -25.14 -25.47 39.13
N ILE C 244 -24.77 -24.95 37.97
CA ILE C 244 -24.50 -23.53 37.80
C ILE C 244 -25.80 -22.86 37.37
N ALA C 245 -26.90 -23.61 37.39
CA ALA C 245 -28.16 -23.13 36.84
C ALA C 245 -28.51 -21.74 37.36
N GLU C 246 -29.33 -21.00 36.61
CA GLU C 246 -29.58 -19.60 36.90
C GLU C 246 -30.72 -19.45 37.89
N ASN C 247 -31.89 -20.02 37.55
CA ASN C 247 -33.01 -20.04 38.49
C ASN C 247 -32.63 -20.70 39.80
N THR C 248 -31.57 -21.50 39.81
CA THR C 248 -31.07 -22.11 41.04
C THR C 248 -30.19 -21.11 41.78
N SER C 249 -30.83 -20.05 42.26
CA SER C 249 -30.12 -19.11 43.12
C SER C 249 -29.57 -19.86 44.32
N ILE C 250 -28.30 -19.63 44.62
CA ILE C 250 -27.64 -20.33 45.72
C ILE C 250 -28.44 -20.11 47.00
N SER C 251 -29.27 -19.06 47.03
CA SER C 251 -30.15 -18.84 48.16
C SER C 251 -31.00 -20.07 48.47
N ILE C 252 -31.81 -20.49 47.49
CA ILE C 252 -32.67 -21.65 47.72
C ILE C 252 -31.82 -22.89 47.96
N ILE C 253 -30.68 -22.99 47.29
CA ILE C 253 -29.84 -24.18 47.45
C ILE C 253 -29.39 -24.31 48.89
N VAL C 254 -28.86 -23.24 49.48
CA VAL C 254 -28.43 -23.30 50.87
C VAL C 254 -29.63 -23.50 51.78
N ARG C 255 -30.74 -22.83 51.48
CA ARG C 255 -31.90 -22.93 52.36
C ARG C 255 -32.41 -24.36 52.45
N ASN C 256 -32.63 -25.00 51.29
CA ASN C 256 -33.05 -26.40 51.31
C ASN C 256 -31.94 -27.31 51.83
N LEU C 257 -30.69 -26.89 51.74
CA LEU C 257 -29.61 -27.68 52.34
C LEU C 257 -29.65 -27.61 53.86
N GLY C 258 -29.92 -26.43 54.41
CA GLY C 258 -29.73 -26.19 55.82
C GLY C 258 -28.31 -25.79 56.15
N SER C 259 -28.03 -25.69 57.44
CA SER C 259 -26.71 -25.39 57.96
C SER C 259 -26.21 -26.55 58.82
N CYS C 260 -24.89 -26.63 58.97
CA CYS C 260 -24.31 -27.71 59.75
C CYS C 260 -24.88 -27.68 61.16
N PRO C 261 -25.35 -28.81 61.70
CA PRO C 261 -25.76 -28.82 63.11
C PRO C 261 -24.63 -28.44 64.04
N ASN C 262 -23.40 -28.85 63.71
CA ASN C 262 -22.24 -28.48 64.52
C ASN C 262 -21.93 -27.00 64.42
N ASN C 263 -22.41 -26.31 63.39
CA ASN C 263 -22.20 -24.87 63.28
C ASN C 263 -23.27 -24.30 62.35
N LYS C 264 -24.03 -23.33 62.86
CA LYS C 264 -25.17 -22.82 62.10
C LYS C 264 -24.75 -21.97 60.91
N ASP C 265 -23.59 -21.30 60.97
CA ASP C 265 -23.21 -20.47 59.83
C ASP C 265 -22.65 -21.33 58.68
N ARG C 266 -22.23 -22.56 58.96
CA ARG C 266 -21.69 -23.43 57.93
C ARG C 266 -22.82 -24.23 57.28
N VAL C 267 -22.48 -24.92 56.19
CA VAL C 267 -23.48 -25.60 55.38
C VAL C 267 -23.87 -26.92 56.02
N LYS C 268 -25.03 -27.43 55.64
CA LYS C 268 -25.50 -28.73 56.14
C LYS C 268 -25.00 -29.85 55.23
N CYS C 269 -23.70 -29.86 54.98
CA CYS C 269 -23.07 -30.89 54.17
C CYS C 269 -22.69 -32.13 54.96
N CYS C 270 -22.91 -32.14 56.27
CA CYS C 270 -22.47 -33.26 57.09
C CYS C 270 -23.45 -34.41 57.09
N ASP C 271 -24.32 -34.49 56.08
CA ASP C 271 -25.36 -35.50 56.01
C ASP C 271 -25.36 -36.22 54.67
N LEU C 272 -24.41 -35.95 53.80
CA LEU C 272 -24.46 -36.46 52.44
C LEU C 272 -24.29 -37.98 52.45
N ASN C 273 -24.56 -38.58 51.29
CA ASN C 273 -24.45 -40.03 51.11
C ASN C 273 -23.03 -40.37 50.65
N TYR C 274 -22.10 -40.26 51.60
CA TYR C 274 -20.69 -40.45 51.29
C TYR C 274 -20.42 -41.90 50.94
N GLY C 275 -19.74 -42.13 49.82
CA GLY C 275 -19.29 -43.47 49.49
C GLY C 275 -18.25 -43.97 50.47
N GLY C 276 -17.31 -43.12 50.85
CA GLY C 276 -16.36 -43.40 51.90
C GLY C 276 -16.89 -42.96 53.24
N VAL C 277 -15.96 -42.78 54.18
CA VAL C 277 -16.38 -42.28 55.49
C VAL C 277 -16.94 -40.87 55.33
N PRO C 278 -17.99 -40.49 56.06
CA PRO C 278 -18.37 -39.08 56.13
C PRO C 278 -17.49 -38.33 57.11
N PRO C 279 -16.55 -37.51 56.62
CA PRO C 279 -15.99 -36.47 57.49
C PRO C 279 -17.02 -35.44 57.88
N GLY C 280 -18.12 -35.33 57.14
CA GLY C 280 -19.30 -34.61 57.57
C GLY C 280 -19.12 -33.11 57.70
N HIS C 281 -19.11 -32.63 58.94
CA HIS C 281 -18.95 -31.20 59.19
C HIS C 281 -17.62 -30.67 58.68
N VAL C 282 -16.62 -31.53 58.52
CA VAL C 282 -15.40 -31.11 57.84
C VAL C 282 -15.72 -30.70 56.41
N MET C 283 -16.67 -31.39 55.79
CA MET C 283 -17.14 -31.06 54.45
C MET C 283 -18.18 -29.97 54.46
N CYS C 284 -18.26 -29.17 55.52
CA CYS C 284 -19.28 -28.15 55.63
C CYS C 284 -18.65 -26.76 55.57
N PRO C 285 -18.41 -26.23 54.36
CA PRO C 285 -17.84 -24.89 54.27
C PRO C 285 -18.83 -23.87 54.78
N PRO C 286 -18.34 -22.72 55.27
CA PRO C 286 -19.26 -21.64 55.63
C PRO C 286 -20.19 -21.31 54.47
N ARG C 287 -21.48 -21.18 54.80
CA ARG C 287 -22.48 -20.97 53.76
C ARG C 287 -22.24 -19.67 53.00
N GLU C 288 -21.83 -18.62 53.72
CA GLU C 288 -21.74 -17.30 53.10
C GLU C 288 -20.69 -17.29 52.00
N ILE C 289 -19.49 -17.77 52.30
CA ILE C 289 -18.42 -17.79 51.31
C ILE C 289 -18.82 -18.64 50.12
N THR C 290 -19.52 -19.75 50.37
CA THR C 290 -19.95 -20.60 49.28
C THR C 290 -20.93 -19.88 48.36
N LYS C 291 -21.86 -19.11 48.94
CA LYS C 291 -22.76 -18.32 48.10
C LYS C 291 -21.98 -17.29 47.28
N LYS C 292 -21.05 -16.59 47.92
CA LYS C 292 -20.29 -15.58 47.20
C LYS C 292 -19.50 -16.21 46.06
N PHE C 293 -18.97 -17.41 46.30
CA PHE C 293 -18.32 -18.19 45.25
C PHE C 293 -19.29 -18.52 44.13
N PHE C 294 -20.52 -18.91 44.48
CA PHE C 294 -21.51 -19.21 43.47
C PHE C 294 -21.73 -18.01 42.56
N HIS C 295 -21.78 -16.82 43.16
CA HIS C 295 -21.99 -15.61 42.36
C HIS C 295 -20.76 -15.25 41.54
N TYR C 296 -19.57 -15.41 42.14
CA TYR C 296 -18.33 -15.20 41.40
C TYR C 296 -18.29 -16.10 40.16
N ALA C 297 -18.74 -17.34 40.30
CA ALA C 297 -18.89 -18.21 39.14
C ALA C 297 -19.98 -17.71 38.20
N LYS C 298 -21.07 -17.18 38.76
CA LYS C 298 -22.14 -16.63 37.95
C LYS C 298 -21.60 -15.60 36.98
N TRP C 299 -20.57 -14.86 37.40
CA TRP C 299 -19.98 -13.83 36.55
C TRP C 299 -19.67 -14.34 35.15
N VAL C 300 -19.25 -15.61 35.03
CA VAL C 300 -18.60 -16.10 33.82
C VAL C 300 -19.47 -15.88 32.58
N ARG C 301 -20.79 -15.86 32.74
CA ARG C 301 -21.68 -15.79 31.58
C ARG C 301 -21.36 -14.60 30.69
N ASN C 302 -20.89 -13.50 31.26
CA ASN C 302 -20.47 -12.32 30.48
C ASN C 302 -19.06 -11.95 30.92
N PRO C 303 -18.04 -12.58 30.34
CA PRO C 303 -16.66 -12.26 30.70
C PRO C 303 -16.10 -11.10 29.88
N ASN C 304 -16.82 -9.99 29.86
CA ASN C 304 -16.40 -8.79 29.14
C ASN C 304 -15.92 -7.70 30.10
N LYS C 305 -16.78 -7.28 31.02
CA LYS C 305 -16.44 -6.22 31.96
C LYS C 305 -16.05 -6.84 33.30
N TYR C 306 -14.86 -7.42 33.29
CA TYR C 306 -14.26 -8.03 34.48
C TYR C 306 -14.49 -7.17 35.71
N LYS C 307 -14.41 -5.85 35.56
CA LYS C 307 -14.37 -4.97 36.71
C LYS C 307 -15.54 -5.22 37.67
N ARG C 308 -16.70 -5.57 37.13
CA ARG C 308 -17.92 -5.60 37.93
C ARG C 308 -18.05 -6.86 38.77
N TYR C 309 -17.28 -7.91 38.49
CA TYR C 309 -17.42 -9.16 39.22
C TYR C 309 -16.11 -9.81 39.62
N SER C 310 -14.99 -9.49 38.98
CA SER C 310 -13.73 -10.16 39.27
C SER C 310 -13.31 -9.99 40.72
N GLU C 311 -13.88 -9.00 41.41
CA GLU C 311 -13.57 -8.75 42.80
C GLU C 311 -14.81 -8.81 43.69
N LEU C 312 -15.93 -9.30 43.15
CA LEU C 312 -17.19 -9.26 43.90
C LEU C 312 -17.10 -9.98 45.23
N ILE C 313 -16.25 -10.99 45.34
CA ILE C 313 -16.25 -11.80 46.57
C ILE C 313 -15.77 -10.96 47.74
N ALA C 314 -14.66 -10.25 47.56
CA ALA C 314 -13.99 -9.52 48.64
C ALA C 314 -14.48 -8.08 48.75
N ARG C 315 -15.71 -7.80 48.34
CA ARG C 315 -16.27 -6.48 48.51
C ARG C 315 -16.39 -6.12 49.98
N GLN C 316 -16.63 -4.84 50.23
CA GLN C 316 -16.77 -4.33 51.58
C GLN C 316 -17.50 -2.99 51.48
N SER C 317 -17.58 -2.28 52.61
CA SER C 317 -18.24 -0.99 52.63
C SER C 317 -18.01 -0.30 53.97
N ALA C 336 -18.42 -2.01 56.50
CA ALA C 336 -18.41 -3.29 57.18
C ALA C 336 -17.22 -4.14 56.73
N ARG C 337 -16.07 -3.48 56.55
CA ARG C 337 -14.86 -4.22 56.18
C ARG C 337 -14.56 -5.31 57.21
N ASP C 338 -14.93 -5.07 58.47
CA ASP C 338 -14.72 -6.09 59.49
C ASP C 338 -15.48 -7.36 59.16
N VAL C 339 -16.74 -7.22 58.75
CA VAL C 339 -17.55 -8.40 58.42
C VAL C 339 -16.98 -9.12 57.21
N SER C 340 -16.58 -8.37 56.18
CA SER C 340 -16.00 -9.00 55.00
C SER C 340 -14.75 -9.78 55.37
N GLN C 341 -13.82 -9.14 56.10
CA GLN C 341 -12.61 -9.82 56.52
C GLN C 341 -12.93 -11.03 57.39
N LEU C 342 -14.01 -10.94 58.17
CA LEU C 342 -14.44 -12.09 58.96
C LEU C 342 -14.81 -13.25 58.07
N HIS C 343 -15.55 -12.99 57.00
CA HIS C 343 -15.87 -14.04 56.04
C HIS C 343 -14.60 -14.61 55.41
N LEU C 344 -13.69 -13.73 55.01
CA LEU C 344 -12.47 -14.19 54.37
C LEU C 344 -11.66 -15.08 55.30
N LEU C 345 -11.61 -14.73 56.59
CA LEU C 345 -10.83 -15.53 57.52
C LEU C 345 -11.56 -16.83 57.89
N ASP C 346 -12.88 -16.82 57.94
CA ASP C 346 -13.61 -18.07 58.01
C ASP C 346 -13.15 -18.99 56.88
N TRP C 347 -13.07 -18.42 55.67
CA TRP C 347 -12.67 -19.24 54.53
C TRP C 347 -11.24 -19.74 54.70
N GLU C 348 -10.32 -18.88 55.11
CA GLU C 348 -8.92 -19.31 55.16
C GLU C 348 -8.76 -20.40 56.19
N ASN C 349 -9.45 -20.28 57.33
CA ASN C 349 -9.40 -21.37 58.30
C ASN C 349 -9.98 -22.65 57.70
N PHE C 350 -11.19 -22.57 57.13
CA PHE C 350 -11.77 -23.76 56.53
C PHE C 350 -10.78 -24.44 55.61
N MET C 351 -10.09 -23.66 54.78
CA MET C 351 -9.06 -24.23 53.92
C MET C 351 -7.94 -24.83 54.75
N GLY C 352 -7.54 -24.18 55.83
CA GLY C 352 -6.50 -24.69 56.69
C GLY C 352 -6.79 -26.09 57.19
N GLU C 353 -7.90 -26.27 57.91
CA GLU C 353 -8.20 -27.61 58.41
C GLU C 353 -8.59 -28.57 57.29
N PHE C 354 -9.15 -28.08 56.18
CA PHE C 354 -9.39 -28.94 55.03
C PHE C 354 -8.08 -29.55 54.53
N SER C 355 -7.10 -28.69 54.24
CA SER C 355 -5.80 -29.13 53.77
C SER C 355 -5.12 -30.01 54.81
N SER C 356 -5.27 -29.69 56.09
CA SER C 356 -4.67 -30.51 57.14
C SER C 356 -5.30 -31.89 57.20
N TYR C 357 -6.60 -31.99 56.88
CA TYR C 357 -7.24 -33.28 56.72
C TYR C 357 -6.50 -34.14 55.71
N PHE C 358 -5.67 -33.52 54.86
CA PHE C 358 -4.95 -34.21 53.81
C PHE C 358 -3.47 -33.83 53.80
N GLY C 359 -2.97 -33.25 54.89
CA GLY C 359 -1.55 -32.97 55.03
C GLY C 359 -1.01 -32.04 53.96
N LEU C 360 -1.70 -30.93 53.73
CA LEU C 360 -1.36 -30.00 52.67
C LEU C 360 -1.14 -28.61 53.25
N HIS C 361 -0.14 -27.90 52.73
CA HIS C 361 0.27 -26.61 53.27
C HIS C 361 0.03 -25.50 52.25
N ALA C 362 -0.01 -24.27 52.76
CA ALA C 362 -0.48 -23.13 51.99
C ALA C 362 0.52 -22.63 50.96
N HIS C 363 1.78 -23.10 50.99
CA HIS C 363 2.78 -22.53 50.09
C HIS C 363 2.35 -22.66 48.64
N ASN C 364 1.92 -23.86 48.23
CA ASN C 364 1.39 -24.03 46.88
C ASN C 364 -0.01 -23.46 46.74
N VAL C 365 -0.71 -23.24 47.85
CA VAL C 365 -2.01 -22.60 47.82
C VAL C 365 -1.80 -21.11 47.65
N PRO D 7 -24.55 -15.08 21.32
CA PRO D 7 -25.51 -16.16 21.03
C PRO D 7 -24.86 -17.54 21.09
N ILE D 8 -24.75 -18.10 22.30
CA ILE D 8 -24.13 -19.40 22.50
C ILE D 8 -24.95 -20.18 23.52
N LYS D 9 -25.14 -21.46 23.24
CA LYS D 9 -25.84 -22.40 24.10
C LYS D 9 -24.92 -23.58 24.44
N LEU D 10 -25.46 -24.54 25.18
CA LEU D 10 -24.69 -25.68 25.63
C LEU D 10 -25.60 -26.90 25.75
N ASP D 11 -25.00 -28.09 25.67
CA ASP D 11 -25.73 -29.32 25.94
C ASP D 11 -26.09 -29.45 27.42
N LEU D 12 -25.48 -28.66 28.29
CA LEU D 12 -25.87 -28.63 29.69
C LEU D 12 -27.39 -28.51 29.80
N CYS D 13 -27.95 -29.07 30.88
CA CYS D 13 -29.40 -29.00 31.06
C CYS D 13 -29.87 -27.55 31.06
N ALA D 14 -29.13 -26.65 31.72
CA ALA D 14 -29.46 -25.24 31.66
C ALA D 14 -29.17 -24.66 30.28
N SER D 15 -28.16 -25.19 29.58
CA SER D 15 -27.79 -24.71 28.26
C SER D 15 -27.55 -23.20 28.29
N VAL D 16 -26.75 -22.78 29.27
CA VAL D 16 -26.58 -21.39 29.63
C VAL D 16 -26.14 -20.57 28.41
N LYS D 17 -26.47 -19.28 28.42
CA LYS D 17 -25.94 -18.36 27.42
C LYS D 17 -24.48 -18.07 27.73
N LEU D 18 -23.62 -18.25 26.73
CA LEU D 18 -22.19 -18.01 26.87
C LEU D 18 -21.82 -16.80 26.01
N THR D 19 -21.47 -15.70 26.67
CA THR D 19 -21.08 -14.49 25.95
C THR D 19 -19.79 -14.76 25.18
N PRO D 20 -19.77 -14.57 23.86
CA PRO D 20 -18.54 -14.84 23.10
C PRO D 20 -17.48 -13.77 23.30
N PHE D 21 -16.76 -13.82 24.41
CA PHE D 21 -15.67 -12.88 24.63
C PHE D 21 -14.60 -13.05 23.58
N LYS D 22 -14.07 -11.94 23.10
CA LYS D 22 -13.06 -11.96 22.06
C LYS D 22 -11.68 -11.77 22.69
N PRO D 23 -10.77 -12.72 22.55
CA PRO D 23 -9.52 -12.65 23.32
C PRO D 23 -8.67 -11.41 23.04
N MET D 24 -8.62 -10.97 21.78
CA MET D 24 -7.76 -9.87 21.37
C MET D 24 -8.55 -8.56 21.36
N ARG D 25 -7.94 -7.51 20.78
CA ARG D 25 -8.57 -6.22 20.60
C ARG D 25 -8.44 -5.80 19.15
N PRO D 26 -9.50 -5.96 18.34
CA PRO D 26 -9.37 -5.66 16.92
C PRO D 26 -9.16 -4.17 16.70
N PRO D 27 -8.49 -3.78 15.61
CA PRO D 27 -8.28 -2.35 15.36
C PRO D 27 -9.59 -1.59 15.26
N LYS D 28 -9.61 -0.40 15.84
CA LYS D 28 -10.78 0.47 15.78
C LYS D 28 -10.88 1.14 14.41
N PRO D 29 -9.82 1.81 13.94
CA PRO D 29 -9.88 2.41 12.60
C PRO D 29 -9.81 1.35 11.52
N MET D 30 -10.95 0.71 11.23
CA MET D 30 -10.98 -0.45 10.35
C MET D 30 -11.25 0.02 8.91
N GLN D 31 -10.21 0.59 8.30
CA GLN D 31 -10.30 1.05 6.91
C GLN D 31 -8.96 0.82 6.24
N CYS D 32 -8.96 0.95 4.91
CA CYS D 32 -7.77 0.65 4.11
C CYS D 32 -7.80 1.50 2.85
N TRP D 33 -6.86 2.44 2.70
CA TRP D 33 -6.85 3.25 1.49
C TRP D 33 -6.59 2.41 0.25
N ILE D 34 -5.97 1.24 0.42
CA ILE D 34 -5.82 0.33 -0.72
C ILE D 34 -7.17 -0.26 -1.11
N HIS D 35 -8.03 -0.56 -0.13
CA HIS D 35 -9.36 -1.10 -0.36
C HIS D 35 -10.35 -0.32 0.48
N PRO D 36 -10.58 0.97 0.16
CA PRO D 36 -11.43 1.79 1.03
C PRO D 36 -12.80 1.19 1.28
N ARG D 37 -13.43 0.61 0.25
CA ARG D 37 -14.74 -0.01 0.45
C ARG D 37 -14.65 -1.23 1.36
N ARG D 38 -13.59 -2.03 1.21
CA ARG D 38 -13.44 -3.24 2.00
C ARG D 38 -13.22 -2.87 3.46
N ALA D 39 -14.26 -2.99 4.27
CA ALA D 39 -14.10 -2.75 5.70
C ALA D 39 -13.13 -3.74 6.31
N ASN D 40 -13.24 -5.03 5.93
CA ASN D 40 -12.33 -6.03 6.45
C ASN D 40 -10.88 -5.71 6.10
N CYS D 41 -10.65 -4.90 5.07
CA CYS D 41 -9.30 -4.47 4.75
C CYS D 41 -8.88 -3.33 5.67
N LYS D 42 -7.85 -3.56 6.46
CA LYS D 42 -7.27 -2.54 7.34
C LYS D 42 -5.84 -2.29 6.89
N VAL D 43 -5.61 -1.16 6.24
CA VAL D 43 -4.26 -0.77 5.89
C VAL D 43 -3.55 -0.33 7.15
N THR D 44 -2.26 -0.68 7.25
CA THR D 44 -1.44 -0.16 8.34
C THR D 44 0.00 -0.06 7.81
N ARG D 45 0.33 1.11 7.29
CA ARG D 45 1.70 1.36 6.86
C ARG D 45 2.55 1.34 8.13
N PRO D 46 3.37 0.32 8.35
CA PRO D 46 4.08 0.21 9.63
C PRO D 46 4.85 1.49 9.92
N ARG D 47 4.75 1.96 11.15
CA ARG D 47 5.34 3.22 11.55
C ARG D 47 6.84 2.96 11.74
N ASN D 48 7.56 2.99 10.62
CA ASN D 48 8.97 2.63 10.57
C ASN D 48 9.90 3.85 10.57
N ASP D 54 13.73 2.57 0.72
CA ASP D 54 12.81 1.46 0.50
C ASP D 54 11.83 1.36 1.65
N ASN D 55 12.30 1.71 2.85
CA ASN D 55 11.41 1.80 4.00
C ASN D 55 10.49 3.00 3.91
N GLU D 56 10.79 3.96 3.03
CA GLU D 56 9.85 5.02 2.72
C GLU D 56 8.49 4.46 2.30
N ASN D 57 8.45 3.20 1.87
CA ASN D 57 7.22 2.58 1.40
C ASN D 57 6.97 1.24 2.08
N ASP D 58 7.51 1.04 3.28
CA ASP D 58 7.24 -0.19 4.02
C ASP D 58 5.75 -0.29 4.32
N MET D 59 5.27 -1.53 4.43
CA MET D 59 3.83 -1.77 4.36
C MET D 59 3.44 -2.93 5.26
N LEU D 60 2.17 -2.92 5.69
CA LEU D 60 1.55 -4.00 6.44
C LEU D 60 0.05 -3.80 6.38
N HIS D 61 -0.70 -4.89 6.33
CA HIS D 61 -2.15 -4.79 6.22
C HIS D 61 -2.80 -6.03 6.81
N MET D 62 -3.87 -5.81 7.57
CA MET D 62 -4.61 -6.87 8.22
C MET D 62 -5.97 -7.02 7.55
N THR D 63 -6.34 -8.27 7.25
CA THR D 63 -7.62 -8.59 6.64
C THR D 63 -8.49 -9.32 7.65
N VAL D 64 -9.73 -8.87 7.80
CA VAL D 64 -10.67 -9.48 8.73
C VAL D 64 -11.50 -10.50 7.98
N LEU D 65 -11.46 -11.74 8.43
CA LEU D 65 -12.17 -12.83 7.78
C LEU D 65 -12.93 -13.63 8.84
N ASN D 66 -13.76 -14.54 8.37
CA ASN D 66 -14.52 -15.42 9.25
C ASN D 66 -13.75 -16.72 9.43
N SER D 67 -13.74 -17.24 10.66
CA SER D 67 -12.96 -18.43 10.94
C SER D 67 -13.44 -19.64 10.16
N VAL D 68 -14.53 -19.53 9.40
CA VAL D 68 -15.05 -20.65 8.62
C VAL D 68 -14.03 -21.11 7.60
N PHE D 69 -13.23 -20.18 7.07
CA PHE D 69 -12.20 -20.52 6.10
C PHE D 69 -10.98 -21.16 6.74
N LEU D 70 -11.10 -21.63 7.97
CA LEU D 70 -10.01 -22.30 8.66
C LEU D 70 -10.13 -23.81 8.37
N ASN D 71 -9.00 -24.52 8.42
CA ASN D 71 -9.04 -25.92 8.06
C ASN D 71 -9.06 -26.77 9.33
N GLU D 72 -8.89 -28.08 9.15
CA GLU D 72 -8.91 -28.97 10.30
C GLU D 72 -7.68 -28.80 11.17
N HIS D 73 -6.54 -28.46 10.57
CA HIS D 73 -5.29 -28.27 11.30
C HIS D 73 -5.06 -26.82 11.70
N ALA D 74 -6.12 -26.00 11.79
CA ALA D 74 -6.02 -24.61 12.20
C ALA D 74 -5.09 -23.83 11.27
N LYS D 75 -5.54 -23.73 10.02
CA LYS D 75 -4.81 -23.01 8.98
C LYS D 75 -5.81 -22.42 8.00
N LEU D 76 -5.62 -21.15 7.66
CA LEU D 76 -6.56 -20.41 6.83
C LEU D 76 -6.34 -20.81 5.37
N TYR D 77 -7.36 -21.41 4.77
CA TYR D 77 -7.24 -22.24 3.57
C TYR D 77 -6.29 -21.70 2.50
N TYR D 78 -6.46 -20.45 2.05
CA TYR D 78 -5.72 -20.01 0.89
C TYR D 78 -4.21 -20.18 1.07
N ARG D 79 -3.74 -20.10 2.32
CA ARG D 79 -2.30 -20.19 2.60
C ARG D 79 -1.68 -21.49 2.11
N HIS D 80 -2.48 -22.45 1.64
CA HIS D 80 -1.97 -23.76 1.25
C HIS D 80 -1.24 -23.70 -0.08
N LEU D 81 -1.38 -22.63 -0.85
CA LEU D 81 -0.69 -22.51 -2.13
C LEU D 81 0.19 -21.27 -2.17
N LEU D 82 0.95 -21.01 -1.10
CA LEU D 82 1.95 -19.95 -1.10
C LEU D 82 3.32 -20.58 -0.87
N ARG D 83 4.19 -20.43 -1.86
CA ARG D 83 5.57 -20.90 -1.78
C ARG D 83 6.49 -19.80 -2.29
N ASN D 84 7.70 -19.75 -1.74
CA ASN D 84 8.60 -18.64 -2.00
C ASN D 84 7.89 -17.32 -1.74
N ASP D 85 7.24 -17.24 -0.58
CA ASP D 85 6.34 -16.12 -0.35
C ASP D 85 7.13 -14.83 -0.29
N GLN D 86 7.12 -14.11 -1.41
CA GLN D 86 7.68 -12.78 -1.49
C GLN D 86 7.25 -11.88 -0.35
N ALA D 87 6.05 -12.05 0.18
CA ALA D 87 5.61 -11.24 1.31
C ALA D 87 6.58 -11.41 2.47
N GLU D 88 7.03 -10.28 3.02
CA GLU D 88 8.08 -10.33 4.04
C GLU D 88 7.60 -11.08 5.29
N ALA D 89 6.37 -10.83 5.71
CA ALA D 89 5.78 -11.57 6.82
C ALA D 89 4.32 -11.85 6.50
N ARG D 90 3.78 -12.89 7.14
CA ARG D 90 2.37 -13.22 7.01
C ARG D 90 2.00 -14.30 8.01
N LYS D 91 0.88 -14.15 8.70
CA LYS D 91 0.38 -15.21 9.58
C LYS D 91 -1.05 -14.87 9.99
N THR D 92 -1.70 -15.85 10.61
CA THR D 92 -3.10 -15.78 10.97
C THR D 92 -3.27 -15.38 12.43
N ILE D 93 -4.46 -14.85 12.73
CA ILE D 93 -4.88 -14.54 14.09
C ILE D 93 -6.40 -14.72 14.14
N LEU D 94 -6.90 -14.99 15.34
CA LEU D 94 -8.33 -15.11 15.56
C LEU D 94 -8.73 -14.40 16.84
N ASN D 95 -9.83 -13.64 16.74
CA ASN D 95 -10.50 -13.02 17.88
C ASN D 95 -11.92 -13.55 17.86
N ALA D 96 -12.11 -14.72 18.47
CA ALA D 96 -13.39 -15.46 18.36
C ALA D 96 -13.57 -15.80 16.87
N ASP D 97 -14.79 -15.73 16.35
CA ASP D 97 -15.03 -16.11 14.96
C ASP D 97 -14.14 -15.32 14.01
N SER D 98 -14.07 -14.00 14.20
CA SER D 98 -13.25 -13.15 13.34
C SER D 98 -11.80 -13.63 13.32
N VAL D 99 -11.08 -13.31 12.25
CA VAL D 99 -9.67 -13.67 12.09
C VAL D 99 -8.96 -12.54 11.36
N TYR D 100 -7.62 -12.56 11.41
CA TYR D 100 -6.82 -11.40 11.04
C TYR D 100 -5.53 -11.89 10.42
N GLU D 101 -5.30 -11.59 9.15
CA GLU D 101 -4.07 -11.92 8.44
C GLU D 101 -3.28 -10.64 8.22
N CYS D 102 -2.09 -10.56 8.78
CA CYS D 102 -1.25 -9.38 8.68
C CYS D 102 -0.01 -9.73 7.87
N MET D 103 0.28 -8.94 6.84
CA MET D 103 1.34 -9.23 5.89
C MET D 103 2.33 -8.07 5.88
N LEU D 104 3.59 -8.33 6.21
CA LEU D 104 4.61 -7.30 6.13
C LEU D 104 5.22 -7.29 4.74
N ILE D 105 5.44 -6.08 4.22
CA ILE D 105 6.00 -5.89 2.88
C ILE D 105 6.88 -4.65 2.95
N ARG D 106 7.76 -4.48 1.96
CA ARG D 106 8.48 -3.22 1.84
C ARG D 106 9.03 -3.04 0.42
N PRO D 107 8.26 -2.45 -0.50
CA PRO D 107 8.82 -2.11 -1.81
C PRO D 107 9.98 -1.13 -1.68
N ILE D 108 10.65 -0.89 -2.81
CA ILE D 108 11.71 0.10 -2.86
C ILE D 108 11.09 1.48 -2.94
N ARG D 109 11.92 2.51 -2.80
CA ARG D 109 11.43 3.88 -2.79
C ARG D 109 10.55 4.15 -4.01
N THR D 110 11.00 3.72 -5.19
CA THR D 110 10.28 3.94 -6.43
C THR D 110 9.26 2.84 -6.72
N GLU D 111 8.79 2.14 -5.69
CA GLU D 111 7.89 1.01 -5.86
C GLU D 111 6.75 1.12 -4.85
N HIS D 112 5.53 0.90 -5.33
CA HIS D 112 4.36 0.87 -4.47
C HIS D 112 3.40 -0.18 -5.02
N PHE D 113 2.58 -0.72 -4.13
CA PHE D 113 1.63 -1.76 -4.48
C PHE D 113 0.22 -1.18 -4.55
N ARG D 114 -0.60 -1.71 -5.46
CA ARG D 114 -1.89 -1.11 -5.78
C ARG D 114 -2.94 -2.21 -5.86
N SER D 115 -4.16 -1.89 -5.43
CA SER D 115 -5.24 -2.88 -5.35
C SER D 115 -5.68 -3.35 -6.73
N VAL D 116 -5.93 -4.65 -6.84
CA VAL D 116 -6.46 -5.21 -8.08
C VAL D 116 -7.74 -4.49 -8.49
N ASP D 117 -8.46 -3.95 -7.52
CA ASP D 117 -9.74 -3.30 -7.81
C ASP D 117 -9.55 -2.17 -8.82
N GLU D 118 -10.36 -2.18 -9.87
CA GLU D 118 -10.45 -1.09 -10.83
C GLU D 118 -9.06 -0.68 -11.33
N ALA D 119 -8.19 -1.66 -11.52
CA ALA D 119 -6.81 -1.36 -11.90
C ALA D 119 -6.76 -0.67 -13.25
N GLY D 120 -7.42 -1.23 -14.25
CA GLY D 120 -7.40 -0.63 -15.58
C GLY D 120 -6.00 -0.39 -16.10
N GLU D 121 -5.10 -1.34 -15.86
CA GLU D 121 -3.69 -1.14 -16.19
C GLU D 121 -3.44 -1.46 -17.65
N HIS D 122 -2.77 -0.55 -18.35
CA HIS D 122 -2.45 -0.72 -19.75
C HIS D 122 -1.13 -1.44 -19.99
N ASN D 123 -0.28 -1.57 -18.97
CA ASN D 123 1.01 -2.22 -19.11
C ASN D 123 0.78 -3.72 -19.16
N MET D 124 0.83 -4.29 -20.36
CA MET D 124 0.45 -5.70 -20.49
C MET D 124 1.44 -6.61 -19.78
N SER D 125 2.71 -6.20 -19.65
CA SER D 125 3.69 -7.05 -19.00
C SER D 125 3.49 -7.09 -17.49
N VAL D 126 3.03 -5.99 -16.90
CA VAL D 126 2.64 -6.02 -15.49
C VAL D 126 1.52 -7.03 -15.30
N LEU D 127 0.53 -7.00 -16.18
CA LEU D 127 -0.51 -8.01 -16.15
C LEU D 127 0.07 -9.40 -16.32
N LYS D 128 1.12 -9.53 -17.14
CA LYS D 128 1.77 -10.82 -17.32
C LYS D 128 2.33 -11.34 -16.01
N ILE D 129 3.02 -10.48 -15.26
CA ILE D 129 3.60 -10.93 -14.00
C ILE D 129 2.50 -11.26 -13.00
N ILE D 130 1.44 -10.46 -12.97
CA ILE D 130 0.33 -10.77 -12.06
C ILE D 130 -0.25 -12.14 -12.37
N ILE D 131 -0.53 -12.38 -13.65
CA ILE D 131 -1.14 -13.64 -14.04
C ILE D 131 -0.18 -14.80 -13.77
N ASP D 132 1.12 -14.57 -13.94
CA ASP D 132 2.10 -15.61 -13.62
C ASP D 132 2.04 -15.97 -12.14
N ALA D 133 2.02 -14.96 -11.28
CA ALA D 133 1.91 -15.21 -9.85
C ALA D 133 0.67 -16.05 -9.54
N VAL D 134 -0.49 -15.60 -10.02
CA VAL D 134 -1.72 -16.30 -9.68
C VAL D 134 -1.76 -17.70 -10.27
N ILE D 135 -1.22 -17.86 -11.49
CA ILE D 135 -1.30 -19.16 -12.15
C ILE D 135 -0.42 -20.17 -11.45
N LYS D 136 0.81 -19.79 -11.08
CA LYS D 136 1.63 -20.72 -10.32
C LYS D 136 0.99 -21.00 -8.96
N TYR D 137 0.41 -19.97 -8.32
CA TYR D 137 -0.31 -20.17 -7.08
C TYR D 137 -1.32 -21.30 -7.22
N ILE D 138 -2.27 -21.15 -8.14
CA ILE D 138 -3.29 -22.17 -8.32
C ILE D 138 -2.69 -23.48 -8.84
N GLY D 139 -1.53 -23.42 -9.50
CA GLY D 139 -0.88 -24.65 -9.93
C GLY D 139 -0.41 -25.49 -8.78
N LYS D 140 -0.03 -24.85 -7.67
CA LYS D 140 0.30 -25.63 -6.47
C LYS D 140 -0.88 -26.45 -5.97
N LEU D 141 -2.07 -26.29 -6.56
CA LEU D 141 -3.22 -27.12 -6.23
C LEU D 141 -2.96 -28.57 -6.61
N ALA D 142 -3.65 -29.48 -5.91
CA ALA D 142 -3.62 -30.90 -6.24
C ALA D 142 -4.76 -31.24 -7.18
N ASP D 143 -4.48 -32.13 -8.14
CA ASP D 143 -5.45 -32.41 -9.19
C ASP D 143 -6.76 -32.91 -8.62
N ASP D 144 -6.72 -33.91 -7.75
CA ASP D 144 -7.96 -34.44 -7.17
C ASP D 144 -8.59 -33.47 -6.19
N GLU D 145 -7.82 -32.50 -5.70
CA GLU D 145 -8.34 -31.54 -4.74
C GLU D 145 -9.09 -30.42 -5.47
N TYR D 146 -10.32 -30.16 -5.03
CA TYR D 146 -11.13 -29.09 -5.58
C TYR D 146 -11.15 -27.90 -4.61
N ILE D 147 -11.31 -26.71 -5.16
CA ILE D 147 -11.24 -25.47 -4.40
C ILE D 147 -12.48 -24.63 -4.67
N LEU D 148 -12.92 -23.90 -3.66
CA LEU D 148 -14.03 -22.98 -3.78
C LEU D 148 -13.69 -21.65 -3.11
N ILE D 149 -14.23 -20.56 -3.65
CA ILE D 149 -14.03 -19.22 -3.13
C ILE D 149 -15.39 -18.63 -2.83
N ALA D 150 -15.53 -18.04 -1.63
CA ALA D 150 -16.82 -17.61 -1.11
C ALA D 150 -17.04 -16.11 -1.18
N ASP D 151 -16.07 -15.32 -1.62
CA ASP D 151 -16.24 -13.87 -1.67
C ASP D 151 -16.61 -13.35 -3.05
N ARG D 152 -16.00 -13.86 -4.11
CA ARG D 152 -16.18 -13.32 -5.45
C ARG D 152 -15.75 -14.40 -6.44
N MET D 153 -15.87 -14.07 -7.73
CA MET D 153 -15.41 -14.97 -8.78
C MET D 153 -14.01 -14.58 -9.24
N TYR D 154 -13.10 -14.35 -8.29
CA TYR D 154 -11.72 -14.02 -8.62
C TYR D 154 -10.92 -14.14 -7.34
N VAL D 155 -9.64 -13.75 -7.40
CA VAL D 155 -8.76 -13.73 -6.26
C VAL D 155 -8.28 -12.29 -6.04
N ASP D 156 -8.31 -11.86 -4.79
CA ASP D 156 -7.80 -10.54 -4.43
C ASP D 156 -6.28 -10.55 -4.41
N LEU D 157 -5.68 -9.47 -4.89
CA LEU D 157 -4.24 -9.36 -4.91
C LEU D 157 -3.85 -7.90 -5.01
N ILE D 158 -2.71 -7.56 -4.41
CA ILE D 158 -2.13 -6.23 -4.48
C ILE D 158 -0.75 -6.40 -5.11
N TYR D 159 -0.25 -5.34 -5.74
CA TYR D 159 0.89 -5.54 -6.62
C TYR D 159 1.57 -4.23 -6.95
N SER D 160 2.90 -4.25 -6.93
CA SER D 160 3.72 -3.23 -7.56
C SER D 160 4.27 -3.77 -8.88
N GLU D 161 4.69 -2.84 -9.74
CA GLU D 161 5.26 -3.24 -11.02
C GLU D 161 6.34 -4.30 -10.84
N PHE D 162 7.17 -4.16 -9.80
CA PHE D 162 8.27 -5.10 -9.61
C PHE D 162 7.77 -6.48 -9.20
N ARG D 163 6.76 -6.55 -8.33
CA ARG D 163 6.28 -7.85 -7.85
C ARG D 163 4.83 -7.74 -7.44
N ALA D 164 4.19 -8.91 -7.34
CA ALA D 164 2.79 -9.04 -6.97
C ALA D 164 2.69 -9.88 -5.71
N ILE D 165 1.84 -9.46 -4.77
CA ILE D 165 1.66 -10.11 -3.49
C ILE D 165 0.19 -10.45 -3.31
N ILE D 166 -0.11 -11.73 -3.15
CA ILE D 166 -1.49 -12.18 -3.00
C ILE D 166 -2.10 -11.57 -1.74
N LEU D 167 -3.40 -11.34 -1.78
CA LEU D 167 -4.14 -10.96 -0.60
C LEU D 167 -4.78 -12.18 0.05
N PRO D 168 -5.09 -12.12 1.34
CA PRO D 168 -5.87 -13.19 1.96
C PRO D 168 -7.23 -13.33 1.30
N GLN D 169 -7.72 -14.57 1.25
CA GLN D 169 -8.86 -14.91 0.41
C GLN D 169 -9.88 -15.74 1.17
N SER D 170 -11.13 -15.65 0.70
CA SER D 170 -12.20 -16.51 1.16
C SER D 170 -12.05 -17.89 0.54
N ALA D 171 -11.02 -18.61 0.95
CA ALA D 171 -10.64 -19.86 0.29
C ALA D 171 -11.18 -21.07 1.05
N TYR D 172 -11.46 -22.13 0.31
CA TYR D 172 -11.96 -23.40 0.82
C TYR D 172 -11.17 -24.52 0.17
N ILE D 173 -10.84 -25.55 0.96
CA ILE D 173 -10.08 -26.70 0.48
C ILE D 173 -10.93 -27.95 0.71
N ILE D 174 -11.48 -28.50 -0.37
CA ILE D 174 -12.19 -29.77 -0.35
C ILE D 174 -11.40 -30.78 -1.17
N LYS D 175 -11.14 -31.95 -0.58
CA LYS D 175 -10.34 -32.98 -1.20
C LYS D 175 -11.24 -33.98 -1.93
N GLY D 176 -10.85 -34.34 -3.15
CA GLY D 176 -11.53 -35.39 -3.88
C GLY D 176 -10.94 -36.76 -3.61
N ASP D 177 -11.53 -37.76 -4.27
CA ASP D 177 -11.02 -39.14 -4.18
C ASP D 177 -11.40 -39.84 -5.48
N TYR D 178 -10.43 -40.02 -6.36
CA TYR D 178 -10.65 -40.65 -7.65
C TYR D 178 -10.47 -42.15 -7.53
N ALA D 179 -11.54 -42.90 -7.75
CA ALA D 179 -11.52 -44.36 -7.56
C ALA D 179 -10.86 -44.99 -8.77
N GLU D 180 -9.56 -45.31 -8.64
CA GLU D 180 -8.82 -45.93 -9.73
C GLU D 180 -9.41 -47.29 -10.12
N ASP D 190 -2.74 -42.27 -0.77
CA ASP D 190 -3.65 -41.27 -1.32
C ASP D 190 -5.00 -41.32 -0.63
N VAL D 191 -5.27 -42.43 0.06
CA VAL D 191 -6.52 -42.63 0.79
C VAL D 191 -6.81 -41.43 1.68
N CYS D 192 -8.10 -41.14 1.88
CA CYS D 192 -8.57 -39.91 2.51
C CYS D 192 -8.25 -39.81 3.99
N ASN D 193 -7.56 -40.76 4.58
CA ASN D 193 -7.20 -40.69 5.99
C ASN D 193 -5.77 -40.15 6.13
N GLU D 194 -5.64 -39.04 6.81
CA GLU D 194 -4.35 -38.38 7.05
C GLU D 194 -4.10 -38.16 8.54
N LEU D 195 -5.13 -37.86 9.32
CA LEU D 195 -5.00 -37.79 10.76
C LEU D 195 -4.37 -39.09 11.27
N GLU D 196 -3.37 -38.94 12.14
CA GLU D 196 -2.40 -39.99 12.36
C GLU D 196 -3.07 -41.26 12.87
N TYR D 197 -2.29 -42.33 12.91
CA TYR D 197 -2.70 -43.72 13.11
C TYR D 197 -3.84 -43.89 14.11
N PRO D 198 -3.73 -43.40 15.34
CA PRO D 198 -4.81 -43.64 16.30
C PRO D 198 -6.01 -42.72 16.08
N TRP D 199 -5.77 -41.52 15.58
CA TRP D 199 -6.88 -40.58 15.39
C TRP D 199 -7.79 -41.01 14.24
N LYS D 200 -7.24 -41.66 13.22
CA LYS D 200 -8.02 -41.97 12.03
C LYS D 200 -9.18 -42.90 12.34
N LEU D 201 -8.98 -43.87 13.24
CA LEU D 201 -10.06 -44.81 13.54
C LEU D 201 -11.29 -44.09 14.06
N ILE D 202 -11.14 -42.87 14.58
CA ILE D 202 -12.28 -42.10 15.06
C ILE D 202 -12.96 -41.39 13.89
N THR D 203 -12.17 -40.72 13.05
CA THR D 203 -12.72 -39.90 11.98
C THR D 203 -11.69 -39.84 10.86
N ALA D 204 -12.09 -39.24 9.73
CA ALA D 204 -11.18 -39.06 8.61
C ALA D 204 -11.65 -37.88 7.77
N ASN D 205 -10.74 -37.41 6.91
CA ASN D 205 -11.07 -36.31 6.03
C ASN D 205 -12.20 -36.70 5.09
N ASN D 206 -13.13 -35.78 4.90
CA ASN D 206 -14.31 -36.01 4.06
C ASN D 206 -13.95 -35.77 2.60
N CYS D 207 -13.83 -36.85 1.84
CA CYS D 207 -13.59 -36.76 0.41
C CYS D 207 -14.91 -36.67 -0.34
N ILE D 208 -14.80 -36.57 -1.66
CA ILE D 208 -15.91 -36.64 -2.58
C ILE D 208 -15.47 -37.54 -3.73
N VAL D 209 -16.44 -38.02 -4.50
CA VAL D 209 -16.10 -38.93 -5.59
C VAL D 209 -15.49 -38.11 -6.72
N SER D 210 -14.17 -38.00 -6.71
CA SER D 210 -13.48 -37.26 -7.74
C SER D 210 -13.52 -38.04 -9.05
N THR D 211 -13.87 -37.35 -10.13
CA THR D 211 -13.99 -37.96 -11.45
C THR D 211 -13.43 -36.99 -12.47
N ASP D 212 -13.17 -37.49 -13.67
CA ASP D 212 -12.47 -36.69 -14.67
C ASP D 212 -13.26 -35.43 -15.00
N GLU D 213 -14.58 -35.56 -15.17
CA GLU D 213 -15.38 -34.39 -15.53
C GLU D 213 -15.36 -33.34 -14.43
N SER D 214 -15.48 -33.75 -13.17
CA SER D 214 -15.39 -32.78 -12.07
C SER D 214 -14.01 -32.14 -12.03
N ARG D 215 -12.96 -32.91 -12.28
CA ARG D 215 -11.62 -32.35 -12.25
C ARG D 215 -11.43 -31.32 -13.37
N GLN D 216 -11.93 -31.62 -14.57
CA GLN D 216 -11.87 -30.62 -15.63
C GLN D 216 -12.72 -29.41 -15.30
N SER D 217 -13.84 -29.62 -14.60
CA SER D 217 -14.59 -28.49 -14.08
C SER D 217 -13.71 -27.62 -13.19
N GLN D 218 -12.91 -28.27 -12.33
CA GLN D 218 -12.02 -27.54 -11.43
C GLN D 218 -10.95 -26.77 -12.22
N TYR D 219 -10.36 -27.42 -13.24
CA TYR D 219 -9.38 -26.74 -14.09
C TYR D 219 -10.00 -25.51 -14.74
N ILE D 220 -11.14 -25.68 -15.40
CA ILE D 220 -11.79 -24.54 -16.03
C ILE D 220 -12.23 -23.54 -14.98
N TYR D 221 -12.44 -23.99 -13.74
CA TYR D 221 -12.82 -23.06 -12.69
C TYR D 221 -11.67 -22.14 -12.33
N ARG D 222 -10.50 -22.73 -12.13
CA ARG D 222 -9.30 -21.91 -11.95
C ARG D 222 -9.13 -20.97 -13.14
N THR D 223 -9.37 -21.49 -14.35
CA THR D 223 -9.21 -20.67 -15.55
C THR D 223 -10.15 -19.47 -15.55
N PHE D 224 -11.42 -19.71 -15.23
CA PHE D 224 -12.38 -18.61 -15.15
C PHE D 224 -12.00 -17.62 -14.06
N LEU D 225 -11.48 -18.13 -12.93
CA LEU D 225 -11.02 -17.23 -11.88
C LEU D 225 -9.90 -16.33 -12.39
N LEU D 226 -8.94 -16.92 -13.11
CA LEU D 226 -7.87 -16.14 -13.71
C LEU D 226 -8.42 -15.11 -14.67
N TYR D 227 -9.39 -15.51 -15.49
CA TYR D 227 -9.97 -14.59 -16.46
C TYR D 227 -10.59 -13.40 -15.75
N ASN D 228 -11.38 -13.67 -14.70
CA ASN D 228 -12.04 -12.60 -13.97
C ASN D 228 -11.04 -11.70 -13.29
N THR D 229 -9.96 -12.26 -12.75
CA THR D 229 -8.91 -11.43 -12.17
C THR D 229 -8.33 -10.50 -13.22
N VAL D 230 -8.08 -11.02 -14.42
CA VAL D 230 -7.54 -10.19 -15.49
C VAL D 230 -8.53 -9.07 -15.82
N LEU D 231 -9.81 -9.38 -15.88
CA LEU D 231 -10.80 -8.33 -16.14
C LEU D 231 -10.72 -7.26 -15.08
N THR D 232 -10.77 -7.65 -13.81
CA THR D 232 -10.64 -6.65 -12.74
C THR D 232 -9.38 -5.84 -12.92
N ALA D 233 -8.33 -6.47 -13.44
CA ALA D 233 -7.07 -5.77 -13.66
C ALA D 233 -7.19 -4.74 -14.79
N ILE D 234 -8.03 -5.00 -15.79
CA ILE D 234 -8.10 -4.15 -16.97
C ILE D 234 -9.37 -3.30 -16.99
N LEU D 235 -10.11 -3.24 -15.89
CA LEU D 235 -11.35 -2.47 -15.83
C LEU D 235 -11.20 -1.22 -14.97
N LYS D 236 -11.83 -0.13 -15.43
CA LYS D 236 -12.03 1.07 -14.63
C LYS D 236 -13.43 1.13 -14.02
N GLN D 237 -14.26 0.12 -14.29
CA GLN D 237 -15.59 0.00 -13.71
C GLN D 237 -15.72 -1.37 -13.05
N ASN D 238 -16.42 -1.41 -11.92
CA ASN D 238 -16.50 -2.62 -11.12
C ASN D 238 -16.85 -3.82 -12.00
N ASN D 239 -16.17 -4.94 -11.75
CA ASN D 239 -16.30 -6.09 -12.62
C ASN D 239 -17.51 -6.91 -12.21
N PRO D 240 -18.65 -6.78 -12.90
CA PRO D 240 -19.86 -7.50 -12.46
C PRO D 240 -19.73 -9.00 -12.56
N PHE D 241 -18.82 -9.51 -13.40
CA PHE D 241 -18.66 -10.95 -13.52
C PHE D 241 -18.14 -11.56 -12.23
N ASP D 242 -17.50 -10.77 -11.38
CA ASP D 242 -17.01 -11.18 -10.08
C ASP D 242 -18.11 -11.31 -9.04
N VAL D 243 -19.31 -10.82 -9.33
CA VAL D 243 -20.37 -10.85 -8.34
C VAL D 243 -20.85 -12.29 -8.13
N ILE D 244 -21.34 -12.55 -6.92
CA ILE D 244 -21.95 -13.83 -6.57
C ILE D 244 -23.34 -13.66 -5.98
N ALA D 245 -23.85 -12.43 -5.90
CA ALA D 245 -25.06 -12.16 -5.16
C ALA D 245 -26.23 -13.00 -5.68
N GLU D 246 -26.97 -13.59 -4.73
CA GLU D 246 -28.18 -14.33 -5.07
C GLU D 246 -29.11 -13.48 -5.95
N ASN D 247 -29.29 -12.21 -5.60
CA ASN D 247 -30.25 -11.38 -6.30
C ASN D 247 -29.92 -11.21 -7.77
N THR D 248 -28.65 -11.42 -8.15
CA THR D 248 -28.20 -11.26 -9.52
C THR D 248 -27.85 -12.62 -10.09
N SER D 249 -28.70 -13.12 -10.99
CA SER D 249 -28.39 -14.34 -11.71
C SER D 249 -27.48 -14.03 -12.89
N ILE D 250 -26.58 -14.96 -13.20
CA ILE D 250 -25.71 -14.78 -14.35
C ILE D 250 -26.52 -14.72 -15.63
N SER D 251 -27.63 -15.48 -15.67
CA SER D 251 -28.47 -15.47 -16.86
C SER D 251 -28.95 -14.05 -17.17
N ILE D 252 -29.51 -13.36 -16.18
CA ILE D 252 -30.00 -12.01 -16.41
C ILE D 252 -28.83 -11.07 -16.71
N ILE D 253 -27.64 -11.36 -16.16
CA ILE D 253 -26.48 -10.54 -16.46
C ILE D 253 -26.12 -10.63 -17.94
N VAL D 254 -26.05 -11.87 -18.45
CA VAL D 254 -25.80 -12.05 -19.88
C VAL D 254 -26.91 -11.41 -20.69
N ARG D 255 -28.15 -11.50 -20.21
CA ARG D 255 -29.26 -10.92 -20.95
C ARG D 255 -29.13 -9.42 -21.07
N ASN D 256 -28.86 -8.72 -19.96
CA ASN D 256 -28.81 -7.27 -20.03
C ASN D 256 -27.53 -6.79 -20.72
N LEU D 257 -26.45 -7.58 -20.67
CA LEU D 257 -25.24 -7.18 -21.38
C LEU D 257 -25.32 -7.54 -22.86
N GLY D 258 -25.41 -8.83 -23.16
CA GLY D 258 -25.59 -9.31 -24.52
C GLY D 258 -24.47 -10.24 -24.94
N SER D 259 -24.48 -10.58 -26.22
CA SER D 259 -23.42 -11.37 -26.84
C SER D 259 -22.56 -10.50 -27.73
N CYS D 260 -21.27 -10.80 -27.78
CA CYS D 260 -20.33 -9.95 -28.48
C CYS D 260 -20.81 -9.74 -29.92
N PRO D 261 -20.90 -8.49 -30.39
CA PRO D 261 -21.25 -8.28 -31.80
C PRO D 261 -20.26 -8.95 -32.73
N ASN D 262 -19.00 -9.02 -32.33
CA ASN D 262 -17.99 -9.70 -33.15
C ASN D 262 -18.20 -11.20 -33.16
N ASN D 263 -18.84 -11.75 -32.14
CA ASN D 263 -19.17 -13.18 -32.12
C ASN D 263 -20.32 -13.41 -31.17
N LYS D 264 -21.43 -13.96 -31.69
CA LYS D 264 -22.62 -14.16 -30.87
C LYS D 264 -22.43 -15.21 -29.79
N ASP D 265 -21.44 -16.10 -29.92
CA ASP D 265 -21.24 -17.08 -28.87
C ASP D 265 -20.61 -16.46 -27.62
N ARG D 266 -20.00 -15.29 -27.74
CA ARG D 266 -19.32 -14.64 -26.62
C ARG D 266 -20.27 -13.63 -25.95
N VAL D 267 -19.73 -12.84 -25.03
CA VAL D 267 -20.48 -11.83 -24.29
C VAL D 267 -20.11 -10.46 -24.83
N LYS D 268 -20.97 -9.47 -24.56
CA LYS D 268 -20.68 -8.11 -25.02
C LYS D 268 -19.71 -7.39 -24.09
N CYS D 269 -18.58 -8.02 -23.80
CA CYS D 269 -17.53 -7.37 -23.02
C CYS D 269 -16.72 -6.38 -23.84
N CYS D 270 -16.73 -6.51 -25.17
CA CYS D 270 -15.88 -5.69 -26.02
C CYS D 270 -16.12 -4.21 -25.80
N ASP D 271 -17.35 -3.84 -25.44
CA ASP D 271 -17.75 -2.44 -25.36
C ASP D 271 -17.52 -1.83 -23.98
N LEU D 272 -16.90 -2.55 -23.06
CA LEU D 272 -16.71 -2.06 -21.71
C LEU D 272 -15.62 -0.99 -21.68
N ASN D 273 -15.62 -0.23 -20.58
CA ASN D 273 -14.67 0.87 -20.39
C ASN D 273 -13.37 0.31 -19.82
N TYR D 274 -12.51 -0.17 -20.70
CA TYR D 274 -11.22 -0.67 -20.27
C TYR D 274 -10.30 0.48 -19.86
N GLY D 275 -9.42 0.21 -18.90
CA GLY D 275 -8.45 1.22 -18.51
C GLY D 275 -7.59 1.68 -19.66
N GLY D 276 -7.09 0.74 -20.45
CA GLY D 276 -6.33 1.02 -21.63
C GLY D 276 -7.14 0.84 -22.89
N VAL D 277 -6.45 0.55 -23.99
CA VAL D 277 -7.15 0.33 -25.26
C VAL D 277 -8.03 -0.90 -25.12
N PRO D 278 -9.31 -0.85 -25.50
CA PRO D 278 -10.17 -2.02 -25.38
C PRO D 278 -9.64 -3.19 -26.20
N PRO D 279 -9.37 -4.33 -25.56
CA PRO D 279 -9.17 -5.57 -26.34
C PRO D 279 -10.40 -5.99 -27.13
N GLY D 280 -11.55 -5.38 -26.88
CA GLY D 280 -12.73 -5.65 -27.68
C GLY D 280 -13.17 -7.10 -27.58
N HIS D 281 -13.47 -7.69 -28.74
CA HIS D 281 -13.93 -9.08 -28.78
C HIS D 281 -13.05 -9.99 -27.94
N VAL D 282 -11.77 -9.64 -27.79
CA VAL D 282 -10.82 -10.54 -27.13
C VAL D 282 -11.30 -10.87 -25.72
N MET D 283 -11.84 -9.88 -25.01
CA MET D 283 -12.31 -10.06 -23.65
C MET D 283 -13.77 -10.51 -23.57
N CYS D 284 -14.28 -11.16 -24.63
CA CYS D 284 -15.66 -11.63 -24.66
C CYS D 284 -15.67 -13.16 -24.53
N PRO D 285 -15.98 -13.71 -23.36
CA PRO D 285 -15.97 -15.16 -23.20
C PRO D 285 -17.27 -15.76 -23.67
N PRO D 286 -17.30 -17.07 -23.95
CA PRO D 286 -18.57 -17.70 -24.29
C PRO D 286 -19.56 -17.59 -23.14
N ARG D 287 -20.83 -17.47 -23.50
CA ARG D 287 -21.85 -17.10 -22.51
C ARG D 287 -22.29 -18.29 -21.67
N GLU D 288 -22.83 -19.33 -22.31
CA GLU D 288 -23.43 -20.41 -21.54
C GLU D 288 -22.38 -21.18 -20.75
N ILE D 289 -21.12 -21.19 -21.21
CA ILE D 289 -20.08 -21.78 -20.37
C ILE D 289 -19.95 -20.99 -19.08
N THR D 290 -19.98 -19.66 -19.17
CA THR D 290 -19.86 -18.85 -17.97
C THR D 290 -21.11 -18.97 -17.10
N LYS D 291 -22.29 -19.16 -17.69
CA LYS D 291 -23.49 -19.39 -16.88
C LYS D 291 -23.41 -20.70 -16.12
N LYS D 292 -23.15 -21.79 -16.84
CA LYS D 292 -22.92 -23.08 -16.20
C LYS D 292 -21.86 -22.97 -15.10
N PHE D 293 -20.81 -22.19 -15.35
CA PHE D 293 -19.78 -21.96 -14.33
C PHE D 293 -20.28 -21.15 -13.14
N PHE D 294 -21.06 -20.11 -13.36
CA PHE D 294 -21.55 -19.33 -12.23
C PHE D 294 -22.39 -20.23 -11.33
N HIS D 295 -23.16 -21.12 -11.94
CA HIS D 295 -23.99 -22.02 -11.15
C HIS D 295 -23.19 -23.20 -10.60
N TYR D 296 -22.06 -23.53 -11.22
CA TYR D 296 -21.10 -24.44 -10.59
C TYR D 296 -20.48 -23.82 -9.35
N ALA D 297 -20.15 -22.53 -9.43
CA ALA D 297 -19.43 -21.85 -8.36
C ALA D 297 -20.34 -21.49 -7.21
N LYS D 298 -21.63 -21.24 -7.45
CA LYS D 298 -22.51 -20.99 -6.32
C LYS D 298 -22.56 -22.17 -5.36
N TRP D 299 -21.98 -23.31 -5.73
CA TRP D 299 -21.68 -24.41 -4.83
C TRP D 299 -21.14 -23.94 -3.50
N VAL D 300 -20.35 -22.85 -3.51
CA VAL D 300 -19.65 -22.40 -2.31
C VAL D 300 -20.61 -22.26 -1.14
N ARG D 301 -21.85 -21.84 -1.42
CA ARG D 301 -22.80 -21.65 -0.34
C ARG D 301 -22.95 -22.92 0.49
N ASN D 302 -23.00 -24.08 -0.16
CA ASN D 302 -23.01 -25.37 0.52
C ASN D 302 -21.88 -26.23 -0.05
N PRO D 303 -20.66 -26.11 0.47
CA PRO D 303 -19.59 -26.97 -0.02
C PRO D 303 -19.83 -28.44 0.26
N ASN D 304 -20.57 -28.77 1.32
CA ASN D 304 -20.64 -30.14 1.80
C ASN D 304 -21.37 -31.04 0.81
N LYS D 305 -22.55 -30.61 0.35
CA LYS D 305 -23.31 -31.41 -0.62
C LYS D 305 -22.64 -31.24 -1.98
N TYR D 306 -21.62 -32.06 -2.23
CA TYR D 306 -20.71 -31.79 -3.34
C TYR D 306 -21.34 -32.14 -4.67
N LYS D 307 -22.05 -33.28 -4.74
CA LYS D 307 -22.39 -33.85 -6.04
C LYS D 307 -23.29 -32.95 -6.88
N ARG D 308 -23.99 -32.02 -6.24
CA ARG D 308 -24.84 -31.10 -7.00
C ARG D 308 -24.03 -30.40 -8.09
N TYR D 309 -22.81 -29.98 -7.76
CA TYR D 309 -22.03 -29.08 -8.60
C TYR D 309 -20.59 -29.58 -8.75
N SER D 310 -20.31 -30.83 -8.37
CA SER D 310 -18.93 -31.33 -8.45
C SER D 310 -18.41 -31.31 -9.88
N GLU D 311 -19.23 -31.74 -10.85
CA GLU D 311 -18.83 -31.69 -12.25
C GLU D 311 -19.84 -30.93 -13.11
N LEU D 312 -20.61 -30.03 -12.51
CA LEU D 312 -21.65 -29.34 -13.27
C LEU D 312 -21.09 -28.73 -14.54
N ILE D 313 -19.89 -28.16 -14.47
CA ILE D 313 -19.26 -27.56 -15.65
C ILE D 313 -19.14 -28.60 -16.76
N ALA D 314 -18.40 -29.67 -16.49
CA ALA D 314 -18.18 -30.74 -17.45
C ALA D 314 -19.33 -31.75 -17.45
N ARG D 315 -20.47 -31.40 -16.87
CA ARG D 315 -21.59 -32.32 -16.84
C ARG D 315 -22.34 -32.30 -18.17
N GLN D 316 -23.14 -33.35 -18.38
CA GLN D 316 -23.89 -33.49 -19.62
C GLN D 316 -25.37 -33.75 -19.33
N ARG D 337 -25.64 -33.16 -24.19
CA ARG D 337 -24.40 -33.96 -24.15
C ARG D 337 -23.42 -33.48 -25.21
N ASP D 338 -23.79 -33.66 -26.48
CA ASP D 338 -22.93 -33.17 -27.56
C ASP D 338 -22.80 -31.66 -27.53
N VAL D 339 -23.90 -30.96 -27.26
CA VAL D 339 -23.83 -29.51 -27.07
C VAL D 339 -22.87 -29.19 -25.95
N SER D 340 -22.94 -29.94 -24.85
CA SER D 340 -22.06 -29.70 -23.72
C SER D 340 -20.60 -29.78 -24.15
N GLN D 341 -20.21 -30.87 -24.83
CA GLN D 341 -18.80 -31.03 -25.17
C GLN D 341 -18.36 -30.02 -26.21
N LEU D 342 -19.21 -29.72 -27.21
CA LEU D 342 -18.79 -28.78 -28.24
C LEU D 342 -18.62 -27.38 -27.66
N HIS D 343 -19.50 -26.97 -26.73
CA HIS D 343 -19.31 -25.65 -26.14
C HIS D 343 -18.18 -25.67 -25.12
N LEU D 344 -17.93 -26.81 -24.48
CA LEU D 344 -16.69 -26.93 -23.72
C LEU D 344 -15.50 -26.67 -24.63
N LEU D 345 -15.53 -27.20 -25.84
CA LEU D 345 -14.44 -26.98 -26.78
C LEU D 345 -14.33 -25.51 -27.20
N ASP D 346 -15.45 -24.83 -27.44
CA ASP D 346 -15.28 -23.45 -27.87
C ASP D 346 -14.82 -22.57 -26.70
N TRP D 347 -15.16 -22.94 -25.46
CA TRP D 347 -14.51 -22.29 -24.32
C TRP D 347 -13.03 -22.60 -24.27
N GLU D 348 -12.65 -23.85 -24.57
CA GLU D 348 -11.23 -24.18 -24.66
C GLU D 348 -10.55 -23.29 -25.68
N ASN D 349 -11.22 -23.05 -26.81
CA ASN D 349 -10.67 -22.16 -27.82
C ASN D 349 -10.51 -20.74 -27.28
N PHE D 350 -11.53 -20.24 -26.58
CA PHE D 350 -11.43 -18.89 -26.04
C PHE D 350 -10.28 -18.77 -25.04
N MET D 351 -10.15 -19.75 -24.14
CA MET D 351 -9.08 -19.68 -23.16
C MET D 351 -7.71 -19.88 -23.80
N GLY D 352 -7.64 -20.70 -24.86
CA GLY D 352 -6.38 -20.87 -25.55
C GLY D 352 -5.95 -19.61 -26.27
N GLU D 353 -6.89 -18.93 -26.94
CA GLU D 353 -6.56 -17.67 -27.58
C GLU D 353 -6.21 -16.61 -26.54
N PHE D 354 -6.87 -16.63 -25.39
CA PHE D 354 -6.46 -15.76 -24.29
C PHE D 354 -5.02 -16.03 -23.87
N SER D 355 -4.68 -17.30 -23.66
CA SER D 355 -3.32 -17.65 -23.26
C SER D 355 -2.32 -17.16 -24.30
N SER D 356 -2.58 -17.47 -25.57
CA SER D 356 -1.68 -17.05 -26.65
C SER D 356 -1.66 -15.53 -26.80
N TYR D 357 -2.68 -14.83 -26.31
CA TYR D 357 -2.63 -13.38 -26.25
C TYR D 357 -1.45 -12.88 -25.44
N PHE D 358 -0.77 -13.77 -24.71
CA PHE D 358 0.52 -13.45 -24.10
C PHE D 358 1.49 -14.63 -24.21
N GLY D 359 1.28 -15.51 -25.17
CA GLY D 359 2.18 -16.65 -25.34
C GLY D 359 2.17 -17.61 -24.16
N LEU D 360 0.99 -17.98 -23.69
CA LEU D 360 0.80 -18.89 -22.58
C LEU D 360 0.27 -20.21 -23.10
N HIS D 361 0.09 -21.18 -22.20
CA HIS D 361 -0.24 -22.54 -22.58
C HIS D 361 -1.24 -23.12 -21.61
N ALA D 362 -2.03 -24.08 -22.10
CA ALA D 362 -3.10 -24.69 -21.33
C ALA D 362 -2.62 -25.87 -20.50
N HIS D 363 -1.33 -25.95 -20.17
CA HIS D 363 -0.86 -27.01 -19.28
C HIS D 363 -1.53 -26.90 -17.92
N ASN D 364 -1.79 -25.68 -17.46
CA ASN D 364 -2.56 -25.42 -16.26
C ASN D 364 -3.87 -26.21 -16.26
N VAL D 365 -4.39 -26.51 -17.45
CA VAL D 365 -5.56 -27.36 -17.59
C VAL D 365 -5.13 -28.79 -17.83
N ASN G 7 -2.10 12.27 45.89
CA ASN G 7 -3.53 12.51 45.81
C ASN G 7 -3.97 13.59 46.81
N LYS G 8 -4.65 13.17 47.87
CA LYS G 8 -5.14 14.06 48.91
C LYS G 8 -4.61 13.63 50.27
N VAL G 9 -4.40 14.60 51.14
CA VAL G 9 -3.95 14.37 52.51
C VAL G 9 -4.80 15.24 53.42
N ARG G 10 -5.50 14.62 54.37
CA ARG G 10 -6.40 15.32 55.27
C ARG G 10 -5.77 15.32 56.67
N THR G 11 -4.95 16.33 56.95
CA THR G 11 -4.27 16.41 58.24
C THR G 11 -5.22 16.95 59.30
N VAL G 12 -5.17 16.34 60.47
CA VAL G 12 -6.12 16.63 61.55
C VAL G 12 -5.42 17.53 62.57
N THR G 13 -5.98 18.71 62.81
CA THR G 13 -5.55 19.60 63.87
C THR G 13 -6.62 19.61 64.95
N GLU G 14 -6.21 19.37 66.19
CA GLU G 14 -7.16 19.20 67.28
C GLU G 14 -6.45 19.52 68.59
N ILE G 15 -7.21 19.45 69.68
CA ILE G 15 -6.68 19.60 71.04
C ILE G 15 -7.25 18.45 71.86
N VAL G 16 -6.36 17.72 72.54
CA VAL G 16 -6.79 16.52 73.26
C VAL G 16 -7.72 16.85 74.42
N ASN G 17 -7.80 18.12 74.83
CA ASN G 17 -8.68 18.47 75.96
C ASN G 17 -10.13 18.15 75.63
N SER G 18 -10.56 18.41 74.40
CA SER G 18 -11.93 18.19 73.97
C SER G 18 -11.93 17.47 72.63
N ASP G 19 -13.09 16.92 72.28
CA ASP G 19 -13.23 16.21 71.01
C ASP G 19 -13.13 17.14 69.82
N GLU G 20 -13.15 18.46 70.02
CA GLU G 20 -13.05 19.41 68.93
C GLU G 20 -11.92 19.04 68.00
N LYS G 21 -12.26 18.70 66.75
CA LYS G 21 -11.30 18.26 65.75
C LYS G 21 -11.47 19.10 64.50
N ILE G 22 -10.40 19.18 63.71
CA ILE G 22 -10.39 19.98 62.49
C ILE G 22 -9.61 19.20 61.43
N GLN G 23 -10.06 19.28 60.18
CA GLN G 23 -9.54 18.43 59.12
C GLN G 23 -9.39 19.23 57.85
N LYS G 24 -8.18 19.22 57.27
CA LYS G 24 -7.86 19.98 56.08
C LYS G 24 -7.37 19.03 55.00
N THR G 25 -8.06 18.98 53.88
CA THR G 25 -7.53 18.25 52.73
C THR G 25 -6.47 19.11 52.04
N TYR G 26 -5.44 18.46 51.54
CA TYR G 26 -4.30 19.13 50.92
C TYR G 26 -4.03 18.49 49.58
N GLU G 27 -4.35 19.21 48.51
CA GLU G 27 -4.09 18.72 47.16
C GLU G 27 -2.58 18.61 46.93
N LEU G 28 -2.07 17.38 46.89
CA LEU G 28 -0.65 17.18 46.67
C LEU G 28 -0.20 17.67 45.31
N ALA G 29 -1.14 17.92 44.40
CA ALA G 29 -0.77 18.35 43.05
C ALA G 29 -0.04 19.70 43.08
N GLU G 30 -0.50 20.63 43.92
CA GLU G 30 0.15 21.94 43.97
C GLU G 30 1.59 21.81 44.44
N PHE G 31 1.84 20.97 45.44
CA PHE G 31 3.19 20.83 45.96
C PHE G 31 4.07 20.04 44.99
N ASP G 32 3.50 19.06 44.29
CA ASP G 32 4.25 18.39 43.23
C ASP G 32 4.60 19.39 42.12
N LEU G 33 3.70 20.30 41.81
CA LEU G 33 3.99 21.34 40.82
C LEU G 33 5.10 22.27 41.32
N LYS G 34 5.08 22.62 42.60
CA LYS G 34 6.17 23.42 43.15
C LYS G 34 7.49 22.68 43.02
N ASN G 35 7.48 21.38 43.32
CA ASN G 35 8.67 20.56 43.14
C ASN G 35 9.14 20.58 41.70
N LEU G 36 8.21 20.43 40.75
CA LEU G 36 8.57 20.43 39.34
C LEU G 36 9.14 21.78 38.91
N SER G 37 8.54 22.87 39.39
CA SER G 37 9.01 24.21 39.04
C SER G 37 10.40 24.46 39.60
N SER G 38 10.63 24.08 40.85
CA SER G 38 11.97 24.20 41.42
C SER G 38 12.96 23.36 40.62
N LEU G 39 12.56 22.15 40.21
CA LEU G 39 13.45 21.29 39.45
C LEU G 39 13.79 21.92 38.10
N GLU G 40 12.80 22.45 37.39
CA GLU G 40 13.08 23.04 36.09
C GLU G 40 13.95 24.29 36.24
N SER G 41 13.68 25.12 37.26
CA SER G 41 14.50 26.29 37.47
C SER G 41 15.94 25.89 37.77
N TYR G 42 16.13 24.89 38.64
CA TYR G 42 17.48 24.44 38.95
C TYR G 42 18.18 23.89 37.73
N GLU G 43 17.47 23.11 36.91
CA GLU G 43 18.08 22.56 35.70
C GLU G 43 18.47 23.67 34.73
N THR G 44 17.58 24.65 34.54
CA THR G 44 17.92 25.77 33.67
C THR G 44 19.15 26.49 34.19
N LEU G 45 19.21 26.72 35.50
CA LEU G 45 20.36 27.40 36.08
C LEU G 45 21.63 26.60 35.87
N LYS G 46 21.59 25.29 36.12
CA LYS G 46 22.81 24.50 35.98
C LYS G 46 23.27 24.45 34.53
N ILE G 47 22.33 24.33 33.60
CA ILE G 47 22.68 24.32 32.18
C ILE G 47 23.31 25.66 31.80
N LYS G 48 22.69 26.76 32.22
CA LYS G 48 23.18 28.08 31.86
C LYS G 48 24.55 28.33 32.48
N LEU G 49 24.78 27.85 33.70
CA LEU G 49 26.09 28.04 34.32
C LEU G 49 27.15 27.14 33.70
N ALA G 50 26.77 25.94 33.26
CA ALA G 50 27.71 25.11 32.50
C ALA G 50 28.12 25.83 31.22
N LEU G 51 27.15 26.41 30.51
CA LEU G 51 27.48 27.20 29.32
C LEU G 51 28.33 28.40 29.68
N SER G 52 28.03 29.06 30.79
CA SER G 52 28.81 30.21 31.20
C SER G 52 30.26 29.83 31.47
N LYS G 53 30.47 28.72 32.20
CA LYS G 53 31.83 28.24 32.44
C LYS G 53 32.52 27.89 31.13
N TYR G 54 31.81 27.23 30.23
CA TYR G 54 32.42 26.83 28.96
C TYR G 54 32.86 28.05 28.15
N MET G 55 31.96 29.02 28.00
CA MET G 55 32.33 30.22 27.25
C MET G 55 33.38 31.04 27.96
N ALA G 56 33.37 31.07 29.29
CA ALA G 56 34.39 31.81 30.01
C ALA G 56 35.76 31.19 29.82
N MET G 57 35.84 29.86 29.87
CA MET G 57 37.13 29.21 29.62
C MET G 57 37.53 29.33 28.15
N LEU G 58 36.56 29.42 27.25
CA LEU G 58 36.88 29.73 25.86
C LEU G 58 37.50 31.13 25.74
N SER G 59 36.92 32.10 26.44
CA SER G 59 37.49 33.44 26.42
C SER G 59 38.90 33.44 27.01
N THR G 60 39.10 32.70 28.10
CA THR G 60 40.44 32.53 28.65
C THR G 60 41.34 31.73 27.73
N LEU G 61 40.77 31.05 26.73
CA LEU G 61 41.52 30.39 25.67
C LEU G 61 41.95 31.35 24.56
N GLU G 62 42.00 32.65 24.86
CA GLU G 62 42.43 33.69 23.93
C GLU G 62 41.74 33.56 22.57
N MET G 63 40.46 33.15 22.60
CA MET G 63 39.65 33.20 21.38
C MET G 63 39.29 34.66 21.11
N THR G 64 39.88 35.21 20.06
CA THR G 64 39.61 36.61 19.72
C THR G 64 38.35 36.73 18.87
N GLN G 65 38.37 36.10 17.71
CA GLN G 65 37.21 36.12 16.81
C GLN G 65 36.20 35.07 17.27
N PRO G 66 34.91 35.46 17.45
CA PRO G 66 33.90 34.47 17.84
C PRO G 66 33.97 33.15 17.08
N LEU G 67 33.51 32.10 17.76
CA LEU G 67 33.55 30.72 17.28
C LEU G 67 33.22 30.60 15.80
N LEU G 68 32.25 31.40 15.34
CA LEU G 68 31.74 31.25 13.98
C LEU G 68 32.88 31.34 12.96
N GLU G 69 33.67 32.41 13.06
CA GLU G 69 34.78 32.59 12.14
C GLU G 69 36.08 32.01 12.65
N ILE G 70 36.11 31.49 13.88
CA ILE G 70 37.11 30.47 14.20
C ILE G 70 36.93 29.29 13.26
N PHE G 71 35.69 28.90 13.03
CA PHE G 71 35.40 27.77 12.15
C PHE G 71 35.57 28.18 10.69
N ARG G 72 35.19 29.40 10.33
CA ARG G 72 35.49 29.90 9.00
C ARG G 72 36.98 29.92 8.72
N ASN G 73 37.82 29.92 9.75
CA ASN G 73 39.26 30.03 9.58
C ASN G 73 39.82 28.66 9.17
N LYS G 74 40.19 28.53 7.89
CA LYS G 74 40.83 27.31 7.43
C LYS G 74 42.26 27.20 7.95
N ALA G 75 42.97 28.33 8.01
CA ALA G 75 44.41 28.30 8.19
C ALA G 75 44.81 27.97 9.63
N ASP G 76 44.09 28.50 10.61
CA ASP G 76 44.51 28.44 12.00
C ASP G 76 44.03 27.15 12.65
N THR G 77 44.56 26.03 12.14
CA THR G 77 44.27 24.73 12.72
C THR G 77 44.78 24.61 14.15
N ARG G 78 45.78 25.42 14.52
CA ARG G 78 46.16 25.49 15.93
C ARG G 78 44.94 25.84 16.79
N GLN G 79 44.20 26.88 16.39
CA GLN G 79 43.03 27.29 17.15
C GLN G 79 41.95 26.21 17.13
N ILE G 80 41.76 25.55 15.98
CA ILE G 80 40.73 24.52 15.89
C ILE G 80 41.04 23.38 16.85
N ALA G 81 42.30 22.92 16.85
CA ALA G 81 42.71 21.87 17.78
C ALA G 81 42.54 22.32 19.22
N ALA G 82 42.94 23.55 19.53
CA ALA G 82 42.83 24.03 20.89
C ALA G 82 41.37 24.04 21.35
N VAL G 83 40.48 24.55 20.50
CA VAL G 83 39.07 24.67 20.90
C VAL G 83 38.43 23.30 21.04
N VAL G 84 38.70 22.39 20.10
CA VAL G 84 38.09 21.06 20.20
C VAL G 84 38.61 20.34 21.43
N PHE G 85 39.92 20.43 21.70
CA PHE G 85 40.49 19.81 22.88
C PHE G 85 39.86 20.38 24.15
N SER G 86 39.69 21.70 24.20
CA SER G 86 39.09 22.33 25.37
C SER G 86 37.64 21.88 25.56
N THR G 87 36.88 21.80 24.47
CA THR G 87 35.49 21.40 24.58
C THR G 87 35.36 19.96 25.08
N LEU G 88 36.13 19.06 24.48
CA LEU G 88 36.12 17.66 24.93
C LEU G 88 36.63 17.54 26.37
N ALA G 89 37.59 18.37 26.76
CA ALA G 89 38.03 18.39 28.15
C ALA G 89 36.88 18.80 29.07
N PHE G 90 36.15 19.85 28.69
CA PHE G 90 35.03 20.32 29.51
C PHE G 90 33.97 19.24 29.64
N ILE G 91 33.67 18.55 28.55
CA ILE G 91 32.65 17.51 28.59
C ILE G 91 33.08 16.37 29.51
N HIS G 92 34.31 15.88 29.34
CA HIS G 92 34.76 14.79 30.20
C HIS G 92 34.78 15.22 31.65
N ASN G 93 35.11 16.48 31.92
CA ASN G 93 35.05 16.97 33.29
C ASN G 93 33.61 16.96 33.79
N ARG G 94 32.65 17.28 32.92
CA ARG G 94 31.26 17.21 33.31
C ARG G 94 30.90 15.78 33.73
N PHE G 95 31.31 14.79 32.94
CA PHE G 95 31.12 13.40 33.34
C PHE G 95 32.11 12.96 34.41
N HIS G 96 33.20 13.69 34.58
CA HIS G 96 34.29 13.31 35.49
C HIS G 96 34.85 14.56 36.13
N PRO G 97 34.11 15.16 37.07
CA PRO G 97 34.59 16.40 37.68
C PRO G 97 35.99 16.27 38.27
N LEU G 98 36.32 15.10 38.80
CA LEU G 98 37.67 14.88 39.31
C LEU G 98 38.71 14.99 38.20
N VAL G 99 38.41 14.43 37.02
CA VAL G 99 39.35 14.42 35.92
C VAL G 99 39.35 15.78 35.23
N THR G 100 40.54 16.32 34.96
CA THR G 100 40.68 17.59 34.27
C THR G 100 41.77 17.59 33.20
N ASN G 101 42.41 16.45 32.93
CA ASN G 101 43.44 16.35 31.90
C ASN G 101 43.35 14.98 31.24
N PHE G 102 43.91 14.88 30.04
CA PHE G 102 43.74 13.70 29.20
C PHE G 102 45.09 13.08 28.84
N THR G 103 45.02 12.09 27.95
CA THR G 103 46.20 11.46 27.38
C THR G 103 47.24 12.51 27.02
N ASN G 104 48.49 12.24 27.41
CA ASN G 104 49.56 13.18 27.13
C ASN G 104 49.53 13.63 25.67
N LYS G 105 49.67 12.70 24.74
CA LYS G 105 49.75 13.04 23.33
C LYS G 105 48.34 13.07 22.73
N MET G 106 48.08 14.09 21.92
CA MET G 106 46.82 14.20 21.22
C MET G 106 47.06 14.79 19.84
N GLU G 107 46.23 14.38 18.88
CA GLU G 107 46.34 14.84 17.51
C GLU G 107 44.96 15.20 16.98
N PHE G 108 44.94 16.06 15.97
CA PHE G 108 43.69 16.52 15.38
C PHE G 108 43.81 16.54 13.87
N VAL G 109 42.77 16.02 13.21
CA VAL G 109 42.71 15.91 11.76
C VAL G 109 41.39 16.51 11.31
N VAL G 110 41.43 17.30 10.24
CA VAL G 110 40.28 18.07 9.77
C VAL G 110 39.84 17.54 8.42
N THR G 111 38.53 17.49 8.21
CA THR G 111 37.93 17.04 6.96
C THR G 111 37.28 18.25 6.29
N GLU G 112 37.61 18.48 5.02
CA GLU G 112 37.22 19.72 4.34
C GLU G 112 36.41 19.47 3.08
N THR G 113 35.84 18.26 2.92
CA THR G 113 35.08 17.95 1.73
C THR G 113 34.17 16.77 2.03
N ASN G 114 33.21 16.53 1.13
CA ASN G 114 32.34 15.38 1.28
C ASN G 114 33.15 14.09 1.26
N ASP G 115 34.17 14.02 0.41
CA ASP G 115 35.02 12.84 0.36
C ASP G 115 35.62 12.52 1.71
N THR G 116 35.82 13.54 2.55
CA THR G 116 36.42 13.37 3.87
C THR G 116 35.42 13.51 5.01
N SER G 117 34.21 13.99 4.75
CA SER G 117 33.25 14.31 5.81
C SER G 117 32.08 13.34 5.75
N ILE G 118 31.70 12.80 6.91
CA ILE G 118 30.67 11.78 6.98
C ILE G 118 29.38 12.42 7.48
N PRO G 119 28.22 12.00 6.99
CA PRO G 119 26.96 12.44 7.61
C PRO G 119 26.77 11.85 9.00
N GLY G 120 25.99 12.55 9.81
CA GLY G 120 25.65 12.09 11.15
C GLY G 120 26.68 12.38 12.20
N GLU G 121 27.94 12.08 11.93
CA GLU G 121 29.03 12.26 12.89
C GLU G 121 30.18 12.99 12.20
N PRO G 122 30.02 14.28 11.94
CA PRO G 122 31.13 15.04 11.33
C PRO G 122 32.41 14.98 12.15
N ILE G 123 32.31 14.75 13.45
CA ILE G 123 33.46 14.58 14.32
C ILE G 123 33.59 13.09 14.63
N LEU G 124 34.78 12.54 14.42
CA LEU G 124 35.01 11.12 14.64
C LEU G 124 36.40 10.92 15.24
N PHE G 125 36.74 9.64 15.43
CA PHE G 125 38.04 9.23 15.94
C PHE G 125 38.36 7.86 15.37
N THR G 126 39.63 7.66 15.02
CA THR G 126 40.10 6.33 14.63
C THR G 126 41.58 6.28 15.02
N GLU G 127 41.87 5.59 16.11
CA GLU G 127 43.22 5.57 16.66
C GLU G 127 44.21 5.11 15.60
N ASN G 128 45.41 5.71 15.64
CA ASN G 128 46.52 5.25 14.82
C ASN G 128 47.24 4.07 15.46
N GLU G 129 46.57 3.36 16.36
CA GLU G 129 47.02 2.19 17.10
C GLU G 129 47.96 2.57 18.24
N GLY G 130 48.32 3.84 18.39
CA GLY G 130 49.13 4.28 19.51
C GLY G 130 48.49 5.41 20.29
N VAL G 131 47.64 6.19 19.62
CA VAL G 131 46.97 7.32 20.24
C VAL G 131 45.79 7.71 19.36
N LEU G 132 44.80 8.37 19.96
CA LEU G 132 43.55 8.67 19.28
C LEU G 132 43.62 10.02 18.58
N LEU G 133 43.10 10.06 17.35
CA LEU G 133 43.15 11.24 16.50
C LEU G 133 41.75 11.80 16.29
N CYS G 134 41.66 13.13 16.28
CA CYS G 134 40.37 13.83 16.38
C CYS G 134 39.92 14.30 15.00
N SER G 135 39.13 13.48 14.31
CA SER G 135 38.50 13.91 13.07
C SER G 135 37.50 15.02 13.36
N VAL G 136 37.58 16.11 12.59
CA VAL G 136 36.71 17.27 12.79
C VAL G 136 36.38 17.86 11.43
N ASP G 137 35.09 17.92 11.09
CA ASP G 137 34.66 18.38 9.77
C ASP G 137 34.37 19.86 9.85
N ARG G 138 35.35 20.68 9.45
CA ARG G 138 35.17 22.11 9.51
C ARG G 138 34.02 22.59 8.63
N PRO G 139 33.88 22.15 7.38
CA PRO G 139 32.73 22.63 6.57
C PRO G 139 31.38 22.34 7.20
N SER G 140 31.22 21.16 7.83
CA SER G 140 29.94 20.83 8.41
C SER G 140 29.56 21.80 9.52
N ILE G 141 30.51 22.12 10.40
CA ILE G 141 30.19 23.04 11.49
C ILE G 141 30.07 24.46 10.96
N VAL G 142 30.86 24.80 9.93
CA VAL G 142 30.73 26.08 9.25
C VAL G 142 29.30 26.28 8.77
N LYS G 143 28.75 25.29 8.09
CA LYS G 143 27.38 25.40 7.61
C LYS G 143 26.39 25.33 8.77
N MET G 144 26.67 24.50 9.77
CA MET G 144 25.84 24.43 10.97
C MET G 144 25.60 25.82 11.53
N LEU G 145 26.68 26.51 11.90
CA LEU G 145 26.52 27.83 12.51
C LEU G 145 25.96 28.82 11.50
N SER G 146 26.34 28.68 10.23
CA SER G 146 25.80 29.56 9.20
C SER G 146 24.29 29.45 9.10
N ARG G 147 23.72 28.32 9.54
CA ARG G 147 22.28 28.15 9.53
C ARG G 147 21.62 29.29 10.30
N GLU G 148 20.81 30.09 9.60
CA GLU G 148 19.97 31.07 10.26
C GLU G 148 19.27 30.44 11.45
N PHE G 149 19.01 31.23 12.48
CA PHE G 149 18.51 30.71 13.73
C PHE G 149 17.22 31.42 14.13
N ASP G 150 16.44 30.75 14.96
CA ASP G 150 15.11 31.19 15.39
C ASP G 150 15.17 31.42 16.89
N THR G 151 15.62 32.61 17.28
CA THR G 151 15.74 32.98 18.69
C THR G 151 14.59 33.88 19.14
N GLU G 152 13.45 33.81 18.45
CA GLU G 152 12.33 34.69 18.74
C GLU G 152 11.03 33.91 18.95
N ALA G 153 10.86 32.81 18.22
CA ALA G 153 9.64 32.02 18.28
C ALA G 153 9.76 30.97 19.37
N LEU G 154 9.01 31.16 20.46
CA LEU G 154 9.09 30.23 21.59
C LEU G 154 8.68 28.83 21.14
N VAL G 155 9.34 27.84 21.72
CA VAL G 155 9.16 26.44 21.35
C VAL G 155 8.68 25.68 22.58
N ASN G 156 7.63 24.89 22.41
CA ASN G 156 7.07 24.08 23.48
C ASN G 156 7.47 22.61 23.31
N ASN G 161 0.51 20.04 29.00
CA ASN G 161 -0.82 20.33 29.53
C ASN G 161 -1.06 21.84 29.53
N CYS G 162 -2.20 22.24 28.95
CA CYS G 162 -2.49 23.66 28.80
C CYS G 162 -2.71 24.34 30.15
N ASN G 163 -3.46 23.68 31.04
CA ASN G 163 -3.79 24.29 32.32
C ASN G 163 -2.53 24.57 33.14
N VAL G 164 -1.64 23.59 33.25
CA VAL G 164 -0.41 23.80 33.99
C VAL G 164 0.47 24.82 33.28
N ARG G 165 0.37 24.92 31.95
CA ARG G 165 1.13 25.94 31.23
C ARG G 165 0.67 27.33 31.60
N ILE G 166 -0.65 27.55 31.63
CA ILE G 166 -1.18 28.84 32.08
C ILE G 166 -0.75 29.10 33.52
N ALA G 167 -0.77 28.05 34.34
CA ALA G 167 -0.40 28.20 35.75
C ALA G 167 1.05 28.66 35.88
N LYS G 168 1.98 27.99 35.20
CA LYS G 168 3.38 28.38 35.28
C LYS G 168 3.59 29.77 34.66
N THR G 169 2.79 30.14 33.67
CA THR G 169 2.88 31.48 33.11
C THR G 169 2.54 32.53 34.16
N PHE G 170 1.30 32.48 34.68
CA PHE G 170 0.84 33.53 35.58
C PHE G 170 1.57 33.49 36.92
N GLY G 171 1.79 32.29 37.47
CA GLY G 171 2.59 32.18 38.68
C GLY G 171 3.99 32.70 38.47
N ALA G 172 4.56 32.46 37.28
CA ALA G 172 5.84 33.05 36.93
C ALA G 172 5.69 34.56 36.89
N SER G 173 6.24 35.24 37.89
CA SER G 173 6.04 36.68 38.04
C SER G 173 7.14 37.45 37.29
N LYS G 174 7.17 37.19 35.99
CA LYS G 174 8.01 37.90 35.05
C LYS G 174 7.72 39.40 35.00
N ASP G 198 28.96 44.64 30.53
CA ASP G 198 28.13 43.74 29.74
C ASP G 198 28.74 43.54 28.35
N PHE G 199 29.56 42.50 28.23
CA PHE G 199 30.23 42.22 26.96
C PHE G 199 29.21 41.87 25.89
N SER G 200 29.53 42.23 24.64
CA SER G 200 28.59 42.10 23.53
C SER G 200 28.41 40.63 23.18
N ILE G 201 27.25 40.08 23.56
CA ILE G 201 26.83 38.74 23.15
C ILE G 201 25.32 38.76 22.99
N THR G 202 24.83 38.09 21.96
CA THR G 202 23.40 37.87 21.79
C THR G 202 23.06 36.43 22.18
N GLU G 203 21.79 36.05 21.97
CA GLU G 203 21.37 34.68 22.20
C GLU G 203 21.73 33.76 21.03
N VAL G 204 22.10 34.33 19.88
CA VAL G 204 22.47 33.51 18.73
C VAL G 204 23.73 32.71 19.03
N GLU G 205 24.76 33.37 19.56
CA GLU G 205 25.95 32.63 19.95
C GLU G 205 25.65 31.63 21.06
N ALA G 206 24.67 31.93 21.92
CA ALA G 206 24.25 30.93 22.88
C ALA G 206 23.75 29.67 22.17
N THR G 207 22.92 29.85 21.13
CA THR G 207 22.53 28.72 20.30
C THR G 207 23.75 28.01 19.74
N GLN G 208 24.71 28.80 19.25
CA GLN G 208 25.88 28.23 18.60
C GLN G 208 26.68 27.35 19.55
N TYR G 209 26.93 27.86 20.75
CA TYR G 209 27.72 27.12 21.73
C TYR G 209 26.95 25.90 22.23
N LEU G 210 25.63 26.04 22.40
CA LEU G 210 24.82 24.86 22.75
C LEU G 210 24.97 23.78 21.69
N THR G 211 24.88 24.17 20.42
CA THR G 211 24.99 23.18 19.35
C THR G 211 26.37 22.51 19.35
N LEU G 212 27.42 23.30 19.52
CA LEU G 212 28.76 22.73 19.60
C LEU G 212 28.86 21.75 20.76
N LEU G 213 28.35 22.13 21.94
CA LEU G 213 28.45 21.27 23.09
C LEU G 213 27.67 19.98 22.88
N LEU G 214 26.51 20.06 22.23
CA LEU G 214 25.72 18.85 21.99
C LEU G 214 26.41 17.93 20.97
N THR G 215 26.93 18.49 19.89
CA THR G 215 27.62 17.68 18.90
C THR G 215 28.85 17.01 19.52
N VAL G 216 29.65 17.78 20.24
CA VAL G 216 30.83 17.23 20.89
C VAL G 216 30.41 16.24 21.96
N GLU G 217 29.25 16.43 22.57
CA GLU G 217 28.75 15.47 23.56
C GLU G 217 28.47 14.13 22.91
N HIS G 218 27.76 14.13 21.79
CA HIS G 218 27.47 12.87 21.10
C HIS G 218 28.77 12.21 20.64
N ALA G 219 29.67 13.00 20.06
CA ALA G 219 30.95 12.45 19.61
C ALA G 219 31.75 11.89 20.78
N TYR G 220 31.76 12.59 21.90
CA TYR G 220 32.48 12.14 23.09
C TYR G 220 31.85 10.89 23.67
N LEU G 221 30.54 10.73 23.55
CA LEU G 221 29.91 9.46 23.93
C LEU G 221 30.41 8.34 23.04
N HIS G 222 30.47 8.59 21.73
CA HIS G 222 31.05 7.59 20.83
C HIS G 222 32.47 7.23 21.28
N TYR G 223 33.26 8.23 21.64
CA TYR G 223 34.66 7.97 21.99
C TYR G 223 34.78 7.33 23.35
N TYR G 224 33.83 7.58 24.25
CA TYR G 224 33.73 6.82 25.48
C TYR G 224 33.52 5.34 25.18
N ILE G 225 32.58 5.04 24.28
CA ILE G 225 32.38 3.66 23.86
C ILE G 225 33.69 3.08 23.34
N PHE G 226 34.39 3.86 22.51
CA PHE G 226 35.69 3.42 22.00
C PHE G 226 36.61 3.05 23.15
N LYS G 227 36.97 4.03 23.96
CA LYS G 227 37.98 3.80 25.00
C LYS G 227 37.58 2.68 25.95
N ASN G 228 36.27 2.49 26.16
CA ASN G 228 35.83 1.55 27.17
C ASN G 228 35.61 0.14 26.65
N TYR G 229 35.43 -0.04 25.33
CA TYR G 229 35.11 -1.37 24.84
C TYR G 229 35.83 -1.80 23.57
N GLY G 230 36.60 -0.95 22.91
CA GLY G 230 37.31 -1.32 21.70
C GLY G 230 36.79 -0.58 20.47
N VAL G 231 37.61 -0.63 19.41
CA VAL G 231 37.28 0.08 18.18
C VAL G 231 36.08 -0.57 17.50
N PHE G 232 35.99 -1.90 17.54
CA PHE G 232 34.83 -2.58 16.99
C PHE G 232 33.55 -2.10 17.67
N GLU G 233 33.59 -1.94 18.98
CA GLU G 233 32.41 -1.53 19.72
C GLU G 233 32.10 -0.07 19.46
N TYR G 234 33.15 0.75 19.33
CA TYR G 234 32.98 2.12 18.83
C TYR G 234 32.21 2.12 17.52
N CYS G 235 32.64 1.28 16.57
CA CYS G 235 31.99 1.25 15.26
C CYS G 235 30.53 0.83 15.37
N LYS G 236 30.26 -0.23 16.14
CA LYS G 236 28.88 -0.70 16.24
C LYS G 236 27.99 0.34 16.92
N SER G 237 28.50 1.01 17.96
CA SER G 237 27.72 2.04 18.62
C SER G 237 27.46 3.20 17.67
N LEU G 238 28.45 3.58 16.87
CA LEU G 238 28.22 4.56 15.82
C LEU G 238 27.08 4.11 14.91
N THR G 239 27.12 2.84 14.49
CA THR G 239 26.07 2.30 13.64
C THR G 239 24.75 2.15 14.39
N ASP G 240 24.77 2.07 15.72
CA ASP G 240 23.57 1.84 16.51
C ASP G 240 23.70 2.65 17.80
N HIS G 241 23.11 3.84 17.81
CA HIS G 241 23.15 4.68 18.99
C HIS G 241 22.35 4.11 20.15
N SER G 242 21.48 3.12 19.91
CA SER G 242 20.77 2.49 21.02
C SER G 242 21.75 1.80 21.96
N LEU G 243 22.90 1.36 21.45
CA LEU G 243 23.91 0.73 22.30
C LEU G 243 24.45 1.70 23.34
N PHE G 244 24.34 3.01 23.10
CA PHE G 244 24.67 3.97 24.14
C PHE G 244 23.78 3.78 25.36
N THR G 245 22.53 3.37 25.17
CA THR G 245 21.68 3.03 26.30
C THR G 245 22.29 1.90 27.11
N ASN G 246 22.77 0.86 26.43
CA ASN G 246 23.34 -0.28 27.14
C ASN G 246 24.60 0.13 27.89
N LYS G 247 25.48 0.91 27.24
CA LYS G 247 26.79 1.18 27.80
C LYS G 247 26.82 2.38 28.75
N LEU G 248 25.79 3.23 28.73
CA LEU G 248 25.79 4.45 29.53
C LEU G 248 24.64 4.53 30.52
N ARG G 249 23.55 3.81 30.29
CA ARG G 249 22.59 3.58 31.37
C ARG G 249 23.27 2.91 32.55
N SER G 250 24.34 2.17 32.30
CA SER G 250 25.14 1.61 33.38
C SER G 250 25.99 2.68 34.06
N THR G 251 26.54 3.61 33.28
CA THR G 251 27.56 4.52 33.78
C THR G 251 27.13 5.99 33.79
N MET G 252 26.73 6.53 32.64
CA MET G 252 26.41 7.96 32.58
C MET G 252 25.26 8.31 33.51
N SER G 253 24.18 7.52 33.47
CA SER G 253 23.02 7.82 34.31
C SER G 253 23.39 7.86 35.79
N THR G 254 24.45 7.16 36.18
CA THR G 254 24.89 7.16 37.56
C THR G 254 25.72 8.41 37.84
N ASN G 258 23.38 13.47 34.84
CA ASN G 258 22.95 12.85 33.59
C ASN G 258 23.44 13.70 32.40
N LEU G 259 22.83 13.50 31.23
CA LEU G 259 23.22 14.27 30.06
C LEU G 259 22.75 15.72 30.16
N LEU G 260 23.48 16.61 29.50
CA LEU G 260 22.98 17.97 29.31
C LEU G 260 21.70 17.95 28.48
N LEU G 261 21.67 17.10 27.46
CA LEU G 261 20.47 16.98 26.63
C LEU G 261 19.30 16.42 27.43
N SER G 262 19.57 15.56 28.42
CA SER G 262 18.51 14.87 29.13
C SER G 262 17.60 15.81 29.91
N LYS G 263 17.90 17.12 29.93
CA LYS G 263 17.00 18.07 30.56
C LYS G 263 15.60 17.98 29.95
N PHE G 264 15.54 17.98 28.63
CA PHE G 264 14.29 17.87 27.88
C PHE G 264 14.22 16.53 27.17
N LYS G 265 13.02 16.23 26.66
CA LYS G 265 12.83 15.13 25.72
C LYS G 265 12.73 15.70 24.31
N PHE G 266 13.19 14.91 23.34
CA PHE G 266 13.30 15.35 21.96
C PHE G 266 12.79 14.26 21.05
N THR G 267 12.22 14.67 19.92
CA THR G 267 11.59 13.76 18.97
C THR G 267 11.49 14.50 17.64
N ILE G 268 10.71 13.95 16.71
CA ILE G 268 10.45 14.58 15.42
C ILE G 268 8.95 14.84 15.32
N GLU G 269 8.61 15.98 14.72
CA GLU G 269 7.20 16.36 14.60
C GLU G 269 6.43 15.24 13.90
N ASP G 270 5.30 14.87 14.48
CA ASP G 270 4.48 13.80 13.95
C ASP G 270 5.35 12.59 13.58
N PHE G 271 6.27 12.26 14.48
CA PHE G 271 7.16 11.14 14.20
C PHE G 271 6.40 9.89 13.83
N ASP G 272 5.23 9.67 14.45
CA ASP G 272 4.50 8.44 14.21
C ASP G 272 4.28 8.25 12.71
N LYS G 273 3.55 9.18 12.08
CA LYS G 273 3.34 9.06 10.64
C LYS G 273 4.66 9.10 9.87
N ILE G 274 5.58 9.98 10.27
CA ILE G 274 6.88 10.06 9.63
C ILE G 274 7.47 8.66 9.45
N ASN G 275 7.36 7.84 10.49
CA ASN G 275 7.96 6.52 10.47
C ASN G 275 7.41 5.71 9.31
N SER G 276 6.09 5.72 9.14
CA SER G 276 5.47 5.10 7.99
C SER G 276 5.71 5.95 6.75
N LYS H 46 -2.53 29.25 82.86
CA LYS H 46 -1.10 29.48 83.00
C LYS H 46 -0.41 29.56 81.65
N ILE H 47 -1.12 29.13 80.59
CA ILE H 47 -0.57 29.24 79.25
C ILE H 47 -0.49 30.69 78.82
N LYS H 48 -1.59 31.43 78.96
CA LYS H 48 -1.57 32.85 78.69
C LYS H 48 -0.64 33.57 79.64
N LEU H 49 -0.44 33.03 80.84
CA LEU H 49 0.56 33.58 81.74
C LEU H 49 1.95 33.51 81.12
N ALA H 50 2.30 32.36 80.55
CA ALA H 50 3.59 32.23 79.88
C ALA H 50 3.68 33.15 78.67
N LEU H 51 2.60 33.24 77.90
CA LEU H 51 2.59 34.14 76.75
C LEU H 51 2.88 35.56 77.17
N SER H 52 2.17 36.05 78.19
CA SER H 52 2.35 37.42 78.64
C SER H 52 3.74 37.63 79.25
N LYS H 53 4.24 36.63 79.99
CA LYS H 53 5.58 36.75 80.57
C LYS H 53 6.63 36.91 79.49
N TYR H 54 6.58 36.06 78.46
CA TYR H 54 7.52 36.17 77.36
C TYR H 54 7.36 37.48 76.60
N MET H 55 6.12 37.93 76.40
CA MET H 55 5.93 39.16 75.64
C MET H 55 6.45 40.35 76.44
N ALA H 56 6.30 40.32 77.76
CA ALA H 56 6.88 41.35 78.61
C ALA H 56 8.40 41.32 78.56
N MET H 57 8.99 40.12 78.56
CA MET H 57 10.45 40.03 78.40
C MET H 57 10.88 40.61 77.06
N LEU H 58 10.12 40.34 76.00
CA LEU H 58 10.44 40.91 74.69
C LEU H 58 10.37 42.43 74.73
N SER H 59 9.30 42.97 75.31
CA SER H 59 9.19 44.42 75.45
C SER H 59 10.37 44.98 76.24
N THR H 60 10.87 44.22 77.22
CA THR H 60 12.09 44.61 77.91
C THR H 60 13.27 44.64 76.94
N LEU H 61 13.33 43.68 76.02
CA LEU H 61 14.32 43.76 74.95
C LEU H 61 14.13 45.00 74.09
N GLU H 62 12.92 45.57 74.06
CA GLU H 62 12.63 46.89 73.54
C GLU H 62 12.54 46.91 72.01
N MET H 63 12.33 45.78 71.34
CA MET H 63 12.18 45.80 69.89
C MET H 63 11.11 46.83 69.51
N LEU H 68 7.56 40.27 62.01
CA LEU H 68 7.61 40.13 60.56
C LEU H 68 8.55 41.15 59.93
N GLU H 69 8.40 42.42 60.34
CA GLU H 69 9.19 43.47 59.74
C GLU H 69 10.69 43.23 59.94
N ILE H 70 11.07 42.80 61.14
CA ILE H 70 12.49 42.59 61.43
C ILE H 70 13.02 41.37 60.70
N PHE H 71 12.22 40.31 60.63
CA PHE H 71 12.66 39.10 59.94
C PHE H 71 13.00 39.41 58.49
N ARG H 72 12.09 40.10 57.79
CA ARG H 72 12.41 40.57 56.46
C ARG H 72 13.53 41.60 56.48
N ASN H 73 13.74 42.28 57.62
CA ASN H 73 14.87 43.19 57.79
C ASN H 73 16.12 42.32 57.90
N LYS H 74 16.67 41.98 56.74
CA LYS H 74 17.80 41.05 56.67
C LYS H 74 18.99 41.55 57.47
N ALA H 75 19.31 42.84 57.33
CA ALA H 75 20.52 43.39 57.93
C ALA H 75 20.44 43.47 59.45
N ASP H 76 19.27 43.23 60.05
CA ASP H 76 19.13 43.33 61.50
C ASP H 76 19.59 42.04 62.17
N THR H 77 20.82 41.61 61.87
CA THR H 77 21.31 40.34 62.38
C THR H 77 21.58 40.40 63.88
N ARG H 78 22.12 41.51 64.37
CA ARG H 78 22.37 41.64 65.80
C ARG H 78 21.07 41.52 66.59
N GLN H 79 20.00 42.16 66.11
CA GLN H 79 18.72 42.08 66.79
C GLN H 79 18.22 40.64 66.83
N ILE H 80 18.29 39.94 65.70
CA ILE H 80 17.81 38.57 65.63
C ILE H 80 18.59 37.70 66.61
N ALA H 81 19.92 37.84 66.61
CA ALA H 81 20.74 37.05 67.52
C ALA H 81 20.40 37.34 68.97
N ALA H 82 20.23 38.62 69.32
CA ALA H 82 19.91 38.96 70.70
C ALA H 82 18.55 38.42 71.11
N VAL H 83 17.55 38.51 70.23
CA VAL H 83 16.22 38.04 70.58
C VAL H 83 16.20 36.52 70.72
N VAL H 84 16.85 35.81 69.80
CA VAL H 84 16.90 34.36 69.94
C VAL H 84 17.68 33.98 71.18
N PHE H 85 18.73 34.74 71.53
CA PHE H 85 19.45 34.50 72.76
C PHE H 85 18.54 34.63 73.98
N SER H 86 17.78 35.72 74.03
CA SER H 86 16.85 35.91 75.14
C SER H 86 15.81 34.81 75.17
N THR H 87 15.33 34.39 73.99
CA THR H 87 14.33 33.33 73.94
C THR H 87 14.88 32.02 74.45
N LEU H 88 16.11 31.68 74.05
CA LEU H 88 16.74 30.45 74.52
C LEU H 88 16.97 30.49 76.02
N ALA H 89 17.40 31.64 76.54
CA ALA H 89 17.55 31.77 77.99
C ALA H 89 16.20 31.59 78.70
N PHE H 90 15.14 32.17 78.15
CA PHE H 90 13.83 32.07 78.77
C PHE H 90 13.32 30.63 78.73
N ILE H 91 13.52 29.93 77.61
CA ILE H 91 13.11 28.54 77.52
C ILE H 91 13.92 27.68 78.47
N HIS H 92 15.22 27.96 78.58
CA HIS H 92 16.05 27.26 79.55
C HIS H 92 15.53 27.48 80.97
N ASN H 93 15.08 28.72 81.25
CA ASN H 93 14.48 29.01 82.55
C ASN H 93 13.23 28.17 82.75
N ARG H 94 12.39 28.08 81.73
CA ARG H 94 11.11 27.38 81.86
C ARG H 94 11.32 25.88 82.06
N PHE H 95 11.93 25.22 81.07
CA PHE H 95 12.13 23.77 81.18
C PHE H 95 12.94 23.40 82.40
N HIS H 96 13.83 24.29 82.86
CA HIS H 96 14.63 24.10 84.06
C HIS H 96 14.34 25.25 85.00
N PRO H 97 13.27 25.17 85.79
CA PRO H 97 13.02 26.24 86.77
C PRO H 97 14.16 26.39 87.77
N LEU H 98 14.89 25.31 88.05
CA LEU H 98 15.99 25.34 89.01
C LEU H 98 17.33 25.69 88.37
N VAL H 99 17.41 25.77 87.05
CA VAL H 99 18.64 26.12 86.35
C VAL H 99 18.28 27.28 85.42
N THR H 100 18.66 28.49 85.80
CA THR H 100 18.41 29.69 85.01
C THR H 100 19.61 30.12 84.18
N ASN H 101 20.82 29.87 84.67
CA ASN H 101 22.03 30.28 83.97
C ASN H 101 22.09 29.64 82.60
N PHE H 102 22.48 30.44 81.60
CA PHE H 102 22.58 30.00 80.22
C PHE H 102 23.81 30.63 79.58
N THR H 103 24.21 30.09 78.43
CA THR H 103 25.40 30.59 77.74
C THR H 103 25.18 32.03 77.33
N ASN H 104 25.85 32.96 78.02
CA ASN H 104 25.63 34.39 77.79
C ASN H 104 26.29 34.90 76.52
N LYS H 105 27.19 34.13 75.91
CA LYS H 105 27.85 34.52 74.66
C LYS H 105 28.09 33.27 73.83
N MET H 106 27.18 33.00 72.91
CA MET H 106 27.32 31.90 71.96
C MET H 106 27.18 32.46 70.53
N GLU H 107 27.90 31.85 69.60
CA GLU H 107 28.02 32.40 68.27
C GLU H 107 26.69 32.30 67.52
N PHE H 108 26.55 33.14 66.49
CA PHE H 108 25.32 33.23 65.72
C PHE H 108 25.65 33.36 64.23
N VAL H 109 24.64 33.08 63.41
CA VAL H 109 24.76 33.21 61.96
C VAL H 109 23.35 33.21 61.38
N VAL H 110 23.21 33.77 60.17
CA VAL H 110 21.92 33.84 59.49
C VAL H 110 22.09 33.31 58.08
N THR H 111 21.14 32.47 57.64
CA THR H 111 21.09 31.95 56.29
C THR H 111 20.02 32.69 55.49
N GLU H 112 20.26 32.79 54.19
CA GLU H 112 19.41 33.59 53.31
C GLU H 112 18.89 32.85 52.08
N THR H 113 19.50 31.74 51.70
CA THR H 113 19.11 30.99 50.50
C THR H 113 18.38 29.71 50.90
N ASN H 114 17.54 29.22 49.99
CA ASN H 114 16.83 27.97 50.25
C ASN H 114 17.79 26.79 50.29
N ASP H 115 18.87 26.83 49.51
CA ASP H 115 19.88 25.78 49.63
C ASP H 115 20.55 25.80 51.00
N THR H 116 20.53 26.96 51.67
CA THR H 116 20.93 27.07 53.07
C THR H 116 19.74 27.04 54.01
N SER H 117 18.69 26.30 53.63
CA SER H 117 17.46 26.22 54.39
C SER H 117 17.17 24.76 54.71
N ILE H 118 16.52 24.54 55.86
CA ILE H 118 16.18 23.20 56.34
C ILE H 118 14.72 22.95 56.00
N PRO H 119 14.39 21.89 55.24
CA PRO H 119 12.97 21.65 54.94
C PRO H 119 12.27 20.83 56.01
N LEU H 133 27.44 28.51 67.96
CA LEU H 133 27.00 28.87 66.62
C LEU H 133 25.56 28.43 66.39
N CYS H 134 24.66 29.40 66.24
CA CYS H 134 23.25 29.15 65.96
C CYS H 134 22.92 29.65 64.58
N SER H 135 22.34 28.78 63.75
CA SER H 135 21.95 29.12 62.39
C SER H 135 20.43 29.15 62.29
N VAL H 136 19.92 30.03 61.44
CA VAL H 136 18.48 30.26 61.31
C VAL H 136 18.12 30.30 59.84
N ASP H 137 16.96 29.73 59.51
CA ASP H 137 16.44 29.74 58.15
C ASP H 137 15.56 30.97 57.99
N ARG H 138 16.22 32.12 57.80
CA ARG H 138 15.50 33.39 57.68
C ARG H 138 14.43 33.36 56.60
N PRO H 139 14.70 32.87 55.38
CA PRO H 139 13.66 32.96 54.33
C PRO H 139 12.36 32.26 54.71
N SER H 140 12.44 31.03 55.23
CA SER H 140 11.24 30.30 55.58
C SER H 140 10.48 30.99 56.71
N ILE H 141 11.20 31.46 57.73
CA ILE H 141 10.52 32.09 58.86
C ILE H 141 9.88 33.41 58.45
N VAL H 142 10.53 34.15 57.54
CA VAL H 142 9.91 35.34 56.98
C VAL H 142 8.64 34.97 56.22
N LYS H 143 8.71 33.93 55.39
CA LYS H 143 7.52 33.47 54.69
C LYS H 143 6.41 33.14 55.68
N MET H 144 6.78 32.58 56.83
CA MET H 144 5.79 32.24 57.84
C MET H 144 5.16 33.50 58.43
N LEU H 145 5.99 34.45 58.86
CA LEU H 145 5.47 35.63 59.53
C LEU H 145 4.60 36.45 58.59
N SER H 146 5.02 36.59 57.33
CA SER H 146 4.14 37.17 56.33
C SER H 146 2.88 36.33 56.16
N ARG H 147 2.99 35.02 56.34
CA ARG H 147 1.86 34.11 56.27
C ARG H 147 1.10 34.10 57.59
N ASN H 161 -19.10 31.25 75.88
CA ASN H 161 -20.26 30.38 75.76
C ASN H 161 -21.52 31.20 75.45
N CYS H 162 -22.40 30.61 74.63
CA CYS H 162 -23.59 31.33 74.19
C CYS H 162 -24.50 31.67 75.35
N ASN H 163 -24.66 30.74 76.30
CA ASN H 163 -25.67 30.89 77.33
C ASN H 163 -25.38 32.10 78.21
N VAL H 164 -24.13 32.32 78.58
CA VAL H 164 -23.79 33.44 79.46
C VAL H 164 -24.05 34.77 78.76
N ARG H 165 -23.64 34.90 77.50
CA ARG H 165 -23.81 36.19 76.83
C ARG H 165 -25.28 36.45 76.50
N ILE H 166 -26.07 35.42 76.20
CA ILE H 166 -27.50 35.66 76.07
C ILE H 166 -28.12 36.03 77.42
N ALA H 167 -27.69 35.38 78.50
CA ALA H 167 -28.24 35.70 79.81
C ALA H 167 -27.96 37.15 80.18
N LYS H 168 -26.74 37.62 79.92
CA LYS H 168 -26.41 39.02 80.21
C LYS H 168 -27.03 39.97 79.20
N THR H 169 -27.36 39.48 77.99
CA THR H 169 -28.11 40.32 77.06
C THR H 169 -29.47 40.71 77.62
N PHE H 170 -30.07 39.84 78.44
CA PHE H 170 -31.28 40.18 79.16
C PHE H 170 -31.02 40.59 80.61
N GLY H 171 -29.75 40.62 81.02
CA GLY H 171 -29.39 41.13 82.32
C GLY H 171 -29.31 42.64 82.41
N ALA H 172 -29.44 43.33 81.28
CA ALA H 172 -29.40 44.78 81.26
C ALA H 172 -30.60 45.33 80.49
N PHE H 199 -1.03 50.03 73.76
CA PHE H 199 -0.32 48.87 73.22
C PHE H 199 -1.27 47.68 73.11
N SER H 200 -1.66 47.36 71.88
CA SER H 200 -2.59 46.27 71.61
C SER H 200 -1.95 45.27 70.66
N ILE H 201 -2.29 44.00 70.85
CA ILE H 201 -1.78 42.90 70.03
C ILE H 201 -2.96 42.22 69.35
N THR H 202 -2.82 41.96 68.05
CA THR H 202 -3.88 41.35 67.27
C THR H 202 -3.83 39.83 67.37
N GLU H 203 -4.94 39.19 67.03
CA GLU H 203 -5.02 37.73 67.11
C GLU H 203 -4.07 37.08 66.10
N VAL H 204 -3.99 37.62 64.89
CA VAL H 204 -3.05 37.09 63.91
C VAL H 204 -1.61 37.26 64.42
N GLU H 205 -1.35 38.36 65.12
CA GLU H 205 -0.06 38.53 65.76
C GLU H 205 0.17 37.45 66.82
N ALA H 206 -0.90 37.05 67.52
CA ALA H 206 -0.77 35.95 68.47
C ALA H 206 -0.41 34.66 67.76
N THR H 207 -1.04 34.40 66.61
CA THR H 207 -0.67 33.23 65.82
C THR H 207 0.79 33.29 65.39
N GLN H 208 1.24 34.45 64.94
CA GLN H 208 2.63 34.61 64.51
C GLN H 208 3.59 34.36 65.66
N TYR H 209 3.31 34.95 66.83
CA TYR H 209 4.16 34.75 67.99
C TYR H 209 4.18 33.29 68.40
N LEU H 210 3.02 32.63 68.33
CA LEU H 210 2.95 31.22 68.69
C LEU H 210 3.77 30.36 67.74
N THR H 211 3.69 30.62 66.44
CA THR H 211 4.50 29.86 65.50
C THR H 211 5.99 30.11 65.74
N LEU H 212 6.36 31.37 65.99
CA LEU H 212 7.73 31.68 66.37
C LEU H 212 8.16 30.87 67.58
N LEU H 213 7.32 30.84 68.61
CA LEU H 213 7.66 30.13 69.83
C LEU H 213 7.80 28.64 69.58
N LEU H 214 6.92 28.07 68.77
CA LEU H 214 6.99 26.64 68.48
C LEU H 214 8.26 26.30 67.72
N THR H 215 8.60 27.09 66.70
CA THR H 215 9.86 26.87 66.00
C THR H 215 11.05 27.00 66.94
N VAL H 216 11.04 28.04 67.78
CA VAL H 216 12.19 28.30 68.64
C VAL H 216 12.31 27.22 69.71
N GLU H 217 11.19 26.71 70.21
CA GLU H 217 11.27 25.66 71.22
C GLU H 217 11.71 24.35 70.58
N HIS H 218 11.34 24.10 69.33
CA HIS H 218 11.93 22.94 68.64
C HIS H 218 13.44 23.12 68.52
N ALA H 219 13.89 24.31 68.12
CA ALA H 219 15.33 24.56 68.00
C ALA H 219 16.02 24.41 69.34
N TYR H 220 15.38 24.86 70.43
CA TYR H 220 16.01 24.77 71.74
C TYR H 220 16.01 23.35 72.27
N LEU H 221 14.96 22.58 71.99
CA LEU H 221 15.00 21.16 72.31
C LEU H 221 16.18 20.51 71.63
N HIS H 222 16.36 20.80 70.33
CA HIS H 222 17.52 20.29 69.61
C HIS H 222 18.83 20.73 70.28
N TYR H 223 18.92 22.01 70.65
CA TYR H 223 20.14 22.52 71.27
C TYR H 223 20.42 21.80 72.59
N TYR H 224 19.38 21.57 73.39
CA TYR H 224 19.55 20.85 74.64
C TYR H 224 20.03 19.43 74.38
N ILE H 225 19.48 18.77 73.35
CA ILE H 225 19.95 17.45 72.98
C ILE H 225 21.44 17.51 72.67
N PHE H 226 21.85 18.52 71.92
CA PHE H 226 23.26 18.70 71.59
C PHE H 226 24.11 18.82 72.85
N LYS H 227 23.66 19.67 73.78
CA LYS H 227 24.47 19.95 74.96
C LYS H 227 24.60 18.73 75.87
N ASN H 228 23.48 18.09 76.20
CA ASN H 228 23.53 16.96 77.12
C ASN H 228 23.97 15.67 76.43
N TYR H 229 23.21 15.20 75.44
CA TYR H 229 23.55 13.91 74.85
C TYR H 229 24.81 13.98 73.99
N GLY H 230 25.04 15.11 73.33
CA GLY H 230 26.19 15.29 72.47
C GLY H 230 25.80 15.62 71.05
N VAL H 231 26.83 15.82 70.22
CA VAL H 231 26.60 16.21 68.83
C VAL H 231 26.01 15.05 68.03
N PHE H 232 26.51 13.84 68.26
CA PHE H 232 26.04 12.71 67.46
C PHE H 232 24.57 12.40 67.76
N GLU H 233 24.21 12.32 69.05
CA GLU H 233 22.82 12.01 69.36
C GLU H 233 21.93 13.22 69.05
N TYR H 234 22.52 14.42 68.99
CA TYR H 234 21.86 15.56 68.37
C TYR H 234 21.47 15.27 66.94
N CYS H 235 22.42 14.80 66.13
CA CYS H 235 22.08 14.45 64.75
C CYS H 235 21.03 13.35 64.71
N LYS H 236 21.11 12.42 65.67
CA LYS H 236 20.12 11.35 65.73
C LYS H 236 18.73 11.89 66.03
N SER H 237 18.64 12.86 66.95
CA SER H 237 17.36 13.50 67.24
C SER H 237 16.85 14.25 66.02
N LEU H 238 17.75 14.92 65.31
CA LEU H 238 17.36 15.61 64.08
C LEU H 238 16.77 14.61 63.08
N THR H 239 17.39 13.44 62.94
CA THR H 239 16.87 12.43 62.04
C THR H 239 15.62 11.76 62.61
N ASP H 240 15.46 11.77 63.93
CA ASP H 240 14.36 11.08 64.59
C ASP H 240 13.92 11.92 65.78
N HIS H 241 12.71 12.46 65.70
CA HIS H 241 12.18 13.36 66.73
C HIS H 241 11.30 12.64 67.73
N SER H 242 11.59 11.37 68.01
CA SER H 242 10.82 10.60 68.98
C SER H 242 11.49 10.61 70.35
N LYS H 247 7.37 13.24 75.73
CA LYS H 247 7.81 14.62 75.92
C LYS H 247 7.96 14.96 77.40
N LEU H 248 6.98 14.57 78.21
CA LEU H 248 6.90 15.03 79.59
C LEU H 248 7.91 14.26 80.43
N ARG H 249 9.14 14.79 80.50
CA ARG H 249 10.13 14.32 81.46
C ARG H 249 11.30 15.30 81.53
N LYS H 255 9.80 19.40 84.26
CA LYS H 255 10.64 20.18 83.34
C LYS H 255 9.88 20.49 82.06
N THR H 256 9.53 19.44 81.32
CA THR H 256 8.74 19.63 80.10
C THR H 256 7.37 20.22 80.38
N SER H 257 6.86 20.06 81.61
CA SER H 257 5.58 20.66 81.94
C SER H 257 5.60 22.17 81.82
N ASN H 258 6.78 22.78 81.95
CA ASN H 258 6.95 24.21 81.78
C ASN H 258 6.85 24.65 80.32
N LEU H 259 6.53 23.74 79.40
CA LEU H 259 6.46 24.04 77.98
C LEU H 259 5.01 23.99 77.52
N LEU H 260 4.61 24.98 76.72
CA LEU H 260 3.25 25.04 76.22
C LEU H 260 2.97 24.02 75.13
N LEU H 261 4.01 23.41 74.56
CA LEU H 261 3.79 22.41 73.51
C LEU H 261 3.03 21.20 74.05
N SER H 262 3.37 20.76 75.26
CA SER H 262 2.68 19.62 75.86
C SER H 262 1.21 19.91 76.16
N LYS H 263 0.76 21.15 75.97
CA LYS H 263 -0.62 21.52 76.22
C LYS H 263 -1.54 21.28 75.03
N PHE H 264 -0.99 21.00 73.86
CA PHE H 264 -1.81 20.79 72.66
C PHE H 264 -1.09 19.80 71.75
N LYS H 265 -1.88 19.09 70.95
CA LYS H 265 -1.36 18.00 70.13
C LYS H 265 -1.86 18.21 68.71
N PHE H 266 -0.98 17.95 67.73
CA PHE H 266 -1.35 18.04 66.32
C PHE H 266 -1.02 16.73 65.63
N THR H 267 -1.90 16.30 64.73
CA THR H 267 -1.80 15.01 64.07
C THR H 267 -1.91 15.17 62.57
N ILE H 268 -1.73 14.06 61.86
CA ILE H 268 -1.75 14.02 60.40
C ILE H 268 -2.60 12.83 59.96
N GLU H 269 -3.14 12.95 58.75
CA GLU H 269 -3.92 11.87 58.15
C GLU H 269 -3.96 12.08 56.64
N ASP H 270 -4.00 10.97 55.91
CA ASP H 270 -4.01 11.01 54.44
C ASP H 270 -5.40 11.33 53.90
N LEU I 113 -0.52 46.26 -10.14
CA LEU I 113 0.66 46.34 -9.29
C LEU I 113 0.47 45.57 -7.99
N ILE I 114 1.58 45.14 -7.38
CA ILE I 114 1.56 44.28 -6.22
C ILE I 114 2.55 44.82 -5.18
N ASN I 115 2.58 44.17 -4.02
CA ASN I 115 3.31 44.67 -2.85
C ASN I 115 4.66 43.95 -2.79
N MET I 116 5.67 44.55 -3.42
CA MET I 116 6.98 43.90 -3.48
C MET I 116 7.53 43.59 -2.09
N ARG I 117 7.11 44.34 -1.07
CA ARG I 117 7.58 44.04 0.28
C ARG I 117 7.11 42.66 0.72
N ARG I 118 5.81 42.40 0.63
CA ARG I 118 5.27 41.11 1.04
C ARG I 118 5.82 39.99 0.17
N TYR I 119 5.91 40.24 -1.15
CA TYR I 119 6.41 39.22 -2.05
C TYR I 119 7.86 38.86 -1.72
N ARG I 120 8.68 39.87 -1.42
CA ARG I 120 10.06 39.61 -1.01
C ARG I 120 10.10 38.83 0.29
N ASN I 121 9.26 39.21 1.26
CA ASN I 121 9.26 38.50 2.53
C ASN I 121 8.92 37.03 2.33
N ALA I 122 7.88 36.76 1.54
CA ALA I 122 7.49 35.39 1.29
C ALA I 122 8.60 34.61 0.61
N ALA I 123 9.20 35.19 -0.43
CA ALA I 123 10.27 34.49 -1.15
C ALA I 123 11.43 34.19 -0.21
N ARG I 124 11.83 35.18 0.60
CA ARG I 124 12.98 34.99 1.47
C ARG I 124 12.69 33.90 2.50
N LYS I 125 11.55 33.97 3.18
CA LYS I 125 11.24 32.96 4.18
C LYS I 125 11.17 31.57 3.55
N LEU I 126 10.59 31.48 2.34
CA LEU I 126 10.45 30.19 1.70
C LEU I 126 11.81 29.59 1.37
N ILE I 127 12.73 30.40 0.85
CA ILE I 127 14.05 29.86 0.55
C ILE I 127 14.78 29.51 1.84
N HIS I 128 14.59 30.30 2.89
CA HIS I 128 15.24 29.98 4.16
C HIS I 128 14.80 28.62 4.64
N HIS I 129 13.50 28.33 4.55
CA HIS I 129 13.01 27.02 4.96
C HIS I 129 13.56 25.92 4.06
N TYR I 130 13.53 26.13 2.74
CA TYR I 130 14.02 25.09 1.83
C TYR I 130 15.50 24.82 2.01
N SER I 131 16.30 25.87 2.22
CA SER I 131 17.74 25.73 2.40
C SER I 131 18.09 25.18 3.76
N LEU I 132 17.13 25.12 4.69
CA LEU I 132 17.30 24.63 6.04
C LEU I 132 18.23 25.51 6.87
N ASN I 133 18.68 26.65 6.34
CA ASN I 133 19.52 27.54 7.13
C ASN I 133 18.75 28.02 8.35
N SER I 134 17.50 28.46 8.15
CA SER I 134 16.70 28.98 9.25
C SER I 134 16.15 27.82 10.08
N THR I 135 16.52 27.78 11.36
CA THR I 135 15.93 26.81 12.27
C THR I 135 14.46 27.13 12.54
N SER I 136 13.99 28.31 12.15
CA SER I 136 12.59 28.66 12.34
C SER I 136 11.69 27.71 11.58
N SER I 137 10.52 27.44 12.16
CA SER I 137 9.52 26.58 11.54
C SER I 137 8.23 27.36 11.39
N THR I 138 7.65 27.33 10.20
CA THR I 138 6.38 27.99 9.94
C THR I 138 5.68 27.27 8.80
N GLU I 139 4.38 27.08 8.95
CA GLU I 139 3.59 26.47 7.89
C GLU I 139 3.48 27.42 6.71
N TYR I 140 3.62 26.88 5.50
CA TYR I 140 3.47 27.65 4.28
C TYR I 140 2.22 27.17 3.55
N LYS I 141 1.47 28.12 3.02
CA LYS I 141 0.27 27.82 2.23
C LYS I 141 0.59 27.94 0.74
N ILE I 142 -0.38 27.55 -0.08
CA ILE I 142 -0.26 27.76 -1.52
C ILE I 142 -0.06 29.25 -1.79
N SER I 143 -0.78 30.09 -1.07
CA SER I 143 -0.63 31.53 -1.21
C SER I 143 0.83 31.94 -1.06
N ASP I 144 1.56 31.30 -0.13
CA ASP I 144 2.94 31.69 0.10
C ASP I 144 3.83 31.37 -1.10
N VAL I 145 3.68 30.17 -1.68
CA VAL I 145 4.49 29.83 -2.83
C VAL I 145 4.13 30.70 -4.02
N VAL I 146 2.84 31.00 -4.19
CA VAL I 146 2.44 31.93 -5.25
C VAL I 146 3.12 33.27 -5.03
N MET I 147 3.11 33.75 -3.79
CA MET I 147 3.76 35.01 -3.44
C MET I 147 5.22 34.99 -3.85
N THR I 148 5.94 33.95 -3.42
CA THR I 148 7.37 33.87 -3.69
C THR I 148 7.65 33.85 -5.19
N MET I 149 6.93 33.00 -5.92
CA MET I 149 7.27 32.81 -7.32
C MET I 149 6.85 34.01 -8.15
N ILE I 150 5.78 34.70 -7.75
CA ILE I 150 5.46 35.97 -8.40
C ILE I 150 6.55 36.99 -8.13
N PHE I 151 7.07 37.01 -6.89
CA PHE I 151 8.22 37.87 -6.63
C PHE I 151 9.35 37.58 -7.61
N LEU I 152 9.65 36.29 -7.80
CA LEU I 152 10.70 35.92 -8.74
C LEU I 152 10.38 36.42 -10.15
N LEU I 153 9.13 36.24 -10.59
CA LEU I 153 8.75 36.74 -11.92
C LEU I 153 8.88 38.24 -12.01
N ARG I 154 8.82 38.94 -10.87
CA ARG I 154 9.00 40.39 -10.87
C ARG I 154 10.45 40.80 -10.67
N SER I 155 11.29 39.93 -10.12
CA SER I 155 12.68 40.28 -9.81
C SER I 155 13.53 39.98 -11.02
N GLU I 156 13.67 40.98 -11.90
CA GLU I 156 14.44 40.79 -13.13
C GLU I 156 15.83 40.25 -12.84
N LYS I 157 16.46 40.73 -11.77
CA LYS I 157 17.78 40.25 -11.41
C LYS I 157 17.73 38.76 -11.08
N TYR I 158 16.70 38.34 -10.37
CA TYR I 158 16.50 36.95 -9.97
C TYR I 158 15.74 36.15 -11.01
N HIS I 159 15.58 36.70 -12.22
CA HIS I 159 14.89 35.95 -13.26
C HIS I 159 15.68 34.72 -13.70
N SER I 160 16.98 34.66 -13.41
CA SER I 160 17.72 33.42 -13.64
C SER I 160 17.21 32.31 -12.72
N LEU I 161 17.09 32.61 -11.43
CA LEU I 161 16.45 31.66 -10.53
C LEU I 161 15.03 31.39 -10.96
N PHE I 162 14.38 32.38 -11.58
CA PHE I 162 13.02 32.19 -12.07
C PHE I 162 12.98 31.14 -13.17
N LYS I 163 13.91 31.21 -14.13
CA LYS I 163 13.97 30.15 -15.15
C LYS I 163 14.30 28.82 -14.50
N LEU I 164 15.15 28.81 -13.48
CA LEU I 164 15.47 27.53 -12.84
C LEU I 164 14.22 26.91 -12.22
N LEU I 165 13.44 27.71 -11.49
CA LEU I 165 12.21 27.19 -10.88
C LEU I 165 11.13 26.93 -11.91
N GLU I 166 11.25 27.51 -13.10
CA GLU I 166 10.35 27.12 -14.19
C GLU I 166 10.74 25.77 -14.76
N THR I 167 12.05 25.53 -14.93
CA THR I 167 12.53 24.24 -15.43
C THR I 167 12.28 23.13 -14.41
N THR I 168 12.20 23.47 -13.13
CA THR I 168 11.91 22.45 -12.12
C THR I 168 10.53 21.83 -12.32
N PHE I 169 9.64 22.48 -13.07
CA PHE I 169 8.34 21.90 -13.37
C PHE I 169 8.42 20.70 -14.30
N ASP I 170 9.59 20.43 -14.87
CA ASP I 170 9.77 19.37 -15.85
C ASP I 170 9.88 18.01 -15.14
N ASP I 171 10.41 17.02 -15.85
CA ASP I 171 10.53 15.64 -15.38
C ASP I 171 11.12 15.51 -13.99
N TYR I 172 11.74 16.57 -13.47
CA TYR I 172 12.39 16.63 -12.17
C TYR I 172 13.49 15.60 -12.00
N THR I 173 13.88 14.91 -13.08
CA THR I 173 15.10 14.12 -13.10
C THR I 173 16.24 14.83 -13.81
N CYS I 174 15.93 15.88 -14.58
CA CYS I 174 16.95 16.66 -15.23
C CYS I 174 17.83 17.37 -14.21
N ARG I 175 19.11 17.50 -14.52
CA ARG I 175 19.97 18.44 -13.81
C ARG I 175 20.27 19.59 -14.77
N PRO I 176 19.82 20.80 -14.48
CA PRO I 176 20.13 21.92 -15.40
C PRO I 176 21.62 22.20 -15.44
N GLN I 177 22.05 22.76 -16.57
CA GLN I 177 23.44 23.11 -16.79
C GLN I 177 23.53 24.56 -17.24
N MET I 178 24.62 25.22 -16.85
CA MET I 178 24.83 26.61 -17.19
C MET I 178 26.32 26.91 -17.10
N THR I 179 26.76 27.91 -17.86
CA THR I 179 28.17 28.26 -17.91
C THR I 179 28.61 28.85 -16.57
N GLN I 180 29.92 28.92 -16.40
CA GLN I 180 30.49 29.31 -15.10
C GLN I 180 30.05 30.72 -14.71
N VAL I 181 30.12 31.67 -15.65
CA VAL I 181 29.73 33.03 -15.32
C VAL I 181 28.24 33.09 -15.04
N GLN I 182 27.44 32.31 -15.75
CA GLN I 182 26.04 32.20 -15.39
C GLN I 182 25.91 31.65 -13.97
N THR I 183 26.83 30.77 -13.59
CA THR I 183 26.79 30.18 -12.25
C THR I 183 27.05 31.23 -11.18
N ASP I 184 28.09 32.04 -11.35
CA ASP I 184 28.36 33.03 -10.31
C ASP I 184 27.32 34.13 -10.33
N THR I 185 26.69 34.38 -11.49
CA THR I 185 25.54 35.29 -11.50
C THR I 185 24.39 34.73 -10.66
N LEU I 186 24.06 33.46 -10.84
CA LEU I 186 23.03 32.84 -10.02
C LEU I 186 23.39 32.89 -8.54
N LEU I 187 24.65 32.60 -8.21
CA LEU I 187 25.08 32.59 -6.82
C LEU I 187 24.99 33.98 -6.21
N ASP I 188 25.42 35.00 -6.95
CA ASP I 188 25.29 36.37 -6.46
C ASP I 188 23.82 36.74 -6.27
N ALA I 189 22.96 36.33 -7.20
CA ALA I 189 21.55 36.66 -7.09
C ALA I 189 20.94 36.03 -5.84
N VAL I 190 21.21 34.74 -5.60
CA VAL I 190 20.65 34.07 -4.45
C VAL I 190 21.23 34.64 -3.16
N ARG I 191 22.52 34.97 -3.17
CA ARG I 191 23.12 35.62 -1.99
C ARG I 191 22.48 36.97 -1.73
N SER I 192 22.17 37.71 -2.80
CA SER I 192 21.52 39.01 -2.62
C SER I 192 20.13 38.84 -2.03
N LEU I 193 19.36 37.86 -2.49
CA LEU I 193 18.02 37.70 -1.96
C LEU I 193 18.06 37.20 -0.53
N LEU I 194 19.00 36.30 -0.22
CA LEU I 194 19.16 35.77 1.13
C LEU I 194 19.81 36.76 2.09
N GLU I 195 20.68 37.62 1.59
CA GLU I 195 21.54 38.46 2.43
C GLU I 195 22.06 37.66 3.62
N MET I 196 22.72 36.55 3.33
CA MET I 196 23.27 35.69 4.36
C MET I 196 24.20 36.47 5.28
N THR I 200 28.95 31.54 3.55
CA THR I 200 28.45 31.95 2.24
C THR I 200 27.51 30.88 1.68
N ILE I 201 27.07 31.06 0.44
CA ILE I 201 26.15 30.14 -0.21
C ILE I 201 26.89 29.44 -1.34
N ASP I 202 26.36 28.29 -1.75
CA ASP I 202 27.04 27.42 -2.69
C ASP I 202 26.01 26.73 -3.59
N LEU I 203 26.51 25.86 -4.46
CA LEU I 203 25.64 25.20 -5.44
C LEU I 203 24.79 24.11 -4.79
N THR I 204 25.25 23.50 -3.71
CA THR I 204 24.42 22.52 -3.03
C THR I 204 23.13 23.17 -2.54
N THR I 205 23.21 24.43 -2.13
CA THR I 205 21.99 25.16 -1.79
C THR I 205 21.09 25.30 -3.01
N VAL I 206 21.67 25.52 -4.19
CA VAL I 206 20.87 25.62 -5.40
C VAL I 206 20.18 24.30 -5.69
N ASP I 207 20.90 23.18 -5.52
CA ASP I 207 20.28 21.87 -5.70
C ASP I 207 19.17 21.65 -4.68
N ILE I 208 19.37 22.11 -3.45
CA ILE I 208 18.32 22.01 -2.44
C ILE I 208 17.09 22.78 -2.91
N MET I 209 17.29 24.00 -3.40
CA MET I 209 16.19 24.80 -3.92
C MET I 209 15.45 24.05 -5.01
N ARG I 210 16.18 23.53 -5.99
CA ARG I 210 15.56 22.87 -7.13
C ARG I 210 14.80 21.63 -6.69
N SER I 211 15.40 20.82 -5.81
CA SER I 211 14.72 19.62 -5.34
C SER I 211 13.47 19.97 -4.56
N SER I 212 13.54 21.02 -3.74
CA SER I 212 12.35 21.45 -3.01
C SER I 212 11.26 21.89 -3.97
N PHE I 213 11.61 22.65 -5.01
CA PHE I 213 10.62 23.09 -5.97
C PHE I 213 9.98 21.89 -6.68
N ALA I 214 10.81 20.92 -7.08
CA ALA I 214 10.27 19.74 -7.75
C ALA I 214 9.34 18.96 -6.83
N ARG I 215 9.81 18.66 -5.61
CA ARG I 215 8.99 17.93 -4.65
C ARG I 215 7.73 18.69 -4.28
N CYS I 216 7.74 20.02 -4.42
CA CYS I 216 6.54 20.81 -4.20
C CYS I 216 5.57 20.64 -5.36
N PHE I 217 6.04 20.89 -6.58
CA PHE I 217 5.16 20.83 -7.75
C PHE I 217 4.49 19.48 -7.88
N ASN I 218 5.29 18.40 -7.87
CA ASN I 218 4.72 17.07 -8.03
C ASN I 218 3.76 16.71 -6.91
N SER I 219 3.84 17.39 -5.77
CA SER I 219 2.88 17.16 -4.70
C SER I 219 1.61 17.94 -4.96
N PRO I 220 0.46 17.31 -5.11
CA PRO I 220 -0.78 18.04 -5.35
C PRO I 220 -1.35 18.63 -4.06
N ILE I 221 -2.31 19.54 -4.23
CA ILE I 221 -2.91 20.22 -3.10
C ILE I 221 -3.54 19.19 -2.16
N MET I 222 -3.37 19.42 -0.86
CA MET I 222 -4.00 18.57 0.14
C MET I 222 -4.38 19.43 1.34
N ARG I 223 -5.39 18.96 2.09
CA ARG I 223 -5.85 19.71 3.24
C ARG I 223 -4.79 19.82 4.33
N TYR I 224 -3.75 19.00 4.27
CA TYR I 224 -2.70 19.01 5.28
C TYR I 224 -1.34 18.93 4.59
N ALA I 225 -0.31 19.30 5.33
CA ALA I 225 1.05 19.27 4.81
C ALA I 225 1.63 17.86 4.96
N LYS I 226 2.24 17.36 3.88
CA LYS I 226 2.93 16.08 3.91
C LYS I 226 4.38 16.33 4.29
N ILE I 227 4.82 15.74 5.40
CA ILE I 227 6.18 15.92 5.89
C ILE I 227 7.08 14.93 5.17
N VAL I 228 8.16 15.44 4.58
CA VAL I 228 8.98 14.69 3.64
C VAL I 228 10.43 14.69 4.13
N LEU I 229 11.26 13.91 3.43
CA LEU I 229 12.70 13.89 3.65
C LEU I 229 13.38 14.22 2.33
N LEU I 230 14.59 14.79 2.43
CA LEU I 230 15.25 15.34 1.27
C LEU I 230 15.71 14.22 0.34
N GLN I 231 15.25 14.26 -0.91
CA GLN I 231 15.60 13.28 -1.93
C GLN I 231 15.62 13.99 -3.28
N ASN I 232 15.56 13.23 -4.36
CA ASN I 232 15.61 13.78 -5.72
C ASN I 232 16.92 14.52 -5.93
N VAL I 233 18.02 13.93 -5.47
CA VAL I 233 19.35 14.54 -5.55
C VAL I 233 20.30 13.53 -6.17
N ALA I 234 21.22 14.04 -6.99
CA ALA I 234 22.22 13.20 -7.64
C ALA I 234 21.55 12.14 -8.52
N ASP I 238 23.35 9.59 -7.91
CA ASP I 238 22.31 8.84 -8.60
C ASP I 238 22.42 7.34 -8.28
N LYS I 239 23.62 6.90 -7.91
CA LYS I 239 23.85 5.51 -7.55
C LYS I 239 23.68 5.35 -6.04
N ARG I 240 22.63 4.64 -5.64
CA ARG I 240 22.26 4.55 -4.24
C ARG I 240 23.45 4.06 -3.42
N THR I 241 23.69 4.71 -2.29
CA THR I 241 24.86 4.44 -1.47
C THR I 241 24.43 4.17 -0.04
N THR I 242 25.18 3.30 0.63
CA THR I 242 24.93 2.95 2.03
C THR I 242 25.84 3.75 2.95
N LEU I 243 25.60 3.61 4.25
CA LEU I 243 26.46 4.24 5.23
C LEU I 243 27.77 3.49 5.43
N GLU I 244 27.75 2.16 5.26
CA GLU I 244 28.91 1.36 5.65
C GLU I 244 30.12 1.66 4.77
N GLU I 245 29.96 1.58 3.44
CA GLU I 245 31.10 1.84 2.58
C GLU I 245 31.44 3.33 2.53
N LEU I 246 30.44 4.19 2.76
CA LEU I 246 30.73 5.61 2.95
C LEU I 246 31.70 5.79 4.09
N LEU I 247 31.43 5.16 5.23
CA LEU I 247 32.33 5.17 6.38
C LEU I 247 33.69 4.57 6.02
N ILE I 248 33.69 3.48 5.25
CA ILE I 248 34.96 2.87 4.86
C ILE I 248 35.82 3.88 4.12
N GLU I 249 35.23 4.56 3.13
CA GLU I 249 35.98 5.54 2.36
C GLU I 249 36.46 6.68 3.24
N ARG I 250 35.59 7.19 4.12
CA ARG I 250 35.99 8.29 4.99
C ARG I 250 37.16 7.87 5.87
N GLY I 251 37.07 6.69 6.49
CA GLY I 251 38.14 6.24 7.35
C GLY I 251 39.44 6.06 6.60
N GLU I 252 39.39 5.48 5.40
CA GLU I 252 40.60 5.31 4.62
C GLU I 252 41.26 6.65 4.32
N LYS I 253 40.49 7.60 3.78
CA LYS I 253 41.07 8.89 3.43
C LYS I 253 41.63 9.60 4.65
N ILE I 254 40.92 9.56 5.78
CA ILE I 254 41.38 10.28 6.96
C ILE I 254 42.62 9.61 7.54
N GLN I 255 42.67 8.28 7.52
CA GLN I 255 43.87 7.58 7.95
C GLN I 255 45.06 7.91 7.07
N MET I 256 44.81 8.17 5.78
CA MET I 256 45.87 8.57 4.87
C MET I 256 46.24 10.04 4.98
N LEU I 257 45.56 10.81 5.83
CA LEU I 257 45.81 12.25 5.97
C LEU I 257 46.48 12.50 7.30
N GLN I 258 47.58 13.26 7.28
CA GLN I 258 48.38 13.49 8.48
C GLN I 258 47.67 14.46 9.41
N PRO I 259 47.63 14.17 10.72
CA PRO I 259 47.00 15.12 11.66
C PRO I 259 47.82 16.40 11.79
N GLN I 260 47.32 17.47 11.20
CA GLN I 260 48.08 18.71 11.12
C GLN I 260 48.38 19.30 12.49
N GLN I 261 47.64 18.90 13.54
CA GLN I 261 47.81 19.47 14.86
C GLN I 261 48.33 18.43 15.84
N TYR I 262 48.83 18.93 16.98
CA TYR I 262 49.37 18.07 18.02
C TYR I 262 49.31 18.84 19.33
N ILE I 263 48.40 18.45 20.22
CA ILE I 263 48.33 19.01 21.56
C ILE I 263 48.94 17.99 22.52
N ASN I 264 50.03 18.38 23.16
CA ASN I 264 50.85 17.48 23.96
C ASN I 264 50.50 17.60 25.44
N SER I 265 50.94 16.60 26.21
CA SER I 265 50.70 16.55 27.64
C SER I 265 49.21 16.56 27.95
N GLY I 266 48.86 16.38 29.22
CA GLY I 266 47.49 16.55 29.66
C GLY I 266 47.21 18.03 29.83
N THR I 267 47.02 18.72 28.71
CA THR I 267 46.97 20.18 28.72
C THR I 267 45.94 20.68 29.72
N GLU I 268 46.35 21.68 30.51
CA GLU I 268 45.46 22.22 31.54
C GLU I 268 44.22 22.83 30.92
N ILE I 269 43.08 22.60 31.57
CA ILE I 269 41.83 23.25 31.15
C ILE I 269 41.86 24.66 31.71
N PRO I 270 41.75 25.70 30.87
CA PRO I 270 41.74 27.07 31.42
C PRO I 270 40.36 27.49 31.92
N PHE I 271 39.90 26.80 32.97
CA PHE I 271 38.63 27.17 33.59
C PHE I 271 38.69 28.62 34.05
N CYS I 272 37.76 29.43 33.56
CA CYS I 272 37.73 30.84 33.95
C CYS I 272 37.21 30.95 35.38
N ASP I 273 38.13 30.93 36.35
CA ASP I 273 37.75 30.91 37.75
C ASP I 273 37.10 32.20 38.21
N ASP I 274 37.12 33.25 37.39
CA ASP I 274 36.56 34.53 37.80
C ASP I 274 35.06 34.39 38.00
N ALA I 275 34.63 34.34 39.26
CA ALA I 275 33.23 34.08 39.55
C ALA I 275 32.34 35.18 39.02
N GLU I 276 32.73 36.44 39.21
CA GLU I 276 31.91 37.55 38.72
C GLU I 276 31.82 37.52 37.20
N PHE I 277 32.86 37.05 36.53
CA PHE I 277 32.79 36.90 35.07
C PHE I 277 31.70 35.90 34.69
N LEU I 278 31.65 34.77 35.38
CA LEU I 278 30.61 33.79 35.12
C LEU I 278 29.23 34.35 35.47
N ASN I 279 29.14 35.18 36.51
CA ASN I 279 27.85 35.73 36.90
C ASN I 279 27.36 36.76 35.89
N ARG I 280 28.26 37.59 35.36
CA ARG I 280 27.86 38.52 34.31
C ARG I 280 27.45 37.76 33.05
N LEU I 281 28.19 36.72 32.68
CA LEU I 281 27.75 35.84 31.61
C LEU I 281 26.34 35.33 31.89
N LEU I 282 26.10 34.89 33.14
CA LEU I 282 24.82 34.31 33.49
C LEU I 282 23.69 35.33 33.32
N LYS I 283 23.83 36.51 33.94
CA LYS I 283 22.79 37.51 33.80
C LYS I 283 22.56 37.84 32.35
N HIS I 284 23.65 37.86 31.57
CA HIS I 284 23.57 38.22 30.16
C HIS I 284 22.87 37.14 29.35
N ILE I 285 22.88 35.89 29.81
CA ILE I 285 22.19 34.80 29.14
C ILE I 285 20.89 34.41 29.82
N ASP I 286 20.58 34.99 30.98
CA ASP I 286 19.36 34.62 31.69
C ASP I 286 18.10 34.88 30.86
N PRO I 287 17.94 36.03 30.20
CA PRO I 287 16.71 36.22 29.41
C PRO I 287 16.57 35.23 28.27
N TYR I 288 17.64 34.56 27.88
CA TYR I 288 17.59 33.63 26.77
C TYR I 288 16.65 32.47 27.09
N PRO I 289 15.61 32.22 26.27
CA PRO I 289 14.80 31.02 26.47
C PRO I 289 15.52 29.76 26.00
N LEU I 290 16.29 29.16 26.90
CA LEU I 290 17.07 27.95 26.63
C LEU I 290 16.30 26.91 25.84
N SER I 291 14.98 26.82 26.02
CA SER I 291 14.20 25.87 25.23
C SER I 291 14.32 26.17 23.75
N ARG I 292 14.19 27.45 23.39
CA ARG I 292 14.45 27.86 22.02
C ARG I 292 15.87 27.50 21.60
N MET I 293 16.81 27.52 22.54
CA MET I 293 18.18 27.14 22.24
C MET I 293 18.27 25.67 21.88
N TYR I 294 17.59 24.82 22.66
CA TYR I 294 17.49 23.41 22.33
C TYR I 294 16.91 23.23 20.94
N TYR I 295 15.81 23.93 20.66
CA TYR I 295 15.14 23.78 19.37
C TYR I 295 16.07 24.14 18.22
N ASN I 296 16.66 25.34 18.29
CA ASN I 296 17.52 25.79 17.20
C ASN I 296 18.72 24.85 17.02
N ALA I 297 19.37 24.48 18.13
CA ALA I 297 20.56 23.65 18.03
C ALA I 297 20.23 22.28 17.44
N ALA I 298 19.19 21.63 17.97
CA ALA I 298 18.84 20.31 17.48
C ALA I 298 18.42 20.37 16.01
N ASN I 299 17.67 21.40 15.63
CA ASN I 299 17.23 21.51 14.25
C ASN I 299 18.41 21.72 13.30
N THR I 300 19.35 22.59 13.68
CA THR I 300 20.53 22.79 12.82
C THR I 300 21.37 21.52 12.72
N MET I 301 21.53 20.81 13.85
CA MET I 301 22.24 19.53 13.82
C MET I 301 21.57 18.57 12.84
N PHE I 302 20.24 18.44 12.94
CA PHE I 302 19.52 17.54 12.03
C PHE I 302 19.68 17.99 10.58
N TYR I 303 19.59 19.29 10.33
CA TYR I 303 19.70 19.78 8.96
C TYR I 303 21.05 19.39 8.36
N THR I 304 22.14 19.66 9.10
CA THR I 304 23.46 19.34 8.58
C THR I 304 23.63 17.84 8.41
N THR I 305 23.15 17.05 9.36
CA THR I 305 23.26 15.59 9.23
C THR I 305 22.53 15.12 7.98
N MET I 306 21.30 15.56 7.79
CA MET I 306 20.50 15.03 6.69
C MET I 306 21.03 15.51 5.35
N GLU I 307 21.47 16.77 5.25
CA GLU I 307 22.05 17.21 3.99
C GLU I 307 23.35 16.47 3.69
N ASN I 308 24.17 16.20 4.72
CA ASN I 308 25.37 15.42 4.48
C ASN I 308 25.02 14.01 4.00
N TYR I 309 23.93 13.45 4.50
CA TYR I 309 23.47 12.17 3.97
C TYR I 309 23.05 12.29 2.51
N ALA I 310 22.28 13.33 2.20
CA ALA I 310 21.75 13.48 0.84
C ALA I 310 22.89 13.69 -0.17
N VAL I 311 23.84 14.56 0.16
CA VAL I 311 24.95 14.83 -0.73
C VAL I 311 25.82 13.58 -0.88
N SER I 312 26.08 12.89 0.23
CA SER I 312 26.80 11.62 0.17
C SER I 312 25.98 10.54 -0.52
N ASN I 313 24.70 10.79 -0.76
CA ASN I 313 23.81 9.81 -1.38
C ASN I 313 23.67 8.56 -0.52
N CYS I 314 23.95 8.71 0.76
CA CYS I 314 23.77 7.65 1.74
C CYS I 314 22.37 7.76 2.36
N LYS I 315 21.67 6.63 2.43
CA LYS I 315 20.35 6.62 3.02
C LYS I 315 20.40 7.18 4.44
N PHE I 316 19.76 8.33 4.67
CA PHE I 316 19.65 8.83 6.03
C PHE I 316 18.73 7.93 6.84
N ASN I 317 19.17 7.59 8.03
CA ASN I 317 18.44 6.67 8.91
C ASN I 317 17.91 7.50 10.09
N ILE I 318 16.73 8.09 9.90
CA ILE I 318 16.08 8.83 10.96
C ILE I 318 15.81 7.95 12.18
N GLU I 319 15.72 6.64 11.98
CA GLU I 319 15.33 5.75 13.08
C GLU I 319 16.41 5.73 14.16
N ASP I 320 17.67 5.53 13.77
CA ASP I 320 18.74 5.56 14.77
C ASP I 320 18.98 6.98 15.28
N TYR I 321 18.78 7.97 14.42
CA TYR I 321 18.84 9.35 14.89
C TYR I 321 17.87 9.56 16.06
N ASN I 322 16.68 8.98 15.97
CA ASN I 322 15.75 9.07 17.09
C ASN I 322 16.17 8.15 18.24
N ASN I 323 16.78 7.00 17.91
CA ASN I 323 17.30 6.15 18.97
C ASN I 323 18.29 6.90 19.84
N ILE I 324 18.92 7.94 19.27
CA ILE I 324 19.75 8.81 20.10
C ILE I 324 18.90 9.47 21.19
N PHE I 325 17.76 10.04 20.82
CA PHE I 325 16.88 10.64 21.82
C PHE I 325 16.36 9.60 22.79
N LYS I 326 16.06 8.40 22.29
CA LYS I 326 15.62 7.31 23.16
C LYS I 326 16.68 6.97 24.19
N VAL I 327 17.94 6.89 23.78
CA VAL I 327 19.02 6.64 24.71
C VAL I 327 19.10 7.74 25.75
N MET I 328 19.05 8.99 25.28
CA MET I 328 19.00 10.13 26.19
C MET I 328 17.90 9.95 27.24
N GLU I 329 16.70 9.62 26.80
CA GLU I 329 15.59 9.43 27.74
C GLU I 329 15.89 8.30 28.71
N ASN I 330 16.48 7.21 28.23
CA ASN I 330 16.76 6.08 29.09
C ASN I 330 17.74 6.46 30.19
N ILE I 331 18.77 7.23 29.87
CA ILE I 331 19.79 7.58 30.84
C ILE I 331 19.56 9.00 31.34
N GLU J 112 9.57 33.37 -25.91
CA GLU J 112 8.42 33.35 -25.01
C GLU J 112 8.83 32.85 -23.63
N LEU J 113 8.54 33.65 -22.60
CA LEU J 113 8.92 33.26 -21.25
C LEU J 113 8.18 31.99 -20.82
N ILE J 114 6.89 31.89 -21.15
CA ILE J 114 6.07 30.76 -20.75
C ILE J 114 5.26 30.30 -21.96
N ASN J 115 5.39 29.02 -22.30
CA ASN J 115 4.58 28.48 -23.39
C ASN J 115 3.11 28.67 -23.04
N MET J 116 2.42 29.54 -23.77
CA MET J 116 1.10 30.00 -23.34
C MET J 116 0.03 28.94 -23.52
N ARG J 117 0.28 27.93 -24.37
CA ARG J 117 -0.76 26.95 -24.66
C ARG J 117 -1.16 26.17 -23.40
N ARG J 118 -0.18 25.60 -22.70
CA ARG J 118 -0.49 24.83 -21.51
C ARG J 118 -1.07 25.72 -20.43
N TYR J 119 -0.65 26.99 -20.40
CA TYR J 119 -1.23 27.94 -19.46
C TYR J 119 -2.71 28.15 -19.73
N ARG J 120 -3.07 28.39 -21.00
CA ARG J 120 -4.48 28.45 -21.37
C ARG J 120 -5.22 27.20 -20.91
N ASN J 121 -4.68 26.03 -21.27
CA ASN J 121 -5.39 24.79 -21.02
C ASN J 121 -5.57 24.54 -19.53
N ALA J 122 -4.52 24.75 -18.75
CA ALA J 122 -4.60 24.52 -17.31
C ALA J 122 -5.59 25.48 -16.67
N ALA J 123 -5.52 26.76 -17.01
CA ALA J 123 -6.49 27.71 -16.48
C ALA J 123 -7.89 27.26 -16.80
N ARG J 124 -8.14 26.91 -18.07
CA ARG J 124 -9.47 26.49 -18.49
C ARG J 124 -9.96 25.32 -17.65
N LYS J 125 -9.15 24.25 -17.56
CA LYS J 125 -9.62 23.05 -16.91
C LYS J 125 -9.82 23.27 -15.41
N LEU J 126 -8.89 23.95 -14.75
CA LEU J 126 -9.10 24.25 -13.33
C LEU J 126 -10.38 25.04 -13.10
N ILE J 127 -10.56 26.16 -13.82
CA ILE J 127 -11.74 26.96 -13.55
C ILE J 127 -13.00 26.16 -13.89
N HIS J 128 -12.91 25.29 -14.90
CA HIS J 128 -14.05 24.48 -15.29
C HIS J 128 -14.44 23.51 -14.18
N HIS J 129 -13.44 22.85 -13.58
CA HIS J 129 -13.73 21.94 -12.48
C HIS J 129 -14.25 22.69 -11.25
N TYR J 130 -13.69 23.88 -10.99
CA TYR J 130 -14.20 24.68 -9.89
C TYR J 130 -15.67 25.03 -10.11
N SER J 131 -16.03 25.43 -11.33
CA SER J 131 -17.43 25.68 -11.66
C SER J 131 -18.26 24.41 -11.48
N LEU J 132 -17.70 23.26 -11.84
CA LEU J 132 -18.35 21.99 -11.52
C LEU J 132 -18.56 21.84 -10.02
N ASN J 133 -17.62 22.33 -9.22
CA ASN J 133 -17.70 22.21 -7.77
C ASN J 133 -16.54 22.93 -7.09
N GLU J 139 -7.44 15.32 -8.62
CA GLU J 139 -7.33 15.29 -10.08
C GLU J 139 -6.35 16.34 -10.57
N TYR J 140 -6.17 17.40 -9.79
CA TYR J 140 -5.26 18.49 -10.12
C TYR J 140 -4.03 18.43 -9.22
N LYS J 141 -3.18 19.44 -9.36
CA LYS J 141 -1.92 19.49 -8.66
C LYS J 141 -1.59 20.95 -8.39
N ILE J 142 -0.77 21.20 -7.38
CA ILE J 142 -0.46 22.58 -7.03
C ILE J 142 0.25 23.27 -8.18
N SER J 143 1.17 22.55 -8.85
CA SER J 143 1.82 23.12 -10.02
C SER J 143 0.79 23.54 -11.06
N ASP J 144 -0.32 22.80 -11.17
CA ASP J 144 -1.37 23.21 -12.09
C ASP J 144 -1.92 24.58 -11.72
N VAL J 145 -2.17 24.80 -10.42
CA VAL J 145 -2.63 26.11 -9.97
C VAL J 145 -1.58 27.16 -10.30
N VAL J 146 -0.30 26.81 -10.18
CA VAL J 146 0.77 27.74 -10.51
C VAL J 146 0.69 28.14 -11.98
N MET J 147 0.53 27.15 -12.87
CA MET J 147 0.45 27.45 -14.30
C MET J 147 -0.78 28.28 -14.61
N THR J 148 -1.90 27.98 -13.95
CA THR J 148 -3.12 28.76 -14.22
C THR J 148 -2.99 30.20 -13.76
N MET J 149 -2.42 30.41 -12.57
CA MET J 149 -2.28 31.77 -12.07
C MET J 149 -1.27 32.55 -12.91
N ILE J 150 -0.23 31.90 -13.42
CA ILE J 150 0.69 32.60 -14.31
C ILE J 150 0.04 32.83 -15.67
N PHE J 151 -0.80 31.91 -16.14
CA PHE J 151 -1.61 32.19 -17.32
C PHE J 151 -2.36 33.49 -17.13
N LEU J 152 -3.08 33.58 -16.02
CA LEU J 152 -3.75 34.80 -15.64
C LEU J 152 -2.78 35.96 -15.75
N LEU J 153 -1.73 35.94 -14.93
CA LEU J 153 -0.82 37.09 -14.82
C LEU J 153 -0.33 37.55 -16.18
N ARG J 154 -0.01 36.61 -17.07
CA ARG J 154 0.44 36.98 -18.40
C ARG J 154 -0.65 37.70 -19.19
N SER J 155 -1.88 37.21 -19.08
CA SER J 155 -3.01 37.76 -19.83
C SER J 155 -3.28 39.18 -19.34
N GLU J 156 -2.91 40.16 -20.17
CA GLU J 156 -3.17 41.56 -19.83
C GLU J 156 -4.66 41.85 -19.70
N LYS J 157 -5.50 41.10 -20.41
CA LYS J 157 -6.92 41.38 -20.41
C LYS J 157 -7.59 41.01 -19.09
N TYR J 158 -6.90 40.29 -18.20
CA TYR J 158 -7.50 39.74 -16.99
C TYR J 158 -6.90 40.36 -15.72
N HIS J 159 -6.67 41.67 -15.74
CA HIS J 159 -6.11 42.33 -14.56
C HIS J 159 -7.11 42.37 -13.41
N SER J 160 -8.40 42.54 -13.74
CA SER J 160 -9.43 42.45 -12.70
C SER J 160 -9.31 41.14 -11.95
N LEU J 161 -9.15 40.04 -12.69
CA LEU J 161 -8.92 38.76 -12.04
C LEU J 161 -7.58 38.72 -11.33
N PHE J 162 -6.56 39.43 -11.84
CA PHE J 162 -5.29 39.45 -11.12
C PHE J 162 -5.58 39.87 -9.71
N LYS J 163 -6.27 40.99 -9.57
CA LYS J 163 -6.44 41.61 -8.27
C LYS J 163 -7.46 40.84 -7.44
N LEU J 164 -8.47 40.26 -8.08
CA LEU J 164 -9.41 39.40 -7.37
C LEU J 164 -8.66 38.26 -6.68
N LEU J 165 -7.85 37.52 -7.43
CA LEU J 165 -7.17 36.37 -6.86
C LEU J 165 -6.02 36.79 -5.96
N GLU J 166 -5.45 37.98 -6.19
CA GLU J 166 -4.45 38.51 -5.28
C GLU J 166 -5.05 38.78 -3.90
N THR J 167 -6.18 39.47 -3.87
CA THR J 167 -6.85 39.74 -2.60
C THR J 167 -7.29 38.45 -1.94
N THR J 168 -7.83 37.51 -2.72
CA THR J 168 -8.34 36.28 -2.11
C THR J 168 -7.30 35.58 -1.27
N PHE J 169 -6.02 35.74 -1.60
CA PHE J 169 -4.96 35.14 -0.81
C PHE J 169 -5.16 35.43 0.67
N ASP J 170 -4.71 34.51 1.50
CA ASP J 170 -4.81 34.65 2.97
C ASP J 170 -6.29 34.74 3.29
N ASP J 171 -6.75 35.75 4.03
CA ASP J 171 -8.16 35.96 4.24
C ASP J 171 -8.84 36.27 2.91
N TYR J 172 -10.16 36.40 2.90
CA TYR J 172 -10.91 36.58 1.67
C TYR J 172 -11.08 38.06 1.34
N THR J 173 -10.45 38.95 2.12
CA THR J 173 -10.16 40.34 1.76
C THR J 173 -11.38 41.13 1.31
N CYS J 174 -11.59 41.24 0.00
CA CYS J 174 -12.78 41.90 -0.53
C CYS J 174 -12.92 41.61 -2.01
N ARG J 175 -14.06 41.08 -2.41
CA ARG J 175 -14.44 41.13 -3.82
C ARG J 175 -14.53 42.60 -4.20
N PRO J 176 -13.80 43.06 -5.21
CA PRO J 176 -13.95 44.47 -5.60
C PRO J 176 -15.35 44.75 -6.11
N GLN J 177 -15.85 45.94 -5.78
CA GLN J 177 -17.11 46.42 -6.33
C GLN J 177 -16.81 47.11 -7.66
N MET J 178 -17.36 46.57 -8.74
CA MET J 178 -16.98 46.96 -10.08
C MET J 178 -18.19 47.49 -10.84
N THR J 179 -17.94 48.48 -11.70
CA THR J 179 -18.96 48.95 -12.61
C THR J 179 -19.47 47.81 -13.49
N GLN J 180 -20.77 47.81 -13.76
CA GLN J 180 -21.38 46.68 -14.45
C GLN J 180 -20.75 46.44 -15.82
N VAL J 181 -20.24 47.49 -16.46
CA VAL J 181 -19.54 47.28 -17.73
C VAL J 181 -18.29 46.43 -17.50
N GLN J 182 -17.54 46.71 -16.43
CA GLN J 182 -16.42 45.86 -16.10
C GLN J 182 -16.89 44.47 -15.69
N THR J 183 -18.08 44.36 -15.11
CA THR J 183 -18.65 43.05 -14.85
C THR J 183 -18.86 42.26 -16.13
N ASP J 184 -19.39 42.91 -17.16
CA ASP J 184 -19.52 42.27 -18.46
C ASP J 184 -18.17 41.91 -19.03
N THR J 185 -17.19 42.80 -18.85
CA THR J 185 -15.83 42.50 -19.33
C THR J 185 -15.30 41.23 -18.70
N LEU J 186 -15.38 41.12 -17.37
CA LEU J 186 -14.87 39.93 -16.71
C LEU J 186 -15.69 38.70 -17.04
N LEU J 187 -17.00 38.86 -17.21
CA LEU J 187 -17.83 37.72 -17.61
C LEU J 187 -17.45 37.20 -18.98
N ASP J 188 -17.16 38.12 -19.92
CA ASP J 188 -16.69 37.70 -21.23
C ASP J 188 -15.31 37.07 -21.13
N ALA J 189 -14.44 37.62 -20.28
CA ALA J 189 -13.14 37.00 -20.04
C ALA J 189 -13.31 35.55 -19.61
N VAL J 190 -14.27 35.29 -18.72
CA VAL J 190 -14.51 33.93 -18.27
C VAL J 190 -15.06 33.08 -19.40
N ARG J 191 -16.10 33.58 -20.08
CA ARG J 191 -16.73 32.81 -21.15
C ARG J 191 -15.76 32.45 -22.25
N SER J 192 -14.75 33.29 -22.47
CA SER J 192 -13.75 32.98 -23.49
C SER J 192 -13.00 31.70 -23.14
N LEU J 193 -12.67 31.52 -21.87
CA LEU J 193 -11.99 30.32 -21.40
C LEU J 193 -12.91 29.10 -21.34
N LEU J 194 -14.15 29.22 -21.79
CA LEU J 194 -15.06 28.08 -21.92
C LEU J 194 -15.58 27.98 -23.35
N SER J 198 -20.31 31.08 -25.21
CA SER J 198 -19.96 30.03 -24.26
C SER J 198 -21.11 29.81 -23.28
N THR J 199 -20.83 29.09 -22.19
CA THR J 199 -21.86 28.78 -21.22
C THR J 199 -22.40 30.05 -20.55
N THR J 200 -23.65 29.97 -20.13
CA THR J 200 -24.24 31.06 -19.35
C THR J 200 -23.63 31.08 -17.96
N ILE J 201 -23.40 32.28 -17.43
CA ILE J 201 -22.72 32.49 -16.17
C ILE J 201 -23.37 33.65 -15.44
N ASP J 202 -22.89 33.93 -14.23
CA ASP J 202 -23.38 35.03 -13.41
C ASP J 202 -22.35 35.31 -12.34
N LEU J 203 -22.50 36.46 -11.67
CA LEU J 203 -21.58 36.82 -10.62
C LEU J 203 -21.58 35.82 -9.46
N THR J 204 -22.69 35.10 -9.27
CA THR J 204 -22.73 34.10 -8.21
C THR J 204 -21.71 33.00 -8.47
N THR J 205 -21.65 32.51 -9.71
CA THR J 205 -20.71 31.44 -10.02
C THR J 205 -19.27 31.91 -9.88
N VAL J 206 -18.96 33.11 -10.37
CA VAL J 206 -17.58 33.58 -10.29
C VAL J 206 -17.18 33.85 -8.84
N ASP J 207 -18.13 34.32 -8.02
CA ASP J 207 -17.81 34.49 -6.61
C ASP J 207 -17.62 33.15 -5.90
N ILE J 208 -18.38 32.13 -6.29
CA ILE J 208 -18.10 30.78 -5.80
C ILE J 208 -16.70 30.37 -6.22
N MET J 209 -16.30 30.70 -7.45
CA MET J 209 -14.96 30.36 -7.91
C MET J 209 -13.93 31.06 -7.05
N ARG J 210 -14.21 32.33 -6.74
CA ARG J 210 -13.30 33.13 -5.93
C ARG J 210 -13.13 32.52 -4.55
N SER J 211 -14.22 32.13 -3.92
CA SER J 211 -14.14 31.49 -2.60
C SER J 211 -13.36 30.19 -2.67
N SER J 212 -13.63 29.37 -3.69
CA SER J 212 -12.93 28.10 -3.82
C SER J 212 -11.43 28.31 -4.01
N PHE J 213 -11.05 29.24 -4.88
CA PHE J 213 -9.64 29.48 -5.12
C PHE J 213 -8.97 30.10 -3.90
N ALA J 214 -9.69 30.95 -3.17
CA ALA J 214 -9.14 31.49 -1.92
C ALA J 214 -8.88 30.37 -0.92
N ARG J 215 -9.84 29.45 -0.78
CA ARG J 215 -9.64 28.30 0.09
C ARG J 215 -8.42 27.49 -0.33
N CYS J 216 -8.31 27.21 -1.63
CA CYS J 216 -7.18 26.43 -2.12
C CYS J 216 -5.87 27.14 -1.84
N PHE J 217 -5.83 28.47 -2.03
CA PHE J 217 -4.65 29.23 -1.66
C PHE J 217 -4.28 29.02 -0.21
N ASN J 218 -5.28 29.08 0.68
CA ASN J 218 -5.06 28.89 2.10
C ASN J 218 -4.84 27.43 2.48
N SER J 219 -4.98 26.50 1.54
CA SER J 219 -4.66 25.12 1.83
C SER J 219 -3.16 24.96 2.06
N PRO J 220 -2.76 24.06 2.94
CA PRO J 220 -1.33 23.88 3.23
C PRO J 220 -0.59 23.20 2.10
N ILE J 221 0.73 23.37 2.10
CA ILE J 221 1.60 22.70 1.14
C ILE J 221 2.53 21.78 1.92
N MET J 222 3.43 21.08 1.22
CA MET J 222 4.31 20.13 1.87
C MET J 222 5.20 20.83 2.90
N ARG J 223 5.92 20.01 3.66
CA ARG J 223 6.81 20.52 4.70
C ARG J 223 7.86 19.47 4.99
N TYR J 224 8.94 19.88 5.64
CA TYR J 224 9.99 18.97 6.08
C TYR J 224 9.79 18.61 7.54
N ALA J 225 10.52 17.60 7.99
CA ALA J 225 10.47 17.19 9.38
C ALA J 225 11.10 18.28 10.26
N LYS J 226 11.04 18.06 11.57
CA LYS J 226 11.54 19.04 12.52
C LYS J 226 11.81 18.35 13.84
N ILE J 227 12.62 19.01 14.68
CA ILE J 227 12.94 18.50 16.00
C ILE J 227 11.99 19.15 17.00
N VAL J 228 11.25 18.32 17.74
CA VAL J 228 10.21 18.77 18.65
C VAL J 228 10.70 18.64 20.08
N LEU J 229 10.42 19.65 20.90
CA LEU J 229 10.83 19.67 22.30
C LEU J 229 9.65 19.24 23.16
N LEU J 230 9.73 18.03 23.70
CA LEU J 230 8.74 17.53 24.64
C LEU J 230 9.18 17.82 26.06
N GLN J 231 8.28 18.36 26.87
CA GLN J 231 8.60 18.76 28.23
C GLN J 231 8.64 17.54 29.14
N ASN J 232 9.65 17.48 29.98
CA ASN J 232 9.85 16.35 30.89
C ASN J 232 9.46 16.71 32.32
N ASP J 238 9.11 11.36 39.68
CA ASP J 238 8.66 10.21 40.46
C ASP J 238 9.67 9.83 41.54
N LYS J 239 10.95 10.19 41.31
CA LYS J 239 12.00 9.91 42.27
C LYS J 239 12.25 11.15 43.12
N ARG J 240 12.22 10.98 44.43
CA ARG J 240 12.43 12.07 45.37
C ARG J 240 13.74 11.84 46.12
N THR J 241 14.61 12.85 46.08
CA THR J 241 15.77 12.89 46.95
C THR J 241 15.41 12.42 48.35
N THR J 242 16.26 11.60 48.94
CA THR J 242 16.02 11.16 50.31
C THR J 242 16.50 12.21 51.30
N LEU J 243 16.00 12.10 52.54
CA LEU J 243 16.24 13.15 53.52
C LEU J 243 17.70 13.17 53.98
N GLU J 244 18.31 12.00 54.18
CA GLU J 244 19.65 11.97 54.77
C GLU J 244 20.67 12.63 53.84
N GLU J 245 20.62 12.30 52.55
CA GLU J 245 21.59 12.89 51.62
C GLU J 245 21.32 14.38 51.45
N LEU J 246 20.05 14.78 51.47
CA LEU J 246 19.71 16.19 51.39
C LEU J 246 20.28 16.95 52.58
N LEU J 247 20.15 16.38 53.78
CA LEU J 247 20.74 17.00 54.96
C LEU J 247 22.25 17.08 54.81
N ILE J 248 22.88 16.03 54.30
CA ILE J 248 24.33 16.05 54.10
C ILE J 248 24.71 17.18 53.16
N GLU J 249 24.01 17.28 52.02
CA GLU J 249 24.35 18.26 51.00
C GLU J 249 24.14 19.68 51.50
N ARG J 250 23.08 19.90 52.28
CA ARG J 250 22.87 21.23 52.84
C ARG J 250 23.92 21.56 53.89
N GLY J 251 24.16 20.64 54.82
CA GLY J 251 25.11 20.91 55.89
C GLY J 251 26.51 21.14 55.40
N GLU J 252 26.92 20.44 54.34
CA GLU J 252 28.29 20.56 53.86
C GLU J 252 28.66 22.02 53.60
N LYS J 253 27.73 22.80 53.06
CA LYS J 253 27.96 24.21 52.79
C LYS J 253 27.36 25.13 53.85
N ILE J 254 26.47 24.61 54.71
CA ILE J 254 26.03 25.39 55.86
C ILE J 254 27.20 25.60 56.82
N GLN J 255 28.03 24.58 57.02
CA GLN J 255 29.13 24.68 57.97
C GLN J 255 30.12 25.78 57.55
N MET J 256 30.48 25.81 56.27
CA MET J 256 31.43 26.80 55.79
C MET J 256 30.90 28.22 55.88
N LEU J 257 29.60 28.40 56.08
CA LEU J 257 29.05 29.75 56.22
C LEU J 257 29.72 30.47 57.38
N GLN J 258 30.11 31.71 57.14
CA GLN J 258 30.81 32.49 58.14
C GLN J 258 29.84 32.95 59.23
N PRO J 259 30.11 32.68 60.50
CA PRO J 259 29.24 33.23 61.56
C PRO J 259 29.16 34.74 61.47
N GLN J 260 27.95 35.26 61.65
CA GLN J 260 27.67 36.68 61.47
C GLN J 260 27.74 37.47 62.76
N GLN J 261 27.04 37.03 63.81
CA GLN J 261 26.92 37.79 65.04
C GLN J 261 27.54 37.02 66.20
N TYR J 262 28.06 37.77 67.17
CA TYR J 262 28.76 37.22 68.33
C TYR J 262 28.01 37.67 69.58
N ILE J 263 27.00 36.89 69.97
CA ILE J 263 26.22 37.19 71.16
C ILE J 263 26.06 35.87 71.92
N ASP J 273 9.54 41.73 81.76
CA ASP J 273 9.76 41.82 83.20
C ASP J 273 8.63 42.59 83.88
N ASP J 274 8.05 43.54 83.16
CA ASP J 274 6.96 44.34 83.70
C ASP J 274 5.76 43.46 84.02
N ALA J 275 5.11 43.74 85.15
CA ALA J 275 3.99 42.95 85.65
C ALA J 275 2.64 43.52 85.22
N GLU J 276 2.43 44.82 85.40
CA GLU J 276 1.17 45.42 84.95
C GLU J 276 1.06 45.34 83.44
N PHE J 277 2.18 45.47 82.73
CA PHE J 277 2.17 45.25 81.29
C PHE J 277 1.83 43.79 80.99
N LEU J 278 2.27 42.86 81.83
CA LEU J 278 1.88 41.47 81.67
C LEU J 278 0.38 41.31 81.77
N ASN J 279 -0.23 41.95 82.77
CA ASN J 279 -1.68 41.87 82.93
C ASN J 279 -2.40 42.53 81.76
N ARG J 280 -1.89 43.66 81.27
CA ARG J 280 -2.50 44.32 80.13
C ARG J 280 -2.43 43.43 78.89
N LEU J 281 -1.31 42.75 78.68
CA LEU J 281 -1.18 41.81 77.57
C LEU J 281 -2.17 40.66 77.73
N LEU J 282 -2.31 40.15 78.96
CA LEU J 282 -3.30 39.11 79.22
C LEU J 282 -4.69 39.59 78.83
N LYS J 283 -5.05 40.80 79.23
CA LYS J 283 -6.36 41.34 78.88
C LYS J 283 -6.51 41.47 77.37
N HIS J 284 -5.46 41.92 76.68
CA HIS J 284 -5.53 42.07 75.24
C HIS J 284 -5.75 40.73 74.55
N ILE J 285 -5.09 39.67 75.05
CA ILE J 285 -5.23 38.35 74.46
C ILE J 285 -6.44 37.59 74.98
N ASP J 286 -7.09 38.08 76.03
CA ASP J 286 -8.24 37.37 76.59
C ASP J 286 -9.35 37.12 75.57
N PRO J 287 -9.76 38.08 74.74
CA PRO J 287 -10.90 37.85 73.85
C PRO J 287 -10.60 36.98 72.64
N TYR J 288 -9.47 36.28 72.59
CA TYR J 288 -9.12 35.45 71.45
C TYR J 288 -9.10 33.98 71.85
N PRO J 289 -9.53 33.08 70.96
CA PRO J 289 -9.48 31.64 71.27
C PRO J 289 -8.10 31.07 70.99
N LEU J 290 -7.45 30.58 72.05
CA LEU J 290 -6.13 29.97 71.90
C LEU J 290 -6.16 28.73 71.02
N SER J 291 -7.32 28.07 70.93
CA SER J 291 -7.42 26.90 70.06
C SER J 291 -7.12 27.29 68.62
N ARG J 292 -7.66 28.42 68.16
CA ARG J 292 -7.38 28.87 66.80
C ARG J 292 -5.90 29.19 66.62
N MET J 293 -5.25 29.70 67.67
CA MET J 293 -3.83 30.01 67.56
C MET J 293 -2.99 28.75 67.42
N TYR J 294 -3.20 27.76 68.30
CA TYR J 294 -2.54 26.47 68.15
C TYR J 294 -2.81 25.89 66.76
N TYR J 295 -4.09 25.90 66.36
CA TYR J 295 -4.49 25.49 65.02
C TYR J 295 -3.58 26.11 63.95
N ASN J 296 -3.59 27.44 63.87
CA ASN J 296 -2.88 28.13 62.80
C ASN J 296 -1.39 27.83 62.85
N ALA J 297 -0.79 27.88 64.05
CA ALA J 297 0.65 27.67 64.14
C ALA J 297 1.03 26.27 63.70
N ALA J 298 0.30 25.25 64.18
CA ALA J 298 0.63 23.87 63.82
C ALA J 298 0.48 23.64 62.33
N ASN J 299 -0.66 24.08 61.76
CA ASN J 299 -0.87 23.88 60.34
C ASN J 299 0.17 24.63 59.52
N THR J 300 0.53 25.83 59.96
CA THR J 300 1.53 26.62 59.25
C THR J 300 2.89 25.92 59.25
N MET J 301 3.32 25.42 60.40
CA MET J 301 4.60 24.72 60.46
C MET J 301 4.58 23.47 59.60
N PHE J 302 3.50 22.69 59.67
CA PHE J 302 3.39 21.51 58.83
C PHE J 302 3.53 21.88 57.36
N TYR J 303 2.78 22.91 56.93
CA TYR J 303 2.89 23.35 55.55
C TYR J 303 4.32 23.74 55.24
N THR J 304 4.99 24.42 56.17
CA THR J 304 6.36 24.85 55.95
C THR J 304 7.26 23.67 55.66
N THR J 305 7.24 22.69 56.55
CA THR J 305 8.12 21.54 56.41
C THR J 305 7.82 20.81 55.11
N MET J 306 6.54 20.57 54.83
CA MET J 306 6.21 19.73 53.68
C MET J 306 6.46 20.46 52.37
N GLU J 307 6.25 21.78 52.33
CA GLU J 307 6.50 22.52 51.10
C GLU J 307 7.99 22.70 50.87
N ASN J 308 8.77 22.92 51.92
CA ASN J 308 10.22 22.96 51.76
C ASN J 308 10.75 21.60 51.30
N TYR J 309 10.15 20.51 51.80
CA TYR J 309 10.48 19.19 51.28
C TYR J 309 10.19 19.10 49.80
N ALA J 310 8.97 19.48 49.39
CA ALA J 310 8.60 19.40 47.99
C ALA J 310 9.55 20.21 47.12
N VAL J 311 9.95 21.40 47.58
CA VAL J 311 10.91 22.20 46.84
C VAL J 311 12.21 21.42 46.68
N SER J 312 12.68 20.78 47.74
CA SER J 312 13.92 20.02 47.71
C SER J 312 13.75 18.64 47.09
N ASN J 313 12.58 18.34 46.53
CA ASN J 313 12.34 17.04 45.89
C ASN J 313 12.56 15.90 46.89
N CYS J 314 12.15 16.14 48.13
CA CYS J 314 12.54 15.30 49.26
C CYS J 314 11.33 14.50 49.76
N LYS J 315 11.54 13.20 49.99
CA LYS J 315 10.53 12.40 50.66
C LYS J 315 10.25 12.95 52.04
N PHE J 316 8.97 13.09 52.37
CA PHE J 316 8.55 13.63 53.65
C PHE J 316 8.17 12.50 54.60
N ASN J 317 8.37 12.74 55.90
CA ASN J 317 8.09 11.76 56.94
C ASN J 317 6.96 12.31 57.81
N ILE J 318 5.74 11.82 57.58
CA ILE J 318 4.61 12.19 58.43
C ILE J 318 4.88 11.78 59.87
N GLU J 319 5.48 10.61 60.07
CA GLU J 319 5.64 10.07 61.41
C GLU J 319 6.70 10.85 62.19
N ASP J 320 7.75 11.32 61.52
CA ASP J 320 8.74 12.13 62.22
C ASP J 320 8.13 13.44 62.68
N TYR J 321 7.30 14.07 61.85
CA TYR J 321 6.59 15.27 62.27
C TYR J 321 5.66 14.97 63.44
N ASN J 322 4.96 13.84 63.38
CA ASN J 322 4.12 13.45 64.51
C ASN J 322 4.95 13.31 65.78
N ASN J 323 6.13 12.70 65.69
CA ASN J 323 7.01 12.61 66.84
C ASN J 323 7.38 13.99 67.35
N ILE J 324 7.61 14.94 66.44
CA ILE J 324 7.84 16.32 66.85
C ILE J 324 6.65 16.84 67.63
N PHE J 325 5.44 16.45 67.23
CA PHE J 325 4.20 16.95 67.83
C PHE J 325 3.37 15.81 68.42
N LYS J 326 4.02 14.89 69.12
CA LYS J 326 3.34 13.83 69.86
C LYS J 326 3.81 13.91 71.31
N VAL J 327 2.94 14.36 72.19
CA VAL J 327 3.31 14.54 73.59
C VAL J 327 3.14 13.23 74.35
N ASN K 7 26.19 -14.62 25.48
CA ASN K 7 25.25 -13.71 26.11
C ASN K 7 25.99 -12.79 27.07
N LYS K 8 25.34 -12.43 28.18
CA LYS K 8 25.97 -11.65 29.24
C LYS K 8 26.46 -12.58 30.34
N VAL K 9 27.69 -12.35 30.78
CA VAL K 9 28.32 -13.11 31.85
C VAL K 9 28.93 -12.10 32.82
N ARG K 10 28.28 -11.91 33.96
CA ARG K 10 28.74 -10.97 34.98
C ARG K 10 29.56 -11.72 36.02
N THR K 11 30.72 -11.17 36.35
CA THR K 11 31.61 -11.74 37.36
C THR K 11 31.63 -10.82 38.58
N VAL K 12 31.42 -11.39 39.76
CA VAL K 12 31.41 -10.65 41.00
C VAL K 12 32.79 -10.79 41.65
N THR K 13 33.42 -9.66 41.94
CA THR K 13 34.70 -9.64 42.64
C THR K 13 34.55 -8.81 43.90
N GLU K 14 34.96 -9.40 45.04
CA GLU K 14 34.89 -8.72 46.32
C GLU K 14 35.80 -9.43 47.30
N ILE K 15 36.15 -8.73 48.36
CA ILE K 15 37.04 -9.28 49.39
C ILE K 15 36.22 -10.06 50.41
N ASP K 19 32.24 -6.64 53.36
CA ASP K 19 30.99 -7.02 52.71
C ASP K 19 30.84 -6.28 51.38
N GLU K 20 31.57 -5.18 51.23
CA GLU K 20 31.49 -4.38 50.02
C GLU K 20 31.62 -5.27 48.80
N LYS K 21 30.55 -5.37 48.02
CA LYS K 21 30.50 -6.25 46.86
C LYS K 21 30.40 -5.40 45.61
N ILE K 22 31.31 -5.61 44.67
CA ILE K 22 31.30 -4.92 43.39
C ILE K 22 31.24 -5.99 42.31
N GLN K 23 30.27 -5.87 41.40
CA GLN K 23 30.05 -6.86 40.36
C GLN K 23 30.23 -6.22 38.99
N LYS K 24 31.09 -6.81 38.18
CA LYS K 24 31.29 -6.36 36.80
C LYS K 24 30.49 -7.24 35.86
N THR K 25 30.14 -6.67 34.71
CA THR K 25 29.43 -7.39 33.67
C THR K 25 30.34 -7.48 32.43
N TYR K 26 30.41 -8.67 31.86
CA TYR K 26 31.20 -8.91 30.67
C TYR K 26 30.28 -9.35 29.54
N GLU K 27 30.55 -8.88 28.33
CA GLU K 27 29.80 -9.23 27.15
C GLU K 27 30.57 -10.31 26.39
N LEU K 28 29.94 -11.47 26.21
CA LEU K 28 30.58 -12.56 25.48
C LEU K 28 30.68 -12.28 23.98
N ALA K 29 29.99 -11.25 23.49
CA ALA K 29 30.07 -10.92 22.07
C ALA K 29 31.48 -10.58 21.66
N GLU K 30 32.24 -9.89 22.51
CA GLU K 30 33.62 -9.56 22.18
C GLU K 30 34.48 -10.81 22.09
N PHE K 31 34.29 -11.75 23.03
CA PHE K 31 35.03 -13.00 22.97
C PHE K 31 34.69 -13.78 21.71
N ASP K 32 33.40 -13.83 21.35
CA ASP K 32 33.02 -14.48 20.11
C ASP K 32 33.66 -13.79 18.90
N LEU K 33 33.68 -12.45 18.91
CA LEU K 33 34.30 -11.70 17.83
C LEU K 33 35.77 -12.06 17.68
N LYS K 34 36.53 -12.00 18.78
CA LYS K 34 37.94 -12.30 18.72
C LYS K 34 38.17 -13.75 18.28
N ASN K 35 37.38 -14.67 18.82
CA ASN K 35 37.49 -16.07 18.45
C ASN K 35 37.26 -16.26 16.96
N LEU K 36 36.19 -15.68 16.44
CA LEU K 36 35.93 -15.79 15.01
C LEU K 36 37.08 -15.20 14.21
N SER K 37 37.42 -13.94 14.46
CA SER K 37 38.47 -13.29 13.69
C SER K 37 39.73 -14.15 13.64
N SER K 38 40.13 -14.69 14.80
CA SER K 38 41.26 -15.60 14.83
C SER K 38 41.01 -16.80 13.93
N LEU K 39 39.80 -17.35 13.97
CA LEU K 39 39.46 -18.52 13.15
C LEU K 39 39.60 -18.23 11.66
N GLU K 40 39.01 -17.12 11.18
CA GLU K 40 39.14 -16.81 9.76
C GLU K 40 40.59 -16.53 9.38
N SER K 41 41.32 -15.79 10.23
CA SER K 41 42.73 -15.53 9.91
C SER K 41 43.50 -16.84 9.80
N TYR K 42 43.31 -17.74 10.77
CA TYR K 42 44.00 -19.02 10.76
C TYR K 42 43.63 -19.83 9.53
N GLU K 43 42.34 -19.87 9.19
CA GLU K 43 41.90 -20.68 8.06
C GLU K 43 42.45 -20.13 6.76
N THR K 44 42.42 -18.81 6.58
CA THR K 44 43.00 -18.21 5.38
C THR K 44 44.49 -18.50 5.29
N LEU K 45 45.19 -18.37 6.42
CA LEU K 45 46.61 -18.68 6.43
C LEU K 45 46.85 -20.13 6.02
N LYS K 46 46.09 -21.06 6.60
CA LYS K 46 46.28 -22.47 6.27
C LYS K 46 46.00 -22.74 4.80
N ILE K 47 44.95 -22.13 4.26
CA ILE K 47 44.60 -22.36 2.87
C ILE K 47 45.68 -21.83 1.95
N LYS K 48 46.20 -20.64 2.23
CA LYS K 48 47.29 -20.10 1.42
C LYS K 48 48.55 -20.93 1.58
N LEU K 49 48.79 -21.49 2.77
CA LEU K 49 49.92 -22.39 2.96
C LEU K 49 49.79 -23.63 2.08
N ALA K 50 48.61 -24.23 2.07
CA ALA K 50 48.40 -25.43 1.25
C ALA K 50 48.57 -25.10 -0.23
N LEU K 51 48.02 -23.96 -0.66
CA LEU K 51 48.18 -23.54 -2.06
C LEU K 51 49.65 -23.34 -2.40
N SER K 52 50.39 -22.67 -1.52
CA SER K 52 51.81 -22.44 -1.76
C SER K 52 52.58 -23.75 -1.83
N LYS K 53 52.29 -24.67 -0.92
CA LYS K 53 52.98 -25.95 -0.92
C LYS K 53 52.72 -26.70 -2.22
N TYR K 54 51.47 -26.74 -2.66
CA TYR K 54 51.15 -27.50 -3.86
C TYR K 54 51.74 -26.84 -5.10
N MET K 55 51.62 -25.52 -5.22
CA MET K 55 52.22 -24.88 -6.40
C MET K 55 53.74 -24.98 -6.36
N ALA K 56 54.32 -25.10 -5.16
CA ALA K 56 55.76 -25.27 -5.06
C ALA K 56 56.18 -26.65 -5.54
N MET K 57 55.41 -27.68 -5.19
CA MET K 57 55.76 -29.00 -5.72
C MET K 57 55.44 -29.09 -7.21
N LEU K 58 54.54 -28.26 -7.72
CA LEU K 58 54.43 -28.09 -9.18
C LEU K 58 55.68 -27.46 -9.76
N SER K 59 56.22 -26.42 -9.10
CA SER K 59 57.44 -25.81 -9.58
C SER K 59 58.58 -26.83 -9.61
N THR K 60 58.66 -27.66 -8.57
CA THR K 60 59.63 -28.75 -8.56
C THR K 60 59.27 -29.86 -9.54
N LEU K 61 58.04 -29.85 -10.08
CA LEU K 61 57.66 -30.73 -11.17
C LEU K 61 58.13 -30.24 -12.53
N GLU K 62 59.15 -29.35 -12.54
CA GLU K 62 59.88 -28.95 -13.75
C GLU K 62 58.94 -28.55 -14.89
N MET K 63 57.75 -28.04 -14.53
CA MET K 63 56.82 -27.51 -15.52
C MET K 63 57.27 -26.08 -15.86
N THR K 64 58.26 -26.01 -16.76
CA THR K 64 58.81 -24.74 -17.21
C THR K 64 57.79 -23.93 -18.00
N GLN K 65 56.70 -24.54 -18.39
CA GLN K 65 55.58 -23.98 -19.13
C GLN K 65 54.37 -23.85 -18.22
N PRO K 66 53.59 -22.77 -18.35
CA PRO K 66 52.51 -22.52 -17.39
C PRO K 66 51.40 -23.55 -17.53
N LEU K 67 50.54 -23.58 -16.51
CA LEU K 67 49.48 -24.58 -16.46
C LEU K 67 48.54 -24.46 -17.65
N LEU K 68 48.22 -23.23 -18.06
CA LEU K 68 47.46 -23.06 -19.30
C LEU K 68 48.18 -23.71 -20.46
N GLU K 69 49.51 -23.56 -20.54
CA GLU K 69 50.26 -24.22 -21.59
C GLU K 69 50.18 -25.73 -21.44
N ILE K 70 50.15 -26.22 -20.20
CA ILE K 70 49.96 -27.65 -19.95
C ILE K 70 48.63 -28.12 -20.52
N PHE K 71 47.74 -27.19 -20.84
CA PHE K 71 46.48 -27.51 -21.50
C PHE K 71 46.48 -27.12 -22.97
N ARG K 72 47.48 -26.37 -23.43
CA ARG K 72 47.71 -26.18 -24.86
C ARG K 72 48.38 -27.39 -25.49
N ASN K 73 48.80 -28.37 -24.69
CA ASN K 73 49.44 -29.58 -25.21
C ASN K 73 48.35 -30.57 -25.64
N LYS K 74 47.76 -30.28 -26.80
CA LYS K 74 46.72 -31.16 -27.32
C LYS K 74 47.23 -32.59 -27.46
N ALA K 75 48.52 -32.76 -27.70
CA ALA K 75 49.13 -34.07 -27.93
C ALA K 75 49.71 -34.67 -26.65
N ASP K 76 50.51 -33.91 -25.91
CA ASP K 76 51.20 -34.45 -24.75
C ASP K 76 50.24 -34.68 -23.59
N THR K 77 49.69 -35.89 -23.51
CA THR K 77 48.90 -36.29 -22.35
C THR K 77 49.77 -36.89 -21.25
N ARG K 78 51.06 -37.09 -21.49
CA ARG K 78 51.93 -37.61 -20.45
C ARG K 78 52.01 -36.66 -19.27
N GLN K 79 52.24 -35.37 -19.55
CA GLN K 79 52.26 -34.39 -18.47
C GLN K 79 50.88 -34.14 -17.91
N ILE K 80 49.84 -34.32 -18.73
CA ILE K 80 48.48 -34.26 -18.22
C ILE K 80 48.28 -35.33 -17.14
N ALA K 81 48.71 -36.55 -17.43
CA ALA K 81 48.64 -37.62 -16.45
C ALA K 81 49.52 -37.33 -15.25
N ALA K 82 50.70 -36.76 -15.49
CA ALA K 82 51.59 -36.40 -14.38
C ALA K 82 50.90 -35.45 -13.42
N VAL K 83 50.32 -34.37 -13.94
CA VAL K 83 49.68 -33.39 -13.08
C VAL K 83 48.43 -33.98 -12.43
N VAL K 84 47.68 -34.81 -13.16
CA VAL K 84 46.49 -35.41 -12.58
C VAL K 84 46.86 -36.31 -11.41
N PHE K 85 47.87 -37.16 -11.60
CA PHE K 85 48.32 -38.04 -10.53
C PHE K 85 48.87 -37.25 -9.36
N SER K 86 49.64 -36.20 -9.65
CA SER K 86 50.16 -35.36 -8.57
C SER K 86 49.03 -34.77 -7.76
N THR K 87 48.02 -34.20 -8.43
CA THR K 87 46.92 -33.56 -7.72
C THR K 87 46.15 -34.60 -6.91
N LEU K 88 45.91 -35.77 -7.49
CA LEU K 88 45.11 -36.79 -6.82
C LEU K 88 45.84 -37.33 -5.60
N ALA K 89 47.14 -37.60 -5.72
CA ALA K 89 47.91 -38.06 -4.58
C ALA K 89 48.00 -36.99 -3.50
N PHE K 90 48.13 -35.73 -3.91
CA PHE K 90 48.16 -34.64 -2.94
C PHE K 90 46.84 -34.55 -2.17
N ILE K 91 45.71 -34.70 -2.87
CA ILE K 91 44.43 -34.68 -2.18
C ILE K 91 44.28 -35.91 -1.28
N HIS K 92 44.79 -37.05 -1.73
CA HIS K 92 44.74 -38.25 -0.90
C HIS K 92 45.53 -38.04 0.38
N ASN K 93 46.67 -37.35 0.28
CA ASN K 93 47.40 -36.95 1.48
C ASN K 93 46.58 -35.96 2.31
N ARG K 94 45.86 -35.06 1.64
CA ARG K 94 45.04 -34.08 2.36
C ARG K 94 44.04 -34.79 3.28
N PHE K 95 43.28 -35.74 2.73
CA PHE K 95 42.40 -36.56 3.56
C PHE K 95 43.11 -37.77 4.18
N HIS K 96 44.38 -38.00 3.87
CA HIS K 96 45.14 -39.10 4.48
C HIS K 96 46.59 -38.67 4.58
N PRO K 97 46.90 -37.75 5.48
CA PRO K 97 48.27 -37.23 5.57
C PRO K 97 49.31 -38.31 5.76
N LEU K 98 48.92 -39.43 6.37
CA LEU K 98 49.85 -40.55 6.52
C LEU K 98 50.28 -41.08 5.16
N VAL K 99 49.34 -41.22 4.22
CA VAL K 99 49.64 -41.71 2.89
C VAL K 99 50.07 -40.54 2.01
N THR K 100 51.22 -40.70 1.35
CA THR K 100 51.71 -39.71 0.40
C THR K 100 51.80 -40.27 -1.02
N ASN K 101 51.16 -41.41 -1.29
CA ASN K 101 51.25 -42.05 -2.59
C ASN K 101 49.98 -42.81 -2.88
N PHE K 102 49.77 -43.12 -4.16
CA PHE K 102 48.58 -43.79 -4.64
C PHE K 102 48.89 -45.25 -4.94
N THR K 103 47.82 -46.04 -5.13
CA THR K 103 47.97 -47.42 -5.57
C THR K 103 48.93 -47.49 -6.76
N ASN K 104 49.54 -48.66 -6.94
CA ASN K 104 50.65 -48.81 -7.87
C ASN K 104 50.40 -48.12 -9.21
N LYS K 105 49.41 -48.58 -9.96
CA LYS K 105 49.21 -48.12 -11.33
C LYS K 105 47.91 -47.36 -11.48
N MET K 106 47.96 -46.27 -12.25
CA MET K 106 46.78 -45.58 -12.73
C MET K 106 46.94 -45.36 -14.23
N GLU K 107 45.81 -45.40 -14.94
CA GLU K 107 45.79 -45.22 -16.38
C GLU K 107 45.02 -43.95 -16.72
N PHE K 108 45.45 -43.27 -17.77
CA PHE K 108 44.93 -41.94 -18.10
C PHE K 108 44.49 -41.91 -19.55
N VAL K 109 43.27 -41.44 -19.77
CA VAL K 109 42.75 -41.14 -21.10
C VAL K 109 42.25 -39.70 -21.08
N VAL K 110 42.68 -38.90 -22.04
CA VAL K 110 42.36 -37.47 -22.09
C VAL K 110 41.31 -37.29 -23.18
N THR K 111 40.05 -37.16 -22.77
CA THR K 111 38.99 -36.83 -23.70
C THR K 111 39.20 -35.43 -24.26
N GLU K 112 38.59 -35.18 -25.43
CA GLU K 112 38.83 -33.93 -26.13
C GLU K 112 37.57 -33.34 -26.76
N THR K 113 36.39 -33.81 -26.39
CA THR K 113 35.16 -33.33 -27.01
C THR K 113 34.04 -33.34 -25.99
N ASN K 114 32.95 -32.65 -26.33
CA ASN K 114 31.77 -32.65 -25.47
C ASN K 114 31.16 -34.04 -25.38
N ASP K 115 31.08 -34.76 -26.52
CA ASP K 115 30.53 -36.09 -26.52
C ASP K 115 31.38 -37.07 -25.71
N THR K 116 32.64 -36.75 -25.46
CA THR K 116 33.49 -37.54 -24.59
C THR K 116 33.60 -36.96 -23.19
N SER K 117 33.04 -35.78 -22.94
CA SER K 117 33.05 -35.13 -21.64
C SER K 117 31.62 -35.06 -21.12
N ILE K 118 31.41 -35.59 -19.93
CA ILE K 118 30.08 -35.53 -19.31
C ILE K 118 29.94 -34.19 -18.60
N PRO K 119 28.83 -33.48 -18.78
CA PRO K 119 28.67 -32.19 -18.09
C PRO K 119 28.73 -32.36 -16.58
N GLY K 120 29.35 -31.39 -15.92
CA GLY K 120 29.50 -31.38 -14.49
C GLY K 120 30.70 -32.16 -13.97
N GLU K 121 31.08 -33.22 -14.66
CA GLU K 121 32.19 -34.08 -14.24
C GLU K 121 33.10 -34.35 -15.42
N PRO K 122 33.82 -33.33 -15.91
CA PRO K 122 34.81 -33.58 -16.96
C PRO K 122 35.83 -34.62 -16.56
N ILE K 123 36.18 -34.69 -15.28
CA ILE K 123 37.07 -35.71 -14.74
C ILE K 123 36.22 -36.82 -14.16
N LEU K 124 36.59 -38.07 -14.46
CA LEU K 124 35.85 -39.22 -13.98
C LEU K 124 36.79 -40.42 -13.91
N PHE K 125 36.34 -41.45 -13.21
CA PHE K 125 37.12 -42.68 -13.04
C PHE K 125 36.17 -43.86 -13.25
N THR K 126 36.21 -44.45 -14.43
CA THR K 126 35.48 -45.69 -14.72
C THR K 126 36.48 -46.78 -15.06
N GLU K 127 36.32 -47.93 -14.44
CA GLU K 127 37.25 -49.03 -14.62
C GLU K 127 37.05 -49.69 -15.98
N ASN K 128 38.14 -50.14 -16.58
CA ASN K 128 38.10 -50.99 -17.76
C ASN K 128 37.95 -52.46 -17.40
N GLU K 129 37.43 -52.74 -16.20
CA GLU K 129 37.21 -54.06 -15.63
C GLU K 129 38.50 -54.66 -15.09
N GLY K 130 39.64 -53.99 -15.23
CA GLY K 130 40.88 -54.45 -14.63
C GLY K 130 41.55 -53.40 -13.77
N VAL K 131 41.32 -52.12 -14.09
CA VAL K 131 41.96 -51.01 -13.39
C VAL K 131 41.23 -49.72 -13.76
N LEU K 132 41.22 -48.76 -12.84
CA LEU K 132 40.53 -47.50 -13.09
C LEU K 132 41.27 -46.66 -14.13
N LEU K 133 40.49 -46.02 -14.99
CA LEU K 133 41.00 -45.12 -16.01
C LEU K 133 40.38 -43.74 -15.80
N CYS K 134 41.21 -42.70 -15.83
CA CYS K 134 40.78 -41.33 -15.58
C CYS K 134 40.52 -40.64 -16.91
N SER K 135 39.26 -40.30 -17.16
CA SER K 135 38.86 -39.58 -18.37
C SER K 135 38.69 -38.10 -18.04
N VAL K 136 39.49 -37.26 -18.69
CA VAL K 136 39.49 -35.83 -18.45
C VAL K 136 39.40 -35.12 -19.79
N ASP K 137 38.46 -34.18 -19.91
CA ASP K 137 38.29 -33.42 -21.15
C ASP K 137 39.16 -32.18 -21.06
N ARG K 138 40.36 -32.27 -21.59
CA ARG K 138 41.28 -31.14 -21.58
C ARG K 138 40.65 -29.87 -22.17
N PRO K 139 39.92 -29.92 -23.29
CA PRO K 139 39.26 -28.69 -23.76
C PRO K 139 38.29 -28.11 -22.75
N SER K 140 37.56 -28.96 -22.04
CA SER K 140 36.67 -28.46 -21.00
C SER K 140 37.46 -27.77 -19.90
N ILE K 141 38.61 -28.33 -19.52
CA ILE K 141 39.42 -27.72 -18.48
C ILE K 141 39.95 -26.38 -18.96
N VAL K 142 40.35 -26.30 -20.23
CA VAL K 142 40.78 -25.03 -20.80
C VAL K 142 39.65 -24.02 -20.73
N LYS K 143 38.44 -24.47 -21.05
CA LYS K 143 37.28 -23.59 -20.94
C LYS K 143 37.10 -23.11 -19.51
N MET K 144 37.34 -24.00 -18.54
CA MET K 144 37.43 -23.56 -17.15
C MET K 144 38.41 -22.40 -17.05
N LEU K 145 39.58 -22.54 -17.66
CA LEU K 145 40.61 -21.54 -17.47
C LEU K 145 40.56 -20.45 -18.53
N SER K 146 39.56 -20.48 -19.41
CA SER K 146 39.43 -19.54 -20.51
C SER K 146 38.67 -18.29 -20.12
N ARG K 147 38.24 -18.17 -18.88
CA ARG K 147 37.44 -17.05 -18.41
C ARG K 147 38.32 -16.11 -17.59
N GLU K 148 38.31 -14.83 -17.97
CA GLU K 148 39.00 -13.83 -17.16
C GLU K 148 38.36 -13.78 -15.78
N PHE K 149 39.20 -13.55 -14.78
CA PHE K 149 38.77 -13.54 -13.38
C PHE K 149 38.76 -12.12 -12.85
N ASP K 150 37.65 -11.74 -12.22
CA ASP K 150 37.48 -10.39 -11.72
C ASP K 150 38.32 -10.19 -10.47
N THR K 151 39.58 -9.81 -10.65
CA THR K 151 40.50 -9.57 -9.54
C THR K 151 40.60 -8.09 -9.21
N GLU K 152 39.52 -7.33 -9.42
CA GLU K 152 39.52 -5.88 -9.24
C GLU K 152 38.54 -5.43 -8.16
N ALA K 153 37.29 -5.86 -8.24
CA ALA K 153 36.26 -5.46 -7.28
C ALA K 153 36.09 -6.52 -6.20
N LEU K 154 35.82 -6.06 -4.98
CA LEU K 154 35.71 -6.96 -3.85
C LEU K 154 34.45 -7.82 -3.97
N VAL K 155 34.41 -8.89 -3.19
CA VAL K 155 33.30 -9.83 -3.18
C VAL K 155 32.92 -10.11 -1.73
N ASN K 156 31.63 -10.33 -1.49
CA ASN K 156 31.14 -10.59 -0.15
C ASN K 156 30.50 -11.97 -0.06
N ASN K 161 28.08 -9.60 8.10
CA ASN K 161 27.24 -8.66 8.82
C ASN K 161 27.80 -7.25 8.63
N CYS K 162 26.92 -6.25 8.61
CA CYS K 162 27.36 -4.88 8.34
C CYS K 162 28.34 -4.39 9.41
N ASN K 163 27.96 -4.53 10.68
CA ASN K 163 28.78 -3.97 11.75
C ASN K 163 30.16 -4.65 11.81
N VAL K 164 30.18 -5.98 11.73
CA VAL K 164 31.47 -6.67 11.79
C VAL K 164 32.34 -6.27 10.61
N ARG K 165 31.74 -6.19 9.42
CA ARG K 165 32.50 -5.86 8.23
C ARG K 165 33.08 -4.45 8.31
N ILE K 166 32.28 -3.48 8.73
CA ILE K 166 32.78 -2.11 8.83
C ILE K 166 33.86 -2.02 9.90
N ALA K 167 33.64 -2.65 11.05
CA ALA K 167 34.63 -2.56 12.12
C ALA K 167 35.95 -3.21 11.72
N LYS K 168 35.88 -4.41 11.13
CA LYS K 168 37.11 -5.08 10.70
C LYS K 168 37.79 -4.30 9.59
N THR K 169 37.02 -3.62 8.74
CA THR K 169 37.63 -2.72 7.77
C THR K 169 38.40 -1.60 8.47
N PHE K 170 37.81 -1.04 9.52
CA PHE K 170 38.51 -0.02 10.30
C PHE K 170 39.64 -0.60 11.15
N GLY K 171 39.72 -1.91 11.29
CA GLY K 171 40.78 -2.53 12.05
C GLY K 171 42.15 -2.28 11.46
N ASP K 198 61.30 -13.54 -6.79
CA ASP K 198 59.87 -13.32 -6.97
C ASP K 198 59.43 -13.75 -8.37
N PHE K 199 59.46 -15.06 -8.62
CA PHE K 199 59.09 -15.59 -9.91
C PHE K 199 57.65 -15.22 -10.26
N SER K 200 57.28 -15.46 -11.52
CA SER K 200 56.04 -14.95 -12.08
C SER K 200 54.85 -15.74 -11.56
N ILE K 201 54.01 -15.07 -10.77
CA ILE K 201 52.70 -15.57 -10.37
C ILE K 201 51.81 -14.34 -10.22
N THR K 202 50.50 -14.52 -10.45
CA THR K 202 49.55 -13.43 -10.28
C THR K 202 48.33 -13.93 -9.53
N GLU K 203 47.54 -12.98 -9.02
CA GLU K 203 46.28 -13.33 -8.39
C GLU K 203 45.44 -14.18 -9.33
N VAL K 204 45.49 -13.87 -10.62
CA VAL K 204 44.79 -14.69 -11.61
C VAL K 204 45.30 -16.12 -11.56
N GLU K 205 46.62 -16.30 -11.60
CA GLU K 205 47.20 -17.64 -11.54
C GLU K 205 46.77 -18.36 -10.27
N ALA K 206 46.73 -17.65 -9.14
CA ALA K 206 46.22 -18.26 -7.92
C ALA K 206 44.77 -18.70 -8.11
N THR K 207 44.01 -17.94 -8.89
CA THR K 207 42.63 -18.32 -9.17
C THR K 207 42.58 -19.64 -9.91
N GLN K 208 43.37 -19.77 -10.98
CA GLN K 208 43.39 -21.04 -11.69
C GLN K 208 43.86 -22.18 -10.80
N TYR K 209 44.84 -21.93 -9.94
CA TYR K 209 45.32 -22.98 -9.05
C TYR K 209 44.22 -23.43 -8.09
N LEU K 210 43.48 -22.47 -7.51
CA LEU K 210 42.36 -22.83 -6.64
C LEU K 210 41.30 -23.61 -7.42
N THR K 211 41.02 -23.19 -8.65
CA THR K 211 40.01 -23.86 -9.45
C THR K 211 40.38 -25.31 -9.70
N LEU K 212 41.62 -25.55 -10.16
CA LEU K 212 42.04 -26.92 -10.41
C LEU K 212 42.07 -27.73 -9.13
N LEU K 213 42.50 -27.11 -8.02
CA LEU K 213 42.53 -27.83 -6.75
C LEU K 213 41.14 -28.29 -6.36
N LEU K 214 40.16 -27.39 -6.40
CA LEU K 214 38.81 -27.77 -6.01
C LEU K 214 38.19 -28.75 -7.00
N THR K 215 38.53 -28.64 -8.29
CA THR K 215 37.96 -29.55 -9.27
C THR K 215 38.48 -30.97 -9.06
N VAL K 216 39.80 -31.13 -8.96
CA VAL K 216 40.31 -32.46 -8.65
C VAL K 216 39.90 -32.89 -7.25
N GLU K 217 39.54 -31.95 -6.37
CA GLU K 217 39.01 -32.32 -5.06
C GLU K 217 37.65 -33.00 -5.21
N HIS K 218 36.77 -32.41 -6.01
CA HIS K 218 35.47 -33.03 -6.25
C HIS K 218 35.66 -34.38 -6.94
N ALA K 219 36.58 -34.44 -7.90
CA ALA K 219 36.88 -35.72 -8.55
C ALA K 219 37.41 -36.73 -7.54
N TYR K 220 38.21 -36.28 -6.57
CA TYR K 220 38.72 -37.18 -5.55
C TYR K 220 37.61 -37.68 -4.64
N LEU K 221 36.63 -36.83 -4.35
CA LEU K 221 35.47 -37.29 -3.60
C LEU K 221 34.74 -38.39 -4.37
N HIS K 222 34.57 -38.19 -5.69
CA HIS K 222 33.96 -39.22 -6.51
C HIS K 222 34.78 -40.50 -6.46
N TYR K 223 36.11 -40.37 -6.54
CA TYR K 223 36.98 -41.54 -6.49
C TYR K 223 36.89 -42.24 -5.14
N TYR K 224 36.70 -41.47 -4.07
CA TYR K 224 36.52 -42.07 -2.75
C TYR K 224 35.26 -42.90 -2.72
N ILE K 225 34.15 -42.35 -3.21
CA ILE K 225 32.92 -43.12 -3.27
C ILE K 225 33.14 -44.39 -4.08
N PHE K 226 33.89 -44.27 -5.18
CA PHE K 226 34.27 -45.43 -5.99
C PHE K 226 34.95 -46.48 -5.12
N LYS K 227 36.15 -46.15 -4.63
CA LYS K 227 36.99 -47.13 -3.95
C LYS K 227 36.30 -47.69 -2.72
N ASN K 228 35.31 -47.00 -2.16
CA ASN K 228 34.66 -47.50 -0.95
C ASN K 228 33.44 -48.36 -1.26
N TYR K 229 32.52 -47.88 -2.09
CA TYR K 229 31.22 -48.53 -2.27
C TYR K 229 30.93 -48.69 -3.76
N GLY K 230 31.95 -49.09 -4.51
CA GLY K 230 31.75 -49.73 -5.79
C GLY K 230 31.35 -48.77 -6.92
N VAL K 231 31.21 -49.39 -8.09
CA VAL K 231 30.71 -48.67 -9.26
C VAL K 231 29.39 -48.03 -8.93
N PHE K 232 28.53 -48.79 -8.27
CA PHE K 232 27.19 -48.34 -7.93
C PHE K 232 27.25 -46.99 -7.23
N GLU K 233 27.97 -46.89 -6.11
CA GLU K 233 27.94 -45.65 -5.39
C GLU K 233 28.80 -44.55 -6.00
N TYR K 234 29.87 -44.81 -6.76
CA TYR K 234 30.52 -43.60 -7.24
C TYR K 234 29.61 -42.96 -8.28
N CYS K 235 28.94 -43.80 -9.08
CA CYS K 235 27.98 -43.28 -10.05
C CYS K 235 26.84 -42.55 -9.35
N LYS K 236 26.36 -43.10 -8.23
CA LYS K 236 25.29 -42.43 -7.51
C LYS K 236 25.75 -41.08 -6.96
N SER K 237 26.97 -41.01 -6.41
CA SER K 237 27.50 -39.73 -5.98
C SER K 237 27.57 -38.75 -7.15
N LEU K 238 27.95 -39.26 -8.32
CA LEU K 238 28.00 -38.41 -9.51
C LEU K 238 26.61 -37.87 -9.84
N THR K 239 25.59 -38.71 -9.73
CA THR K 239 24.23 -38.26 -10.03
C THR K 239 23.73 -37.29 -8.98
N ASP K 240 23.60 -37.76 -7.73
CA ASP K 240 23.31 -36.89 -6.60
C ASP K 240 24.58 -36.75 -5.76
N HIS K 241 25.12 -35.54 -5.72
CA HIS K 241 26.28 -35.26 -4.88
C HIS K 241 25.89 -35.08 -3.42
N SER K 242 24.59 -35.03 -3.11
CA SER K 242 24.15 -35.11 -1.73
C SER K 242 24.62 -36.42 -1.10
N LEU K 243 24.85 -37.45 -1.92
CA LEU K 243 25.38 -38.70 -1.41
C LEU K 243 26.72 -38.48 -0.71
N PHE K 244 27.53 -37.55 -1.21
CA PHE K 244 28.77 -37.22 -0.54
C PHE K 244 28.55 -36.82 0.91
N THR K 245 27.42 -36.16 1.19
CA THR K 245 27.12 -35.77 2.57
C THR K 245 27.18 -36.98 3.49
N ASN K 246 26.31 -37.97 3.25
CA ASN K 246 26.26 -39.10 4.17
C ASN K 246 27.49 -39.98 4.05
N LYS K 247 28.17 -39.96 2.90
CA LYS K 247 29.34 -40.80 2.74
C LYS K 247 30.60 -40.18 3.35
N LEU K 248 30.56 -38.89 3.71
CA LEU K 248 31.71 -38.18 4.24
C LEU K 248 31.64 -37.96 5.73
N ARG K 249 30.45 -37.95 6.33
CA ARG K 249 30.38 -37.88 7.79
C ARG K 249 31.07 -39.06 8.44
N SER K 250 31.25 -40.16 7.70
CA SER K 250 31.92 -41.33 8.26
C SER K 250 33.40 -41.05 8.48
N THR K 251 34.09 -40.52 7.46
CA THR K 251 35.54 -40.43 7.47
C THR K 251 36.04 -38.98 7.48
N MET K 252 35.62 -38.17 6.51
CA MET K 252 36.28 -36.88 6.31
C MET K 252 35.98 -35.95 7.48
N SER K 253 34.73 -35.97 7.96
CA SER K 253 34.35 -35.12 9.08
C SER K 253 35.24 -35.38 10.30
N THR K 254 35.65 -36.63 10.49
CA THR K 254 36.51 -36.98 11.61
C THR K 254 37.95 -36.52 11.34
N ASN K 258 39.60 -29.70 7.77
CA ASN K 258 38.69 -30.63 7.14
C ASN K 258 38.76 -30.53 5.61
N LEU K 259 38.32 -29.41 5.07
CA LEU K 259 38.22 -29.23 3.62
C LEU K 259 38.63 -27.82 3.23
N LEU K 260 39.14 -27.70 2.00
CA LEU K 260 39.44 -26.39 1.43
C LEU K 260 38.17 -25.55 1.28
N LEU K 261 37.16 -26.11 0.63
CA LEU K 261 35.97 -25.34 0.29
C LEU K 261 35.10 -25.02 1.49
N SER K 262 35.26 -25.77 2.60
CA SER K 262 34.43 -25.53 3.77
C SER K 262 34.60 -24.13 4.34
N LYS K 263 35.68 -23.43 3.96
CA LYS K 263 35.90 -22.10 4.48
C LYS K 263 34.74 -21.16 4.17
N PHE K 264 34.20 -21.25 2.97
CA PHE K 264 33.12 -20.37 2.52
C PHE K 264 31.87 -21.18 2.22
N LYS K 265 30.74 -20.48 2.08
CA LYS K 265 29.47 -21.07 1.71
C LYS K 265 28.93 -20.35 0.49
N PHE K 266 28.37 -21.13 -0.45
CA PHE K 266 28.06 -20.62 -1.79
C PHE K 266 26.60 -20.90 -2.13
N THR K 267 26.05 -20.08 -3.03
CA THR K 267 24.67 -20.21 -3.46
C THR K 267 24.46 -19.36 -4.71
N ILE K 268 23.25 -19.45 -5.27
CA ILE K 268 22.83 -18.62 -6.40
C ILE K 268 21.77 -17.64 -5.93
N GLU K 269 21.67 -16.52 -6.65
CA GLU K 269 20.84 -15.40 -6.23
C GLU K 269 19.36 -15.67 -6.50
N ASP K 270 18.52 -15.34 -5.51
CA ASP K 270 17.07 -15.37 -5.63
C ASP K 270 16.57 -16.59 -6.42
N LYS L 48 48.89 -1.87 53.06
CA LYS L 48 49.65 -0.99 52.18
C LYS L 48 51.09 -0.85 52.63
N LEU L 49 51.49 -1.59 53.67
CA LEU L 49 52.87 -1.54 54.13
C LEU L 49 53.80 -2.22 53.12
N ALA L 50 53.43 -3.43 52.67
CA ALA L 50 54.24 -4.11 51.66
C ALA L 50 54.22 -3.34 50.35
N LEU L 51 53.06 -2.81 49.97
CA LEU L 51 52.98 -2.02 48.75
C LEU L 51 53.89 -0.80 48.82
N SER L 52 53.89 -0.12 49.97
CA SER L 52 54.74 1.06 50.12
C SER L 52 56.22 0.68 50.11
N LYS L 53 56.57 -0.47 50.72
CA LYS L 53 57.95 -0.93 50.66
C LYS L 53 58.37 -1.21 49.23
N TYR L 54 57.49 -1.83 48.46
CA TYR L 54 57.82 -2.17 47.09
C TYR L 54 57.99 -0.91 46.24
N MET L 55 57.06 0.04 46.35
CA MET L 55 57.26 1.35 45.77
C MET L 55 58.60 1.94 46.16
N ALA L 56 58.93 1.89 47.45
CA ALA L 56 60.12 2.57 47.95
C ALA L 56 61.38 1.98 47.32
N MET L 57 61.45 0.64 47.24
CA MET L 57 62.64 0.06 46.64
C MET L 57 62.67 0.24 45.14
N LEU L 58 61.51 0.40 44.49
CA LEU L 58 61.52 0.72 43.06
C LEU L 58 62.27 2.01 42.80
N SER L 59 62.06 3.01 43.65
CA SER L 59 62.73 4.30 43.50
C SER L 59 64.24 4.13 43.47
N LEU L 68 54.50 1.32 33.68
CA LEU L 68 54.22 0.84 32.35
C LEU L 68 55.28 1.30 31.36
N GLU L 69 55.98 2.38 31.70
CA GLU L 69 57.03 2.90 30.82
C GLU L 69 58.13 1.88 30.64
N ILE L 70 58.48 1.16 31.71
CA ILE L 70 59.46 0.08 31.57
C ILE L 70 58.93 -1.01 30.65
N PHE L 71 57.60 -1.15 30.58
CA PHE L 71 56.98 -2.08 29.64
C PHE L 71 56.69 -1.44 28.28
N ARG L 72 56.91 -0.13 28.15
CA ARG L 72 56.78 0.52 26.84
C ARG L 72 58.03 0.31 26.00
N ASN L 73 59.20 0.60 26.59
CA ASN L 73 60.48 0.33 25.92
C ASN L 73 60.71 -1.17 25.91
N LYS L 74 60.38 -1.81 24.78
CA LYS L 74 60.47 -3.27 24.69
C LYS L 74 61.90 -3.74 24.96
N ALA L 75 62.89 -3.08 24.35
CA ALA L 75 64.27 -3.50 24.51
C ALA L 75 64.70 -3.48 25.97
N ASP L 76 64.06 -2.64 26.80
CA ASP L 76 64.36 -2.58 28.22
C ASP L 76 63.72 -3.78 28.89
N THR L 77 64.37 -4.93 28.76
CA THR L 77 63.85 -6.19 29.27
C THR L 77 64.59 -6.60 30.54
N SER L 86 64.30 -7.20 41.03
CA SER L 86 64.32 -6.93 42.46
C SER L 86 62.99 -7.29 43.10
N THR L 87 61.92 -7.28 42.30
CA THR L 87 60.61 -7.64 42.82
C THR L 87 60.58 -9.10 43.29
N LEU L 88 61.15 -10.00 42.48
CA LEU L 88 61.12 -11.42 42.83
C LEU L 88 61.89 -11.69 44.12
N ALA L 89 63.04 -11.04 44.29
CA ALA L 89 63.79 -11.20 45.53
C ALA L 89 63.01 -10.68 46.73
N PHE L 90 62.32 -9.56 46.57
CA PHE L 90 61.50 -9.02 47.65
C PHE L 90 60.38 -9.98 48.03
N ILE L 91 59.69 -10.55 47.03
CA ILE L 91 58.63 -11.50 47.33
C ILE L 91 59.21 -12.76 47.96
N HIS L 92 60.40 -13.18 47.52
CA HIS L 92 61.06 -14.32 48.15
C HIS L 92 61.34 -14.04 49.62
N ASN L 93 61.81 -12.84 49.93
CA ASN L 93 62.00 -12.47 51.33
C ASN L 93 60.68 -12.48 52.08
N ARG L 94 59.61 -12.01 51.44
CA ARG L 94 58.30 -12.00 52.09
C ARG L 94 57.86 -13.42 52.45
N PHE L 95 58.01 -14.35 51.51
CA PHE L 95 57.61 -15.73 51.73
C PHE L 95 58.70 -16.56 52.40
N HIS L 96 59.88 -15.98 52.62
CA HIS L 96 60.97 -16.69 53.27
C HIS L 96 61.82 -15.71 54.09
N MET L 106 69.79 -16.39 37.36
CA MET L 106 68.47 -16.82 36.95
C MET L 106 68.11 -16.14 35.64
N GLU L 107 68.29 -16.86 34.53
CA GLU L 107 68.18 -16.32 33.18
C GLU L 107 66.85 -15.61 32.95
N PHE L 108 66.83 -14.70 31.98
CA PHE L 108 65.63 -13.96 31.61
C PHE L 108 65.40 -14.06 30.11
N VAL L 109 64.12 -14.01 29.73
CA VAL L 109 63.72 -13.86 28.32
C VAL L 109 62.34 -13.23 28.30
N VAL L 110 62.08 -12.45 27.26
CA VAL L 110 60.83 -11.73 27.11
C VAL L 110 60.19 -12.11 25.77
N THR L 111 58.95 -12.57 25.83
CA THR L 111 58.18 -12.92 24.65
C THR L 111 57.34 -11.73 24.21
N GLU L 112 56.99 -11.71 22.92
CA GLU L 112 56.19 -10.64 22.35
C GLU L 112 54.99 -11.12 21.55
N THR L 113 54.76 -12.43 21.47
CA THR L 113 53.64 -12.97 20.72
C THR L 113 52.75 -13.82 21.62
N SER L 117 52.71 -16.58 24.16
CA SER L 117 51.83 -15.90 25.11
C SER L 117 50.76 -16.85 25.62
N ILE L 118 51.04 -17.49 26.75
CA ILE L 118 50.07 -18.43 27.34
C ILE L 118 48.83 -17.65 27.79
N PRO L 119 47.61 -18.12 27.49
CA PRO L 119 46.43 -17.39 27.95
C PRO L 119 46.19 -17.55 29.45
N LEU L 132 68.13 -21.13 35.12
CA LEU L 132 66.79 -20.82 35.59
C LEU L 132 66.20 -19.67 34.80
N LEU L 133 65.56 -20.00 33.68
CA LEU L 133 65.02 -18.98 32.79
C LEU L 133 63.62 -18.55 33.24
N CYS L 134 63.35 -17.26 33.06
CA CYS L 134 62.07 -16.65 33.44
C CYS L 134 61.50 -15.93 32.23
N SER L 135 60.58 -16.60 31.53
CA SER L 135 59.90 -15.97 30.40
C SER L 135 58.94 -14.90 30.90
N VAL L 136 58.77 -13.85 30.10
CA VAL L 136 57.95 -12.70 30.46
C VAL L 136 57.07 -12.36 29.27
N ASP L 137 55.76 -12.60 29.40
CA ASP L 137 54.79 -12.27 28.35
C ASP L 137 54.53 -10.77 28.40
N ARG L 138 55.49 -10.01 27.88
CA ARG L 138 55.40 -8.55 27.96
C ARG L 138 54.12 -8.00 27.35
N PRO L 139 53.63 -8.48 26.21
CA PRO L 139 52.33 -7.98 25.72
C PRO L 139 51.22 -8.14 26.75
N SER L 140 51.19 -9.25 27.47
CA SER L 140 50.19 -9.44 28.51
C SER L 140 50.34 -8.40 29.62
N ILE L 141 51.59 -8.10 30.01
CA ILE L 141 51.82 -7.13 31.08
C ILE L 141 51.42 -5.74 30.61
N VAL L 142 51.65 -5.42 29.34
CA VAL L 142 51.16 -4.16 28.79
C VAL L 142 49.65 -4.11 28.84
N LYS L 143 48.99 -5.20 28.45
CA LYS L 143 47.53 -5.23 28.52
C LYS L 143 47.05 -5.02 29.95
N MET L 144 47.78 -5.57 30.92
CA MET L 144 47.52 -5.32 32.33
C MET L 144 47.63 -3.83 32.67
N LEU L 145 48.84 -3.29 32.51
CA LEU L 145 49.11 -1.94 33.02
C LEU L 145 48.28 -0.89 32.29
N SER L 146 48.19 -0.99 30.97
CA SER L 146 47.43 -0.01 30.20
C SER L 146 45.95 -0.04 30.55
N ARG L 147 45.39 -1.24 30.70
CA ARG L 147 43.97 -1.38 30.99
C ARG L 147 43.66 -0.90 32.40
N ASN L 161 28.77 5.51 57.64
CA ASN L 161 27.39 5.77 58.02
C ASN L 161 27.06 7.25 57.85
N CYS L 162 25.85 7.54 57.39
CA CYS L 162 25.45 8.91 57.13
C CYS L 162 25.47 9.74 58.42
N ASN L 163 25.01 9.16 59.53
CA ASN L 163 24.98 9.88 60.79
C ASN L 163 26.39 10.30 61.20
N VAL L 164 27.37 9.41 61.06
CA VAL L 164 28.74 9.74 61.41
C VAL L 164 29.25 10.85 60.52
N ARG L 165 28.95 10.79 59.21
CA ARG L 165 29.42 11.82 58.29
C ARG L 165 28.84 13.18 58.64
N ILE L 166 27.54 13.24 58.94
CA ILE L 166 26.94 14.52 59.29
C ILE L 166 27.49 15.03 60.62
N ALA L 167 27.75 14.12 61.56
CA ALA L 167 28.37 14.54 62.82
C ALA L 167 29.74 15.13 62.58
N LYS L 168 30.54 14.51 61.71
CA LYS L 168 31.84 15.07 61.36
C LYS L 168 31.67 16.44 60.70
N THR L 169 30.67 16.58 59.83
CA THR L 169 30.41 17.85 59.19
C THR L 169 30.14 18.93 60.23
N PHE L 170 29.27 18.64 61.21
CA PHE L 170 29.00 19.59 62.28
C PHE L 170 30.23 19.81 63.16
N GLY L 171 31.18 18.88 63.16
CA GLY L 171 32.37 19.02 63.98
C GLY L 171 33.38 20.03 63.47
N ALA L 172 33.20 20.52 62.26
CA ALA L 172 34.12 21.51 61.68
C ALA L 172 33.71 22.92 62.08
N GLU L 203 45.49 7.45 41.57
CA GLU L 203 45.03 6.17 42.09
C GLU L 203 45.04 5.10 41.01
N VAL L 204 44.94 5.53 39.76
CA VAL L 204 45.07 4.59 38.64
C VAL L 204 46.41 3.88 38.72
N GLU L 205 47.47 4.62 39.01
CA GLU L 205 48.78 3.99 39.19
C GLU L 205 48.76 2.98 40.33
N ALA L 206 47.97 3.24 41.37
CA ALA L 206 47.86 2.27 42.46
C ALA L 206 47.28 0.95 41.96
N THR L 207 46.20 1.02 41.19
CA THR L 207 45.62 -0.20 40.63
C THR L 207 46.62 -0.91 39.73
N GLN L 208 47.29 -0.15 38.86
CA GLN L 208 48.25 -0.77 37.95
C GLN L 208 49.36 -1.46 38.71
N TYR L 209 49.90 -0.79 39.73
CA TYR L 209 51.00 -1.34 40.50
C TYR L 209 50.58 -2.58 41.28
N LEU L 210 49.39 -2.55 41.89
CA LEU L 210 48.97 -3.72 42.66
C LEU L 210 48.63 -4.89 41.73
N THR L 211 48.09 -4.60 40.55
CA THR L 211 47.85 -5.67 39.58
C THR L 211 49.17 -6.30 39.15
N LEU L 212 50.16 -5.46 38.84
CA LEU L 212 51.46 -5.98 38.44
C LEU L 212 52.11 -6.78 39.56
N LEU L 213 51.99 -6.30 40.80
CA LEU L 213 52.55 -7.02 41.94
C LEU L 213 51.86 -8.37 42.13
N LEU L 214 50.53 -8.41 41.99
CA LEU L 214 49.83 -9.69 42.14
C LEU L 214 50.23 -10.65 41.02
N THR L 215 50.39 -10.16 39.80
CA THR L 215 50.83 -11.01 38.71
C THR L 215 52.24 -11.55 38.97
N VAL L 216 53.15 -10.67 39.37
CA VAL L 216 54.51 -11.10 39.68
C VAL L 216 54.52 -12.05 40.87
N GLU L 217 53.59 -11.88 41.79
CA GLU L 217 53.52 -12.77 42.95
C GLU L 217 53.01 -14.15 42.57
N HIS L 218 52.04 -14.22 41.65
CA HIS L 218 51.63 -15.51 41.12
C HIS L 218 52.77 -16.17 40.36
N ALA L 219 53.52 -15.38 39.58
CA ALA L 219 54.68 -15.91 38.89
C ALA L 219 55.71 -16.44 39.89
N TYR L 220 55.93 -15.72 40.98
CA TYR L 220 56.85 -16.18 42.02
C TYR L 220 56.33 -17.45 42.68
N LEU L 221 55.02 -17.55 42.89
CA LEU L 221 54.46 -18.77 43.46
C LEU L 221 54.72 -19.96 42.55
N HIS L 222 54.52 -19.79 41.26
CA HIS L 222 54.77 -20.88 40.32
C HIS L 222 56.26 -21.20 40.25
N TYR L 223 57.12 -20.18 40.31
CA TYR L 223 58.55 -20.42 40.36
C TYR L 223 58.94 -21.18 41.63
N TYR L 224 58.27 -20.87 42.74
CA TYR L 224 58.48 -21.61 43.98
C TYR L 224 58.06 -23.06 43.83
N ILE L 225 56.94 -23.30 43.15
CA ILE L 225 56.55 -24.67 42.86
C ILE L 225 57.63 -25.36 42.03
N PHE L 226 58.16 -24.66 41.03
CA PHE L 226 59.23 -25.22 40.21
C PHE L 226 60.44 -25.59 41.06
N LYS L 227 60.83 -24.71 41.98
CA LYS L 227 62.05 -24.93 42.76
C LYS L 227 61.86 -26.03 43.79
N ASN L 228 60.73 -26.02 44.51
CA ASN L 228 60.55 -26.87 45.68
C ASN L 228 59.73 -28.13 45.43
N TYR L 229 59.19 -28.29 44.22
CA TYR L 229 58.37 -29.46 43.89
C TYR L 229 58.85 -30.17 42.64
N GLY L 230 59.34 -29.42 41.66
CA GLY L 230 59.84 -29.99 40.41
C GLY L 230 59.27 -29.29 39.20
N VAL L 231 59.84 -29.65 38.05
CA VAL L 231 59.39 -29.07 36.79
C VAL L 231 57.99 -29.57 36.44
N PHE L 232 57.77 -30.88 36.54
CA PHE L 232 56.48 -31.45 36.19
C PHE L 232 55.40 -30.97 37.16
N GLU L 233 55.72 -30.91 38.45
CA GLU L 233 54.75 -30.38 39.42
C GLU L 233 54.48 -28.92 39.17
N TYR L 234 55.49 -28.17 38.72
CA TYR L 234 55.28 -26.77 38.35
C TYR L 234 54.33 -26.64 37.17
N CYS L 235 54.50 -27.49 36.16
CA CYS L 235 53.58 -27.48 35.03
C CYS L 235 52.17 -27.89 35.46
N LYS L 236 52.07 -28.86 36.36
CA LYS L 236 50.77 -29.25 36.89
C LYS L 236 50.13 -28.11 37.67
N SER L 237 50.93 -27.34 38.40
CA SER L 237 50.41 -26.16 39.08
C SER L 237 49.89 -25.14 38.06
N LEU L 238 50.64 -24.94 36.98
CA LEU L 238 50.20 -24.03 35.93
C LEU L 238 48.85 -24.47 35.36
N THR L 239 48.75 -25.75 34.97
CA THR L 239 47.51 -26.24 34.39
C THR L 239 46.37 -26.21 35.41
N ASP L 240 46.65 -26.60 36.65
CA ASP L 240 45.65 -26.64 37.71
C ASP L 240 46.26 -26.02 38.96
N HIS L 241 45.53 -25.09 39.58
CA HIS L 241 46.04 -24.30 40.69
C HIS L 241 45.42 -24.70 42.03
N SER L 242 44.63 -25.77 42.05
CA SER L 242 43.99 -26.18 43.30
C SER L 242 45.02 -26.69 44.31
N LEU L 243 46.19 -27.14 43.84
CA LEU L 243 47.20 -27.65 44.75
C LEU L 243 47.58 -26.60 45.79
N PHE L 244 47.56 -25.32 45.42
CA PHE L 244 47.88 -24.25 46.34
C PHE L 244 46.70 -23.30 46.49
N LYS L 255 54.91 -17.15 56.14
CA LYS L 255 55.42 -17.05 54.77
C LYS L 255 54.34 -16.56 53.82
N THR L 256 53.17 -17.22 53.87
CA THR L 256 52.08 -16.84 52.97
C THR L 256 51.40 -15.55 53.41
N SER L 257 51.43 -15.25 54.71
CA SER L 257 50.74 -14.06 55.21
C SER L 257 51.31 -12.79 54.60
N ASN L 258 52.64 -12.67 54.57
CA ASN L 258 53.26 -11.49 53.98
C ASN L 258 52.82 -11.31 52.53
N LEU L 259 52.69 -12.40 51.79
CA LEU L 259 52.22 -12.31 50.42
C LEU L 259 50.81 -11.71 50.38
N LEU L 260 50.62 -10.75 49.48
CA LEU L 260 49.35 -10.01 49.43
C LEU L 260 48.26 -10.76 48.68
N LEU L 261 48.62 -11.79 47.90
CA LEU L 261 47.59 -12.55 47.18
C LEU L 261 46.67 -13.28 48.14
N SER L 262 47.24 -13.88 49.20
CA SER L 262 46.45 -14.60 50.18
C SER L 262 45.57 -13.68 51.02
N LYS L 263 45.77 -12.37 50.95
CA LYS L 263 45.06 -11.42 51.78
C LYS L 263 43.76 -10.93 51.16
N PHE L 264 43.42 -11.41 49.95
CA PHE L 264 42.16 -11.02 49.32
C PHE L 264 41.67 -12.20 48.49
N LYS L 265 40.37 -12.20 48.22
CA LYS L 265 39.71 -13.24 47.44
C LYS L 265 39.03 -12.64 46.23
N PHE L 266 39.15 -13.34 45.10
CA PHE L 266 38.50 -12.96 43.86
C PHE L 266 37.62 -14.11 43.39
N THR L 267 36.43 -13.77 42.90
CA THR L 267 35.44 -14.77 42.49
C THR L 267 34.90 -14.42 41.11
N ILE L 268 34.30 -15.43 40.47
CA ILE L 268 33.73 -15.29 39.14
C ILE L 268 32.33 -15.89 39.15
N GLU L 269 31.40 -15.22 38.48
CA GLU L 269 30.02 -15.65 38.38
C GLU L 269 29.65 -15.89 36.92
N ASP L 270 28.79 -16.87 36.70
CA ASP L 270 28.34 -17.22 35.35
C ASP L 270 27.71 -16.02 34.66
N LEU M 113 26.51 10.46 -35.46
CA LEU M 113 27.88 10.24 -35.03
C LEU M 113 27.92 9.40 -33.75
N ILE M 114 28.88 8.49 -33.67
CA ILE M 114 29.06 7.65 -32.50
C ILE M 114 30.55 7.57 -32.17
N ASN M 115 30.87 7.65 -30.89
CA ASN M 115 32.25 7.55 -30.44
C ASN M 115 32.71 6.11 -30.62
N MET M 116 33.51 5.88 -31.66
CA MET M 116 33.98 4.52 -31.93
C MET M 116 34.58 3.87 -30.69
N ARG M 117 35.32 4.64 -29.88
CA ARG M 117 35.95 4.07 -28.70
C ARG M 117 34.91 3.58 -27.70
N ARG M 118 33.96 4.43 -27.32
CA ARG M 118 32.97 4.06 -26.32
C ARG M 118 32.09 2.91 -26.81
N TYR M 119 31.59 3.02 -28.05
CA TYR M 119 30.75 1.98 -28.62
C TYR M 119 31.52 0.66 -28.73
N ARG M 120 32.78 0.74 -29.14
CA ARG M 120 33.63 -0.45 -29.19
C ARG M 120 33.74 -1.10 -27.82
N ASN M 121 34.05 -0.30 -26.79
CA ASN M 121 34.23 -0.87 -25.46
C ASN M 121 32.94 -1.49 -24.94
N ALA M 122 31.81 -0.82 -25.16
CA ALA M 122 30.53 -1.38 -24.73
C ALA M 122 30.25 -2.70 -25.42
N ALA M 123 30.47 -2.76 -26.73
CA ALA M 123 30.24 -4.00 -27.46
C ALA M 123 31.15 -5.10 -26.93
N ARG M 124 32.44 -4.79 -26.73
CA ARG M 124 33.38 -5.78 -26.21
C ARG M 124 32.92 -6.32 -24.87
N LYS M 125 32.60 -5.41 -23.94
CA LYS M 125 32.21 -5.85 -22.60
C LYS M 125 30.93 -6.67 -22.65
N LEU M 126 29.96 -6.27 -23.47
CA LEU M 126 28.71 -7.02 -23.57
C LEU M 126 28.95 -8.42 -24.11
N ILE M 127 29.78 -8.55 -25.15
CA ILE M 127 30.06 -9.88 -25.69
C ILE M 127 30.84 -10.71 -24.68
N HIS M 128 31.73 -10.07 -23.91
CA HIS M 128 32.44 -10.78 -22.86
C HIS M 128 31.47 -11.38 -21.85
N HIS M 129 30.53 -10.58 -21.36
CA HIS M 129 29.57 -11.08 -20.38
C HIS M 129 28.69 -12.17 -20.97
N TYR M 130 28.08 -11.91 -22.12
CA TYR M 130 27.21 -12.91 -22.72
C TYR M 130 27.95 -14.17 -23.13
N SER M 131 29.27 -14.09 -23.29
CA SER M 131 30.07 -15.26 -23.64
C SER M 131 30.46 -16.08 -22.42
N LEU M 132 30.25 -15.53 -21.22
CA LEU M 132 30.48 -16.25 -19.98
C LEU M 132 31.98 -16.35 -19.69
N ASN M 133 32.81 -15.90 -20.63
CA ASN M 133 34.25 -15.83 -20.38
C ASN M 133 34.56 -14.74 -19.37
N SER M 134 33.69 -13.75 -19.24
CA SER M 134 33.86 -12.69 -18.25
C SER M 134 33.17 -13.12 -16.97
N THR M 135 33.95 -13.75 -16.07
CA THR M 135 33.42 -14.06 -14.76
C THR M 135 33.04 -12.79 -14.01
N SER M 136 33.66 -11.66 -14.37
CA SER M 136 33.27 -10.39 -13.80
C SER M 136 31.81 -10.08 -14.11
N SER M 137 31.08 -9.64 -13.10
CA SER M 137 29.68 -9.27 -13.24
C SER M 137 29.56 -7.75 -13.12
N THR M 138 28.99 -7.12 -14.12
CA THR M 138 28.81 -5.67 -14.14
C THR M 138 27.41 -5.35 -14.65
N GLU M 139 26.93 -4.18 -14.26
CA GLU M 139 25.58 -3.77 -14.63
C GLU M 139 25.49 -3.57 -16.14
N TYR M 140 24.37 -4.02 -16.70
CA TYR M 140 24.06 -3.79 -18.10
C TYR M 140 22.78 -2.99 -18.22
N LYS M 141 22.86 -1.84 -18.88
CA LYS M 141 21.71 -0.98 -19.13
C LYS M 141 21.19 -1.20 -20.53
N ILE M 142 19.97 -0.72 -20.76
CA ILE M 142 19.47 -0.64 -22.13
C ILE M 142 20.41 0.21 -22.97
N SER M 143 21.01 1.24 -22.35
CA SER M 143 22.02 2.03 -23.04
C SER M 143 23.17 1.16 -23.53
N ASP M 144 23.58 0.18 -22.72
CA ASP M 144 24.73 -0.64 -23.09
C ASP M 144 24.43 -1.51 -24.31
N VAL M 145 23.26 -2.17 -24.32
CA VAL M 145 22.92 -3.01 -25.47
C VAL M 145 22.69 -2.15 -26.70
N VAL M 146 22.07 -0.98 -26.54
CA VAL M 146 21.94 -0.05 -27.65
C VAL M 146 23.31 0.34 -28.16
N MET M 147 24.24 0.58 -27.25
CA MET M 147 25.60 1.00 -27.61
C MET M 147 26.27 -0.08 -28.45
N THR M 148 26.14 -1.33 -28.00
CA THR M 148 26.73 -2.46 -28.73
C THR M 148 26.09 -2.63 -30.10
N MET M 149 24.76 -2.54 -30.16
CA MET M 149 24.07 -2.66 -31.44
C MET M 149 24.51 -1.56 -32.40
N ILE M 150 24.66 -0.34 -31.90
CA ILE M 150 25.06 0.76 -32.77
C ILE M 150 26.47 0.53 -33.29
N PHE M 151 27.38 0.07 -32.42
CA PHE M 151 28.71 -0.30 -32.90
C PHE M 151 28.62 -1.36 -33.98
N LEU M 152 27.77 -2.37 -33.79
CA LEU M 152 27.58 -3.37 -34.83
C LEU M 152 27.18 -2.71 -36.14
N LEU M 153 26.20 -1.81 -36.07
CA LEU M 153 25.72 -1.13 -37.28
C LEU M 153 26.80 -0.26 -37.92
N ARG M 154 27.81 0.16 -37.15
CA ARG M 154 28.86 1.02 -37.69
C ARG M 154 30.09 0.27 -38.17
N SER M 155 30.28 -0.97 -37.74
CA SER M 155 31.51 -1.72 -38.04
C SER M 155 31.23 -2.69 -39.18
N GLU M 156 31.82 -2.41 -40.35
CA GLU M 156 31.54 -3.22 -41.53
C GLU M 156 31.96 -4.67 -41.33
N LYS M 157 33.15 -4.88 -40.78
CA LYS M 157 33.58 -6.26 -40.51
C LYS M 157 32.62 -6.94 -39.55
N TYR M 158 31.96 -6.17 -38.69
CA TYR M 158 30.98 -6.70 -37.75
C TYR M 158 29.54 -6.48 -38.22
N HIS M 159 29.34 -5.99 -39.45
CA HIS M 159 27.99 -6.00 -40.01
C HIS M 159 27.49 -7.42 -40.22
N SER M 160 28.39 -8.38 -40.41
CA SER M 160 27.97 -9.78 -40.37
C SER M 160 27.36 -10.09 -39.00
N LEU M 161 28.05 -9.71 -37.93
CA LEU M 161 27.49 -9.85 -36.60
C LEU M 161 26.24 -9.01 -36.44
N PHE M 162 26.12 -7.91 -37.19
CA PHE M 162 24.92 -7.08 -37.11
C PHE M 162 23.72 -7.80 -37.69
N LYS M 163 23.89 -8.43 -38.87
CA LYS M 163 22.82 -9.22 -39.44
C LYS M 163 22.50 -10.42 -38.57
N LEU M 164 23.52 -11.00 -37.92
CA LEU M 164 23.26 -12.08 -36.97
C LEU M 164 22.41 -11.57 -35.80
N LEU M 165 22.74 -10.39 -35.27
CA LEU M 165 21.92 -9.81 -34.22
C LEU M 165 20.50 -9.59 -34.69
N GLU M 166 20.33 -9.16 -35.93
CA GLU M 166 18.98 -9.01 -36.50
C GLU M 166 18.28 -10.36 -36.55
N THR M 167 19.00 -11.42 -36.93
CA THR M 167 18.40 -12.74 -36.92
C THR M 167 17.99 -13.15 -35.51
N THR M 168 18.70 -12.67 -34.50
CA THR M 168 18.23 -12.87 -33.13
C THR M 168 17.00 -12.02 -32.84
N PHE M 169 16.88 -10.85 -33.49
CA PHE M 169 15.65 -10.09 -33.40
C PHE M 169 14.47 -10.86 -33.96
N ASP M 170 14.74 -11.86 -34.81
CA ASP M 170 13.68 -12.71 -35.34
C ASP M 170 13.35 -13.77 -34.29
N ASP M 171 12.59 -14.79 -34.68
CA ASP M 171 12.13 -15.82 -33.76
C ASP M 171 13.28 -16.64 -33.17
N TYR M 172 14.52 -16.43 -33.60
CA TYR M 172 15.72 -16.99 -32.96
C TYR M 172 15.60 -18.49 -32.74
N THR M 173 14.73 -19.17 -33.51
CA THR M 173 14.50 -20.59 -33.33
C THR M 173 15.25 -21.46 -34.33
N CYS M 174 15.71 -20.89 -35.44
CA CYS M 174 16.49 -21.68 -36.39
C CYS M 174 17.83 -22.05 -35.78
N ARG M 175 18.58 -22.87 -36.50
CA ARG M 175 20.01 -23.06 -36.25
C ARG M 175 20.74 -22.36 -37.39
N PRO M 176 21.07 -21.06 -37.24
CA PRO M 176 21.53 -20.28 -38.41
C PRO M 176 22.51 -21.05 -39.27
N GLN M 177 22.11 -21.27 -40.52
CA GLN M 177 22.82 -22.18 -41.42
C GLN M 177 23.71 -21.33 -42.32
N MET M 178 24.97 -21.21 -41.94
CA MET M 178 25.94 -20.42 -42.69
C MET M 178 27.03 -21.33 -43.23
N THR M 179 27.42 -21.10 -44.48
CA THR M 179 28.51 -21.85 -45.07
C THR M 179 29.78 -21.69 -44.24
N GLN M 180 30.79 -22.50 -44.55
CA GLN M 180 31.99 -22.53 -43.73
C GLN M 180 32.85 -21.29 -43.94
N VAL M 181 32.87 -20.72 -45.15
CA VAL M 181 33.61 -19.47 -45.36
C VAL M 181 33.01 -18.36 -44.52
N GLN M 182 31.67 -18.26 -44.52
CA GLN M 182 31.01 -17.30 -43.65
C GLN M 182 31.27 -17.63 -42.18
N THR M 183 31.30 -18.92 -41.84
CA THR M 183 31.58 -19.31 -40.46
C THR M 183 32.94 -18.78 -40.02
N ASP M 184 33.97 -19.01 -40.83
CA ASP M 184 35.31 -18.60 -40.44
C ASP M 184 35.47 -17.08 -40.48
N THR M 185 34.81 -16.41 -41.41
CA THR M 185 34.83 -14.95 -41.40
C THR M 185 34.17 -14.41 -40.13
N LEU M 186 33.07 -15.04 -39.71
CA LEU M 186 32.41 -14.65 -38.47
C LEU M 186 33.31 -14.90 -37.27
N LEU M 187 34.00 -16.04 -37.25
CA LEU M 187 34.95 -16.31 -36.17
C LEU M 187 36.05 -15.26 -36.12
N ASP M 188 36.59 -14.91 -37.29
CA ASP M 188 37.62 -13.87 -37.32
C ASP M 188 37.08 -12.54 -36.80
N ALA M 189 35.87 -12.18 -37.21
CA ALA M 189 35.28 -10.92 -36.79
C ALA M 189 35.07 -10.90 -35.28
N VAL M 190 34.50 -11.98 -34.73
CA VAL M 190 34.24 -12.02 -33.29
C VAL M 190 35.55 -12.03 -32.52
N ARG M 191 36.58 -12.69 -33.07
CA ARG M 191 37.88 -12.68 -32.40
C ARG M 191 38.47 -11.28 -32.38
N SER M 192 38.41 -10.58 -33.52
CA SER M 192 38.90 -9.21 -33.57
C SER M 192 38.08 -8.26 -32.70
N LEU M 193 36.82 -8.62 -32.44
CA LEU M 193 36.00 -7.79 -31.57
C LEU M 193 36.35 -8.05 -30.10
N LEU M 194 36.18 -9.29 -29.64
CA LEU M 194 36.39 -9.59 -28.22
C LEU M 194 37.82 -9.33 -27.81
N GLU M 195 38.79 -9.69 -28.65
CA GLU M 195 40.21 -9.48 -28.38
C GLU M 195 40.64 -10.23 -27.12
N MET M 196 40.49 -11.56 -27.16
CA MET M 196 40.89 -12.40 -26.05
C MET M 196 42.41 -12.41 -25.90
N THR M 200 38.32 -19.77 -25.28
CA THR M 200 38.47 -19.31 -26.66
C THR M 200 37.12 -19.19 -27.33
N ILE M 201 36.99 -18.18 -28.20
CA ILE M 201 35.74 -17.96 -28.91
C ILE M 201 35.65 -18.93 -30.08
N ASP M 202 34.55 -19.67 -30.15
CA ASP M 202 34.35 -20.69 -31.17
C ASP M 202 32.86 -20.85 -31.42
N LEU M 203 32.50 -21.88 -32.19
CA LEU M 203 31.14 -21.96 -32.71
C LEU M 203 30.10 -22.01 -31.59
N THR M 204 30.34 -22.81 -30.56
CA THR M 204 29.33 -22.86 -29.49
C THR M 204 29.24 -21.52 -28.79
N THR M 205 30.35 -20.79 -28.72
CA THR M 205 30.29 -19.43 -28.19
C THR M 205 29.40 -18.55 -29.06
N VAL M 206 29.46 -18.72 -30.38
CA VAL M 206 28.61 -17.95 -31.27
C VAL M 206 27.15 -18.29 -31.04
N ASP M 207 26.85 -19.57 -30.89
CA ASP M 207 25.44 -19.94 -30.67
C ASP M 207 24.98 -19.49 -29.29
N ILE M 208 25.89 -19.45 -28.32
CA ILE M 208 25.59 -18.85 -27.02
C ILE M 208 25.26 -17.37 -27.19
N MET M 209 26.04 -16.66 -28.00
CA MET M 209 25.71 -15.28 -28.33
C MET M 209 24.29 -15.20 -28.84
N ARG M 210 23.97 -16.03 -29.82
CA ARG M 210 22.65 -15.98 -30.44
C ARG M 210 21.57 -16.19 -29.40
N SER M 211 21.67 -17.26 -28.60
CA SER M 211 20.62 -17.57 -27.64
C SER M 211 20.47 -16.45 -26.62
N SER M 212 21.58 -16.06 -25.98
CA SER M 212 21.50 -15.09 -24.90
C SER M 212 20.99 -13.75 -25.40
N PHE M 213 21.52 -13.27 -26.53
CA PHE M 213 21.09 -11.98 -27.03
C PHE M 213 19.68 -12.01 -27.57
N ALA M 214 19.24 -13.13 -28.15
CA ALA M 214 17.83 -13.25 -28.53
C ALA M 214 16.93 -13.19 -27.32
N ARG M 215 17.33 -13.85 -26.22
CA ARG M 215 16.54 -13.78 -24.99
C ARG M 215 16.50 -12.36 -24.46
N CYS M 216 17.63 -11.66 -24.49
CA CYS M 216 17.65 -10.26 -24.04
C CYS M 216 16.71 -9.42 -24.91
N PHE M 217 16.86 -9.51 -26.23
CA PHE M 217 15.91 -8.90 -27.16
C PHE M 217 14.48 -9.15 -26.69
N ASN M 218 14.13 -10.43 -26.54
CA ASN M 218 12.80 -10.81 -26.08
C ASN M 218 12.45 -10.08 -24.80
N SER M 219 13.42 -9.93 -23.91
CA SER M 219 13.18 -9.45 -22.57
C SER M 219 12.49 -8.08 -22.62
N PRO M 220 11.50 -7.83 -21.77
CA PRO M 220 10.93 -6.48 -21.70
C PRO M 220 11.77 -5.55 -20.85
N ILE M 221 11.67 -4.26 -21.16
CA ILE M 221 12.31 -3.24 -20.34
C ILE M 221 11.87 -3.45 -18.90
N MET M 222 12.78 -3.22 -17.95
CA MET M 222 12.46 -3.48 -16.56
C MET M 222 13.46 -2.79 -15.64
N ARG M 223 12.95 -1.96 -14.72
CA ARG M 223 13.83 -1.24 -13.81
C ARG M 223 14.56 -2.17 -12.85
N TYR M 224 14.12 -3.41 -12.74
CA TYR M 224 14.76 -4.42 -11.90
C TYR M 224 15.59 -5.35 -12.77
N ALA M 225 16.83 -5.60 -12.36
CA ALA M 225 17.67 -6.55 -13.06
C ALA M 225 17.04 -7.94 -12.98
N LYS M 226 17.59 -8.86 -13.77
CA LYS M 226 17.06 -10.21 -13.87
C LYS M 226 18.20 -11.21 -13.93
N ILE M 227 17.84 -12.49 -13.86
CA ILE M 227 18.79 -13.60 -13.93
C ILE M 227 18.21 -14.66 -14.84
N VAL M 228 19.05 -15.25 -15.68
CA VAL M 228 18.63 -16.24 -16.66
C VAL M 228 19.68 -17.35 -16.73
N LEU M 229 19.29 -18.47 -17.34
CA LEU M 229 20.16 -19.62 -17.51
C LEU M 229 20.16 -20.06 -18.98
N LEU M 230 21.35 -20.34 -19.50
CA LEU M 230 21.52 -20.60 -20.92
C LEU M 230 20.74 -21.83 -21.37
N GLN M 231 20.26 -21.78 -22.60
CA GLN M 231 19.72 -22.94 -23.30
C GLN M 231 19.58 -22.55 -24.77
N ASN M 232 18.92 -23.40 -25.55
CA ASN M 232 18.79 -23.22 -26.99
C ASN M 232 20.12 -23.35 -27.70
N VAL M 233 21.01 -24.19 -27.17
CA VAL M 233 22.34 -24.40 -27.73
C VAL M 233 22.53 -25.91 -27.91
N ALA M 234 22.78 -26.33 -29.15
CA ALA M 234 23.01 -27.73 -29.47
C ALA M 234 22.07 -28.66 -28.71
N ASP M 238 19.66 -30.18 -30.07
CA ASP M 238 18.49 -30.49 -30.88
C ASP M 238 17.49 -31.34 -30.10
N LYS M 239 17.98 -32.41 -29.48
CA LYS M 239 17.16 -33.34 -28.69
C LYS M 239 17.62 -33.31 -27.23
N ARG M 240 16.72 -32.91 -26.33
CA ARG M 240 17.04 -32.98 -24.91
C ARG M 240 17.44 -34.41 -24.57
N THR M 241 18.62 -34.57 -23.97
CA THR M 241 19.14 -35.87 -23.59
C THR M 241 19.17 -35.99 -22.07
N THR M 242 18.54 -37.04 -21.55
CA THR M 242 18.58 -37.29 -20.12
C THR M 242 20.00 -37.58 -19.69
N LEU M 243 20.38 -37.05 -18.51
CA LEU M 243 21.73 -37.30 -18.01
C LEU M 243 21.99 -38.78 -17.79
N GLU M 244 20.94 -39.58 -17.62
CA GLU M 244 21.12 -41.00 -17.34
C GLU M 244 21.66 -41.73 -18.57
N GLU M 245 20.92 -41.69 -19.68
CA GLU M 245 21.42 -42.30 -20.90
C GLU M 245 22.67 -41.61 -21.40
N LEU M 246 22.79 -40.30 -21.15
CA LEU M 246 24.01 -39.59 -21.52
C LEU M 246 25.23 -40.19 -20.82
N LEU M 247 25.12 -40.42 -19.51
CA LEU M 247 26.20 -41.08 -18.78
C LEU M 247 26.42 -42.50 -19.29
N ILE M 248 25.33 -43.21 -19.58
CA ILE M 248 25.48 -44.58 -20.11
C ILE M 248 26.35 -44.57 -21.35
N GLU M 249 25.99 -43.72 -22.33
CA GLU M 249 26.73 -43.68 -23.59
C GLU M 249 28.15 -43.16 -23.40
N ARG M 250 28.32 -42.19 -22.50
CA ARG M 250 29.66 -41.72 -22.18
C ARG M 250 30.54 -42.87 -21.71
N GLY M 251 30.03 -43.66 -20.75
CA GLY M 251 30.79 -44.81 -20.29
C GLY M 251 31.04 -45.82 -21.40
N GLU M 252 30.06 -46.00 -22.29
CA GLU M 252 30.23 -46.93 -23.39
C GLU M 252 31.42 -46.55 -24.26
N LYS M 253 31.58 -45.26 -24.57
CA LYS M 253 32.81 -44.85 -25.23
C LYS M 253 34.03 -45.03 -24.33
N ILE M 254 33.98 -44.52 -23.10
CA ILE M 254 35.19 -44.45 -22.28
C ILE M 254 35.79 -45.84 -22.09
N GLN M 255 34.94 -46.86 -21.89
CA GLN M 255 35.47 -48.21 -21.74
C GLN M 255 36.26 -48.63 -22.97
N MET M 256 35.80 -48.26 -24.16
CA MET M 256 36.54 -48.55 -25.37
C MET M 256 37.75 -47.64 -25.53
N LEU M 257 37.72 -46.46 -24.93
CA LEU M 257 38.85 -45.53 -25.00
C LEU M 257 39.97 -46.08 -24.12
N GLN M 258 40.93 -46.76 -24.74
CA GLN M 258 42.02 -47.32 -23.97
C GLN M 258 42.99 -46.22 -23.54
N PRO M 259 43.67 -46.39 -22.41
CA PRO M 259 44.58 -45.35 -21.93
C PRO M 259 45.81 -45.22 -22.82
N GLN M 260 46.41 -44.03 -22.76
CA GLN M 260 47.65 -43.74 -23.48
C GLN M 260 48.79 -43.34 -22.56
N GLN M 261 48.52 -43.09 -21.28
CA GLN M 261 49.56 -42.78 -20.31
C GLN M 261 49.39 -43.68 -19.08
N TYR M 262 50.33 -43.56 -18.14
CA TYR M 262 50.34 -44.40 -16.96
C TYR M 262 51.41 -43.86 -16.01
N ILE M 263 51.16 -44.02 -14.72
CA ILE M 263 52.12 -43.67 -13.68
C ILE M 263 52.15 -44.86 -12.71
N ASN M 264 53.08 -45.78 -12.93
CA ASN M 264 53.18 -46.99 -12.14
C ASN M 264 53.73 -46.70 -10.74
N SER M 265 53.52 -47.66 -9.84
CA SER M 265 53.92 -47.52 -8.45
C SER M 265 53.23 -46.33 -7.80
N GLY M 266 53.29 -46.27 -6.47
CA GLY M 266 52.85 -45.08 -5.76
C GLY M 266 53.93 -44.02 -5.85
N THR M 267 54.07 -43.42 -7.03
CA THR M 267 55.18 -42.52 -7.29
C THR M 267 55.29 -41.47 -6.19
N GLU M 268 56.49 -41.27 -5.68
CA GLU M 268 56.70 -40.35 -4.59
C GLU M 268 56.22 -38.96 -4.97
N ILE M 269 55.52 -38.31 -4.04
CA ILE M 269 55.08 -36.94 -4.28
C ILE M 269 56.31 -36.03 -4.32
N PRO M 270 56.49 -35.20 -5.35
CA PRO M 270 57.64 -34.29 -5.39
C PRO M 270 57.41 -33.04 -4.53
N PHE M 271 57.07 -33.26 -3.27
CA PHE M 271 56.91 -32.18 -2.31
C PHE M 271 58.16 -31.31 -2.25
N CYS M 272 57.95 -30.00 -2.29
CA CYS M 272 59.04 -29.02 -2.32
C CYS M 272 59.49 -28.72 -0.89
N ASP M 273 60.64 -29.27 -0.51
CA ASP M 273 61.20 -29.04 0.82
C ASP M 273 61.74 -27.62 1.00
N ASP M 274 61.81 -26.82 -0.05
CA ASP M 274 62.34 -25.47 0.04
C ASP M 274 61.31 -24.60 0.76
N ALA M 275 61.32 -24.68 2.09
CA ALA M 275 60.38 -23.91 2.89
C ALA M 275 60.50 -22.42 2.62
N GLU M 276 61.70 -21.96 2.24
CA GLU M 276 61.85 -20.57 1.81
C GLU M 276 61.01 -20.29 0.57
N PHE M 277 61.00 -21.23 -0.38
CA PHE M 277 60.14 -21.09 -1.55
C PHE M 277 58.67 -21.05 -1.13
N LEU M 278 58.28 -21.93 -0.22
CA LEU M 278 56.90 -21.93 0.26
C LEU M 278 56.53 -20.58 0.85
N ASN M 279 57.40 -20.03 1.71
CA ASN M 279 57.12 -18.75 2.33
C ASN M 279 57.10 -17.62 1.31
N ARG M 280 58.03 -17.64 0.36
CA ARG M 280 58.08 -16.59 -0.66
C ARG M 280 56.80 -16.57 -1.48
N LEU M 281 56.39 -17.74 -1.98
CA LEU M 281 55.17 -17.79 -2.77
C LEU M 281 53.94 -17.53 -1.91
N LEU M 282 54.01 -17.87 -0.62
CA LEU M 282 52.90 -17.55 0.27
C LEU M 282 52.71 -16.05 0.40
N LYS M 283 53.80 -15.34 0.72
CA LYS M 283 53.68 -13.88 0.83
C LYS M 283 53.36 -13.26 -0.52
N HIS M 284 53.76 -13.92 -1.61
CA HIS M 284 53.34 -13.45 -2.93
C HIS M 284 51.84 -13.55 -3.10
N ILE M 285 51.24 -14.65 -2.64
CA ILE M 285 49.79 -14.82 -2.74
C ILE M 285 49.04 -14.17 -1.59
N ASP M 286 49.74 -13.75 -0.53
CA ASP M 286 49.07 -13.11 0.59
C ASP M 286 48.33 -11.84 0.19
N PRO M 287 48.89 -10.93 -0.62
CA PRO M 287 48.10 -9.75 -1.03
C PRO M 287 46.85 -10.13 -1.81
N TYR M 288 46.80 -11.33 -2.37
CA TYR M 288 45.63 -11.73 -3.14
C TYR M 288 44.41 -11.81 -2.22
N PRO M 289 43.29 -11.18 -2.58
CA PRO M 289 42.05 -11.34 -1.80
C PRO M 289 41.39 -12.69 -2.04
N LEU M 290 41.78 -13.69 -1.24
CA LEU M 290 41.32 -15.06 -1.44
C LEU M 290 39.85 -15.15 -1.88
N SER M 291 38.97 -14.37 -1.24
CA SER M 291 37.55 -14.48 -1.52
C SER M 291 37.24 -14.14 -2.97
N ARG M 292 37.90 -13.12 -3.52
CA ARG M 292 37.74 -12.80 -4.93
C ARG M 292 37.97 -14.02 -5.80
N MET M 293 39.02 -14.79 -5.49
CA MET M 293 39.34 -15.94 -6.32
C MET M 293 38.37 -17.09 -6.05
N TYR M 294 37.91 -17.21 -4.81
CA TYR M 294 36.84 -18.15 -4.50
C TYR M 294 35.67 -17.92 -5.46
N TYR M 295 35.26 -16.66 -5.56
CA TYR M 295 34.13 -16.31 -6.42
C TYR M 295 34.45 -16.56 -7.88
N ASN M 296 35.63 -16.14 -8.34
CA ASN M 296 36.00 -16.38 -9.73
C ASN M 296 35.93 -17.86 -10.07
N ALA M 297 36.53 -18.71 -9.24
CA ALA M 297 36.58 -20.14 -9.52
C ALA M 297 35.19 -20.76 -9.48
N ALA M 298 34.40 -20.43 -8.45
CA ALA M 298 33.07 -21.03 -8.35
C ALA M 298 32.19 -20.63 -9.52
N ASN M 299 32.22 -19.34 -9.89
CA ASN M 299 31.48 -18.90 -11.08
C ASN M 299 31.97 -19.63 -12.32
N THR M 300 33.27 -19.82 -12.47
CA THR M 300 33.78 -20.50 -13.65
C THR M 300 33.29 -21.94 -13.70
N MET M 301 33.29 -22.63 -12.57
CA MET M 301 32.78 -24.00 -12.54
C MET M 301 31.31 -24.04 -12.92
N PHE M 302 30.51 -23.14 -12.34
CA PHE M 302 29.10 -23.08 -12.71
C PHE M 302 28.94 -22.80 -14.19
N TYR M 303 29.72 -21.87 -14.73
CA TYR M 303 29.64 -21.54 -16.14
C TYR M 303 29.91 -22.76 -17.00
N THR M 304 31.00 -23.47 -16.71
CA THR M 304 31.35 -24.61 -17.55
C THR M 304 30.28 -25.69 -17.46
N THR M 305 29.80 -25.99 -16.25
CA THR M 305 28.79 -27.04 -16.11
C THR M 305 27.49 -26.65 -16.82
N MET M 306 27.05 -25.41 -16.64
CA MET M 306 25.80 -24.97 -17.28
C MET M 306 25.92 -25.01 -18.80
N GLU M 307 27.01 -24.46 -19.34
CA GLU M 307 27.15 -24.47 -20.79
C GLU M 307 27.25 -25.89 -21.32
N ASN M 308 27.96 -26.76 -20.60
CA ASN M 308 28.07 -28.15 -21.06
C ASN M 308 26.71 -28.83 -21.06
N TYR M 309 25.92 -28.63 -20.00
CA TYR M 309 24.58 -29.20 -19.98
C TYR M 309 23.73 -28.66 -21.13
N ALA M 310 23.85 -27.36 -21.42
CA ALA M 310 23.04 -26.78 -22.48
C ALA M 310 23.44 -27.32 -23.85
N VAL M 311 24.75 -27.34 -24.15
CA VAL M 311 25.20 -27.73 -25.48
C VAL M 311 25.05 -29.23 -25.68
N SER M 312 25.53 -30.01 -24.71
CA SER M 312 25.18 -31.43 -24.69
C SER M 312 23.67 -31.60 -24.79
N ASN M 313 22.92 -30.54 -24.49
CA ASN M 313 21.47 -30.50 -24.58
C ASN M 313 20.84 -31.33 -23.48
N CYS M 314 21.64 -31.68 -22.47
CA CYS M 314 21.19 -32.39 -21.29
C CYS M 314 20.69 -31.40 -20.24
N LYS M 315 19.64 -31.79 -19.53
CA LYS M 315 19.03 -30.91 -18.55
C LYS M 315 20.00 -30.61 -17.43
N PHE M 316 20.16 -29.32 -17.12
CA PHE M 316 21.04 -28.90 -16.04
C PHE M 316 20.29 -28.97 -14.72
N ASN M 317 20.88 -29.65 -13.74
CA ASN M 317 20.26 -29.83 -12.43
C ASN M 317 20.92 -28.86 -11.45
N ILE M 318 20.41 -27.63 -11.45
CA ILE M 318 20.90 -26.62 -10.52
C ILE M 318 20.67 -27.05 -9.08
N GLU M 319 19.62 -27.86 -8.84
CA GLU M 319 19.32 -28.28 -7.49
C GLU M 319 20.47 -29.09 -6.90
N ASP M 320 20.93 -30.10 -7.63
CA ASP M 320 22.05 -30.90 -7.14
C ASP M 320 23.36 -30.12 -7.22
N TYR M 321 23.45 -29.12 -8.10
CA TYR M 321 24.60 -28.24 -8.09
C TYR M 321 24.71 -27.52 -6.75
N ASN M 322 23.58 -26.99 -6.27
CA ASN M 322 23.57 -26.41 -4.94
C ASN M 322 23.76 -27.46 -3.86
N ASN M 323 23.25 -28.68 -4.08
CA ASN M 323 23.46 -29.73 -3.09
C ASN M 323 24.94 -30.08 -2.96
N ILE M 324 25.73 -29.87 -4.01
CA ILE M 324 27.18 -30.00 -3.88
C ILE M 324 27.70 -29.02 -2.83
N PHE M 325 27.32 -27.75 -2.97
CA PHE M 325 27.66 -26.77 -1.94
C PHE M 325 27.17 -27.25 -0.58
N LYS M 326 25.89 -27.61 -0.49
CA LYS M 326 25.32 -28.01 0.79
C LYS M 326 26.15 -29.09 1.45
N VAL M 327 26.53 -30.12 0.68
CA VAL M 327 27.45 -31.14 1.20
C VAL M 327 28.71 -30.48 1.73
N MET M 328 29.24 -29.53 0.95
CA MET M 328 30.48 -28.86 1.34
C MET M 328 30.36 -28.10 2.66
N GLU M 329 29.21 -27.46 2.92
CA GLU M 329 29.09 -26.71 4.18
C GLU M 329 28.69 -27.61 5.35
N ASN M 330 27.96 -28.69 5.10
CA ASN M 330 27.50 -29.52 6.21
C ASN M 330 28.65 -30.08 7.02
N ILE M 331 29.85 -30.15 6.44
CA ILE M 331 30.98 -30.79 7.08
C ILE M 331 31.60 -29.89 8.15
N GLU N 112 19.19 -2.01 -49.43
CA GLU N 112 18.50 -2.15 -48.15
C GLU N 112 19.14 -3.25 -47.30
N LEU N 113 19.31 -2.95 -46.01
CA LEU N 113 19.78 -3.94 -45.05
C LEU N 113 18.76 -4.21 -43.96
N ILE N 114 17.64 -3.49 -43.91
CA ILE N 114 16.64 -3.65 -42.88
C ILE N 114 15.29 -3.24 -43.45
N ASN N 115 14.24 -3.91 -42.97
CA ASN N 115 12.86 -3.56 -43.31
C ASN N 115 12.42 -2.38 -42.42
N MET N 116 13.00 -1.22 -42.72
CA MET N 116 12.82 -0.06 -41.84
C MET N 116 11.36 0.33 -41.64
N ARG N 117 10.41 -0.30 -42.33
CA ARG N 117 9.00 -0.07 -42.02
C ARG N 117 8.66 -0.58 -40.62
N ARG N 118 9.04 -1.82 -40.31
CA ARG N 118 8.81 -2.35 -38.97
C ARG N 118 9.52 -1.48 -37.93
N TYR N 119 10.73 -1.05 -38.25
CA TYR N 119 11.51 -0.23 -37.33
C TYR N 119 10.81 1.10 -37.06
N ARG N 120 10.33 1.76 -38.11
CA ARG N 120 9.66 3.05 -37.93
C ARG N 120 8.33 2.88 -37.20
N ASN N 121 7.60 1.81 -37.49
CA ASN N 121 6.33 1.60 -36.79
C ASN N 121 6.56 1.34 -35.31
N ALA N 122 7.55 0.53 -34.98
CA ALA N 122 7.89 0.32 -33.57
C ALA N 122 8.32 1.62 -32.92
N ALA N 123 9.15 2.40 -33.63
CA ALA N 123 9.57 3.69 -33.10
C ALA N 123 8.37 4.56 -32.77
N ARG N 124 7.46 4.71 -33.73
CA ARG N 124 6.29 5.55 -33.54
C ARG N 124 5.45 5.06 -32.37
N LYS N 125 5.18 3.76 -32.32
CA LYS N 125 4.37 3.22 -31.23
C LYS N 125 5.00 3.55 -29.88
N LEU N 126 6.31 3.32 -29.76
CA LEU N 126 6.98 3.54 -28.48
C LEU N 126 6.93 5.01 -28.09
N ILE N 127 7.33 5.90 -29.00
CA ILE N 127 7.41 7.31 -28.62
C ILE N 127 6.02 7.83 -28.31
N HIS N 128 5.01 7.40 -29.07
CA HIS N 128 3.66 7.85 -28.84
C HIS N 128 3.16 7.36 -27.48
N HIS N 129 3.49 6.12 -27.12
CA HIS N 129 3.17 5.66 -25.77
C HIS N 129 3.82 6.56 -24.72
N TYR N 130 5.12 6.80 -24.87
CA TYR N 130 5.82 7.61 -23.87
C TYR N 130 5.24 9.01 -23.76
N SER N 131 4.74 9.56 -24.87
CA SER N 131 4.10 10.87 -24.82
C SER N 131 2.74 10.79 -24.14
N LEU N 132 1.94 9.78 -24.49
CA LEU N 132 0.62 9.62 -23.89
C LEU N 132 0.68 9.09 -22.48
N ASN N 133 1.81 8.54 -22.06
CA ASN N 133 1.90 7.78 -20.81
C ASN N 133 3.27 7.13 -20.65
N GLU N 139 4.18 -1.77 -22.09
CA GLU N 139 3.65 -2.81 -22.96
C GLU N 139 4.64 -3.17 -24.06
N TYR N 140 5.81 -2.54 -24.03
CA TYR N 140 6.85 -2.76 -25.01
C TYR N 140 8.01 -3.53 -24.40
N LYS N 141 9.04 -3.78 -25.21
CA LYS N 141 10.17 -4.60 -24.83
C LYS N 141 11.45 -3.85 -25.17
N ILE N 142 12.58 -4.29 -24.62
CA ILE N 142 13.82 -3.64 -24.99
C ILE N 142 14.11 -3.92 -26.46
N SER N 143 13.71 -5.08 -26.95
CA SER N 143 13.60 -5.28 -28.39
C SER N 143 13.00 -4.07 -29.06
N ASP N 144 11.87 -3.59 -28.53
CA ASP N 144 11.16 -2.50 -29.16
C ASP N 144 11.97 -1.21 -29.16
N VAL N 145 12.65 -0.91 -28.04
CA VAL N 145 13.41 0.34 -28.00
C VAL N 145 14.63 0.27 -28.90
N VAL N 146 15.29 -0.88 -28.95
CA VAL N 146 16.44 -1.01 -29.86
C VAL N 146 15.96 -0.92 -31.30
N MET N 147 14.79 -1.49 -31.60
CA MET N 147 14.16 -1.35 -32.91
C MET N 147 13.92 0.13 -33.22
N THR N 148 13.39 0.86 -32.24
CA THR N 148 13.10 2.28 -32.39
C THR N 148 14.37 3.06 -32.70
N MET N 149 15.43 2.81 -31.93
CA MET N 149 16.68 3.53 -32.14
C MET N 149 17.29 3.15 -33.48
N ILE N 150 17.09 1.90 -33.92
CA ILE N 150 17.58 1.50 -35.24
C ILE N 150 16.90 2.33 -36.32
N PHE N 151 15.57 2.41 -36.28
CA PHE N 151 14.89 3.25 -37.26
C PHE N 151 15.37 4.68 -37.17
N LEU N 152 15.42 5.22 -35.95
CA LEU N 152 15.81 6.61 -35.78
C LEU N 152 17.15 6.86 -36.45
N LEU N 153 18.13 6.01 -36.18
CA LEU N 153 19.41 6.12 -36.87
C LEU N 153 19.21 6.08 -38.38
N ARG N 154 18.35 5.16 -38.84
CA ARG N 154 18.07 5.08 -40.27
C ARG N 154 17.47 6.37 -40.81
N SER N 155 16.81 7.14 -39.95
CA SER N 155 16.15 8.39 -40.35
C SER N 155 17.13 9.53 -40.09
N GLU N 156 17.88 9.88 -41.13
CA GLU N 156 18.87 10.95 -41.01
C GLU N 156 18.24 12.27 -40.58
N LYS N 157 16.95 12.47 -40.86
CA LYS N 157 16.31 13.75 -40.59
C LYS N 157 16.17 14.02 -39.09
N TYR N 158 16.40 13.03 -38.24
CA TYR N 158 16.28 13.18 -36.79
C TYR N 158 17.63 13.06 -36.09
N HIS N 159 18.65 13.68 -36.71
CA HIS N 159 19.98 13.73 -36.13
C HIS N 159 19.94 14.36 -34.74
N SER N 160 19.12 15.41 -34.60
CA SER N 160 18.97 16.07 -33.31
C SER N 160 18.55 15.07 -32.23
N LEU N 161 17.52 14.27 -32.52
CA LEU N 161 17.15 13.26 -31.55
C LEU N 161 18.26 12.24 -31.36
N PHE N 162 19.10 12.01 -32.38
CA PHE N 162 20.25 11.13 -32.14
C PHE N 162 21.01 11.64 -30.94
N LYS N 163 21.41 12.92 -30.99
CA LYS N 163 22.24 13.45 -29.91
C LYS N 163 21.45 13.56 -28.60
N LEU N 164 20.15 13.86 -28.69
CA LEU N 164 19.34 13.90 -27.47
C LEU N 164 19.42 12.58 -26.73
N LEU N 165 19.17 11.48 -27.45
CA LEU N 165 19.21 10.17 -26.79
C LEU N 165 20.63 9.78 -26.38
N GLU N 166 21.63 10.23 -27.13
CA GLU N 166 23.01 9.94 -26.74
C GLU N 166 23.34 10.62 -25.42
N THR N 167 22.99 11.90 -25.28
CA THR N 167 23.25 12.61 -24.03
C THR N 167 22.46 12.02 -22.89
N THR N 168 21.20 11.63 -23.13
CA THR N 168 20.40 11.05 -22.07
C THR N 168 21.03 9.78 -21.51
N PHE N 169 21.86 9.10 -22.31
CA PHE N 169 22.55 7.92 -21.82
C PHE N 169 23.35 8.28 -20.57
N ASP N 170 23.32 7.39 -19.58
CA ASP N 170 23.99 7.62 -18.32
C ASP N 170 23.36 8.84 -17.64
N ASP N 171 23.98 10.01 -17.78
CA ASP N 171 23.43 11.23 -17.20
C ASP N 171 22.35 11.81 -18.09
N TYR N 172 21.37 12.48 -17.46
CA TYR N 172 20.39 13.24 -18.21
C TYR N 172 21.00 14.47 -18.87
N THR N 173 22.14 14.94 -18.37
CA THR N 173 22.68 16.26 -18.71
C THR N 173 21.57 17.25 -18.39
N CYS N 174 21.25 18.18 -19.30
CA CYS N 174 20.08 19.02 -19.15
C CYS N 174 19.36 19.05 -20.48
N ARG N 175 18.39 19.95 -20.66
CA ARG N 175 17.77 20.15 -21.96
C ARG N 175 18.62 21.15 -22.72
N PRO N 176 19.37 20.73 -23.75
CA PRO N 176 20.26 21.67 -24.43
C PRO N 176 19.47 22.81 -25.07
N GLN N 177 20.02 24.01 -24.99
CA GLN N 177 19.43 25.15 -25.69
C GLN N 177 19.47 24.91 -27.19
N MET N 178 18.68 25.69 -27.92
CA MET N 178 18.67 25.55 -29.37
C MET N 178 18.06 26.79 -29.99
N THR N 179 18.49 27.11 -31.21
CA THR N 179 17.95 28.25 -31.92
C THR N 179 16.48 28.02 -32.26
N GLN N 180 15.74 29.13 -32.36
CA GLN N 180 14.28 29.05 -32.50
C GLN N 180 13.89 28.36 -33.80
N VAL N 181 14.57 28.66 -34.91
CA VAL N 181 14.22 28.03 -36.18
C VAL N 181 14.44 26.52 -36.08
N GLN N 182 15.56 26.11 -35.48
CA GLN N 182 15.79 24.70 -35.24
C GLN N 182 14.71 24.11 -34.33
N THR N 183 14.24 24.91 -33.37
CA THR N 183 13.17 24.45 -32.50
C THR N 183 11.92 24.12 -33.31
N ASP N 184 11.53 25.03 -34.20
CA ASP N 184 10.36 24.78 -35.02
C ASP N 184 10.55 23.59 -35.93
N THR N 185 11.73 23.46 -36.54
CA THR N 185 11.97 22.35 -37.44
C THR N 185 11.92 21.02 -36.70
N LEU N 186 12.54 20.95 -35.52
CA LEU N 186 12.50 19.72 -34.74
C LEU N 186 11.10 19.42 -34.25
N LEU N 187 10.33 20.47 -33.92
CA LEU N 187 8.95 20.25 -33.53
C LEU N 187 8.15 19.66 -34.68
N ASP N 188 8.36 20.17 -35.89
CA ASP N 188 7.70 19.58 -37.06
C ASP N 188 8.17 18.14 -37.28
N ALA N 189 9.45 17.88 -37.03
CA ALA N 189 9.96 16.51 -37.15
C ALA N 189 9.24 15.57 -36.19
N VAL N 190 9.18 15.94 -34.92
CA VAL N 190 8.48 15.10 -33.94
C VAL N 190 7.02 14.97 -34.32
N ARG N 191 6.39 16.07 -34.72
CA ARG N 191 5.04 16.04 -35.27
C ARG N 191 4.90 14.91 -36.29
N SER N 192 5.71 14.97 -37.34
CA SER N 192 5.68 13.92 -38.37
C SER N 192 5.90 12.55 -37.74
N LEU N 193 6.65 12.49 -36.64
CA LEU N 193 6.95 11.23 -35.99
C LEU N 193 5.86 10.74 -35.04
N LEU N 194 4.92 11.59 -34.65
CA LEU N 194 3.93 11.19 -33.65
C LEU N 194 3.12 9.99 -34.15
N SER N 198 0.01 13.63 -34.01
CA SER N 198 -0.94 13.37 -32.93
C SER N 198 -1.17 14.62 -32.10
N THR N 199 -1.22 14.47 -30.77
CA THR N 199 -1.52 15.59 -29.90
C THR N 199 -0.45 16.68 -30.05
N THR N 200 -0.87 17.91 -29.80
CA THR N 200 0.03 19.05 -29.96
C THR N 200 1.24 18.90 -29.05
N ILE N 201 2.41 19.28 -29.57
CA ILE N 201 3.67 19.11 -28.86
C ILE N 201 4.35 20.47 -28.69
N ASP N 202 5.42 20.46 -27.92
CA ASP N 202 6.20 21.67 -27.61
C ASP N 202 7.47 21.22 -26.91
N LEU N 203 8.29 22.20 -26.50
CA LEU N 203 9.57 21.88 -25.88
C LEU N 203 9.38 20.98 -24.67
N THR N 204 8.36 21.25 -23.84
CA THR N 204 8.16 20.46 -22.64
C THR N 204 7.89 19.00 -22.97
N THR N 205 7.04 18.74 -23.97
CA THR N 205 6.70 17.36 -24.29
C THR N 205 7.90 16.61 -24.85
N VAL N 206 8.68 17.25 -25.72
CA VAL N 206 9.87 16.59 -26.25
C VAL N 206 10.86 16.32 -25.13
N ASP N 207 11.00 17.25 -24.19
CA ASP N 207 11.87 17.02 -23.05
C ASP N 207 11.35 15.85 -22.20
N ILE N 208 10.03 15.75 -22.05
CA ILE N 208 9.45 14.69 -21.22
C ILE N 208 9.70 13.32 -21.85
N MET N 209 9.45 13.20 -23.15
CA MET N 209 9.71 11.96 -23.86
C MET N 209 11.20 11.63 -23.89
N ARG N 210 12.05 12.66 -23.98
CA ARG N 210 13.49 12.46 -23.85
C ARG N 210 13.84 11.89 -22.48
N SER N 211 13.22 12.41 -21.43
CA SER N 211 13.47 11.90 -20.08
C SER N 211 12.97 10.47 -19.92
N SER N 212 11.82 10.17 -20.52
CA SER N 212 11.32 8.80 -20.51
C SER N 212 12.37 7.87 -21.12
N PHE N 213 12.93 8.27 -22.25
CA PHE N 213 13.97 7.45 -22.86
C PHE N 213 15.20 7.37 -21.95
N ALA N 214 15.55 8.47 -21.30
CA ALA N 214 16.67 8.47 -20.38
C ALA N 214 16.49 7.40 -19.30
N ARG N 215 15.33 7.40 -18.64
CA ARG N 215 15.08 6.43 -17.59
C ARG N 215 15.07 5.01 -18.16
N CYS N 216 14.51 4.84 -19.36
CA CYS N 216 14.58 3.53 -20.01
C CYS N 216 16.03 3.08 -20.13
N PHE N 217 16.90 3.97 -20.61
CA PHE N 217 18.33 3.68 -20.67
C PHE N 217 18.89 3.37 -19.30
N ASN N 218 18.31 3.95 -18.25
CA ASN N 218 18.76 3.75 -16.88
C ASN N 218 18.10 2.55 -16.22
N SER N 219 17.63 1.58 -16.99
CA SER N 219 17.04 0.37 -16.46
C SER N 219 17.98 -0.82 -16.66
N PRO N 220 18.15 -1.68 -15.67
CA PRO N 220 18.97 -2.88 -15.86
C PRO N 220 18.30 -3.86 -16.80
N ILE N 221 19.13 -4.75 -17.36
CA ILE N 221 18.67 -5.77 -18.29
C ILE N 221 18.94 -7.14 -17.68
N MET N 222 18.67 -8.20 -18.44
CA MET N 222 18.83 -9.55 -17.92
C MET N 222 20.30 -9.85 -17.63
N ARG N 223 20.53 -10.70 -16.63
CA ARG N 223 21.85 -11.20 -16.29
C ARG N 223 21.79 -12.72 -16.27
N TYR N 224 22.84 -13.38 -15.80
CA TYR N 224 22.83 -14.82 -15.59
C TYR N 224 23.14 -15.12 -14.13
N ALA N 225 22.94 -16.38 -13.75
CA ALA N 225 23.11 -16.79 -12.36
C ALA N 225 24.58 -16.74 -11.96
N LYS N 226 24.81 -16.44 -10.69
CA LYS N 226 26.16 -16.30 -10.14
C LYS N 226 26.27 -17.05 -8.82
N ILE N 227 27.44 -17.66 -8.61
CA ILE N 227 27.75 -18.33 -7.36
C ILE N 227 28.23 -17.25 -6.39
N VAL N 228 27.29 -16.67 -5.66
CA VAL N 228 27.62 -15.63 -4.70
C VAL N 228 28.41 -16.22 -3.54
N LEU N 229 29.21 -15.37 -2.89
CA LEU N 229 30.00 -15.77 -1.74
C LEU N 229 29.35 -15.32 -0.44
N LEU N 230 29.75 -15.96 0.65
CA LEU N 230 29.36 -15.54 1.99
C LEU N 230 30.44 -15.99 2.97
N GLN N 231 30.94 -15.05 3.76
CA GLN N 231 31.99 -15.35 4.72
C GLN N 231 31.58 -16.48 5.66
N ASP N 238 32.03 -22.41 17.81
CA ASP N 238 31.61 -23.67 18.39
C ASP N 238 32.81 -24.41 18.99
N LYS N 239 33.62 -25.01 18.11
CA LYS N 239 34.76 -25.79 18.58
C LYS N 239 35.79 -24.89 19.23
N ARG N 240 36.18 -25.23 20.45
CA ARG N 240 37.17 -24.47 21.22
C ARG N 240 38.43 -25.33 21.33
N THR N 241 39.56 -24.80 20.90
CA THR N 241 40.80 -25.55 20.96
C THR N 241 41.14 -25.91 22.41
N THR N 242 41.53 -27.15 22.63
CA THR N 242 41.87 -27.60 23.97
C THR N 242 43.16 -26.96 24.43
N LEU N 243 43.30 -26.82 25.75
CA LEU N 243 44.50 -26.21 26.32
C LEU N 243 45.76 -26.92 25.87
N GLU N 244 45.71 -28.25 25.72
CA GLU N 244 46.92 -29.02 25.54
C GLU N 244 47.70 -28.57 24.31
N GLU N 245 47.05 -28.51 23.15
CA GLU N 245 47.80 -28.21 21.92
C GLU N 245 48.19 -26.75 21.85
N LEU N 246 47.33 -25.84 22.33
CA LEU N 246 47.72 -24.43 22.38
C LEU N 246 48.99 -24.26 23.20
N LEU N 247 49.03 -24.85 24.39
CA LEU N 247 50.23 -24.75 25.22
C LEU N 247 51.41 -25.44 24.56
N ILE N 248 51.17 -26.58 23.89
CA ILE N 248 52.26 -27.27 23.20
C ILE N 248 52.91 -26.34 22.19
N GLU N 249 52.08 -25.73 21.33
CA GLU N 249 52.61 -24.84 20.31
C GLU N 249 53.32 -23.64 20.93
N ARG N 250 52.68 -23.02 21.93
CA ARG N 250 53.28 -21.85 22.56
C ARG N 250 54.65 -22.19 23.12
N GLY N 251 54.73 -23.24 23.95
CA GLY N 251 56.00 -23.62 24.53
C GLY N 251 57.03 -24.03 23.50
N GLU N 252 56.59 -24.66 22.41
CA GLU N 252 57.52 -25.00 21.34
C GLU N 252 58.12 -23.74 20.73
N LYS N 253 57.31 -22.69 20.59
CA LYS N 253 57.80 -21.43 20.03
C LYS N 253 58.45 -20.52 21.06
N ILE N 254 58.52 -20.94 22.32
CA ILE N 254 59.22 -20.18 23.35
C ILE N 254 60.72 -20.50 23.29
N PRO N 259 66.99 -15.84 25.42
CA PRO N 259 67.75 -15.10 26.43
C PRO N 259 68.35 -13.81 25.87
N GLN N 260 68.00 -12.67 26.47
CA GLN N 260 68.45 -11.37 25.98
C GLN N 260 69.27 -10.61 27.01
N GLN N 261 68.81 -10.51 28.25
CA GLN N 261 69.44 -9.69 29.27
C GLN N 261 70.22 -10.55 30.24
N TYR N 262 71.22 -9.93 30.87
CA TYR N 262 72.14 -10.64 31.76
C TYR N 262 72.49 -9.78 32.97
N ASP N 273 62.27 -0.19 53.50
CA ASP N 273 63.17 0.13 54.61
C ASP N 273 63.01 1.59 55.02
N ASP N 274 63.19 2.50 54.06
CA ASP N 274 63.01 3.92 54.32
C ASP N 274 61.64 4.18 54.93
N ALA N 275 61.63 4.69 56.16
CA ALA N 275 60.38 4.84 56.89
C ALA N 275 59.61 6.08 56.47
N GLU N 276 60.28 7.23 56.41
CA GLU N 276 59.59 8.46 56.03
C GLU N 276 59.08 8.39 54.60
N PHE N 277 59.91 7.87 53.68
CA PHE N 277 59.47 7.71 52.30
C PHE N 277 58.29 6.73 52.23
N LEU N 278 58.34 5.68 53.05
CA LEU N 278 57.22 4.74 53.10
C LEU N 278 55.94 5.43 53.54
N ASN N 279 56.02 6.27 54.57
CA ASN N 279 54.84 6.99 55.03
C ASN N 279 54.31 7.94 53.96
N ARG N 280 55.22 8.64 53.28
CA ARG N 280 54.80 9.54 52.21
C ARG N 280 54.11 8.76 51.09
N LEU N 281 54.65 7.60 50.73
CA LEU N 281 53.98 6.75 49.75
C LEU N 281 52.60 6.34 50.24
N LEU N 282 52.49 6.01 51.53
CA LEU N 282 51.21 5.58 52.07
C LEU N 282 50.17 6.69 52.00
N LYS N 283 50.55 7.92 52.34
CA LYS N 283 49.57 9.00 52.37
C LYS N 283 49.07 9.33 50.97
N HIS N 284 49.94 9.25 49.97
CA HIS N 284 49.53 9.52 48.59
C HIS N 284 48.60 8.42 48.09
N TYR N 288 41.96 5.71 48.75
CA TYR N 288 41.77 4.73 47.68
C TYR N 288 41.01 3.52 48.21
N PRO N 289 39.72 3.37 47.87
CA PRO N 289 38.98 2.20 48.35
C PRO N 289 39.64 0.89 47.93
N LEU N 290 40.14 0.14 48.91
CA LEU N 290 40.88 -1.08 48.59
C LEU N 290 40.00 -2.06 47.82
N SER N 291 38.73 -2.17 48.20
CA SER N 291 37.83 -3.07 47.51
C SER N 291 37.77 -2.75 46.03
N ARG N 292 37.54 -1.48 45.68
CA ARG N 292 37.45 -1.09 44.28
C ARG N 292 38.76 -1.31 43.55
N MET N 293 39.89 -1.12 44.23
CA MET N 293 41.19 -1.26 43.58
C MET N 293 41.50 -2.72 43.25
N TYR N 294 41.33 -3.61 44.24
CA TYR N 294 41.43 -5.04 43.96
C TYR N 294 40.41 -5.46 42.90
N TYR N 295 39.20 -4.91 42.96
CA TYR N 295 38.18 -5.16 41.95
C TYR N 295 38.68 -4.83 40.55
N ASN N 296 39.20 -3.62 40.36
CA ASN N 296 39.65 -3.21 39.05
C ASN N 296 40.78 -4.10 38.55
N ALA N 297 41.75 -4.40 39.43
CA ALA N 297 42.85 -5.26 39.02
C ALA N 297 42.36 -6.65 38.64
N ALA N 298 41.47 -7.22 39.44
CA ALA N 298 41.03 -8.59 39.22
C ALA N 298 40.19 -8.70 37.95
N ASN N 299 39.29 -7.73 37.73
CA ASN N 299 38.51 -7.77 36.50
C ASN N 299 39.39 -7.50 35.29
N THR N 300 40.41 -6.66 35.44
CA THR N 300 41.41 -6.49 34.38
C THR N 300 42.04 -7.82 34.00
N MET N 301 42.56 -8.55 35.00
CA MET N 301 43.25 -9.80 34.70
C MET N 301 42.28 -10.83 34.12
N PHE N 302 41.07 -10.91 34.65
CA PHE N 302 40.09 -11.86 34.14
C PHE N 302 39.73 -11.55 32.70
N TYR N 303 39.48 -10.27 32.39
CA TYR N 303 39.12 -9.91 31.03
C TYR N 303 40.26 -10.18 30.06
N THR N 304 41.50 -9.92 30.49
CA THR N 304 42.63 -10.22 29.62
C THR N 304 42.77 -11.72 29.41
N THR N 305 42.52 -12.52 30.44
CA THR N 305 42.55 -13.97 30.26
C THR N 305 41.48 -14.42 29.27
N MET N 306 40.28 -13.87 29.38
CA MET N 306 39.23 -14.19 28.41
C MET N 306 39.64 -13.79 27.01
N GLU N 307 40.29 -12.62 26.87
CA GLU N 307 40.78 -12.20 25.57
C GLU N 307 41.80 -13.19 25.02
N ASN N 308 42.72 -13.64 25.88
CA ASN N 308 43.73 -14.59 25.44
C ASN N 308 43.10 -15.90 25.00
N TYR N 309 42.08 -16.36 25.74
CA TYR N 309 41.36 -17.56 25.33
C TYR N 309 40.68 -17.36 23.99
N ALA N 310 40.02 -16.21 23.80
CA ALA N 310 39.30 -15.96 22.56
C ALA N 310 40.23 -15.92 21.37
N VAL N 311 41.35 -15.19 21.49
CA VAL N 311 42.28 -15.10 20.37
C VAL N 311 42.86 -16.47 20.05
N SER N 312 43.09 -17.29 21.08
CA SER N 312 43.62 -18.63 20.90
C SER N 312 42.54 -19.66 20.61
N ASN N 313 41.27 -19.26 20.56
CA ASN N 313 40.17 -20.18 20.31
C ASN N 313 40.01 -21.13 21.50
N CYS N 314 40.81 -20.93 22.55
CA CYS N 314 40.93 -21.89 23.62
C CYS N 314 39.67 -21.94 24.47
N LYS N 315 39.30 -23.15 24.88
CA LYS N 315 38.16 -23.33 25.77
C LYS N 315 38.51 -22.92 27.19
N PHE N 316 37.62 -22.17 27.82
CA PHE N 316 37.80 -21.79 29.23
C PHE N 316 36.82 -22.55 30.10
N GLU N 319 37.49 -23.07 35.01
CA GLU N 319 37.43 -23.31 36.44
C GLU N 319 38.80 -23.14 37.09
N ASP N 320 39.85 -23.48 36.34
CA ASP N 320 41.20 -23.32 36.86
C ASP N 320 41.47 -21.88 37.27
N TYR N 321 40.77 -20.93 36.65
CA TYR N 321 40.95 -19.53 37.02
C TYR N 321 40.55 -19.32 38.48
N ASN N 322 39.44 -19.92 38.90
CA ASN N 322 39.06 -19.88 40.31
C ASN N 322 40.09 -20.58 41.18
N ASN N 323 40.65 -21.68 40.69
CA ASN N 323 41.73 -22.33 41.43
C ASN N 323 42.90 -21.37 41.66
N ILE N 324 43.16 -20.47 40.71
CA ILE N 324 44.17 -19.45 40.94
C ILE N 324 43.77 -18.56 42.11
N PHE N 325 42.50 -18.14 42.15
CA PHE N 325 42.02 -17.23 43.18
C PHE N 325 40.83 -17.81 43.92
N ASN O 7 14.24 -53.46 4.66
CA ASN O 7 14.74 -52.09 4.60
C ASN O 7 16.26 -52.05 4.75
N LYS O 8 16.73 -52.10 5.99
CA LYS O 8 18.14 -52.04 6.31
C LYS O 8 18.47 -53.11 7.33
N VAL O 9 19.68 -53.65 7.25
CA VAL O 9 20.10 -54.79 8.05
C VAL O 9 21.31 -54.36 8.87
N ARG O 10 21.09 -54.00 10.12
CA ARG O 10 22.19 -53.74 11.04
C ARG O 10 22.92 -55.04 11.36
N THR O 11 24.25 -55.02 11.30
CA THR O 11 25.05 -56.21 11.54
C THR O 11 26.25 -55.82 12.40
N VAL O 12 26.50 -56.60 13.45
CA VAL O 12 27.44 -56.23 14.50
C VAL O 12 28.74 -56.99 14.32
N THR O 13 29.86 -56.27 14.36
CA THR O 13 31.19 -56.86 14.42
C THR O 13 31.64 -56.78 15.87
N GLU O 14 31.59 -57.91 16.58
CA GLU O 14 31.78 -57.94 18.02
C GLU O 14 32.90 -58.90 18.39
N ILE O 15 33.84 -58.41 19.20
CA ILE O 15 34.82 -59.25 19.88
C ILE O 15 34.44 -59.28 21.35
N VAL O 16 34.07 -60.47 21.83
CA VAL O 16 33.51 -60.57 23.19
C VAL O 16 34.54 -60.21 24.24
N ASN O 17 35.83 -60.20 23.89
CA ASN O 17 36.86 -59.83 24.87
C ASN O 17 36.69 -58.41 25.39
N SER O 18 35.94 -57.58 24.68
CA SER O 18 35.67 -56.22 25.11
C SER O 18 34.27 -55.83 24.67
N ASP O 19 33.74 -54.77 25.28
CA ASP O 19 32.44 -54.25 24.90
C ASP O 19 32.44 -53.64 23.51
N GLU O 20 33.62 -53.45 22.91
CA GLU O 20 33.74 -52.82 21.60
C GLU O 20 32.90 -53.56 20.56
N LYS O 21 31.84 -52.92 20.07
CA LYS O 21 31.08 -53.39 18.93
C LYS O 21 31.10 -52.30 17.86
N ILE O 22 31.28 -52.71 16.62
CA ILE O 22 31.36 -51.77 15.50
C ILE O 22 30.19 -52.10 14.58
N GLN O 23 29.07 -51.41 14.78
CA GLN O 23 27.90 -51.63 13.97
C GLN O 23 28.16 -51.25 12.52
N LYS O 24 27.59 -52.01 11.59
CA LYS O 24 27.74 -51.73 10.17
C LYS O 24 26.48 -52.22 9.46
N THR O 25 25.55 -51.29 9.22
CA THR O 25 24.34 -51.59 8.48
C THR O 25 24.66 -51.75 6.99
N TYR O 26 23.93 -52.63 6.33
CA TYR O 26 24.08 -52.89 4.90
C TYR O 26 22.76 -52.65 4.19
N GLU O 27 22.84 -52.02 3.02
CA GLU O 27 21.66 -51.74 2.22
C GLU O 27 21.28 -52.99 1.44
N LEU O 28 20.04 -53.46 1.64
CA LEU O 28 19.57 -54.63 0.90
C LEU O 28 19.31 -54.32 -0.57
N ALA O 29 19.19 -53.04 -0.94
CA ALA O 29 18.87 -52.70 -2.31
C ALA O 29 19.97 -53.15 -3.27
N GLU O 30 21.23 -52.97 -2.88
CA GLU O 30 22.33 -53.38 -3.76
C GLU O 30 22.30 -54.89 -4.00
N PHE O 31 22.08 -55.66 -2.94
CA PHE O 31 22.05 -57.11 -3.09
C PHE O 31 20.84 -57.56 -3.88
N ASP O 32 19.70 -56.91 -3.68
CA ASP O 32 18.52 -57.23 -4.50
C ASP O 32 18.78 -56.93 -5.97
N LEU O 33 19.45 -55.81 -6.25
CA LEU O 33 19.76 -55.47 -7.64
C LEU O 33 20.74 -56.48 -8.23
N LYS O 34 21.74 -56.92 -7.47
CA LYS O 34 22.64 -57.95 -7.96
C LYS O 34 21.89 -59.24 -8.26
N ASN O 35 21.02 -59.66 -7.34
CA ASN O 35 20.22 -60.86 -7.54
C ASN O 35 19.38 -60.74 -8.81
N LEU O 36 18.68 -59.61 -8.96
CA LEU O 36 17.89 -59.38 -10.15
C LEU O 36 18.76 -59.47 -11.40
N SER O 37 19.77 -58.60 -11.51
CA SER O 37 20.64 -58.55 -12.67
C SER O 37 21.14 -59.95 -13.05
N SER O 38 21.57 -60.73 -12.05
CA SER O 38 22.00 -62.10 -12.32
C SER O 38 20.85 -62.91 -12.92
N LEU O 39 19.64 -62.75 -12.36
CA LEU O 39 18.51 -63.52 -12.86
C LEU O 39 18.15 -63.15 -14.29
N GLU O 40 18.10 -61.85 -14.63
CA GLU O 40 17.79 -61.52 -16.03
C GLU O 40 18.92 -61.94 -16.96
N SER O 41 20.17 -61.83 -16.53
CA SER O 41 21.26 -62.28 -17.40
C SER O 41 21.12 -63.77 -17.68
N TYR O 42 20.80 -64.55 -16.64
CA TYR O 42 20.59 -65.98 -16.82
C TYR O 42 19.37 -66.25 -17.71
N GLU O 43 18.32 -65.45 -17.57
CA GLU O 43 17.13 -65.61 -18.40
C GLU O 43 17.44 -65.34 -19.87
N THR O 44 18.09 -64.21 -20.14
CA THR O 44 18.50 -63.90 -21.50
C THR O 44 19.39 -64.99 -22.05
N LEU O 45 20.29 -65.51 -21.20
CA LEU O 45 21.17 -66.60 -21.63
C LEU O 45 20.35 -67.82 -22.06
N LYS O 46 19.42 -68.26 -21.20
CA LYS O 46 18.66 -69.47 -21.53
C LYS O 46 17.85 -69.27 -22.80
N ILE O 47 17.20 -68.11 -22.92
CA ILE O 47 16.34 -67.91 -24.08
C ILE O 47 17.17 -67.84 -25.36
N LYS O 48 18.33 -67.16 -25.31
CA LYS O 48 19.15 -67.08 -26.50
C LYS O 48 19.80 -68.41 -26.85
N LEU O 49 20.12 -69.23 -25.85
CA LEU O 49 20.54 -70.60 -26.13
C LEU O 49 19.43 -71.38 -26.81
N ALA O 50 18.19 -71.23 -26.35
CA ALA O 50 17.09 -71.90 -27.02
C ALA O 50 16.96 -71.42 -28.46
N LEU O 51 17.06 -70.12 -28.68
CA LEU O 51 17.00 -69.57 -30.03
C LEU O 51 18.13 -70.12 -30.91
N SER O 52 19.35 -70.14 -30.39
CA SER O 52 20.48 -70.62 -31.17
C SER O 52 20.35 -72.11 -31.48
N LYS O 53 19.88 -72.90 -30.51
CA LYS O 53 19.64 -74.31 -30.75
C LYS O 53 18.58 -74.52 -31.82
N TYR O 54 17.51 -73.72 -31.78
CA TYR O 54 16.50 -73.80 -32.81
C TYR O 54 17.06 -73.43 -34.18
N MET O 55 17.91 -72.40 -34.22
CA MET O 55 18.56 -72.04 -35.47
C MET O 55 19.42 -73.19 -35.99
N ALA O 56 20.15 -73.84 -35.08
CA ALA O 56 21.07 -74.89 -35.48
C ALA O 56 20.33 -76.12 -35.99
N MET O 57 19.21 -76.48 -35.35
CA MET O 57 18.41 -77.60 -35.85
C MET O 57 17.72 -77.22 -37.16
N LEU O 58 17.30 -75.97 -37.33
CA LEU O 58 16.80 -75.55 -38.62
C LEU O 58 17.87 -75.72 -39.69
N SER O 59 19.09 -75.27 -39.40
CA SER O 59 20.19 -75.39 -40.35
C SER O 59 20.59 -76.84 -40.58
N THR O 60 20.31 -77.73 -39.62
CA THR O 60 20.47 -79.16 -39.88
C THR O 60 19.37 -79.66 -40.80
N LEU O 61 18.24 -78.96 -40.88
CA LEU O 61 17.32 -79.20 -42.00
C LEU O 61 17.95 -78.83 -43.34
N GLU O 62 19.02 -78.04 -43.33
CA GLU O 62 19.74 -77.64 -44.55
C GLU O 62 18.85 -76.81 -45.47
N MET O 63 18.44 -75.64 -44.99
CA MET O 63 17.73 -74.69 -45.84
C MET O 63 18.75 -73.89 -46.65
N THR O 64 18.36 -73.50 -47.86
CA THR O 64 19.18 -72.58 -48.63
C THR O 64 18.73 -71.13 -48.45
N GLN O 65 17.43 -70.89 -48.64
CA GLN O 65 16.89 -69.53 -48.57
C GLN O 65 16.70 -69.09 -47.12
N PRO O 66 16.68 -67.78 -46.87
CA PRO O 66 16.20 -67.30 -45.58
C PRO O 66 14.70 -67.50 -45.44
N LEU O 67 14.25 -67.52 -44.18
CA LEU O 67 12.87 -67.91 -43.89
C LEU O 67 11.86 -67.14 -44.74
N LEU O 68 12.09 -65.84 -44.94
CA LEU O 68 11.11 -65.04 -45.68
C LEU O 68 10.93 -65.56 -47.10
N GLU O 69 12.05 -65.82 -47.78
CA GLU O 69 11.94 -66.40 -49.13
C GLU O 69 11.49 -67.84 -49.06
N ILE O 70 11.79 -68.54 -47.97
CA ILE O 70 11.31 -69.91 -47.80
C ILE O 70 9.79 -69.95 -47.87
N PHE O 71 9.13 -69.10 -47.10
CA PHE O 71 7.68 -69.04 -47.12
C PHE O 71 7.14 -68.21 -48.27
N ARG O 72 8.00 -67.48 -48.99
CA ARG O 72 7.56 -66.79 -50.19
C ARG O 72 7.14 -67.78 -51.27
N ASN O 73 7.84 -68.91 -51.36
CA ASN O 73 7.57 -69.87 -52.42
C ASN O 73 6.10 -70.30 -52.40
N LYS O 74 5.50 -70.34 -53.58
CA LYS O 74 4.10 -70.70 -53.72
C LYS O 74 3.87 -72.18 -53.98
N ALA O 75 4.94 -72.96 -54.18
CA ALA O 75 4.80 -74.31 -54.73
C ALA O 75 5.20 -75.39 -53.72
N ASP O 76 6.43 -75.37 -53.22
CA ASP O 76 6.96 -76.51 -52.48
C ASP O 76 6.39 -76.50 -51.07
N THR O 77 5.24 -77.17 -50.91
CA THR O 77 4.68 -77.37 -49.59
C THR O 77 5.45 -78.42 -48.80
N ARG O 78 6.31 -79.20 -49.44
CA ARG O 78 7.12 -80.17 -48.71
C ARG O 78 7.97 -79.49 -47.65
N GLN O 79 8.70 -78.46 -48.04
CA GLN O 79 9.61 -77.82 -47.09
C GLN O 79 8.86 -76.91 -46.11
N ILE O 80 7.76 -76.29 -46.56
CA ILE O 80 6.91 -75.56 -45.62
C ILE O 80 6.43 -76.51 -44.52
N ALA O 81 5.93 -77.67 -44.92
CA ALA O 81 5.43 -78.65 -43.96
C ALA O 81 6.56 -79.15 -43.06
N ALA O 82 7.74 -79.39 -43.63
CA ALA O 82 8.86 -79.82 -42.82
C ALA O 82 9.22 -78.77 -41.78
N VAL O 83 9.20 -77.49 -42.18
CA VAL O 83 9.49 -76.42 -41.24
C VAL O 83 8.44 -76.36 -40.14
N VAL O 84 7.16 -76.53 -40.51
CA VAL O 84 6.09 -76.50 -39.51
C VAL O 84 6.24 -77.65 -38.53
N PHE O 85 6.51 -78.85 -39.05
CA PHE O 85 6.74 -80.00 -38.18
C PHE O 85 7.93 -79.76 -37.27
N SER O 86 9.01 -79.20 -37.81
CA SER O 86 10.18 -78.91 -36.98
C SER O 86 9.83 -77.94 -35.86
N THR O 87 9.09 -76.88 -36.19
CA THR O 87 8.71 -75.90 -35.18
C THR O 87 7.89 -76.56 -34.07
N LEU O 88 6.82 -77.25 -34.46
CA LEU O 88 5.92 -77.83 -33.46
C LEU O 88 6.62 -78.91 -32.65
N ALA O 89 7.48 -79.70 -33.29
CA ALA O 89 8.24 -80.71 -32.56
C ALA O 89 9.19 -80.08 -31.55
N PHE O 90 9.84 -78.97 -31.94
CA PHE O 90 10.69 -78.26 -30.98
C PHE O 90 9.88 -77.76 -29.80
N ILE O 91 8.67 -77.24 -30.05
CA ILE O 91 7.82 -76.78 -28.95
C ILE O 91 7.48 -77.95 -28.03
N HIS O 92 6.99 -79.05 -28.60
CA HIS O 92 6.67 -80.23 -27.82
C HIS O 92 7.90 -80.77 -27.09
N ASN O 93 9.10 -80.49 -27.63
CA ASN O 93 10.32 -80.99 -27.02
C ASN O 93 10.69 -80.19 -25.78
N ARG O 94 10.93 -78.88 -25.96
CA ARG O 94 11.40 -78.13 -24.79
C ARG O 94 10.27 -77.90 -23.79
N PHE O 95 9.02 -78.17 -24.16
CA PHE O 95 7.97 -78.26 -23.15
C PHE O 95 7.97 -79.63 -22.50
N HIS O 96 8.14 -80.68 -23.29
CA HIS O 96 8.11 -82.06 -22.81
C HIS O 96 9.33 -82.79 -23.37
N PRO O 97 10.52 -82.53 -22.81
CA PRO O 97 11.73 -83.16 -23.37
C PRO O 97 11.68 -84.67 -23.34
N LEU O 98 10.97 -85.27 -22.39
CA LEU O 98 10.87 -86.73 -22.35
C LEU O 98 10.37 -87.28 -23.68
N VAL O 99 9.47 -86.56 -24.35
CA VAL O 99 9.05 -86.91 -25.70
C VAL O 99 9.55 -85.84 -26.65
N THR O 100 10.73 -86.06 -27.23
CA THR O 100 11.34 -85.12 -28.17
C THR O 100 10.85 -85.33 -29.60
N ASN O 101 9.72 -86.00 -29.79
CA ASN O 101 9.23 -86.30 -31.13
C ASN O 101 7.71 -86.24 -31.14
N PHE O 102 7.16 -85.54 -32.12
CA PHE O 102 5.72 -85.44 -32.28
C PHE O 102 5.17 -86.77 -32.83
N THR O 103 3.84 -86.90 -32.74
CA THR O 103 3.18 -88.11 -33.20
C THR O 103 3.66 -88.50 -34.60
N ASN O 104 3.46 -89.78 -34.92
CA ASN O 104 4.07 -90.40 -36.10
C ASN O 104 3.55 -89.80 -37.41
N LYS O 105 2.23 -89.75 -37.57
CA LYS O 105 1.58 -89.38 -38.83
C LYS O 105 0.93 -88.01 -38.72
N MET O 106 0.87 -87.30 -39.85
CA MET O 106 0.21 -86.00 -39.94
C MET O 106 0.12 -85.57 -41.41
N GLU O 107 -0.82 -84.67 -41.70
CA GLU O 107 -1.02 -84.12 -43.03
C GLU O 107 -0.75 -82.61 -42.99
N PHE O 108 -0.74 -82.01 -44.18
CA PHE O 108 -0.47 -80.58 -44.33
C PHE O 108 -1.30 -80.03 -45.47
N VAL O 109 -1.97 -78.91 -45.23
CA VAL O 109 -2.67 -78.17 -46.28
C VAL O 109 -2.20 -76.72 -46.24
N VAL O 110 -1.76 -76.22 -47.39
CA VAL O 110 -1.19 -74.88 -47.49
C VAL O 110 -2.27 -73.95 -48.03
N THR O 111 -2.81 -73.12 -47.15
CA THR O 111 -3.81 -72.14 -47.53
C THR O 111 -3.14 -70.96 -48.22
N GLU O 112 -3.83 -70.41 -49.23
CA GLU O 112 -3.24 -69.41 -50.11
C GLU O 112 -4.02 -68.11 -50.20
N THR O 113 -5.17 -68.00 -49.54
CA THR O 113 -6.04 -66.84 -49.70
C THR O 113 -6.65 -66.43 -48.37
N ASN O 114 -7.25 -65.24 -48.36
CA ASN O 114 -7.80 -64.71 -47.11
C ASN O 114 -9.07 -65.44 -46.70
N ASP O 115 -9.93 -65.81 -47.67
CA ASP O 115 -11.16 -66.49 -47.31
C ASP O 115 -10.91 -67.86 -46.69
N THR O 116 -9.67 -68.33 -46.75
CA THR O 116 -9.23 -69.51 -46.03
C THR O 116 -8.29 -69.18 -44.87
N SER O 117 -7.79 -67.95 -44.79
CA SER O 117 -6.95 -67.51 -43.69
C SER O 117 -7.84 -66.98 -42.56
N ILE O 118 -7.78 -67.62 -41.40
CA ILE O 118 -8.59 -67.23 -40.25
C ILE O 118 -7.85 -66.18 -39.44
N PRO O 119 -8.46 -65.02 -39.16
CA PRO O 119 -7.80 -64.05 -38.29
C PRO O 119 -7.62 -64.61 -36.88
N GLY O 120 -6.55 -64.16 -36.24
CA GLY O 120 -6.25 -64.59 -34.87
C GLY O 120 -5.38 -65.83 -34.78
N GLU O 121 -5.75 -66.89 -35.48
CA GLU O 121 -5.02 -68.15 -35.47
C GLU O 121 -4.83 -68.62 -36.91
N PRO O 122 -4.02 -67.91 -37.69
CA PRO O 122 -3.87 -68.28 -39.11
C PRO O 122 -3.47 -69.73 -39.30
N ILE O 123 -2.63 -70.27 -38.43
CA ILE O 123 -2.29 -71.69 -38.44
C ILE O 123 -3.16 -72.39 -37.41
N LEU O 124 -3.50 -73.65 -37.68
CA LEU O 124 -4.41 -74.42 -36.85
C LEU O 124 -4.17 -75.90 -37.10
N PHE O 125 -4.66 -76.73 -36.17
CA PHE O 125 -4.78 -78.16 -36.41
C PHE O 125 -6.25 -78.57 -36.41
N THR O 126 -6.51 -79.69 -37.07
CA THR O 126 -7.84 -80.27 -37.12
C THR O 126 -7.69 -81.71 -37.59
N GLU O 127 -8.14 -82.67 -36.78
CA GLU O 127 -8.00 -84.07 -37.17
C GLU O 127 -8.91 -84.39 -38.34
N ASN O 128 -8.41 -85.19 -39.26
CA ASN O 128 -9.22 -85.77 -40.33
C ASN O 128 -10.05 -86.95 -39.85
N GLU O 129 -10.16 -87.12 -38.54
CA GLU O 129 -10.77 -88.25 -37.86
C GLU O 129 -9.81 -89.45 -37.87
N GLY O 130 -8.64 -89.32 -38.48
CA GLY O 130 -7.62 -90.35 -38.38
C GLY O 130 -6.35 -89.83 -37.75
N VAL O 131 -6.04 -88.56 -37.98
CA VAL O 131 -4.82 -87.94 -37.45
C VAL O 131 -4.88 -86.43 -37.63
N LEU O 132 -4.22 -85.69 -36.74
CA LEU O 132 -4.22 -84.24 -36.83
C LEU O 132 -3.51 -83.75 -38.09
N LEU O 133 -4.06 -82.71 -38.71
CA LEU O 133 -3.45 -82.06 -39.85
C LEU O 133 -3.44 -80.56 -39.60
N CYS O 134 -2.48 -79.88 -40.23
CA CYS O 134 -2.28 -78.45 -40.00
C CYS O 134 -2.68 -77.67 -41.24
N SER O 135 -3.42 -76.59 -41.05
CA SER O 135 -3.68 -75.60 -42.09
C SER O 135 -2.78 -74.40 -41.83
N VAL O 136 -1.96 -74.05 -42.83
CA VAL O 136 -0.93 -73.04 -42.68
C VAL O 136 -1.27 -71.86 -43.56
N ASP O 137 -1.21 -70.65 -42.99
CA ASP O 137 -1.59 -69.42 -43.68
C ASP O 137 -0.33 -68.78 -44.24
N ARG O 138 0.16 -69.33 -45.35
CA ARG O 138 1.32 -68.74 -46.00
C ARG O 138 1.11 -67.29 -46.39
N PRO O 139 -0.03 -66.88 -46.96
CA PRO O 139 -0.17 -65.48 -47.40
C PRO O 139 0.05 -64.47 -46.28
N SER O 140 -0.79 -64.55 -45.23
CA SER O 140 -0.70 -63.56 -44.16
C SER O 140 0.60 -63.69 -43.40
N ILE O 141 1.02 -64.92 -43.09
CA ILE O 141 2.27 -65.11 -42.35
C ILE O 141 3.44 -64.51 -43.12
N VAL O 142 3.47 -64.73 -44.43
CA VAL O 142 4.55 -64.17 -45.24
C VAL O 142 4.49 -62.65 -45.23
N LYS O 143 3.30 -62.09 -45.45
CA LYS O 143 3.14 -60.64 -45.32
C LYS O 143 3.69 -60.16 -43.99
N MET O 144 3.38 -60.91 -42.92
CA MET O 144 3.89 -60.61 -41.58
C MET O 144 5.42 -60.60 -41.57
N LEU O 145 6.04 -61.55 -42.25
CA LEU O 145 7.49 -61.66 -42.26
C LEU O 145 8.13 -60.48 -43.01
N SER O 146 7.62 -60.17 -44.21
CA SER O 146 8.15 -59.09 -45.02
C SER O 146 8.07 -57.74 -44.33
N ARG O 147 7.35 -57.64 -43.22
CA ARG O 147 7.22 -56.40 -42.48
C ARG O 147 8.58 -55.90 -42.00
N GLU O 148 8.72 -54.58 -41.94
CA GLU O 148 9.84 -53.99 -41.22
C GLU O 148 9.66 -54.22 -39.72
N PHE O 149 10.78 -54.26 -39.01
CA PHE O 149 10.80 -54.37 -37.57
C PHE O 149 11.74 -53.31 -37.01
N ASP O 150 11.46 -52.86 -35.79
CA ASP O 150 12.13 -51.70 -35.22
C ASP O 150 13.46 -52.15 -34.63
N THR O 151 14.41 -52.40 -35.53
CA THR O 151 15.78 -52.77 -35.16
C THR O 151 16.63 -51.54 -34.85
N GLU O 152 16.07 -50.34 -34.97
CA GLU O 152 16.83 -49.11 -34.83
C GLU O 152 16.48 -48.29 -33.59
N ALA O 153 15.31 -48.52 -33.00
CA ALA O 153 14.84 -47.71 -31.88
C ALA O 153 14.78 -48.56 -30.62
N LEU O 154 15.31 -48.03 -29.52
CA LEU O 154 15.30 -48.75 -28.25
C LEU O 154 13.89 -48.79 -27.68
N VAL O 155 13.64 -49.82 -26.87
CA VAL O 155 12.33 -50.05 -26.26
C VAL O 155 12.52 -50.18 -24.76
N ASN O 156 11.69 -49.49 -24.00
CA ASN O 156 11.80 -49.49 -22.55
C ASN O 156 10.42 -49.43 -21.89
N ASN O 161 11.25 -49.02 -13.61
CA ASN O 161 11.94 -47.96 -12.88
C ASN O 161 13.20 -47.54 -13.61
N CYS O 162 13.44 -46.22 -13.67
CA CYS O 162 14.64 -45.72 -14.33
C CYS O 162 15.88 -46.03 -13.51
N ASN O 163 15.86 -45.68 -12.21
CA ASN O 163 17.08 -45.75 -11.40
C ASN O 163 17.72 -47.12 -11.46
N VAL O 164 16.92 -48.18 -11.39
CA VAL O 164 17.46 -49.54 -11.45
C VAL O 164 18.16 -49.76 -12.78
N ARG O 165 17.51 -49.33 -13.87
CA ARG O 165 18.10 -49.49 -15.19
C ARG O 165 19.43 -48.76 -15.29
N ILE O 166 19.50 -47.53 -14.81
CA ILE O 166 20.72 -46.74 -14.92
C ILE O 166 21.82 -47.36 -14.06
N ALA O 167 21.48 -47.80 -12.85
CA ALA O 167 22.47 -48.42 -11.98
C ALA O 167 23.04 -49.68 -12.61
N LYS O 168 22.17 -50.53 -13.19
CA LYS O 168 22.68 -51.73 -13.83
C LYS O 168 23.53 -51.40 -15.05
N THR O 169 23.13 -50.39 -15.82
CA THR O 169 23.91 -50.02 -16.99
C THR O 169 25.30 -49.56 -16.59
N PHE O 170 25.39 -48.76 -15.53
CA PHE O 170 26.70 -48.34 -15.05
C PHE O 170 27.50 -49.53 -14.52
N GLY O 171 26.84 -50.42 -13.78
CA GLY O 171 27.49 -51.65 -13.37
C GLY O 171 27.96 -52.48 -14.55
N ALA O 172 27.35 -52.27 -15.72
CA ALA O 172 27.79 -52.93 -16.94
C ALA O 172 28.82 -52.06 -17.65
N ASP O 198 30.42 -69.13 -40.74
CA ASP O 198 30.06 -67.75 -40.44
C ASP O 198 28.73 -67.38 -41.07
N PHE O 199 27.69 -68.12 -40.70
CA PHE O 199 26.35 -67.86 -41.24
C PHE O 199 25.91 -66.45 -40.88
N SER O 200 25.33 -65.75 -41.85
CA SER O 200 24.95 -64.35 -41.67
C SER O 200 23.52 -64.26 -41.13
N ILE O 201 23.36 -63.58 -40.01
CA ILE O 201 22.07 -63.32 -39.38
C ILE O 201 22.06 -61.88 -38.92
N THR O 202 20.94 -61.19 -39.14
CA THR O 202 20.79 -59.81 -38.70
C THR O 202 19.79 -59.75 -37.55
N GLU O 203 19.81 -58.62 -36.84
CA GLU O 203 18.87 -58.44 -35.74
C GLU O 203 17.44 -58.55 -36.23
N VAL O 204 17.18 -58.14 -37.47
CA VAL O 204 15.84 -58.29 -38.04
C VAL O 204 15.51 -59.76 -38.25
N GLU O 205 16.50 -60.56 -38.66
CA GLU O 205 16.26 -61.99 -38.78
C GLU O 205 15.91 -62.60 -37.43
N ALA O 206 16.62 -62.22 -36.37
CA ALA O 206 16.28 -62.71 -35.05
C ALA O 206 14.91 -62.22 -34.61
N THR O 207 14.55 -60.99 -34.98
CA THR O 207 13.21 -60.51 -34.68
C THR O 207 12.17 -61.39 -35.34
N GLN O 208 12.33 -61.68 -36.63
CA GLN O 208 11.37 -62.51 -37.34
C GLN O 208 11.34 -63.92 -36.78
N TYR O 209 12.49 -64.44 -36.35
CA TYR O 209 12.53 -65.78 -35.77
C TYR O 209 11.79 -65.82 -34.44
N LEU O 210 12.02 -64.82 -33.58
CA LEU O 210 11.22 -64.72 -32.36
C LEU O 210 9.74 -64.61 -32.69
N THR O 211 9.41 -63.88 -33.76
CA THR O 211 8.01 -63.66 -34.12
C THR O 211 7.34 -64.96 -34.53
N LEU O 212 7.96 -65.71 -35.43
CA LEU O 212 7.40 -67.01 -35.82
C LEU O 212 7.42 -67.98 -34.65
N LEU O 213 8.42 -67.89 -33.79
CA LEU O 213 8.50 -68.78 -32.64
C LEU O 213 7.34 -68.54 -31.69
N LEU O 214 7.02 -67.28 -31.41
CA LEU O 214 5.89 -66.99 -30.54
C LEU O 214 4.56 -67.34 -31.22
N THR O 215 4.48 -67.17 -32.54
CA THR O 215 3.27 -67.60 -33.23
C THR O 215 3.06 -69.10 -33.05
N VAL O 216 4.13 -69.89 -33.20
CA VAL O 216 3.99 -71.33 -32.99
C VAL O 216 3.81 -71.64 -31.51
N GLU O 217 4.33 -70.81 -30.60
CA GLU O 217 4.00 -70.94 -29.19
C GLU O 217 2.50 -70.95 -29.01
N HIS O 218 1.85 -69.92 -29.55
CA HIS O 218 0.41 -69.76 -29.38
C HIS O 218 -0.33 -70.91 -30.04
N ALA O 219 0.08 -71.26 -31.26
CA ALA O 219 -0.58 -72.35 -31.98
C ALA O 219 -0.45 -73.66 -31.23
N TYR O 220 0.73 -73.95 -30.68
CA TYR O 220 0.94 -75.19 -29.94
C TYR O 220 0.16 -75.19 -28.64
N LEU O 221 0.00 -74.03 -28.00
CA LEU O 221 -0.86 -73.97 -26.84
C LEU O 221 -2.30 -74.33 -27.20
N HIS O 222 -2.77 -73.80 -28.33
CA HIS O 222 -4.10 -74.18 -28.79
C HIS O 222 -4.17 -75.68 -29.07
N TYR O 223 -3.12 -76.23 -29.65
CA TYR O 223 -3.08 -77.66 -29.95
C TYR O 223 -3.01 -78.49 -28.68
N TYR O 224 -2.39 -77.96 -27.63
CA TYR O 224 -2.46 -78.61 -26.32
C TYR O 224 -3.88 -78.64 -25.81
N ILE O 225 -4.58 -77.51 -25.92
CA ILE O 225 -6.00 -77.51 -25.56
C ILE O 225 -6.72 -78.60 -26.32
N PHE O 226 -6.46 -78.70 -27.63
CA PHE O 226 -7.09 -79.72 -28.45
C PHE O 226 -6.82 -81.11 -27.87
N LYS O 227 -5.56 -81.53 -27.88
CA LYS O 227 -5.22 -82.90 -27.54
C LYS O 227 -5.43 -83.22 -26.07
N ASN O 228 -5.71 -82.23 -25.23
CA ASN O 228 -5.96 -82.49 -23.82
C ASN O 228 -7.42 -82.33 -23.39
N TYR O 229 -8.25 -81.65 -24.17
CA TYR O 229 -9.62 -81.39 -23.73
C TYR O 229 -10.67 -81.50 -24.85
N GLY O 230 -10.32 -82.00 -26.03
CA GLY O 230 -11.31 -82.17 -27.07
C GLY O 230 -11.42 -80.96 -27.99
N VAL O 231 -12.05 -81.20 -29.14
CA VAL O 231 -12.17 -80.15 -30.16
C VAL O 231 -13.06 -79.02 -29.67
N PHE O 232 -14.09 -79.33 -28.87
CA PHE O 232 -14.95 -78.28 -28.35
C PHE O 232 -14.15 -77.29 -27.51
N GLU O 233 -13.37 -77.80 -26.56
CA GLU O 233 -12.55 -76.91 -25.74
C GLU O 233 -11.42 -76.28 -26.56
N TYR O 234 -10.97 -76.97 -27.62
CA TYR O 234 -10.05 -76.34 -28.56
C TYR O 234 -10.65 -75.06 -29.13
N CYS O 235 -11.89 -75.15 -29.63
CA CYS O 235 -12.56 -73.98 -30.17
C CYS O 235 -12.77 -72.93 -29.09
N LYS O 236 -13.11 -73.36 -27.87
CA LYS O 236 -13.36 -72.40 -26.81
C LYS O 236 -12.09 -71.64 -26.42
N SER O 237 -10.94 -72.33 -26.41
CA SER O 237 -9.68 -71.62 -26.18
C SER O 237 -9.34 -70.71 -27.34
N LEU O 238 -9.63 -71.14 -28.58
CA LEU O 238 -9.39 -70.29 -29.73
C LEU O 238 -10.19 -69.00 -29.66
N THR O 239 -11.46 -69.10 -29.23
CA THR O 239 -12.29 -67.91 -29.10
C THR O 239 -11.92 -67.12 -27.85
N ASP O 240 -11.55 -67.80 -26.78
CA ASP O 240 -11.30 -67.18 -25.48
C ASP O 240 -10.02 -67.79 -24.91
N HIS O 241 -8.96 -66.99 -24.85
CA HIS O 241 -7.67 -67.47 -24.43
C HIS O 241 -7.43 -67.34 -22.93
N SER O 242 -8.35 -66.72 -22.19
CA SER O 242 -8.27 -66.77 -20.73
C SER O 242 -8.32 -68.21 -20.24
N LEU O 243 -8.96 -69.10 -21.00
CA LEU O 243 -9.01 -70.50 -20.63
C LEU O 243 -7.62 -71.14 -20.59
N PHE O 244 -6.65 -70.54 -21.28
CA PHE O 244 -5.31 -71.13 -21.32
C PHE O 244 -4.67 -71.17 -19.94
N THR O 245 -4.83 -70.11 -19.15
CA THR O 245 -4.29 -70.12 -17.80
C THR O 245 -4.86 -71.31 -17.03
N ASN O 246 -6.18 -71.47 -17.06
CA ASN O 246 -6.82 -72.57 -16.35
C ASN O 246 -6.27 -73.91 -16.81
N LYS O 247 -6.24 -74.11 -18.14
CA LYS O 247 -5.87 -75.41 -18.68
C LYS O 247 -4.41 -75.75 -18.41
N LEU O 248 -3.52 -74.76 -18.54
CA LEU O 248 -2.09 -74.98 -18.41
C LEU O 248 -1.57 -74.84 -17.00
N ARG O 249 -2.41 -74.45 -16.04
CA ARG O 249 -2.00 -74.55 -14.64
C ARG O 249 -1.68 -75.98 -14.27
N SER O 250 -2.23 -76.96 -15.00
CA SER O 250 -1.92 -78.36 -14.75
C SER O 250 -0.54 -78.75 -15.29
N THR O 251 -0.16 -78.21 -16.45
CA THR O 251 1.01 -78.69 -17.17
C THR O 251 2.13 -77.66 -17.25
N MET O 252 1.85 -76.45 -17.75
CA MET O 252 2.93 -75.50 -18.03
C MET O 252 3.67 -75.15 -16.74
N SER O 253 2.94 -74.92 -15.64
CA SER O 253 3.58 -74.57 -14.39
C SER O 253 4.68 -75.56 -14.03
N THR O 254 4.44 -76.84 -14.24
CA THR O 254 5.44 -77.87 -13.99
C THR O 254 6.27 -78.13 -15.23
N ASN O 258 9.02 -74.36 -20.10
CA ASN O 258 7.95 -73.42 -19.84
C ASN O 258 7.90 -72.34 -20.92
N LEU O 259 6.98 -71.39 -20.78
CA LEU O 259 6.76 -70.39 -21.80
C LEU O 259 7.92 -69.39 -21.84
N LEU O 260 8.41 -69.11 -23.05
CA LEU O 260 9.42 -68.07 -23.23
C LEU O 260 8.82 -66.68 -23.17
N LEU O 261 7.58 -66.53 -23.65
CA LEU O 261 6.91 -65.24 -23.71
C LEU O 261 6.59 -64.66 -22.34
N SER O 262 6.67 -65.47 -21.28
CA SER O 262 6.42 -64.96 -19.93
C SER O 262 7.50 -63.99 -19.47
N LYS O 263 8.60 -63.89 -20.22
CA LYS O 263 9.74 -63.07 -19.79
C LYS O 263 9.32 -61.65 -19.48
N PHE O 264 8.82 -60.94 -20.49
CA PHE O 264 8.47 -59.53 -20.35
C PHE O 264 7.00 -59.36 -19.98
N LYS O 265 6.63 -58.13 -19.67
CA LYS O 265 5.26 -57.74 -19.40
C LYS O 265 4.71 -57.03 -20.62
N PHE O 266 3.56 -57.49 -21.12
CA PHE O 266 3.00 -56.99 -22.36
C PHE O 266 1.63 -56.36 -22.14
N THR O 267 1.38 -55.29 -22.90
CA THR O 267 0.11 -54.58 -22.90
C THR O 267 -0.03 -53.89 -24.24
N ILE O 268 -1.21 -53.35 -24.51
CA ILE O 268 -1.46 -52.60 -25.72
C ILE O 268 -1.61 -51.14 -25.33
N GLU O 269 -1.13 -50.25 -26.18
CA GLU O 269 -0.89 -48.87 -25.77
C GLU O 269 -2.18 -48.11 -25.53
N ASP O 270 -2.20 -47.34 -24.44
CA ASP O 270 -3.09 -46.20 -24.24
C ASP O 270 -4.52 -46.62 -23.83
N PHE O 271 -4.70 -47.81 -23.27
CA PHE O 271 -6.05 -48.22 -22.85
C PHE O 271 -6.82 -47.12 -22.15
N ASP O 272 -6.13 -46.28 -21.37
CA ASP O 272 -6.82 -45.22 -20.63
C ASP O 272 -7.73 -44.43 -21.55
N LYS O 273 -7.25 -44.07 -22.73
CA LYS O 273 -8.04 -43.34 -23.70
C LYS O 273 -8.26 -44.12 -25.00
N ILE O 274 -8.03 -45.44 -25.00
CA ILE O 274 -8.50 -46.32 -26.05
C ILE O 274 -9.87 -46.81 -25.64
N ASN O 275 -9.90 -47.54 -24.52
CA ASN O 275 -11.13 -48.14 -24.02
C ASN O 275 -12.14 -47.09 -23.58
N SER O 276 -11.72 -45.84 -23.44
CA SER O 276 -12.62 -44.74 -23.14
C SER O 276 -13.67 -44.58 -24.24
N LEU P 45 49.85 -60.78 22.21
CA LEU P 45 51.12 -61.01 21.54
C LEU P 45 51.14 -62.37 20.87
N LYS P 46 50.42 -63.33 21.46
CA LYS P 46 50.40 -64.69 20.91
C LYS P 46 49.68 -64.72 19.56
N ILE P 47 48.63 -63.92 19.40
CA ILE P 47 47.88 -63.92 18.15
C ILE P 47 48.78 -63.47 17.01
N LYS P 48 49.45 -62.33 17.17
CA LYS P 48 50.38 -61.88 16.15
C LYS P 48 51.61 -62.78 16.08
N LEU P 49 51.91 -63.52 17.14
CA LEU P 49 52.98 -64.51 17.07
C LEU P 49 52.61 -65.62 16.08
N ALA P 50 51.38 -66.10 16.15
CA ALA P 50 50.91 -67.08 15.18
C ALA P 50 50.84 -66.48 13.78
N LEU P 51 50.43 -65.21 13.69
CA LEU P 51 50.41 -64.54 12.39
C LEU P 51 51.81 -64.52 11.78
N SER P 52 52.81 -64.17 12.59
CA SER P 52 54.19 -64.16 12.09
C SER P 52 54.69 -65.57 11.78
N LYS P 53 54.22 -66.57 12.53
CA LYS P 53 54.53 -67.95 12.17
C LYS P 53 54.04 -68.28 10.78
N TYR P 54 52.77 -67.94 10.49
CA TYR P 54 52.22 -68.21 9.17
C TYR P 54 52.98 -67.43 8.10
N MET P 55 53.34 -66.18 8.40
CA MET P 55 54.15 -65.41 7.48
C MET P 55 55.49 -66.09 7.22
N ALA P 56 56.08 -66.66 8.26
CA ALA P 56 57.37 -67.35 8.11
C ALA P 56 57.25 -68.56 7.20
N MET P 57 56.21 -69.37 7.39
CA MET P 57 56.03 -70.51 6.48
C MET P 57 55.74 -70.06 5.06
N LEU P 58 54.97 -68.98 4.89
CA LEU P 58 54.74 -68.46 3.54
C LEU P 58 56.04 -68.04 2.89
N SER P 59 56.88 -67.32 3.63
CA SER P 59 58.19 -66.94 3.10
C SER P 59 59.05 -68.18 2.84
N THR P 60 58.82 -69.25 3.60
CA THR P 60 59.49 -70.52 3.32
C THR P 60 59.06 -71.05 1.97
N LEU P 61 57.77 -70.90 1.63
CA LEU P 61 57.32 -71.26 0.29
C LEU P 61 58.01 -70.43 -0.78
N GLU P 62 58.57 -69.28 -0.42
CA GLU P 62 59.36 -68.46 -1.34
C GLU P 62 58.56 -68.06 -2.57
N MET P 63 57.31 -67.64 -2.37
CA MET P 63 56.53 -67.16 -3.51
C MET P 63 56.94 -65.72 -3.82
N LEU P 67 50.96 -62.11 -2.95
CA LEU P 67 50.04 -63.17 -2.57
C LEU P 67 48.76 -63.10 -3.39
N LEU P 68 48.09 -61.94 -3.36
CA LEU P 68 46.91 -61.78 -4.20
C LEU P 68 47.25 -61.97 -5.67
N GLU P 69 48.45 -61.57 -6.09
CA GLU P 69 48.86 -61.77 -7.47
C GLU P 69 48.98 -63.24 -7.82
N ILE P 70 49.23 -64.10 -6.83
CA ILE P 70 49.27 -65.54 -7.10
C ILE P 70 47.89 -66.06 -7.46
N PHE P 71 46.87 -65.67 -6.70
CA PHE P 71 45.52 -66.09 -7.07
C PHE P 71 45.09 -65.49 -8.40
N ARG P 72 45.36 -64.19 -8.60
CA ARG P 72 45.12 -63.61 -9.92
C ARG P 72 45.97 -64.25 -11.00
N ASN P 73 47.07 -64.92 -10.61
CA ASN P 73 47.88 -65.69 -11.54
C ASN P 73 47.19 -67.02 -11.78
N LYS P 74 46.18 -66.99 -12.66
CA LYS P 74 45.38 -68.17 -12.93
C LYS P 74 46.24 -69.37 -13.30
N ALA P 75 47.15 -69.20 -14.25
CA ALA P 75 47.96 -70.31 -14.72
C ALA P 75 48.84 -70.89 -13.63
N ASP P 76 49.13 -70.12 -12.58
CA ASP P 76 49.96 -70.59 -11.48
C ASP P 76 49.12 -71.33 -10.44
N THR P 77 48.32 -72.30 -10.91
CA THR P 77 47.52 -73.09 -10.01
C THR P 77 48.37 -74.01 -9.14
N ARG P 78 49.59 -74.32 -9.57
CA ARG P 78 50.48 -75.12 -8.73
C ARG P 78 50.76 -74.41 -7.42
N GLN P 79 51.04 -73.11 -7.48
CA GLN P 79 51.24 -72.35 -6.24
C GLN P 79 49.97 -72.31 -5.41
N ILE P 80 48.80 -72.24 -6.06
CA ILE P 80 47.55 -72.24 -5.32
C ILE P 80 47.41 -73.54 -4.54
N ALA P 81 47.64 -74.67 -5.21
CA ALA P 81 47.52 -75.96 -4.52
C ALA P 81 48.57 -76.10 -3.43
N ALA P 82 49.81 -75.67 -3.70
CA ALA P 82 50.86 -75.78 -2.69
C ALA P 82 50.55 -74.92 -1.47
N VAL P 83 50.02 -73.71 -1.68
CA VAL P 83 49.68 -72.83 -0.57
C VAL P 83 48.52 -73.42 0.23
N VAL P 84 47.48 -73.89 -0.46
CA VAL P 84 46.38 -74.56 0.24
C VAL P 84 46.93 -75.70 1.07
N PHE P 85 47.82 -76.49 0.50
CA PHE P 85 48.39 -77.63 1.20
C PHE P 85 49.17 -77.20 2.44
N SER P 86 50.10 -76.27 2.27
CA SER P 86 50.96 -75.89 3.38
C SER P 86 50.15 -75.24 4.49
N THR P 87 49.15 -74.43 4.12
CA THR P 87 48.27 -73.87 5.13
C THR P 87 47.49 -74.95 5.85
N LEU P 88 47.02 -75.96 5.12
CA LEU P 88 46.32 -77.07 5.76
C LEU P 88 47.24 -77.79 6.75
N ALA P 89 48.48 -78.06 6.34
CA ALA P 89 49.41 -78.74 7.24
C ALA P 89 49.71 -77.91 8.47
N PHE P 90 49.95 -76.61 8.30
CA PHE P 90 50.25 -75.76 9.45
C PHE P 90 49.07 -75.65 10.39
N ILE P 91 47.85 -75.49 9.84
CA ILE P 91 46.68 -75.39 10.70
C ILE P 91 46.40 -76.74 11.37
N HIS P 92 46.75 -77.84 10.71
CA HIS P 92 46.62 -79.15 11.34
C HIS P 92 47.64 -79.32 12.45
N ASN P 93 48.78 -78.64 12.35
CA ASN P 93 49.73 -78.60 13.47
C ASN P 93 49.20 -77.71 14.59
N ARG P 94 48.58 -76.58 14.25
CA ARG P 94 48.05 -75.69 15.28
C ARG P 94 46.91 -76.36 16.05
N PHE P 95 45.98 -76.98 15.33
CA PHE P 95 44.89 -77.72 15.96
C PHE P 95 45.34 -79.06 16.52
N HIS P 96 46.42 -79.63 15.98
CA HIS P 96 47.02 -80.86 16.50
C HIS P 96 48.53 -80.66 16.59
N PRO P 97 49.00 -79.91 17.59
CA PRO P 97 50.46 -79.77 17.75
C PRO P 97 51.16 -81.11 17.89
N LEU P 98 50.53 -82.07 18.58
CA LEU P 98 51.11 -83.40 18.67
C LEU P 98 51.17 -84.08 17.32
N VAL P 99 50.11 -83.98 16.52
CA VAL P 99 50.09 -84.58 15.18
C VAL P 99 50.59 -83.49 14.24
N THR P 100 51.92 -83.39 14.16
CA THR P 100 52.53 -82.45 13.21
C THR P 100 52.48 -83.01 11.79
N ASN P 101 52.67 -84.32 11.65
CA ASN P 101 52.61 -84.93 10.33
C ASN P 101 51.21 -84.78 9.74
N PHE P 102 51.17 -84.38 8.47
CA PHE P 102 49.93 -84.24 7.73
C PHE P 102 50.11 -84.93 6.38
N THR P 103 49.01 -85.46 5.85
CA THR P 103 49.05 -86.10 4.54
C THR P 103 49.84 -85.23 3.58
N ASN P 104 50.94 -85.76 3.05
CA ASN P 104 51.86 -84.94 2.29
C ASN P 104 51.41 -84.68 0.85
N LYS P 105 50.38 -85.37 0.36
CA LYS P 105 49.84 -85.13 -0.97
C LYS P 105 48.36 -85.49 -0.98
N MET P 106 47.55 -84.65 -1.64
CA MET P 106 46.14 -84.93 -1.84
C MET P 106 45.72 -84.47 -3.23
N GLU P 107 44.58 -84.99 -3.67
CA GLU P 107 43.99 -84.54 -4.93
C GLU P 107 43.48 -83.11 -4.79
N PHE P 108 43.58 -82.34 -5.87
CA PHE P 108 43.16 -80.95 -5.87
C PHE P 108 42.44 -80.62 -7.17
N VAL P 109 41.49 -79.69 -7.09
CA VAL P 109 40.80 -79.15 -8.25
C VAL P 109 40.36 -77.74 -7.92
N VAL P 110 40.24 -76.91 -8.95
CA VAL P 110 39.89 -75.49 -8.80
C VAL P 110 38.68 -75.19 -9.66
N THR P 111 37.76 -74.42 -9.12
CA THR P 111 36.54 -74.00 -9.80
C THR P 111 36.61 -72.50 -10.10
N GLU P 112 35.90 -72.09 -11.14
CA GLU P 112 36.01 -70.72 -11.65
C GLU P 112 34.68 -70.04 -11.92
N THR P 113 33.55 -70.70 -11.67
CA THR P 113 32.24 -70.09 -11.86
C THR P 113 31.36 -70.38 -10.65
N ASN P 114 30.35 -69.52 -10.45
CA ASN P 114 29.44 -69.71 -9.33
C ASN P 114 28.74 -71.06 -9.41
N ASP P 115 28.48 -71.54 -10.63
CA ASP P 115 27.84 -72.85 -10.79
C ASP P 115 28.67 -73.94 -10.13
N THR P 116 29.99 -73.80 -10.15
CA THR P 116 30.90 -74.77 -9.56
C THR P 116 31.39 -74.33 -8.18
N SER P 117 30.65 -73.44 -7.52
CA SER P 117 31.05 -72.93 -6.21
C SER P 117 29.80 -72.66 -5.38
N ILE P 118 29.99 -72.62 -4.07
CA ILE P 118 28.90 -72.41 -3.13
C ILE P 118 28.98 -70.98 -2.61
N PRO P 119 27.85 -70.26 -2.49
CA PRO P 119 27.92 -68.88 -1.99
C PRO P 119 28.40 -68.81 -0.54
N LEU P 124 36.73 -76.62 -0.39
CA LEU P 124 35.88 -77.81 -0.49
C LEU P 124 36.74 -79.07 -0.60
N PHE P 125 36.37 -80.09 0.17
CA PHE P 125 36.99 -81.40 0.10
C PHE P 125 35.94 -82.44 -0.25
N THR P 126 36.37 -83.46 -1.00
CA THR P 126 35.45 -84.51 -1.41
C THR P 126 36.27 -85.73 -1.83
N GLU P 127 35.61 -86.89 -1.83
CA GLU P 127 36.23 -88.14 -2.22
C GLU P 127 35.85 -88.46 -3.67
N ASN P 128 36.84 -88.82 -4.47
CA ASN P 128 36.61 -89.10 -5.89
C ASN P 128 36.28 -90.57 -6.10
N LEU P 132 41.44 -87.41 -1.79
CA LEU P 132 40.80 -86.21 -1.29
C LEU P 132 40.77 -85.10 -2.33
N LEU P 133 39.89 -85.25 -3.33
CA LEU P 133 39.67 -84.20 -4.31
C LEU P 133 39.24 -82.93 -3.60
N CYS P 134 40.09 -81.91 -3.62
CA CYS P 134 39.87 -80.68 -2.86
C CYS P 134 39.46 -79.57 -3.83
N SER P 135 38.16 -79.42 -4.03
CA SER P 135 37.65 -78.33 -4.84
C SER P 135 37.77 -77.01 -4.10
N VAL P 136 38.01 -75.94 -4.86
CA VAL P 136 38.08 -74.58 -4.35
C VAL P 136 37.41 -73.67 -5.37
N ASP P 137 37.42 -72.37 -5.10
CA ASP P 137 36.87 -71.37 -6.02
C ASP P 137 37.86 -70.22 -6.11
N ARG P 138 38.73 -70.28 -7.12
CA ARG P 138 39.74 -69.24 -7.31
C ARG P 138 39.13 -67.85 -7.39
N PRO P 139 38.13 -67.59 -8.25
CA PRO P 139 37.60 -66.23 -8.35
C PRO P 139 37.04 -65.73 -7.04
N SER P 140 36.44 -66.63 -6.26
CA SER P 140 35.93 -66.24 -4.95
C SER P 140 37.07 -65.73 -4.08
N ILE P 141 38.18 -66.46 -4.00
CA ILE P 141 39.26 -66.02 -3.13
C ILE P 141 39.88 -64.74 -3.68
N VAL P 142 39.88 -64.56 -5.01
CA VAL P 142 40.35 -63.29 -5.57
C VAL P 142 39.47 -62.15 -5.09
N LYS P 143 38.15 -62.36 -5.11
CA LYS P 143 37.24 -61.34 -4.58
C LYS P 143 37.52 -61.08 -3.11
N MET P 144 37.76 -62.14 -2.34
CA MET P 144 38.07 -61.97 -0.92
C MET P 144 39.28 -61.05 -0.75
N LEU P 145 40.42 -61.47 -1.30
CA LEU P 145 41.66 -60.75 -1.06
C LEU P 145 41.60 -59.33 -1.62
N SER P 146 40.97 -59.16 -2.78
CA SER P 146 40.85 -57.83 -3.37
C SER P 146 40.05 -56.89 -2.47
N ARG P 147 39.00 -57.41 -1.85
CA ARG P 147 38.11 -56.62 -1.00
C ARG P 147 38.62 -56.59 0.44
N ASN P 161 51.34 -39.61 28.14
CA ASN P 161 50.14 -38.78 28.13
C ASN P 161 50.50 -37.36 27.74
N CYS P 162 49.49 -36.55 27.37
CA CYS P 162 49.75 -35.19 26.93
C CYS P 162 50.36 -34.35 28.05
N ASN P 163 49.86 -34.50 29.28
CA ASN P 163 50.34 -33.65 30.37
C ASN P 163 51.82 -33.91 30.66
N VAL P 164 52.24 -35.17 30.68
CA VAL P 164 53.63 -35.46 31.00
C VAL P 164 54.55 -34.94 29.90
N ARG P 165 54.21 -35.18 28.63
CA ARG P 165 55.07 -34.73 27.54
C ARG P 165 55.11 -33.21 27.48
N ILE P 166 53.98 -32.54 27.70
CA ILE P 166 53.99 -31.08 27.69
C ILE P 166 54.84 -30.55 28.82
N ALA P 167 54.76 -31.17 30.00
CA ALA P 167 55.62 -30.73 31.11
C ALA P 167 57.08 -30.92 30.76
N LYS P 168 57.44 -32.05 30.17
CA LYS P 168 58.83 -32.29 29.80
C LYS P 168 59.31 -31.27 28.78
N THR P 169 58.49 -30.99 27.76
CA THR P 169 58.88 -30.03 26.74
C THR P 169 59.04 -28.64 27.35
N PHE P 170 58.13 -28.24 28.24
CA PHE P 170 58.23 -26.93 28.87
C PHE P 170 59.50 -26.84 29.72
N GLY P 171 59.85 -27.93 30.42
CA GLY P 171 61.06 -27.92 31.20
C GLY P 171 62.30 -27.65 30.37
N ALA P 172 62.37 -28.23 29.17
CA ALA P 172 63.49 -28.02 28.27
C ALA P 172 63.44 -26.63 27.67
N GLU P 203 48.81 -52.29 5.73
CA GLU P 203 47.84 -52.89 6.63
C GLU P 203 46.75 -53.62 5.85
N VAL P 204 46.49 -53.15 4.63
CA VAL P 204 45.46 -53.79 3.80
C VAL P 204 45.82 -55.25 3.56
N GLU P 205 47.06 -55.50 3.12
CA GLU P 205 47.49 -56.87 2.88
C GLU P 205 47.35 -57.74 4.12
N ALA P 206 47.55 -57.16 5.31
CA ALA P 206 47.37 -57.93 6.53
C ALA P 206 45.93 -58.41 6.68
N THR P 207 44.96 -57.52 6.44
CA THR P 207 43.56 -57.93 6.47
C THR P 207 43.28 -58.97 5.40
N GLN P 208 43.84 -58.77 4.21
CA GLN P 208 43.61 -59.71 3.12
C GLN P 208 44.09 -61.11 3.50
N TYR P 209 45.28 -61.19 4.10
CA TYR P 209 45.85 -62.49 4.43
C TYR P 209 45.14 -63.09 5.64
N LEU P 210 44.65 -62.23 6.55
CA LEU P 210 43.79 -62.71 7.63
C LEU P 210 42.53 -63.37 7.06
N THR P 211 41.92 -62.74 6.06
CA THR P 211 40.75 -63.33 5.41
C THR P 211 41.12 -64.67 4.76
N LEU P 212 42.24 -64.70 4.05
CA LEU P 212 42.69 -65.94 3.44
C LEU P 212 42.83 -67.06 4.47
N LEU P 213 43.55 -66.79 5.56
CA LEU P 213 43.80 -67.83 6.55
C LEU P 213 42.53 -68.21 7.29
N LEU P 214 41.60 -67.28 7.50
CA LEU P 214 40.34 -67.63 8.13
C LEU P 214 39.51 -68.53 7.24
N THR P 215 39.45 -68.23 5.94
CA THR P 215 38.75 -69.12 5.01
C THR P 215 39.39 -70.50 4.98
N VAL P 216 40.72 -70.54 4.93
CA VAL P 216 41.42 -71.83 4.92
C VAL P 216 41.19 -72.58 6.23
N GLU P 217 41.08 -71.85 7.34
CA GLU P 217 40.84 -72.48 8.63
C GLU P 217 39.44 -73.06 8.70
N HIS P 218 38.45 -72.36 8.15
CA HIS P 218 37.10 -72.91 8.07
C HIS P 218 37.10 -74.18 7.22
N ALA P 219 37.78 -74.13 6.07
CA ALA P 219 37.88 -75.30 5.22
C ALA P 219 38.56 -76.45 5.95
N TYR P 220 39.62 -76.15 6.71
CA TYR P 220 40.31 -77.19 7.45
C TYR P 220 39.46 -77.76 8.57
N LEU P 221 38.66 -76.93 9.23
CA LEU P 221 37.75 -77.45 10.25
C LEU P 221 36.77 -78.43 9.62
N HIS P 222 36.21 -78.07 8.46
CA HIS P 222 35.29 -78.98 7.79
C HIS P 222 35.99 -80.25 7.33
N TYR P 223 37.22 -80.14 6.83
CA TYR P 223 37.97 -81.32 6.41
C TYR P 223 38.34 -82.19 7.59
N TYR P 224 38.66 -81.58 8.73
CA TYR P 224 38.91 -82.32 9.95
C TYR P 224 37.67 -83.07 10.40
N ILE P 225 36.50 -82.44 10.27
CA ILE P 225 35.25 -83.16 10.51
C ILE P 225 35.16 -84.36 9.58
N PHE P 226 35.48 -84.16 8.30
CA PHE P 226 35.37 -85.24 7.33
C PHE P 226 36.26 -86.42 7.71
N LYS P 227 37.53 -86.13 8.03
CA LYS P 227 38.45 -87.18 8.46
C LYS P 227 37.96 -87.87 9.73
N ASN P 228 37.90 -87.12 10.84
CA ASN P 228 37.67 -87.73 12.13
C ASN P 228 36.30 -88.37 12.26
N TYR P 229 35.34 -87.98 11.42
CA TYR P 229 33.99 -88.54 11.47
C TYR P 229 33.65 -89.32 10.21
N GLY P 230 33.75 -88.69 9.04
CA GLY P 230 33.48 -89.35 7.79
C GLY P 230 32.71 -88.44 6.86
N VAL P 231 32.15 -89.04 5.81
CA VAL P 231 31.46 -88.27 4.78
C VAL P 231 30.19 -87.63 5.36
N PHE P 232 29.37 -88.42 6.05
CA PHE P 232 28.06 -87.93 6.46
C PHE P 232 28.17 -86.81 7.49
N GLU P 233 29.09 -86.94 8.45
CA GLU P 233 29.27 -85.86 9.40
C GLU P 233 29.91 -84.64 8.74
N TYR P 234 30.65 -84.85 7.65
CA TYR P 234 31.09 -83.73 6.82
C TYR P 234 29.88 -83.01 6.24
N CYS P 235 28.89 -83.77 5.75
CA CYS P 235 27.65 -83.16 5.30
C CYS P 235 27.02 -82.35 6.41
N LYS P 236 26.94 -82.93 7.61
CA LYS P 236 26.30 -82.25 8.73
C LYS P 236 27.02 -80.96 9.09
N SER P 237 28.35 -81.01 9.13
CA SER P 237 29.12 -79.82 9.50
C SER P 237 28.99 -78.72 8.45
N LEU P 238 29.11 -79.08 7.17
CA LEU P 238 29.01 -78.05 6.13
C LEU P 238 27.60 -77.46 6.08
N THR P 239 26.58 -78.32 6.03
CA THR P 239 25.21 -77.83 6.02
C THR P 239 24.80 -77.23 7.35
N ASP P 240 25.51 -77.56 8.43
CA ASP P 240 25.16 -77.10 9.77
C ASP P 240 26.46 -76.98 10.56
N HIS P 241 27.00 -75.77 10.62
CA HIS P 241 28.29 -75.53 11.25
C HIS P 241 28.19 -75.59 12.76
N LYS P 255 43.35 -77.65 21.13
CA LYS P 255 43.06 -77.88 19.72
C LYS P 255 42.46 -76.63 19.08
N THR P 256 41.19 -76.37 19.39
CA THR P 256 40.51 -75.21 18.84
C THR P 256 41.08 -73.89 19.35
N SER P 257 41.83 -73.92 20.46
CA SER P 257 42.37 -72.69 21.03
C SER P 257 43.31 -71.99 20.06
N ASN P 258 44.15 -72.77 19.37
CA ASN P 258 45.14 -72.21 18.45
C ASN P 258 44.55 -71.75 17.13
N LEU P 259 43.21 -71.66 17.03
CA LEU P 259 42.55 -71.16 15.83
C LEU P 259 42.14 -69.72 16.06
N LEU P 260 42.56 -68.83 15.14
CA LEU P 260 42.27 -67.42 15.29
C LEU P 260 40.77 -67.14 15.25
N LEU P 261 39.97 -68.03 14.67
CA LEU P 261 38.53 -67.82 14.61
C LEU P 261 37.93 -67.78 16.01
N SER P 262 38.43 -68.63 16.91
CA SER P 262 37.94 -68.62 18.28
C SER P 262 38.27 -67.32 19.00
N LYS P 263 39.28 -66.59 18.54
CA LYS P 263 39.72 -65.37 19.21
C LYS P 263 38.95 -64.14 18.75
N PHE P 264 38.07 -64.26 17.75
CA PHE P 264 37.29 -63.13 17.28
C PHE P 264 35.94 -63.63 16.81
N LYS P 265 34.94 -62.75 16.90
CA LYS P 265 33.56 -63.07 16.56
C LYS P 265 32.98 -61.99 15.65
N PHE P 266 32.00 -62.40 14.85
CA PHE P 266 31.25 -61.50 13.99
C PHE P 266 29.90 -62.15 13.71
N THR P 267 28.85 -61.34 13.72
CA THR P 267 27.49 -61.89 13.62
C THR P 267 26.61 -60.90 12.85
N ILE P 268 25.30 -61.18 12.84
CA ILE P 268 24.31 -60.39 12.11
C ILE P 268 23.16 -60.07 13.05
N GLU P 269 22.46 -58.99 12.74
CA GLU P 269 21.27 -58.58 13.47
C GLU P 269 20.19 -58.19 12.49
N ASP P 270 18.94 -58.34 12.92
CA ASP P 270 17.80 -58.02 12.07
C ASP P 270 17.74 -56.52 11.79
N LEU Q 113 10.72 -23.61 -52.94
CA LEU Q 113 11.88 -24.50 -52.92
C LEU Q 113 11.99 -25.18 -51.56
N ILE Q 114 12.04 -26.51 -51.58
CA ILE Q 114 12.08 -27.31 -50.37
C ILE Q 114 12.96 -28.53 -50.58
N ASN Q 115 13.35 -29.16 -49.47
CA ASN Q 115 14.25 -30.30 -49.49
C ASN Q 115 13.45 -31.52 -49.95
N MET Q 116 13.55 -31.85 -51.25
CA MET Q 116 12.80 -32.98 -51.79
C MET Q 116 13.05 -34.24 -50.98
N ARG Q 117 14.32 -34.54 -50.67
CA ARG Q 117 14.64 -35.76 -49.96
C ARG Q 117 14.02 -35.79 -48.57
N ARG Q 118 13.99 -34.64 -47.89
CA ARG Q 118 13.46 -34.60 -46.53
C ARG Q 118 11.97 -34.94 -46.54
N TYR Q 119 11.22 -34.34 -47.46
CA TYR Q 119 9.81 -34.66 -47.61
C TYR Q 119 9.62 -36.11 -48.02
N ARG Q 120 10.49 -36.64 -48.87
CA ARG Q 120 10.44 -38.05 -49.22
C ARG Q 120 10.57 -38.92 -47.97
N ASN Q 121 11.52 -38.58 -47.10
CA ASN Q 121 11.70 -39.34 -45.87
C ASN Q 121 10.44 -39.28 -45.02
N ALA Q 122 9.85 -38.09 -44.88
CA ALA Q 122 8.63 -37.97 -44.10
C ALA Q 122 7.51 -38.83 -44.67
N ALA Q 123 7.33 -38.77 -45.99
CA ALA Q 123 6.31 -39.58 -46.65
C ALA Q 123 6.54 -41.07 -46.37
N ARG Q 124 7.78 -41.51 -46.52
CA ARG Q 124 8.07 -42.93 -46.33
C ARG Q 124 7.79 -43.36 -44.90
N LYS Q 125 8.25 -42.56 -43.92
CA LYS Q 125 8.00 -42.94 -42.53
C LYS Q 125 6.51 -42.97 -42.23
N LEU Q 126 5.77 -41.98 -42.72
CA LEU Q 126 4.35 -41.91 -42.43
C LEU Q 126 3.61 -43.10 -43.03
N ILE Q 127 3.92 -43.44 -44.28
CA ILE Q 127 3.22 -44.54 -44.93
C ILE Q 127 3.62 -45.87 -44.31
N HIS Q 128 4.89 -46.05 -43.98
CA HIS Q 128 5.31 -47.28 -43.31
C HIS Q 128 4.66 -47.40 -41.94
N HIS Q 129 4.35 -46.28 -41.29
CA HIS Q 129 3.70 -46.34 -40.00
C HIS Q 129 2.23 -46.71 -40.15
N TYR Q 130 1.48 -45.95 -40.94
CA TYR Q 130 0.06 -46.25 -41.09
C TYR Q 130 -0.21 -47.54 -41.85
N SER Q 131 0.78 -48.08 -42.56
CA SER Q 131 0.64 -49.38 -43.18
C SER Q 131 0.76 -50.51 -42.17
N LEU Q 132 1.26 -50.21 -40.99
CA LEU Q 132 1.43 -51.18 -39.91
C LEU Q 132 2.32 -52.33 -40.35
N ASN Q 133 3.08 -52.12 -41.43
CA ASN Q 133 4.11 -53.06 -41.85
C ASN Q 133 5.44 -52.81 -41.14
N SER Q 134 5.57 -51.67 -40.47
CA SER Q 134 6.77 -51.33 -39.72
C SER Q 134 6.38 -51.30 -38.24
N THR Q 135 6.96 -52.22 -37.47
CA THR Q 135 6.67 -52.25 -36.03
C THR Q 135 7.11 -50.96 -35.36
N SER Q 136 8.03 -50.22 -35.96
CA SER Q 136 8.51 -48.99 -35.37
C SER Q 136 7.34 -48.04 -35.11
N SER Q 137 7.26 -47.53 -33.89
CA SER Q 137 6.17 -46.65 -33.47
C SER Q 137 6.73 -45.24 -33.32
N THR Q 138 6.29 -44.34 -34.19
CA THR Q 138 6.76 -42.96 -34.19
C THR Q 138 5.57 -42.03 -34.41
N GLU Q 139 5.51 -40.97 -33.61
CA GLU Q 139 4.44 -39.99 -33.73
C GLU Q 139 4.68 -39.10 -34.95
N TYR Q 140 3.59 -38.58 -35.50
CA TYR Q 140 3.62 -37.65 -36.61
C TYR Q 140 2.72 -36.46 -36.30
N LYS Q 141 2.97 -35.36 -36.99
CA LYS Q 141 2.27 -34.10 -36.75
C LYS Q 141 1.62 -33.63 -38.05
N ILE Q 142 0.84 -32.54 -37.94
CA ILE Q 142 0.29 -31.94 -39.15
C ILE Q 142 1.40 -31.48 -40.07
N SER Q 143 2.55 -31.10 -39.51
CA SER Q 143 3.73 -30.86 -40.34
C SER Q 143 4.06 -32.10 -41.15
N ASP Q 144 4.04 -33.26 -40.50
CA ASP Q 144 4.37 -34.48 -41.22
C ASP Q 144 3.38 -34.75 -42.34
N VAL Q 145 2.08 -34.58 -42.09
CA VAL Q 145 1.11 -34.94 -43.11
C VAL Q 145 1.18 -33.97 -44.30
N VAL Q 146 1.29 -32.67 -44.02
CA VAL Q 146 1.43 -31.72 -45.13
C VAL Q 146 2.70 -32.03 -45.91
N MET Q 147 3.78 -32.34 -45.20
CA MET Q 147 5.04 -32.69 -45.84
C MET Q 147 4.90 -33.92 -46.73
N THR Q 148 4.30 -34.97 -46.20
CA THR Q 148 4.16 -36.22 -46.94
C THR Q 148 3.28 -36.03 -48.17
N MET Q 149 2.16 -35.32 -48.02
CA MET Q 149 1.28 -35.11 -49.16
C MET Q 149 1.91 -34.19 -50.20
N ILE Q 150 2.73 -33.24 -49.77
CA ILE Q 150 3.49 -32.44 -50.74
C ILE Q 150 4.45 -33.32 -51.52
N PHE Q 151 5.16 -34.21 -50.83
CA PHE Q 151 6.03 -35.14 -51.55
C PHE Q 151 5.22 -35.99 -52.52
N LEU Q 152 4.06 -36.47 -52.08
CA LEU Q 152 3.22 -37.28 -52.94
C LEU Q 152 2.78 -36.52 -54.18
N LEU Q 153 2.42 -35.23 -54.01
CA LEU Q 153 2.08 -34.39 -55.15
C LEU Q 153 3.26 -34.24 -56.10
N ARG Q 154 4.35 -33.64 -55.61
CA ARG Q 154 5.47 -33.31 -56.48
C ARG Q 154 5.99 -34.53 -57.23
N SER Q 155 5.95 -35.69 -56.60
CA SER Q 155 6.41 -36.92 -57.25
C SER Q 155 5.48 -37.17 -58.43
N GLU Q 156 6.00 -36.94 -59.64
CA GLU Q 156 5.17 -37.11 -60.83
C GLU Q 156 4.65 -38.54 -60.92
N LYS Q 157 5.47 -39.50 -60.52
CA LYS Q 157 5.11 -40.90 -60.61
C LYS Q 157 4.18 -41.33 -59.48
N TYR Q 158 3.86 -40.41 -58.56
CA TYR Q 158 2.84 -40.63 -57.54
C TYR Q 158 1.63 -39.69 -57.71
N HIS Q 159 1.38 -39.15 -58.90
CA HIS Q 159 0.15 -38.37 -59.07
C HIS Q 159 -1.09 -39.22 -58.78
N SER Q 160 -1.09 -40.49 -59.23
CA SER Q 160 -2.27 -41.31 -59.01
C SER Q 160 -2.53 -41.50 -57.52
N LEU Q 161 -1.48 -41.75 -56.75
CA LEU Q 161 -1.65 -41.89 -55.31
C LEU Q 161 -2.07 -40.56 -54.67
N PHE Q 162 -1.55 -39.44 -55.19
CA PHE Q 162 -2.00 -38.15 -54.70
C PHE Q 162 -3.48 -37.93 -54.98
N LYS Q 163 -3.96 -38.40 -56.12
CA LYS Q 163 -5.38 -38.25 -56.43
C LYS Q 163 -6.23 -39.18 -55.58
N LEU Q 164 -5.73 -40.36 -55.25
CA LEU Q 164 -6.43 -41.18 -54.27
C LEU Q 164 -6.48 -40.47 -52.92
N LEU Q 165 -5.38 -39.84 -52.53
CA LEU Q 165 -5.36 -39.03 -51.31
C LEU Q 165 -6.41 -37.91 -51.39
N GLU Q 166 -6.49 -37.22 -52.53
CA GLU Q 166 -7.47 -36.17 -52.67
C GLU Q 166 -8.89 -36.71 -52.56
N THR Q 167 -9.15 -37.86 -53.18
CA THR Q 167 -10.47 -38.47 -53.06
C THR Q 167 -10.78 -38.83 -51.62
N THR Q 168 -9.77 -39.22 -50.84
CA THR Q 168 -10.04 -39.58 -49.44
C THR Q 168 -10.66 -38.43 -48.66
N PHE Q 169 -10.51 -37.19 -49.13
CA PHE Q 169 -11.11 -36.06 -48.42
C PHE Q 169 -12.62 -36.21 -48.27
N ASP Q 170 -13.26 -36.87 -49.23
CA ASP Q 170 -14.69 -37.13 -49.10
C ASP Q 170 -14.86 -38.21 -48.02
N ASP Q 171 -16.09 -38.71 -47.86
CA ASP Q 171 -16.36 -39.71 -46.84
C ASP Q 171 -15.45 -40.92 -46.96
N TYR Q 172 -14.78 -41.09 -48.10
CA TYR Q 172 -13.79 -42.14 -48.31
C TYR Q 172 -14.32 -43.53 -47.94
N THR Q 173 -15.64 -43.69 -47.98
CA THR Q 173 -16.24 -45.01 -47.90
C THR Q 173 -16.34 -45.68 -49.27
N CYS Q 174 -16.11 -44.93 -50.34
CA CYS Q 174 -16.10 -45.50 -51.68
C CYS Q 174 -14.84 -46.30 -51.94
N ARG Q 175 -15.01 -47.44 -52.60
CA ARG Q 175 -13.93 -48.15 -53.25
C ARG Q 175 -13.78 -47.57 -54.64
N PRO Q 176 -12.80 -46.69 -54.89
CA PRO Q 176 -12.76 -45.98 -56.17
C PRO Q 176 -12.73 -46.93 -57.35
N GLN Q 177 -13.38 -46.53 -58.43
CA GLN Q 177 -13.25 -47.25 -59.69
C GLN Q 177 -11.83 -47.08 -60.20
N MET Q 178 -11.20 -48.19 -60.59
CA MET Q 178 -9.91 -48.10 -61.27
C MET Q 178 -9.70 -49.36 -62.10
N THR Q 179 -9.28 -49.18 -63.34
CA THR Q 179 -8.99 -50.29 -64.22
C THR Q 179 -7.72 -51.01 -63.78
N GLN Q 180 -7.56 -52.24 -64.29
CA GLN Q 180 -6.46 -53.09 -63.83
C GLN Q 180 -5.11 -52.47 -64.18
N VAL Q 181 -4.99 -51.84 -65.34
CA VAL Q 181 -3.73 -51.21 -65.71
C VAL Q 181 -3.40 -50.04 -64.79
N GLN Q 182 -4.42 -49.28 -64.39
CA GLN Q 182 -4.21 -48.21 -63.42
C GLN Q 182 -3.79 -48.81 -62.08
N THR Q 183 -4.32 -49.98 -61.74
CA THR Q 183 -3.89 -50.69 -60.55
C THR Q 183 -2.42 -51.06 -60.66
N ASP Q 184 -1.99 -51.50 -61.84
CA ASP Q 184 -0.57 -51.76 -62.06
C ASP Q 184 0.26 -50.49 -61.83
N THR Q 185 -0.23 -49.38 -62.35
CA THR Q 185 0.50 -48.11 -62.17
C THR Q 185 0.63 -47.78 -60.68
N LEU Q 186 -0.47 -47.86 -59.93
CA LEU Q 186 -0.41 -47.45 -58.53
C LEU Q 186 0.42 -48.43 -57.71
N LEU Q 187 0.37 -49.73 -58.03
CA LEU Q 187 1.19 -50.67 -57.29
C LEU Q 187 2.67 -50.47 -57.60
N ASP Q 188 3.00 -50.12 -58.85
CA ASP Q 188 4.38 -49.73 -59.13
C ASP Q 188 4.79 -48.52 -58.32
N ALA Q 189 3.89 -47.53 -58.21
CA ALA Q 189 4.21 -46.32 -57.45
C ALA Q 189 4.46 -46.66 -55.98
N VAL Q 190 3.63 -47.49 -55.38
CA VAL Q 190 3.81 -47.81 -53.97
C VAL Q 190 5.06 -48.66 -53.77
N ARG Q 191 5.32 -49.60 -54.68
CA ARG Q 191 6.53 -50.40 -54.56
C ARG Q 191 7.77 -49.54 -54.65
N SER Q 192 7.77 -48.55 -55.54
CA SER Q 192 8.89 -47.63 -55.63
C SER Q 192 9.02 -46.79 -54.36
N LEU Q 193 7.91 -46.29 -53.83
CA LEU Q 193 7.98 -45.41 -52.68
C LEU Q 193 8.46 -46.15 -51.44
N LEU Q 194 8.01 -47.40 -51.26
CA LEU Q 194 8.34 -48.15 -50.06
C LEU Q 194 9.64 -48.93 -50.20
N GLU Q 195 10.06 -49.22 -51.42
CA GLU Q 195 11.28 -50.00 -51.69
C GLU Q 195 11.41 -51.17 -50.73
N MET Q 196 10.47 -52.11 -50.84
CA MET Q 196 10.44 -53.25 -49.93
C MET Q 196 11.71 -54.07 -50.03
N THR Q 200 4.20 -59.86 -49.33
CA THR Q 200 4.46 -58.60 -50.03
C THR Q 200 3.35 -57.62 -49.71
N ILE Q 201 3.20 -56.58 -50.53
CA ILE Q 201 2.16 -55.58 -50.37
C ILE Q 201 1.14 -55.78 -51.48
N ASP Q 202 -0.11 -55.41 -51.21
CA ASP Q 202 -1.21 -55.73 -52.10
C ASP Q 202 -2.34 -54.73 -51.90
N LEU Q 203 -3.51 -55.04 -52.48
CA LEU Q 203 -4.60 -54.08 -52.55
C LEU Q 203 -5.14 -53.74 -51.17
N THR Q 204 -5.30 -54.74 -50.29
CA THR Q 204 -5.81 -54.45 -48.96
C THR Q 204 -4.91 -53.47 -48.23
N THR Q 205 -3.60 -53.47 -48.54
CA THR Q 205 -2.72 -52.45 -48.00
C THR Q 205 -3.13 -51.06 -48.49
N VAL Q 206 -3.52 -50.95 -49.76
CA VAL Q 206 -3.98 -49.66 -50.29
C VAL Q 206 -5.26 -49.23 -49.59
N ASP Q 207 -6.16 -50.18 -49.35
CA ASP Q 207 -7.37 -49.86 -48.60
C ASP Q 207 -7.03 -49.36 -47.21
N ILE Q 208 -6.04 -49.99 -46.57
CA ILE Q 208 -5.58 -49.54 -45.26
C ILE Q 208 -5.01 -48.13 -45.35
N MET Q 209 -4.22 -47.86 -46.39
CA MET Q 209 -3.73 -46.50 -46.62
C MET Q 209 -4.86 -45.50 -46.65
N ARG Q 210 -5.87 -45.76 -47.48
CA ARG Q 210 -6.95 -44.79 -47.59
C ARG Q 210 -7.67 -44.64 -46.26
N SER Q 211 -7.97 -45.75 -45.61
CA SER Q 211 -8.68 -45.69 -44.33
C SER Q 211 -7.91 -44.83 -43.32
N SER Q 212 -6.62 -45.12 -43.14
CA SER Q 212 -5.84 -44.40 -42.12
C SER Q 212 -5.67 -42.94 -42.48
N PHE Q 213 -5.25 -42.64 -43.71
CA PHE Q 213 -5.03 -41.25 -44.09
C PHE Q 213 -6.32 -40.44 -44.01
N ALA Q 214 -7.43 -41.04 -44.45
CA ALA Q 214 -8.69 -40.30 -44.46
C ALA Q 214 -9.26 -40.15 -43.06
N ARG Q 215 -9.14 -41.18 -42.23
CA ARG Q 215 -9.51 -41.06 -40.83
C ARG Q 215 -8.61 -40.08 -40.09
N CYS Q 216 -7.43 -39.79 -40.64
CA CYS Q 216 -6.71 -38.60 -40.20
C CYS Q 216 -7.41 -37.34 -40.69
N PHE Q 217 -7.81 -37.32 -41.96
CA PHE Q 217 -8.41 -36.12 -42.53
C PHE Q 217 -9.65 -35.70 -41.76
N ASN Q 218 -10.55 -36.64 -41.48
CA ASN Q 218 -11.82 -36.30 -40.83
C ASN Q 218 -11.61 -35.66 -39.47
N SER Q 219 -10.46 -35.86 -38.85
CA SER Q 219 -10.21 -35.34 -37.52
C SER Q 219 -9.82 -33.87 -37.61
N PRO Q 220 -10.48 -32.97 -36.87
CA PRO Q 220 -10.03 -31.58 -36.83
C PRO Q 220 -8.83 -31.39 -35.92
N ILE Q 221 -8.39 -30.15 -35.71
CA ILE Q 221 -7.21 -29.92 -34.89
C ILE Q 221 -7.55 -30.25 -33.44
N MET Q 222 -6.71 -31.07 -32.82
CA MET Q 222 -6.85 -31.40 -31.41
C MET Q 222 -5.47 -31.41 -30.77
N ARG Q 223 -5.43 -31.19 -29.46
CA ARG Q 223 -4.18 -31.00 -28.76
C ARG Q 223 -3.50 -32.30 -28.34
N TYR Q 224 -3.98 -33.45 -28.86
CA TYR Q 224 -3.38 -34.73 -28.53
C TYR Q 224 -3.46 -35.64 -29.76
N ALA Q 225 -2.59 -36.64 -29.79
CA ALA Q 225 -2.55 -37.59 -30.89
C ALA Q 225 -3.43 -38.79 -30.55
N LYS Q 226 -4.61 -38.86 -31.15
CA LYS Q 226 -5.54 -39.92 -30.82
C LYS Q 226 -5.05 -41.25 -31.38
N ILE Q 227 -5.24 -42.30 -30.59
CA ILE Q 227 -4.90 -43.66 -30.97
C ILE Q 227 -6.18 -44.36 -31.37
N VAL Q 228 -6.15 -45.15 -32.45
CA VAL Q 228 -7.34 -45.78 -32.98
C VAL Q 228 -7.00 -47.19 -33.48
N LEU Q 229 -8.01 -47.89 -33.97
CA LEU Q 229 -7.88 -49.24 -34.49
C LEU Q 229 -8.52 -49.31 -35.87
N LEU Q 230 -7.85 -50.02 -36.78
CA LEU Q 230 -8.34 -50.12 -38.15
C LEU Q 230 -9.73 -50.74 -38.20
N GLN Q 231 -10.57 -50.19 -39.07
CA GLN Q 231 -11.91 -50.74 -39.34
C GLN Q 231 -12.45 -50.05 -40.57
N ASN Q 232 -13.59 -50.54 -41.06
CA ASN Q 232 -14.24 -50.04 -42.27
C ASN Q 232 -13.46 -50.41 -43.52
N VAL Q 233 -12.70 -51.50 -43.46
CA VAL Q 233 -11.94 -52.02 -44.59
C VAL Q 233 -12.50 -53.40 -44.92
N ALA Q 234 -12.95 -53.58 -46.16
CA ALA Q 234 -13.49 -54.86 -46.62
C ALA Q 234 -14.50 -55.42 -45.62
N ASP Q 238 -17.91 -55.78 -46.26
CA ASP Q 238 -19.09 -54.92 -46.18
C ASP Q 238 -19.95 -55.30 -44.98
N LYS Q 239 -20.50 -56.51 -45.01
CA LYS Q 239 -21.32 -56.99 -43.91
C LYS Q 239 -20.53 -57.01 -42.63
N ARG Q 240 -21.13 -56.52 -41.55
CA ARG Q 240 -20.48 -56.58 -40.24
C ARG Q 240 -20.41 -58.03 -39.79
N THR Q 241 -19.19 -58.52 -39.56
CA THR Q 241 -18.94 -59.94 -39.34
C THR Q 241 -18.55 -60.20 -37.89
N THR Q 242 -18.77 -61.45 -37.48
CA THR Q 242 -18.31 -61.97 -36.20
C THR Q 242 -17.39 -63.15 -36.47
N LEU Q 243 -17.00 -63.85 -35.40
CA LEU Q 243 -15.92 -64.83 -35.50
C LEU Q 243 -16.39 -66.27 -35.59
N GLU Q 244 -17.54 -66.61 -35.01
CA GLU Q 244 -17.93 -68.03 -34.98
C GLU Q 244 -18.25 -68.56 -36.38
N GLU Q 245 -19.10 -67.84 -37.12
CA GLU Q 245 -19.38 -68.29 -38.48
C GLU Q 245 -18.15 -68.17 -39.36
N LEU Q 246 -17.29 -67.20 -39.06
CA LEU Q 246 -16.01 -67.10 -39.78
C LEU Q 246 -15.21 -68.38 -39.62
N LEU Q 247 -15.07 -68.86 -38.38
CA LEU Q 247 -14.34 -70.09 -38.14
C LEU Q 247 -15.02 -71.27 -38.83
N ILE Q 248 -16.34 -71.34 -38.76
CA ILE Q 248 -17.05 -72.47 -39.37
C ILE Q 248 -16.81 -72.49 -40.88
N GLU Q 249 -16.98 -71.34 -41.53
CA GLU Q 249 -16.78 -71.28 -42.98
C GLU Q 249 -15.32 -71.57 -43.33
N ARG Q 250 -14.39 -71.07 -42.53
CA ARG Q 250 -12.98 -71.38 -42.77
C ARG Q 250 -12.75 -72.89 -42.74
N GLY Q 251 -13.27 -73.56 -41.72
CA GLY Q 251 -13.05 -75.00 -41.61
C GLY Q 251 -13.66 -75.77 -42.77
N GLU Q 252 -14.89 -75.41 -43.16
CA GLU Q 252 -15.51 -76.11 -44.27
C GLU Q 252 -14.75 -75.86 -45.58
N LYS Q 253 -14.23 -74.65 -45.76
CA LYS Q 253 -13.42 -74.39 -46.95
C LYS Q 253 -12.13 -75.18 -46.92
N ILE Q 254 -11.49 -75.30 -45.75
CA ILE Q 254 -10.28 -76.12 -45.64
C ILE Q 254 -10.59 -77.55 -46.07
N GLN Q 255 -11.64 -78.14 -45.51
CA GLN Q 255 -11.95 -79.52 -45.91
C GLN Q 255 -12.34 -79.59 -47.37
N MET Q 256 -12.84 -78.49 -47.95
CA MET Q 256 -13.14 -78.48 -49.38
C MET Q 256 -11.87 -78.65 -50.20
N LEU Q 257 -10.82 -77.92 -49.86
CA LEU Q 257 -9.57 -78.03 -50.58
C LEU Q 257 -8.83 -79.30 -50.16
N GLN Q 258 -7.85 -79.70 -50.97
CA GLN Q 258 -7.06 -80.90 -50.67
C GLN Q 258 -5.76 -80.49 -49.99
N PRO Q 259 -5.30 -81.22 -48.97
CA PRO Q 259 -3.97 -80.94 -48.41
C PRO Q 259 -2.87 -81.28 -49.40
N GLN Q 260 -1.77 -80.53 -49.30
CA GLN Q 260 -0.67 -80.60 -50.27
C GLN Q 260 0.40 -81.61 -49.86
N GLN Q 261 1.05 -81.37 -48.71
CA GLN Q 261 2.15 -82.20 -48.25
C GLN Q 261 1.68 -83.15 -47.13
N TYR Q 262 2.38 -84.27 -47.02
CA TYR Q 262 2.21 -85.25 -45.95
C TYR Q 262 3.59 -85.61 -45.42
N ILE Q 263 3.73 -85.69 -44.11
CA ILE Q 263 4.94 -86.21 -43.47
C ILE Q 263 4.57 -87.43 -42.64
N ASN Q 264 5.47 -88.41 -42.62
CA ASN Q 264 5.32 -89.63 -41.84
C ASN Q 264 6.64 -89.92 -41.14
N SER Q 265 6.70 -91.10 -40.52
CA SER Q 265 7.82 -91.48 -39.66
C SER Q 265 7.84 -90.59 -38.43
N GLY Q 266 8.43 -91.07 -37.35
CA GLY Q 266 8.64 -90.24 -36.20
C GLY Q 266 9.87 -89.39 -36.43
N THR Q 267 9.74 -88.39 -37.30
CA THR Q 267 10.91 -87.67 -37.80
C THR Q 267 11.65 -87.02 -36.64
N GLU Q 268 12.89 -87.47 -36.42
CA GLU Q 268 13.67 -87.02 -35.28
C GLU Q 268 13.86 -85.50 -35.31
N ILE Q 269 13.77 -84.88 -34.14
CA ILE Q 269 14.10 -83.45 -34.02
C ILE Q 269 15.59 -83.35 -34.28
N PRO Q 270 16.03 -82.62 -35.32
CA PRO Q 270 17.45 -82.61 -35.67
C PRO Q 270 18.24 -81.58 -34.88
N PHE Q 271 18.23 -81.73 -33.56
CA PHE Q 271 19.04 -80.86 -32.72
C PHE Q 271 20.50 -80.98 -33.12
N CYS Q 272 21.17 -79.82 -33.22
CA CYS Q 272 22.53 -79.76 -33.74
C CYS Q 272 23.49 -79.96 -32.57
N ASP Q 273 24.14 -81.12 -32.54
CA ASP Q 273 24.88 -81.53 -31.33
C ASP Q 273 26.11 -80.66 -31.10
N ASP Q 274 26.84 -80.32 -32.16
CA ASP Q 274 28.13 -79.66 -32.00
C ASP Q 274 27.97 -78.31 -31.33
N ALA Q 275 28.48 -78.18 -30.11
CA ALA Q 275 28.39 -76.92 -29.38
C ALA Q 275 29.13 -75.79 -30.08
N GLU Q 276 30.04 -76.12 -31.00
CA GLU Q 276 30.81 -75.09 -31.69
C GLU Q 276 29.89 -74.12 -32.42
N PHE Q 277 29.16 -74.60 -33.43
CA PHE Q 277 28.28 -73.71 -34.19
C PHE Q 277 27.07 -73.29 -33.38
N LEU Q 278 26.64 -74.09 -32.40
CA LEU Q 278 25.59 -73.63 -31.49
C LEU Q 278 26.00 -72.33 -30.82
N ASN Q 279 27.17 -72.33 -30.18
CA ASN Q 279 27.65 -71.12 -29.52
C ASN Q 279 28.01 -70.05 -30.54
N ARG Q 280 28.42 -70.45 -31.75
CA ARG Q 280 28.71 -69.46 -32.78
C ARG Q 280 27.47 -68.65 -33.12
N LEU Q 281 26.37 -69.33 -33.44
CA LEU Q 281 25.12 -68.63 -33.70
C LEU Q 281 24.63 -67.90 -32.45
N LEU Q 282 24.88 -68.47 -31.28
CA LEU Q 282 24.52 -67.78 -30.03
C LEU Q 282 25.19 -66.42 -29.97
N LYS Q 283 26.53 -66.40 -29.98
CA LYS Q 283 27.25 -65.13 -29.96
C LYS Q 283 26.87 -64.25 -31.13
N HIS Q 284 26.43 -64.85 -32.24
CA HIS Q 284 25.91 -64.04 -33.34
C HIS Q 284 24.67 -63.27 -32.90
N ILE Q 285 23.78 -63.93 -32.14
CA ILE Q 285 22.56 -63.28 -31.66
C ILE Q 285 22.74 -62.62 -30.30
N ASP Q 286 23.87 -62.83 -29.63
CA ASP Q 286 24.04 -62.26 -28.29
C ASP Q 286 24.06 -60.74 -28.28
N PRO Q 287 24.70 -60.05 -29.24
CA PRO Q 287 24.60 -58.59 -29.25
C PRO Q 287 23.18 -58.09 -29.42
N TYR Q 288 22.27 -58.93 -29.91
CA TYR Q 288 20.93 -58.45 -30.22
C TYR Q 288 20.21 -58.00 -28.95
N PRO Q 289 19.65 -56.79 -28.93
CA PRO Q 289 18.88 -56.33 -27.76
C PRO Q 289 17.50 -56.96 -27.69
N LEU Q 290 17.39 -58.13 -27.06
CA LEU Q 290 16.16 -58.91 -27.01
C LEU Q 290 14.90 -58.05 -26.81
N SER Q 291 14.97 -57.05 -25.93
CA SER Q 291 13.76 -56.28 -25.62
C SER Q 291 13.15 -55.70 -26.89
N ARG Q 292 13.99 -55.17 -27.78
CA ARG Q 292 13.49 -54.71 -29.07
C ARG Q 292 12.84 -55.86 -29.84
N MET Q 293 13.40 -57.06 -29.75
CA MET Q 293 12.79 -58.22 -30.38
C MET Q 293 11.36 -58.40 -29.86
N TYR Q 294 11.21 -58.36 -28.53
CA TYR Q 294 9.88 -58.53 -27.93
C TYR Q 294 8.92 -57.48 -28.45
N TYR Q 295 9.33 -56.21 -28.38
CA TYR Q 295 8.45 -55.13 -28.83
C TYR Q 295 8.03 -55.33 -30.28
N ASN Q 296 9.00 -55.55 -31.16
CA ASN Q 296 8.71 -55.70 -32.58
C ASN Q 296 7.75 -56.86 -32.81
N ALA Q 297 8.05 -58.04 -32.26
CA ALA Q 297 7.25 -59.21 -32.58
C ALA Q 297 5.86 -59.12 -31.97
N ALA Q 298 5.74 -58.63 -30.74
CA ALA Q 298 4.43 -58.50 -30.13
C ALA Q 298 3.56 -57.52 -30.89
N ASN Q 299 4.12 -56.36 -31.24
CA ASN Q 299 3.36 -55.40 -32.02
C ASN Q 299 3.04 -55.93 -33.41
N THR Q 300 3.90 -56.78 -33.97
CA THR Q 300 3.59 -57.40 -35.25
C THR Q 300 2.38 -58.31 -35.12
N MET Q 301 2.34 -59.13 -34.07
CA MET Q 301 1.17 -59.96 -33.83
C MET Q 301 -0.06 -59.09 -33.75
N PHE Q 302 0.01 -58.04 -32.94
CA PHE Q 302 -1.17 -57.22 -32.69
C PHE Q 302 -1.66 -56.57 -33.98
N TYR Q 303 -0.75 -55.98 -34.75
CA TYR Q 303 -1.15 -55.29 -35.96
C TYR Q 303 -1.74 -56.26 -36.99
N THR Q 304 -1.13 -57.45 -37.16
CA THR Q 304 -1.69 -58.38 -38.12
C THR Q 304 -3.06 -58.86 -37.66
N THR Q 305 -3.22 -59.15 -36.37
CA THR Q 305 -4.53 -59.62 -35.90
C THR Q 305 -5.60 -58.56 -36.12
N MET Q 306 -5.29 -57.31 -35.74
CA MET Q 306 -6.27 -56.23 -35.93
C MET Q 306 -6.59 -56.00 -37.40
N GLU Q 307 -5.58 -56.05 -38.28
CA GLU Q 307 -5.87 -55.79 -39.69
C GLU Q 307 -6.61 -56.96 -40.33
N ASN Q 308 -6.29 -58.19 -39.93
CA ASN Q 308 -7.00 -59.35 -40.44
C ASN Q 308 -8.46 -59.33 -40.00
N TYR Q 309 -8.72 -58.92 -38.76
CA TYR Q 309 -10.10 -58.82 -38.30
C TYR Q 309 -10.82 -57.66 -38.97
N ALA Q 310 -10.13 -56.54 -39.16
CA ALA Q 310 -10.76 -55.38 -39.79
C ALA Q 310 -11.11 -55.65 -41.25
N VAL Q 311 -10.19 -56.26 -42.00
CA VAL Q 311 -10.45 -56.55 -43.41
C VAL Q 311 -11.60 -57.55 -43.52
N SER Q 312 -11.61 -58.58 -42.68
CA SER Q 312 -12.72 -59.52 -42.66
C SER Q 312 -14.01 -58.90 -42.14
N ASN Q 313 -13.93 -57.70 -41.55
CA ASN Q 313 -15.03 -57.03 -40.87
C ASN Q 313 -15.41 -57.75 -39.58
N CYS Q 314 -14.62 -58.74 -39.16
CA CYS Q 314 -14.88 -59.46 -37.92
C CYS Q 314 -14.38 -58.67 -36.73
N LYS Q 315 -15.08 -58.80 -35.61
CA LYS Q 315 -14.77 -58.02 -34.43
C LYS Q 315 -13.39 -58.38 -33.88
N PHE Q 316 -12.44 -57.46 -34.02
CA PHE Q 316 -11.11 -57.66 -33.44
C PHE Q 316 -11.23 -57.51 -31.93
N ASN Q 317 -11.14 -58.63 -31.22
CA ASN Q 317 -11.38 -58.64 -29.78
C ASN Q 317 -10.08 -58.25 -29.08
N ILE Q 318 -9.91 -56.94 -28.86
CA ILE Q 318 -8.75 -56.46 -28.12
C ILE Q 318 -8.75 -57.03 -26.71
N GLU Q 319 -9.94 -57.26 -26.15
CA GLU Q 319 -10.02 -57.83 -24.80
C GLU Q 319 -9.42 -59.21 -24.78
N ASP Q 320 -9.65 -60.01 -25.82
CA ASP Q 320 -9.05 -61.33 -25.89
C ASP Q 320 -7.53 -61.26 -26.05
N TYR Q 321 -7.03 -60.28 -26.80
CA TYR Q 321 -5.59 -60.09 -26.89
C TYR Q 321 -4.99 -59.78 -25.53
N ASN Q 322 -5.65 -58.89 -24.79
CA ASN Q 322 -5.19 -58.58 -23.44
C ASN Q 322 -5.33 -59.79 -22.52
N ASN Q 323 -6.34 -60.64 -22.75
CA ASN Q 323 -6.46 -61.86 -21.95
C ASN Q 323 -5.34 -62.84 -22.27
N ILE Q 324 -4.92 -62.89 -23.54
CA ILE Q 324 -3.74 -63.67 -23.88
C ILE Q 324 -2.53 -63.15 -23.11
N PHE Q 325 -2.36 -61.83 -23.08
CA PHE Q 325 -1.34 -61.25 -22.22
C PHE Q 325 -1.50 -61.76 -20.80
N LYS Q 326 -2.65 -61.51 -20.18
CA LYS Q 326 -2.85 -61.87 -18.78
C LYS Q 326 -2.46 -63.32 -18.52
N VAL Q 327 -2.90 -64.21 -19.40
CA VAL Q 327 -2.51 -65.62 -19.28
C VAL Q 327 -0.99 -65.73 -19.25
N MET Q 328 -0.33 -65.03 -20.18
CA MET Q 328 1.13 -65.11 -20.28
C MET Q 328 1.81 -64.67 -18.99
N GLU Q 329 1.38 -63.54 -18.41
CA GLU Q 329 1.96 -63.17 -17.12
C GLU Q 329 1.66 -64.23 -16.06
N ASN Q 330 0.45 -64.77 -16.05
CA ASN Q 330 0.06 -65.73 -15.04
C ASN Q 330 0.71 -67.09 -15.21
N ILE Q 331 1.28 -67.38 -16.38
CA ILE Q 331 1.89 -68.68 -16.62
C ILE Q 331 3.40 -68.51 -16.70
N GLU R 112 -10.05 -30.07 -64.38
CA GLU R 112 -9.05 -29.47 -63.51
C GLU R 112 -8.53 -30.51 -62.51
N LEU R 113 -7.22 -30.46 -62.24
CA LEU R 113 -6.65 -31.38 -61.27
C LEU R 113 -7.27 -31.18 -59.89
N ILE R 114 -7.43 -29.92 -59.47
CA ILE R 114 -8.06 -29.59 -58.20
C ILE R 114 -8.64 -28.19 -58.30
N ASN R 115 -9.90 -28.05 -57.90
CA ASN R 115 -10.60 -26.76 -57.99
C ASN R 115 -10.02 -25.80 -56.96
N MET R 116 -9.25 -24.82 -57.44
CA MET R 116 -8.56 -23.90 -56.54
C MET R 116 -9.53 -23.04 -55.73
N ARG R 117 -10.81 -23.00 -56.11
CA ARG R 117 -11.74 -22.12 -55.42
C ARG R 117 -11.98 -22.57 -53.99
N ARG R 118 -12.21 -23.87 -53.78
CA ARG R 118 -12.37 -24.37 -52.42
C ARG R 118 -11.12 -24.11 -51.60
N TYR R 119 -9.95 -24.31 -52.20
CA TYR R 119 -8.71 -24.05 -51.49
C TYR R 119 -8.60 -22.59 -51.08
N ARG R 120 -8.95 -21.68 -52.00
CA ARG R 120 -8.91 -20.25 -51.67
C ARG R 120 -9.88 -19.92 -50.55
N ASN R 121 -11.09 -20.47 -50.60
CA ASN R 121 -12.07 -20.18 -49.56
C ASN R 121 -11.53 -20.65 -48.21
N ALA R 122 -10.98 -21.87 -48.17
CA ALA R 122 -10.44 -22.38 -46.92
C ALA R 122 -9.29 -21.51 -46.42
N ALA R 123 -8.40 -21.09 -47.33
CA ALA R 123 -7.27 -20.26 -46.94
C ALA R 123 -7.74 -18.95 -46.34
N ARG R 124 -8.64 -18.26 -47.04
CA ARG R 124 -9.14 -16.98 -46.54
C ARG R 124 -9.82 -17.16 -45.19
N LYS R 125 -10.67 -18.18 -45.08
CA LYS R 125 -11.37 -18.41 -43.82
C LYS R 125 -10.40 -18.67 -42.68
N LEU R 126 -9.40 -19.51 -42.92
CA LEU R 126 -8.46 -19.86 -41.86
C LEU R 126 -7.65 -18.63 -41.42
N ILE R 127 -7.11 -17.90 -42.39
CA ILE R 127 -6.28 -16.74 -42.05
C ILE R 127 -7.12 -15.71 -41.30
N HIS R 128 -8.33 -15.44 -41.79
CA HIS R 128 -9.17 -14.44 -41.12
C HIS R 128 -9.57 -14.89 -39.72
N HIS R 129 -9.97 -16.16 -39.57
CA HIS R 129 -10.33 -16.67 -38.26
C HIS R 129 -9.19 -16.51 -37.28
N TYR R 130 -7.98 -16.91 -37.70
CA TYR R 130 -6.84 -16.75 -36.82
C TYR R 130 -6.55 -15.29 -36.54
N SER R 131 -6.83 -14.40 -37.50
CA SER R 131 -6.74 -12.97 -37.24
C SER R 131 -7.68 -12.59 -36.11
N LEU R 132 -8.87 -13.17 -36.08
CA LEU R 132 -9.74 -12.99 -34.92
C LEU R 132 -9.10 -13.55 -33.66
N ASN R 133 -8.30 -14.62 -33.79
CA ASN R 133 -7.71 -15.27 -32.64
C ASN R 133 -6.56 -16.20 -33.04
N GLU R 139 -14.12 -26.22 -35.30
CA GLU R 139 -15.05 -26.00 -36.39
C GLU R 139 -14.38 -26.27 -37.74
N TYR R 140 -13.08 -26.05 -37.80
CA TYR R 140 -12.31 -26.31 -39.00
C TYR R 140 -11.84 -27.78 -39.00
N LYS R 141 -10.95 -28.12 -39.91
CA LYS R 141 -10.49 -29.49 -40.06
C LYS R 141 -9.09 -29.48 -40.66
N ILE R 142 -8.35 -30.55 -40.42
CA ILE R 142 -6.97 -30.61 -40.92
C ILE R 142 -6.97 -30.65 -42.44
N SER R 143 -7.95 -31.32 -43.04
CA SER R 143 -8.09 -31.27 -44.49
C SER R 143 -8.27 -29.85 -44.98
N ASP R 144 -8.95 -29.01 -44.19
CA ASP R 144 -9.06 -27.61 -44.55
C ASP R 144 -7.68 -26.95 -44.59
N VAL R 145 -6.82 -27.31 -43.63
CA VAL R 145 -5.45 -26.81 -43.65
C VAL R 145 -4.73 -27.30 -44.90
N VAL R 146 -4.96 -28.55 -45.28
CA VAL R 146 -4.36 -29.07 -46.51
C VAL R 146 -4.81 -28.24 -47.70
N MET R 147 -6.11 -27.92 -47.77
CA MET R 147 -6.62 -27.12 -48.88
C MET R 147 -5.99 -25.73 -48.89
N THR R 148 -5.91 -25.09 -47.71
CA THR R 148 -5.32 -23.76 -47.65
C THR R 148 -3.87 -23.80 -48.13
N MET R 149 -3.10 -24.77 -47.65
CA MET R 149 -1.70 -24.85 -48.04
C MET R 149 -1.55 -25.21 -49.51
N ILE R 150 -2.47 -25.99 -50.07
CA ILE R 150 -2.40 -26.30 -51.48
C ILE R 150 -2.66 -25.05 -52.33
N PHE R 151 -3.65 -24.24 -51.94
CA PHE R 151 -3.80 -22.96 -52.62
C PHE R 151 -2.53 -22.13 -52.50
N LEU R 152 -1.94 -22.13 -51.30
CA LEU R 152 -0.74 -21.36 -51.07
C LEU R 152 0.39 -21.83 -52.00
N LEU R 153 0.46 -23.13 -52.25
CA LEU R 153 1.43 -23.68 -53.18
C LEU R 153 1.06 -23.42 -54.63
N ARG R 154 -0.22 -23.16 -54.92
CA ARG R 154 -0.67 -22.96 -56.29
C ARG R 154 -0.75 -21.51 -56.71
N SER R 155 -0.70 -20.57 -55.77
CA SER R 155 -0.94 -19.16 -56.05
C SER R 155 0.40 -18.42 -55.98
N GLU R 156 0.98 -18.14 -57.16
CA GLU R 156 2.34 -17.62 -57.22
C GLU R 156 2.50 -16.38 -56.36
N LYS R 157 1.48 -15.51 -56.33
CA LYS R 157 1.57 -14.30 -55.53
C LYS R 157 1.72 -14.65 -54.05
N TYR R 158 0.98 -15.64 -53.57
CA TYR R 158 1.09 -16.05 -52.18
C TYR R 158 2.23 -17.04 -51.97
N HIS R 159 2.96 -17.42 -53.03
CA HIS R 159 4.08 -18.33 -52.82
C HIS R 159 5.12 -17.76 -51.86
N SER R 160 5.15 -16.45 -51.67
CA SER R 160 6.00 -15.87 -50.63
C SER R 160 5.59 -16.36 -49.25
N LEU R 161 4.30 -16.26 -48.93
CA LEU R 161 3.81 -16.86 -47.70
C LEU R 161 4.00 -18.37 -47.71
N PHE R 162 4.03 -18.97 -48.90
CA PHE R 162 4.33 -20.40 -48.99
C PHE R 162 5.72 -20.70 -48.42
N LYS R 163 6.74 -19.95 -48.87
CA LYS R 163 8.06 -20.09 -48.27
C LYS R 163 8.04 -19.77 -46.78
N LEU R 164 7.32 -18.73 -46.38
CA LEU R 164 7.30 -18.37 -44.97
C LEU R 164 6.79 -19.53 -44.12
N LEU R 165 5.65 -20.11 -44.51
CA LEU R 165 5.11 -21.23 -43.75
C LEU R 165 6.01 -22.46 -43.85
N GLU R 166 6.57 -22.76 -45.02
CA GLU R 166 7.38 -23.96 -45.11
C GLU R 166 8.62 -23.84 -44.25
N THR R 167 9.15 -22.61 -44.10
CA THR R 167 10.25 -22.39 -43.17
C THR R 167 9.79 -22.57 -41.73
N THR R 168 8.57 -22.14 -41.41
CA THR R 168 8.13 -22.23 -40.02
C THR R 168 8.16 -23.65 -39.49
N PHE R 169 8.14 -24.66 -40.36
CA PHE R 169 8.21 -26.04 -39.91
C PHE R 169 9.55 -26.35 -39.28
N ASP R 170 9.65 -27.55 -38.70
CA ASP R 170 10.82 -27.96 -37.91
C ASP R 170 10.86 -27.01 -36.72
N ASP R 171 11.97 -26.32 -36.46
CA ASP R 171 11.91 -25.17 -35.57
C ASP R 171 10.94 -24.14 -36.14
N TYR R 172 10.62 -23.12 -35.35
CA TYR R 172 9.98 -21.96 -35.95
C TYR R 172 10.94 -21.26 -36.90
N THR R 173 12.20 -21.70 -36.95
CA THR R 173 13.23 -21.23 -37.88
C THR R 173 13.42 -19.72 -37.76
N CYS R 174 13.11 -18.98 -38.83
CA CYS R 174 13.27 -17.54 -38.84
C CYS R 174 12.66 -17.02 -40.12
N ARG R 175 12.31 -15.74 -40.13
CA ARG R 175 11.75 -15.15 -41.34
C ARG R 175 12.82 -14.23 -41.91
N PRO R 176 13.49 -14.59 -43.00
CA PRO R 176 14.63 -13.79 -43.46
C PRO R 176 14.23 -12.34 -43.72
N GLN R 177 15.16 -11.43 -43.41
CA GLN R 177 14.93 -10.01 -43.61
C GLN R 177 14.26 -9.75 -44.95
N MET R 178 13.16 -9.00 -44.92
CA MET R 178 12.27 -8.87 -46.06
C MET R 178 12.25 -7.40 -46.48
N THR R 179 12.58 -7.15 -47.74
CA THR R 179 12.70 -5.77 -48.20
C THR R 179 11.36 -5.05 -48.06
N GLN R 180 11.43 -3.71 -48.17
CA GLN R 180 10.22 -2.90 -48.11
C GLN R 180 9.24 -3.31 -49.20
N VAL R 181 9.72 -3.39 -50.45
CA VAL R 181 8.85 -3.70 -51.56
C VAL R 181 8.22 -5.08 -51.39
N GLN R 182 9.02 -6.05 -50.94
CA GLN R 182 8.49 -7.40 -50.72
C GLN R 182 7.36 -7.38 -49.70
N THR R 183 7.59 -6.70 -48.57
CA THR R 183 6.58 -6.67 -47.52
C THR R 183 5.32 -5.96 -47.97
N ASP R 184 5.47 -4.89 -48.75
CA ASP R 184 4.31 -4.26 -49.36
C ASP R 184 3.56 -5.25 -50.24
N THR R 185 4.30 -6.02 -51.03
CA THR R 185 3.66 -6.99 -51.92
C THR R 185 2.88 -8.04 -51.12
N LEU R 186 3.48 -8.56 -50.06
CA LEU R 186 2.80 -9.56 -49.24
C LEU R 186 1.57 -8.98 -48.54
N LEU R 187 1.69 -7.77 -47.99
CA LEU R 187 0.51 -7.22 -47.33
C LEU R 187 -0.60 -6.92 -48.33
N ASP R 188 -0.25 -6.53 -49.55
CA ASP R 188 -1.26 -6.40 -50.60
C ASP R 188 -1.89 -7.74 -50.92
N ALA R 189 -1.05 -8.78 -51.02
CA ALA R 189 -1.57 -10.11 -51.34
C ALA R 189 -2.52 -10.59 -50.26
N VAL R 190 -2.24 -10.27 -49.00
CA VAL R 190 -3.15 -10.63 -47.92
C VAL R 190 -4.43 -9.80 -48.01
N ARG R 191 -4.29 -8.49 -48.27
CA ARG R 191 -5.46 -7.64 -48.33
C ARG R 191 -6.40 -8.04 -49.46
N SER R 192 -5.85 -8.57 -50.56
CA SER R 192 -6.71 -9.14 -51.58
C SER R 192 -7.48 -10.35 -51.06
N LEU R 193 -6.84 -11.14 -50.18
CA LEU R 193 -7.52 -12.25 -49.53
C LEU R 193 -8.56 -11.78 -48.51
N LEU R 194 -8.62 -10.48 -48.21
CA LEU R 194 -9.68 -9.93 -47.40
C LEU R 194 -10.36 -8.78 -48.12
N SER R 198 -12.20 -3.64 -47.62
CA SER R 198 -11.68 -4.51 -46.57
C SER R 198 -10.87 -3.72 -45.56
N THR R 199 -10.66 -4.32 -44.38
CA THR R 199 -9.88 -3.66 -43.34
C THR R 199 -8.40 -3.69 -43.67
N THR R 200 -7.62 -2.98 -42.86
CA THR R 200 -6.17 -2.96 -43.02
C THR R 200 -5.54 -4.17 -42.34
N ILE R 201 -4.24 -4.32 -42.55
CA ILE R 201 -3.43 -5.34 -41.90
C ILE R 201 -2.07 -4.75 -41.58
N ASP R 202 -1.20 -5.56 -40.98
CA ASP R 202 0.14 -5.13 -40.65
C ASP R 202 1.00 -6.38 -40.43
N LEU R 203 2.23 -6.18 -39.96
CA LEU R 203 3.12 -7.32 -39.76
C LEU R 203 2.76 -8.12 -38.51
N THR R 204 2.18 -7.48 -37.50
CA THR R 204 1.84 -8.22 -36.29
C THR R 204 0.74 -9.25 -36.55
N THR R 205 -0.23 -8.90 -37.38
CA THR R 205 -1.22 -9.89 -37.80
C THR R 205 -0.54 -11.05 -38.49
N VAL R 206 0.41 -10.77 -39.38
CA VAL R 206 1.14 -11.84 -40.05
C VAL R 206 1.89 -12.70 -39.05
N ASP R 207 2.46 -12.07 -38.01
CA ASP R 207 3.22 -12.83 -37.03
C ASP R 207 2.32 -13.75 -36.22
N ILE R 208 1.15 -13.26 -35.82
CA ILE R 208 0.21 -14.15 -35.12
C ILE R 208 -0.29 -15.24 -36.05
N MET R 209 -0.50 -14.93 -37.33
CA MET R 209 -0.83 -15.99 -38.28
C MET R 209 0.24 -17.06 -38.31
N ARG R 210 1.49 -16.62 -38.39
CA ARG R 210 2.61 -17.54 -38.52
C ARG R 210 2.76 -18.40 -37.29
N SER R 211 2.61 -17.80 -36.11
CA SER R 211 2.70 -18.57 -34.87
C SER R 211 1.57 -19.58 -34.77
N SER R 212 0.34 -19.17 -35.10
CA SER R 212 -0.78 -20.10 -35.05
C SER R 212 -0.58 -21.25 -36.02
N PHE R 213 -0.14 -20.96 -37.24
CA PHE R 213 0.10 -22.01 -38.21
C PHE R 213 1.23 -22.92 -37.77
N ALA R 214 2.28 -22.35 -37.16
CA ALA R 214 3.40 -23.16 -36.69
C ALA R 214 2.94 -24.14 -35.62
N ARG R 215 2.15 -23.66 -34.65
CA ARG R 215 1.63 -24.57 -33.64
C ARG R 215 0.69 -25.60 -34.27
N CYS R 216 -0.07 -25.19 -35.28
CA CYS R 216 -0.95 -26.13 -35.97
C CYS R 216 -0.15 -27.26 -36.60
N PHE R 217 0.96 -26.93 -37.25
CA PHE R 217 1.78 -27.96 -37.89
C PHE R 217 2.21 -29.01 -36.86
N ASN R 218 2.97 -28.60 -35.86
CA ASN R 218 3.42 -29.53 -34.84
C ASN R 218 2.29 -30.03 -33.95
N SER R 219 1.05 -29.64 -34.21
CA SER R 219 -0.06 -30.18 -33.43
C SER R 219 -0.16 -31.69 -33.65
N PRO R 220 -0.50 -32.46 -32.62
CA PRO R 220 -0.62 -33.91 -32.80
C PRO R 220 -1.77 -34.28 -33.71
N ILE R 221 -1.67 -35.46 -34.30
CA ILE R 221 -2.61 -35.93 -35.31
C ILE R 221 -3.05 -37.35 -34.96
N MET R 222 -3.86 -37.93 -35.84
CA MET R 222 -4.38 -39.27 -35.64
C MET R 222 -3.28 -40.30 -35.75
N ARG R 223 -3.51 -41.46 -35.14
CA ARG R 223 -2.58 -42.59 -35.21
C ARG R 223 -3.29 -43.81 -34.64
N TYR R 224 -2.62 -44.95 -34.71
CA TYR R 224 -3.19 -46.23 -34.32
C TYR R 224 -2.40 -46.84 -33.17
N ALA R 225 -3.00 -47.86 -32.55
CA ALA R 225 -2.42 -48.53 -31.40
C ALA R 225 -1.39 -49.58 -31.85
N ASP R 238 11.19 -61.80 -5.68
CA ASP R 238 10.27 -62.47 -4.78
C ASP R 238 10.65 -63.93 -4.47
N LYS R 239 10.14 -64.93 -5.19
CA LYS R 239 10.48 -66.31 -4.90
C LYS R 239 12.01 -66.48 -4.91
N ARG R 240 12.53 -67.15 -3.89
CA ARG R 240 13.96 -67.33 -3.72
C ARG R 240 14.31 -68.80 -3.65
N THR R 241 15.49 -69.13 -4.16
CA THR R 241 15.98 -70.50 -4.10
C THR R 241 16.41 -70.86 -2.69
N THR R 242 16.19 -72.11 -2.31
CA THR R 242 16.64 -72.60 -1.01
C THR R 242 18.13 -72.92 -1.06
N LEU R 243 18.77 -72.80 0.10
CA LEU R 243 20.21 -73.09 0.17
C LEU R 243 20.48 -74.56 -0.16
N GLU R 244 19.65 -75.47 0.34
CA GLU R 244 19.88 -76.88 0.08
C GLU R 244 19.80 -77.19 -1.39
N GLU R 245 18.79 -76.66 -2.09
CA GLU R 245 18.70 -76.87 -3.53
C GLU R 245 19.94 -76.34 -4.23
N LEU R 246 20.29 -75.07 -3.98
CA LEU R 246 21.47 -74.49 -4.60
C LEU R 246 22.69 -75.38 -4.40
N LEU R 247 22.88 -75.86 -3.17
CA LEU R 247 23.96 -76.80 -2.91
C LEU R 247 23.84 -78.03 -3.81
N ILE R 248 22.63 -78.55 -3.96
CA ILE R 248 22.43 -79.76 -4.75
C ILE R 248 22.88 -79.55 -6.20
N GLU R 249 22.35 -78.51 -6.85
CA GLU R 249 22.74 -78.30 -8.26
C GLU R 249 24.22 -77.98 -8.37
N ARG R 250 24.75 -77.14 -7.48
CA ARG R 250 26.16 -76.81 -7.53
C ARG R 250 27.02 -78.06 -7.44
N GLY R 251 26.73 -78.92 -6.46
CA GLY R 251 27.51 -80.14 -6.30
C GLY R 251 27.35 -81.10 -7.46
N GLU R 252 26.13 -81.21 -8.00
CA GLU R 252 25.92 -82.06 -9.16
C GLU R 252 26.81 -81.64 -10.32
N LYS R 253 26.88 -80.32 -10.57
CA LYS R 253 27.72 -79.86 -11.67
C LYS R 253 29.20 -80.03 -11.33
N ILE R 254 29.58 -79.79 -10.06
CA ILE R 254 30.98 -79.92 -9.67
C ILE R 254 31.46 -81.35 -9.86
N GLN R 255 30.64 -82.34 -9.51
CA GLN R 255 31.04 -83.73 -9.69
C GLN R 255 31.46 -83.99 -11.12
N MET R 256 30.78 -83.36 -12.09
CA MET R 256 31.16 -83.48 -13.48
C MET R 256 32.21 -82.46 -13.85
N PRO R 259 40.17 -83.00 -11.93
CA PRO R 259 41.24 -82.45 -11.07
C PRO R 259 42.48 -82.07 -11.88
N GLN R 260 42.95 -80.83 -11.70
CA GLN R 260 44.11 -80.35 -12.44
C GLN R 260 45.42 -80.57 -11.71
N GLN R 261 45.39 -80.76 -10.39
CA GLN R 261 46.59 -80.94 -9.59
C GLN R 261 46.42 -82.14 -8.68
N TYR R 262 47.55 -82.72 -8.28
CA TYR R 262 47.55 -83.92 -7.44
C TYR R 262 48.57 -83.79 -6.31
N ASP R 273 59.74 -71.03 9.45
CA ASP R 273 60.54 -71.81 10.38
C ASP R 273 61.66 -70.96 10.98
N ASP R 274 62.30 -70.15 10.13
CA ASP R 274 63.35 -69.25 10.61
C ASP R 274 62.80 -68.36 11.71
N ALA R 275 63.44 -68.42 12.89
CA ALA R 275 62.89 -67.75 14.07
C ALA R 275 63.01 -66.23 13.95
N GLU R 276 64.20 -65.73 13.61
CA GLU R 276 64.39 -64.28 13.56
C GLU R 276 63.75 -63.66 12.32
N PHE R 277 63.72 -64.40 11.21
CA PHE R 277 62.93 -63.95 10.07
C PHE R 277 61.46 -63.86 10.44
N LEU R 278 60.97 -64.83 11.21
CA LEU R 278 59.61 -64.77 11.73
C LEU R 278 59.40 -63.54 12.60
N ASN R 279 60.38 -63.23 13.46
CA ASN R 279 60.27 -62.05 14.31
C ASN R 279 60.26 -60.77 13.50
N ARG R 280 61.05 -60.71 12.43
CA ARG R 280 61.03 -59.53 11.56
C ARG R 280 59.69 -59.41 10.84
N LEU R 281 59.13 -60.53 10.41
CA LEU R 281 57.77 -60.51 9.87
C LEU R 281 56.79 -60.00 10.91
N LEU R 282 57.00 -60.36 12.18
CA LEU R 282 56.15 -59.85 13.24
C LEU R 282 56.24 -58.34 13.34
N LYS R 283 57.46 -57.79 13.31
CA LYS R 283 57.57 -56.33 13.28
C LYS R 283 56.88 -55.73 12.07
N HIS R 284 56.94 -56.42 10.92
CA HIS R 284 56.26 -55.89 9.73
C HIS R 284 54.77 -55.71 9.98
N ILE R 285 54.18 -56.47 10.91
CA ILE R 285 52.74 -56.44 11.17
C ILE R 285 52.42 -55.80 12.51
N ASP R 286 53.40 -55.21 13.19
CA ASP R 286 53.14 -54.59 14.49
C ASP R 286 52.07 -53.50 14.43
N PRO R 287 52.12 -52.54 13.52
CA PRO R 287 51.22 -51.38 13.60
C PRO R 287 49.79 -51.66 13.13
N TYR R 288 49.40 -52.92 12.98
CA TYR R 288 48.07 -53.25 12.50
C TYR R 288 47.19 -53.65 13.68
N PRO R 289 46.25 -52.81 14.12
CA PRO R 289 45.41 -53.20 15.28
C PRO R 289 44.57 -54.41 14.97
N LEU R 290 44.77 -55.46 15.77
CA LEU R 290 44.09 -56.74 15.51
C LEU R 290 42.58 -56.56 15.40
N SER R 291 42.01 -55.66 16.19
CA SER R 291 40.56 -55.43 16.11
C SER R 291 40.16 -54.97 14.72
N ARG R 292 40.92 -54.03 14.14
CA ARG R 292 40.60 -53.52 12.81
C ARG R 292 40.75 -54.61 11.76
N MET R 293 41.80 -55.44 11.87
CA MET R 293 41.96 -56.56 10.94
C MET R 293 40.76 -57.50 11.00
N TYR R 294 40.38 -57.90 12.22
CA TYR R 294 39.25 -58.81 12.35
C TYR R 294 37.98 -58.19 11.79
N TYR R 295 37.74 -56.91 12.11
CA TYR R 295 36.57 -56.22 11.59
C TYR R 295 36.55 -56.20 10.07
N ASN R 296 37.66 -55.76 9.46
CA ASN R 296 37.69 -55.63 8.01
C ASN R 296 37.50 -56.98 7.34
N ALA R 297 38.21 -58.01 7.81
CA ALA R 297 38.07 -59.34 7.19
C ALA R 297 36.65 -59.87 7.37
N ALA R 298 36.09 -59.72 8.57
CA ALA R 298 34.76 -60.27 8.82
C ALA R 298 33.71 -59.57 7.97
N ASN R 299 33.78 -58.25 7.84
CA ASN R 299 32.82 -57.55 7.00
C ASN R 299 33.04 -57.85 5.53
N THR R 300 34.29 -58.02 5.11
CA THR R 300 34.55 -58.41 3.73
C THR R 300 33.87 -59.74 3.42
N MET R 301 34.02 -60.72 4.31
CA MET R 301 33.39 -62.02 4.10
C MET R 301 31.88 -61.95 4.26
N PHE R 302 31.37 -61.07 5.11
CA PHE R 302 29.93 -60.92 5.23
C PHE R 302 29.34 -60.39 3.93
N TYR R 303 29.96 -59.35 3.36
CA TYR R 303 29.53 -58.86 2.06
C TYR R 303 29.72 -59.93 0.99
N THR R 304 30.78 -60.73 1.10
CA THR R 304 30.95 -61.86 0.19
C THR R 304 29.74 -62.76 0.20
N THR R 305 29.33 -63.20 1.39
CA THR R 305 28.20 -64.11 1.50
C THR R 305 26.92 -63.45 0.98
N MET R 306 26.73 -62.17 1.33
CA MET R 306 25.51 -61.48 0.89
C MET R 306 25.45 -61.39 -0.62
N GLU R 307 26.54 -60.99 -1.27
CA GLU R 307 26.54 -60.85 -2.72
C GLU R 307 26.41 -62.21 -3.39
N ASN R 308 27.07 -63.24 -2.86
CA ASN R 308 26.97 -64.56 -3.45
C ASN R 308 25.55 -65.11 -3.34
N TYR R 309 24.89 -64.87 -2.21
CA TYR R 309 23.50 -65.32 -2.08
C TYR R 309 22.57 -64.50 -2.94
N ALA R 310 22.86 -63.21 -3.12
CA ALA R 310 22.05 -62.40 -4.02
C ALA R 310 22.14 -62.91 -5.45
N VAL R 311 23.36 -63.06 -5.97
CA VAL R 311 23.51 -63.49 -7.35
C VAL R 311 22.93 -64.89 -7.54
N SER R 312 23.15 -65.77 -6.57
CA SER R 312 22.58 -67.11 -6.63
C SER R 312 21.07 -67.12 -6.39
N ASN R 313 20.50 -65.99 -5.97
CA ASN R 313 19.07 -65.84 -5.70
C ASN R 313 18.64 -66.59 -4.45
N CYS R 314 19.59 -67.06 -3.65
CA CYS R 314 19.28 -67.80 -2.43
C CYS R 314 19.14 -66.85 -1.25
N LYS R 315 18.32 -67.24 -0.29
CA LYS R 315 18.10 -66.46 0.92
C LYS R 315 19.29 -66.58 1.86
N ASP R 320 22.99 -69.30 10.47
CA ASP R 320 24.20 -70.05 10.77
C ASP R 320 25.43 -69.18 10.65
N TYR R 321 25.35 -68.14 9.82
CA TYR R 321 26.50 -67.26 9.63
C TYR R 321 27.00 -66.73 10.96
N ASN R 322 26.08 -66.28 11.82
CA ASN R 322 26.47 -65.82 13.15
C ASN R 322 27.08 -66.95 13.97
N ASN R 323 26.59 -68.17 13.77
CA ASN R 323 27.11 -69.32 14.51
C ASN R 323 28.59 -69.54 14.20
N ILE R 324 28.98 -69.40 12.94
CA ILE R 324 30.37 -69.63 12.56
C ILE R 324 31.31 -68.72 13.33
N PHE R 325 30.81 -67.58 13.80
CA PHE R 325 31.60 -66.69 14.64
C PHE R 325 30.73 -66.06 15.72
N VAL S 9 -50.69 17.92 56.91
CA VAL S 9 -50.55 18.22 58.33
C VAL S 9 -51.87 18.72 58.90
N ARG S 10 -52.29 18.14 60.01
CA ARG S 10 -53.57 18.45 60.63
C ARG S 10 -53.46 18.44 62.14
N THR S 11 -54.23 19.33 62.78
CA THR S 11 -54.24 19.50 64.22
C THR S 11 -55.65 19.25 64.74
N VAL S 12 -55.76 18.63 65.91
CA VAL S 12 -57.05 18.31 66.52
C VAL S 12 -57.09 18.93 67.92
N THR S 13 -58.20 19.58 68.23
CA THR S 13 -58.50 20.05 69.57
C THR S 13 -59.91 19.61 69.91
N GLU S 14 -60.07 18.91 71.04
CA GLU S 14 -61.34 18.29 71.38
C GLU S 14 -61.57 18.39 72.87
N ILE S 15 -62.85 18.32 73.26
CA ILE S 15 -63.23 18.41 74.66
C ILE S 15 -62.80 17.13 75.36
N VAL S 16 -61.91 17.26 76.34
CA VAL S 16 -61.34 16.07 76.98
C VAL S 16 -62.45 15.22 77.60
N ASN S 17 -63.48 15.86 78.15
CA ASN S 17 -64.53 15.12 78.83
C ASN S 17 -65.58 14.56 77.88
N SER S 18 -65.62 15.02 76.63
CA SER S 18 -66.65 14.64 75.68
C SER S 18 -66.03 14.12 74.39
N ASP S 19 -66.76 13.22 73.72
CA ASP S 19 -66.30 12.71 72.44
C ASP S 19 -66.28 13.79 71.37
N GLU S 20 -66.93 14.92 71.61
CA GLU S 20 -66.94 16.01 70.64
C GLU S 20 -65.50 16.43 70.33
N LYS S 21 -65.20 16.52 69.04
CA LYS S 21 -63.89 16.96 68.58
C LYS S 21 -64.05 17.91 67.41
N ILE S 22 -63.29 19.00 67.44
CA ILE S 22 -63.32 20.01 66.38
C ILE S 22 -61.91 20.02 65.78
N GLN S 23 -61.73 19.25 64.71
CA GLN S 23 -60.44 19.10 64.06
C GLN S 23 -60.31 20.11 62.93
N LYS S 24 -59.20 20.86 62.94
CA LYS S 24 -58.90 21.83 61.90
C LYS S 24 -57.57 21.43 61.24
N THR S 25 -57.63 21.16 59.95
CA THR S 25 -56.42 20.88 59.18
C THR S 25 -55.76 22.18 58.76
N TYR S 26 -54.45 22.28 58.97
CA TYR S 26 -53.68 23.46 58.64
C TYR S 26 -52.84 23.17 57.40
N GLU S 27 -52.86 24.09 56.44
CA GLU S 27 -52.28 23.86 55.12
C GLU S 27 -50.88 24.45 55.08
N LEU S 28 -49.89 23.59 54.87
CA LEU S 28 -48.50 24.04 54.82
C LEU S 28 -48.24 24.99 53.65
N ALA S 29 -49.08 24.93 52.61
CA ALA S 29 -48.84 25.75 51.43
C ALA S 29 -48.94 27.24 51.76
N GLU S 30 -49.94 27.64 52.54
CA GLU S 30 -50.08 29.04 52.92
C GLU S 30 -48.89 29.51 53.74
N PHE S 31 -48.44 28.70 54.70
CA PHE S 31 -47.28 29.08 55.47
C PHE S 31 -46.04 29.21 54.58
N ASP S 32 -45.85 28.26 53.66
CA ASP S 32 -44.71 28.36 52.76
C ASP S 32 -44.78 29.63 51.92
N LEU S 33 -45.98 29.98 51.45
CA LEU S 33 -46.14 31.20 50.67
C LEU S 33 -45.77 32.42 51.49
N LYS S 34 -46.23 32.48 52.75
CA LYS S 34 -45.91 33.63 53.60
C LYS S 34 -44.40 33.71 53.87
N ASN S 35 -43.76 32.58 54.18
CA ASN S 35 -42.31 32.60 54.33
C ASN S 35 -41.62 33.07 53.06
N LEU S 36 -42.06 32.58 51.89
CA LEU S 36 -41.40 32.98 50.66
C LEU S 36 -41.55 34.47 50.40
N SER S 37 -42.74 35.02 50.65
CA SER S 37 -42.95 36.45 50.47
C SER S 37 -42.05 37.25 51.42
N SER S 38 -42.01 36.84 52.69
CA SER S 38 -41.18 37.55 53.65
C SER S 38 -39.71 37.47 53.25
N LEU S 39 -39.24 36.29 52.84
CA LEU S 39 -37.85 36.14 52.45
C LEU S 39 -37.51 36.98 51.22
N GLU S 40 -38.37 36.98 50.20
CA GLU S 40 -38.05 37.78 49.02
C GLU S 40 -38.03 39.27 49.36
N SER S 41 -38.99 39.72 50.18
CA SER S 41 -38.99 41.13 50.59
C SER S 41 -37.74 41.46 51.37
N TYR S 42 -37.34 40.60 52.31
CA TYR S 42 -36.14 40.84 53.09
C TYR S 42 -34.90 40.85 52.22
N GLU S 43 -34.82 39.93 51.25
CA GLU S 43 -33.66 39.89 50.36
C GLU S 43 -33.57 41.18 49.55
N THR S 44 -34.70 41.61 48.98
CA THR S 44 -34.73 42.89 48.29
C THR S 44 -34.23 44.00 49.20
N LEU S 45 -34.74 44.04 50.43
CA LEU S 45 -34.35 45.10 51.37
C LEU S 45 -32.86 45.08 51.63
N LYS S 46 -32.31 43.91 51.96
CA LYS S 46 -30.91 43.85 52.37
C LYS S 46 -29.99 44.13 51.20
N ILE S 47 -30.34 43.68 49.99
CA ILE S 47 -29.51 43.99 48.84
C ILE S 47 -29.54 45.49 48.56
N LYS S 48 -30.73 46.09 48.63
CA LYS S 48 -30.81 47.54 48.46
C LYS S 48 -29.97 48.25 49.52
N LEU S 49 -29.95 47.72 50.74
CA LEU S 49 -29.16 48.34 51.81
C LEU S 49 -27.67 48.23 51.51
N ALA S 50 -27.21 47.06 51.08
CA ALA S 50 -25.80 46.90 50.74
C ALA S 50 -25.41 47.82 49.60
N LEU S 51 -26.25 47.90 48.57
CA LEU S 51 -25.98 48.80 47.45
C LEU S 51 -25.94 50.25 47.91
N SER S 52 -26.89 50.66 48.76
CA SER S 52 -26.89 52.04 49.24
C SER S 52 -25.63 52.33 50.04
N LYS S 53 -25.22 51.40 50.90
CA LYS S 53 -23.97 51.57 51.62
C LYS S 53 -22.79 51.69 50.66
N TYR S 54 -22.81 50.91 49.58
CA TYR S 54 -21.71 50.98 48.63
C TYR S 54 -21.66 52.33 47.91
N MET S 55 -22.82 52.84 47.47
CA MET S 55 -22.81 54.16 46.85
C MET S 55 -22.36 55.22 47.83
N ALA S 56 -22.77 55.10 49.10
CA ALA S 56 -22.30 56.05 50.11
C ALA S 56 -20.79 55.95 50.28
N MET S 57 -20.25 54.73 50.24
CA MET S 57 -18.82 54.54 50.36
C MET S 57 -18.07 55.23 49.21
N LEU S 58 -18.51 54.98 47.98
CA LEU S 58 -17.84 55.61 46.85
C LEU S 58 -18.03 57.13 46.89
N SER S 59 -19.14 57.61 47.46
CA SER S 59 -19.27 59.04 47.68
C SER S 59 -18.22 59.55 48.66
N THR S 60 -17.98 58.80 49.72
CA THR S 60 -16.93 59.13 50.68
C THR S 60 -15.53 58.79 50.16
N LEU S 61 -15.43 58.32 48.92
CA LEU S 61 -14.15 58.27 48.23
C LEU S 61 -13.80 59.59 47.54
N GLU S 62 -14.67 60.60 47.65
CA GLU S 62 -14.37 61.97 47.23
C GLU S 62 -14.06 62.04 45.73
N MET S 63 -15.08 61.73 44.93
CA MET S 63 -15.08 62.08 43.51
C MET S 63 -16.42 62.72 43.18
N THR S 64 -16.40 64.00 42.83
CA THR S 64 -17.61 64.65 42.33
C THR S 64 -18.02 64.06 40.98
N GLN S 65 -17.05 63.80 40.12
CA GLN S 65 -17.32 63.28 38.79
C GLN S 65 -17.91 61.87 38.86
N PRO S 66 -18.92 61.57 38.05
CA PRO S 66 -19.65 60.31 38.20
C PRO S 66 -18.90 59.11 37.62
N LEU S 67 -19.37 57.93 38.03
CA LEU S 67 -18.61 56.68 37.83
C LEU S 67 -18.30 56.43 36.36
N LEU S 68 -19.28 56.62 35.48
CA LEU S 68 -19.11 56.20 34.10
C LEU S 68 -17.88 56.84 33.48
N GLU S 69 -17.73 58.15 33.75
CA GLU S 69 -16.59 58.92 33.20
C GLU S 69 -15.46 58.80 34.22
N ILE S 70 -15.77 58.39 35.44
CA ILE S 70 -14.69 58.11 36.43
C ILE S 70 -13.91 56.94 35.80
N PHE S 71 -14.53 56.24 34.84
CA PHE S 71 -13.82 55.17 34.08
C PHE S 71 -13.39 55.74 32.72
N ARG S 72 -14.31 56.33 31.96
CA ARG S 72 -13.95 56.92 30.66
C ARG S 72 -12.62 57.67 30.73
N ASN S 73 -12.35 58.33 31.85
CA ASN S 73 -11.16 59.16 31.96
C ASN S 73 -9.91 58.34 31.68
N LYS S 74 -9.03 58.87 30.84
CA LYS S 74 -7.77 58.22 30.53
C LYS S 74 -6.67 58.61 31.50
N ALA S 75 -6.42 59.92 31.63
CA ALA S 75 -5.33 60.39 32.48
C ALA S 75 -5.55 60.00 33.93
N ASP S 76 -6.78 60.14 34.42
CA ASP S 76 -7.09 59.88 35.82
C ASP S 76 -6.95 58.40 36.11
N THR S 77 -5.86 58.02 36.77
CA THR S 77 -5.65 56.65 37.22
C THR S 77 -5.44 56.53 38.72
N ARG S 78 -5.09 57.62 39.41
CA ARG S 78 -5.01 57.56 40.86
C ARG S 78 -6.37 57.29 41.46
N GLN S 79 -7.39 57.97 40.95
CA GLN S 79 -8.74 57.69 41.42
C GLN S 79 -9.19 56.31 40.96
N ILE S 80 -8.73 55.86 39.80
CA ILE S 80 -9.07 54.51 39.34
C ILE S 80 -8.55 53.48 40.33
N ALA S 81 -7.26 53.58 40.69
CA ALA S 81 -6.69 52.63 41.63
C ALA S 81 -7.37 52.74 42.98
N ALA S 82 -7.64 53.96 43.45
CA ALA S 82 -8.28 54.12 44.74
C ALA S 82 -9.66 53.47 44.76
N VAL S 83 -10.47 53.71 43.73
CA VAL S 83 -11.82 53.17 43.71
C VAL S 83 -11.79 51.66 43.54
N VAL S 84 -10.84 51.14 42.76
CA VAL S 84 -10.76 49.69 42.58
C VAL S 84 -10.40 49.02 43.90
N PHE S 85 -9.42 49.59 44.61
CA PHE S 85 -9.12 49.10 45.95
C PHE S 85 -10.33 49.18 46.85
N SER S 86 -11.06 50.30 46.79
CA SER S 86 -12.22 50.47 47.65
C SER S 86 -13.27 49.40 47.37
N THR S 87 -13.54 49.12 46.10
CA THR S 87 -14.54 48.12 45.75
C THR S 87 -14.10 46.72 46.19
N LEU S 88 -12.85 46.36 45.89
CA LEU S 88 -12.39 45.02 46.24
C LEU S 88 -12.37 44.84 47.76
N ALA S 89 -11.98 45.87 48.50
CA ALA S 89 -11.95 45.79 49.95
C ALA S 89 -13.35 45.82 50.54
N PHE S 90 -14.28 46.53 49.91
CA PHE S 90 -15.67 46.50 50.33
C PHE S 90 -16.25 45.10 50.16
N ILE S 91 -15.94 44.45 49.04
CA ILE S 91 -16.38 43.07 48.85
C ILE S 91 -15.73 42.15 49.88
N HIS S 92 -14.44 42.37 50.14
CA HIS S 92 -13.74 41.60 51.16
C HIS S 92 -14.43 41.74 52.51
N ASN S 93 -14.82 42.96 52.87
CA ASN S 93 -15.52 43.19 54.12
C ASN S 93 -16.90 42.53 54.11
N ARG S 94 -17.58 42.57 52.96
CA ARG S 94 -18.89 41.93 52.87
C ARG S 94 -18.78 40.45 53.17
N PHE S 95 -17.80 39.77 52.55
CA PHE S 95 -17.55 38.37 52.87
C PHE S 95 -16.83 38.22 54.20
N HIS S 96 -16.22 39.28 54.71
CA HIS S 96 -15.46 39.25 55.95
C HIS S 96 -15.85 40.48 56.77
N PRO S 97 -17.03 40.46 57.40
CA PRO S 97 -17.49 41.66 58.10
C PRO S 97 -16.48 42.21 59.10
N LEU S 98 -15.71 41.35 59.74
CA LEU S 98 -14.70 41.80 60.68
C LEU S 98 -13.65 42.68 59.99
N VAL S 99 -13.24 42.29 58.79
CA VAL S 99 -12.14 42.99 58.12
C VAL S 99 -12.60 44.35 57.64
N THR S 100 -11.84 45.39 58.00
CA THR S 100 -12.05 46.74 57.47
C THR S 100 -10.79 47.28 56.82
N ASN S 101 -9.74 46.48 56.70
CA ASN S 101 -8.47 46.91 56.16
C ASN S 101 -7.90 45.80 55.29
N PHE S 102 -7.17 46.19 54.25
CA PHE S 102 -6.56 45.25 53.30
C PHE S 102 -5.04 45.32 53.42
N THR S 103 -4.37 44.49 52.61
CA THR S 103 -2.92 44.43 52.63
C THR S 103 -2.31 45.82 52.58
N ASN S 104 -1.13 45.95 53.19
CA ASN S 104 -0.49 47.25 53.31
C ASN S 104 -0.18 47.85 51.94
N LYS S 105 0.32 47.04 51.01
CA LYS S 105 0.74 47.53 49.71
C LYS S 105 -0.13 46.95 48.60
N MET S 106 -0.40 47.79 47.59
CA MET S 106 -1.07 47.33 46.39
C MET S 106 -0.59 48.18 45.22
N GLU S 107 -0.67 47.59 44.02
CA GLU S 107 -0.26 48.26 42.80
C GLU S 107 -1.34 48.03 41.75
N PHE S 108 -1.46 48.95 40.81
CA PHE S 108 -2.45 48.84 39.74
C PHE S 108 -1.79 49.17 38.41
N VAL S 109 -2.21 48.46 37.37
CA VAL S 109 -1.72 48.68 36.01
C VAL S 109 -2.93 48.86 35.10
N VAL S 110 -2.86 49.87 34.22
CA VAL S 110 -4.01 50.27 33.42
C VAL S 110 -3.84 49.82 31.98
N THR S 111 -4.35 48.64 31.67
CA THR S 111 -4.39 48.15 30.29
C THR S 111 -5.43 48.91 29.50
N GLU S 112 -5.13 49.18 28.23
CA GLU S 112 -5.99 50.05 27.42
C GLU S 112 -6.12 49.56 25.98
N THR S 113 -6.08 48.25 25.75
CA THR S 113 -6.14 47.74 24.38
C THR S 113 -6.56 46.28 24.40
N ASN S 114 -6.94 45.79 23.21
CA ASN S 114 -7.40 44.42 23.08
C ASN S 114 -6.29 43.43 23.41
N ASP S 115 -5.08 43.67 22.90
CA ASP S 115 -3.98 42.74 23.13
C ASP S 115 -3.61 42.64 24.61
N THR S 116 -4.07 43.59 25.42
CA THR S 116 -3.91 43.52 26.87
C THR S 116 -5.21 43.21 27.60
N SER S 117 -6.34 43.18 26.89
CA SER S 117 -7.64 42.88 27.47
C SER S 117 -7.95 41.40 27.23
N ILE S 118 -7.76 40.59 28.26
CA ILE S 118 -8.13 39.17 28.15
C ILE S 118 -9.65 39.07 28.16
N PRO S 119 -10.27 38.38 27.21
CA PRO S 119 -11.74 38.35 27.16
C PRO S 119 -12.34 37.66 28.36
N GLY S 120 -13.50 38.16 28.78
CA GLY S 120 -14.24 37.59 29.88
C GLY S 120 -13.78 38.08 31.23
N GLU S 121 -12.49 38.38 31.37
CA GLU S 121 -11.89 38.80 32.63
C GLU S 121 -11.02 40.03 32.39
N PRO S 122 -11.63 41.18 32.09
CA PRO S 122 -10.82 42.40 31.96
C PRO S 122 -10.04 42.73 33.22
N ILE S 123 -10.52 42.29 34.38
CA ILE S 123 -9.89 42.57 35.66
C ILE S 123 -9.25 41.26 36.12
N LEU S 124 -7.98 41.32 36.52
CA LEU S 124 -7.28 40.13 37.02
C LEU S 124 -6.12 40.57 37.89
N PHE S 125 -5.42 39.59 38.46
CA PHE S 125 -4.34 39.84 39.40
C PHE S 125 -3.22 38.83 39.21
N THR S 126 -1.99 39.34 39.16
CA THR S 126 -0.80 38.50 39.21
C THR S 126 0.30 39.29 39.91
N GLU S 127 1.20 38.56 40.56
CA GLU S 127 2.22 39.18 41.40
C GLU S 127 3.35 39.75 40.54
N ASN S 128 4.10 40.67 41.14
CA ASN S 128 5.41 41.08 40.64
C ASN S 128 6.54 40.56 41.53
N GLU S 129 6.30 39.44 42.22
CA GLU S 129 7.17 38.77 43.19
C GLU S 129 7.19 39.49 44.53
N GLY S 130 6.54 40.64 44.67
CA GLY S 130 6.49 41.35 45.94
C GLY S 130 5.10 41.74 46.37
N VAL S 131 4.20 41.91 45.41
CA VAL S 131 2.85 42.37 45.68
C VAL S 131 1.99 42.03 44.47
N LEU S 132 0.68 41.96 44.66
CA LEU S 132 -0.23 41.57 43.60
C LEU S 132 -0.71 42.80 42.85
N LEU S 133 -0.88 42.64 41.54
CA LEU S 133 -1.14 43.75 40.62
C LEU S 133 -2.51 43.62 40.00
N CYS S 134 -3.29 44.70 40.09
CA CYS S 134 -4.66 44.73 39.58
C CYS S 134 -4.62 45.17 38.12
N SER S 135 -4.53 44.20 37.22
CA SER S 135 -4.68 44.47 35.80
C SER S 135 -6.11 44.93 35.51
N VAL S 136 -6.24 46.02 34.77
CA VAL S 136 -7.57 46.59 34.50
C VAL S 136 -7.59 47.10 33.08
N ASP S 137 -8.60 46.68 32.32
CA ASP S 137 -8.78 47.10 30.94
C ASP S 137 -9.88 48.16 30.91
N ARG S 138 -9.47 49.42 31.05
CA ARG S 138 -10.42 50.52 31.03
C ARG S 138 -11.33 50.51 29.82
N PRO S 139 -10.85 50.27 28.59
CA PRO S 139 -11.78 50.28 27.45
C PRO S 139 -12.91 49.27 27.59
N SER S 140 -12.59 48.03 27.99
CA SER S 140 -13.63 47.01 28.06
C SER S 140 -14.68 47.37 29.10
N ILE S 141 -14.25 47.79 30.30
CA ILE S 141 -15.21 48.10 31.35
C ILE S 141 -15.99 49.37 30.99
N VAL S 142 -15.34 50.32 30.32
CA VAL S 142 -16.03 51.54 29.92
C VAL S 142 -17.14 51.22 28.92
N LYS S 143 -16.82 50.43 27.90
CA LYS S 143 -17.87 50.03 26.95
C LYS S 143 -18.92 49.18 27.66
N MET S 144 -18.51 48.42 28.66
CA MET S 144 -19.46 47.67 29.48
C MET S 144 -20.49 48.61 30.09
N LEU S 145 -20.02 49.69 30.72
CA LEU S 145 -20.92 50.61 31.39
C LEU S 145 -21.60 51.57 30.42
N SER S 146 -21.09 51.70 29.20
CA SER S 146 -21.66 52.62 28.23
C SER S 146 -22.90 52.08 27.55
N ARG S 147 -23.19 50.79 27.70
CA ARG S 147 -24.34 50.18 27.04
C ARG S 147 -25.64 50.71 27.64
N GLU S 148 -26.57 51.11 26.78
CA GLU S 148 -27.89 51.48 27.23
C GLU S 148 -28.57 50.28 27.88
N PHE S 149 -29.48 50.55 28.83
CA PHE S 149 -30.02 49.51 29.68
C PHE S 149 -31.55 49.50 29.64
N ASP S 150 -32.09 48.30 29.83
CA ASP S 150 -33.55 48.08 29.92
C ASP S 150 -34.02 48.36 31.34
N THR S 151 -34.01 49.65 31.69
CA THR S 151 -34.51 50.09 32.98
C THR S 151 -36.02 50.25 32.99
N GLU S 152 -36.72 49.64 32.04
CA GLU S 152 -38.15 49.79 31.87
C GLU S 152 -38.88 48.45 31.80
N ALA S 153 -38.27 47.43 31.21
CA ALA S 153 -38.95 46.16 30.99
C ALA S 153 -39.09 45.39 32.30
N LEU S 154 -39.87 44.32 32.24
CA LEU S 154 -40.07 43.45 33.39
C LEU S 154 -39.62 42.03 33.09
N ASP S 198 -31.12 65.34 48.94
CA ASP S 198 -31.84 64.96 47.74
C ASP S 198 -30.88 64.62 46.61
N PHE S 199 -29.87 63.81 46.91
CA PHE S 199 -28.87 63.46 45.91
C PHE S 199 -29.55 62.82 44.70
N SER S 200 -29.16 63.26 43.51
CA SER S 200 -29.80 62.82 42.28
C SER S 200 -29.16 61.52 41.83
N ILE S 201 -29.91 60.42 41.95
CA ILE S 201 -29.52 59.12 41.45
C ILE S 201 -30.58 58.65 40.47
N THR S 202 -30.19 57.73 39.57
CA THR S 202 -31.11 57.19 38.59
C THR S 202 -31.05 55.67 38.59
N GLU S 203 -32.16 55.06 38.16
CA GLU S 203 -32.22 53.60 38.02
C GLU S 203 -31.08 53.09 37.14
N VAL S 204 -30.73 53.84 36.10
CA VAL S 204 -29.63 53.44 35.24
C VAL S 204 -28.31 53.43 36.02
N GLU S 205 -28.10 54.44 36.86
CA GLU S 205 -26.90 54.45 37.70
C GLU S 205 -26.93 53.30 38.70
N ALA S 206 -28.12 52.89 39.15
CA ALA S 206 -28.21 51.70 40.00
C ALA S 206 -27.76 50.46 39.23
N THR S 207 -28.17 50.36 37.96
CA THR S 207 -27.66 49.25 37.14
C THR S 207 -26.15 49.33 37.01
N GLN S 208 -25.61 50.54 36.86
CA GLN S 208 -24.17 50.71 36.73
C GLN S 208 -23.46 50.23 37.99
N TYR S 209 -23.97 50.59 39.16
CA TYR S 209 -23.38 50.16 40.41
C TYR S 209 -23.45 48.65 40.56
N LEU S 210 -24.61 48.06 40.26
CA LEU S 210 -24.76 46.61 40.34
C LEU S 210 -23.79 45.92 39.39
N THR S 211 -23.67 46.45 38.17
CA THR S 211 -22.69 45.98 37.20
C THR S 211 -21.28 45.97 37.77
N LEU S 212 -20.78 47.14 38.15
CA LEU S 212 -19.38 47.22 38.60
C LEU S 212 -19.16 46.38 39.83
N LEU S 213 -20.17 46.28 40.70
CA LEU S 213 -20.05 45.43 41.88
C LEU S 213 -19.93 43.96 41.50
N LEU S 214 -20.74 43.50 40.55
CA LEU S 214 -20.63 42.11 40.12
C LEU S 214 -19.29 41.84 39.45
N THR S 215 -18.81 42.81 38.66
CA THR S 215 -17.51 42.64 38.01
C THR S 215 -16.40 42.51 39.04
N VAL S 216 -16.33 43.46 39.98
CA VAL S 216 -15.30 43.39 41.02
C VAL S 216 -15.52 42.17 41.89
N GLU S 217 -16.76 41.70 42.03
CA GLU S 217 -17.03 40.53 42.84
C GLU S 217 -16.47 39.27 42.19
N HIS S 218 -16.67 39.11 40.89
CA HIS S 218 -16.09 37.97 40.20
C HIS S 218 -14.57 38.05 40.19
N ALA S 219 -14.04 39.26 39.96
CA ALA S 219 -12.60 39.43 40.04
C ALA S 219 -12.08 39.09 41.43
N TYR S 220 -12.87 39.42 42.46
CA TYR S 220 -12.47 39.11 43.84
C TYR S 220 -12.58 37.62 44.13
N LEU S 221 -13.54 36.93 43.53
CA LEU S 221 -13.57 35.47 43.65
C LEU S 221 -12.32 34.86 43.06
N HIS S 222 -11.93 35.32 41.87
CA HIS S 222 -10.69 34.84 41.27
C HIS S 222 -9.49 35.18 42.13
N TYR S 223 -9.47 36.39 42.70
CA TYR S 223 -8.38 36.80 43.57
C TYR S 223 -8.33 35.95 44.84
N TYR S 224 -9.50 35.58 45.37
CA TYR S 224 -9.54 34.70 46.53
C TYR S 224 -8.98 33.33 46.19
N ILE S 225 -9.36 32.79 45.02
CA ILE S 225 -8.75 31.55 44.58
C ILE S 225 -7.23 31.70 44.54
N PHE S 226 -6.76 32.80 43.94
CA PHE S 226 -5.33 33.09 43.92
C PHE S 226 -4.74 32.96 45.31
N LYS S 227 -5.19 33.84 46.22
CA LYS S 227 -4.57 33.94 47.53
C LYS S 227 -4.59 32.62 48.27
N ASN S 228 -5.73 31.94 48.26
CA ASN S 228 -5.92 30.77 49.12
C ASN S 228 -5.48 29.47 48.48
N TYR S 229 -5.14 29.44 47.18
CA TYR S 229 -4.81 28.18 46.54
C TYR S 229 -3.66 28.25 45.54
N GLY S 230 -2.94 29.35 45.45
CA GLY S 230 -1.84 29.44 44.52
C GLY S 230 -2.29 29.82 43.12
N VAL S 231 -1.31 30.21 42.29
CA VAL S 231 -1.63 30.67 40.95
C VAL S 231 -2.10 29.51 40.07
N PHE S 232 -1.69 28.28 40.38
CA PHE S 232 -2.16 27.12 39.65
C PHE S 232 -3.68 26.95 39.79
N GLU S 233 -4.19 27.03 41.02
CA GLU S 233 -5.63 27.03 41.23
C GLU S 233 -6.27 28.30 40.65
N TYR S 234 -5.60 29.44 40.78
CA TYR S 234 -6.10 30.67 40.16
C TYR S 234 -6.39 30.43 38.67
N CYS S 235 -5.42 29.86 37.96
CA CYS S 235 -5.54 29.72 36.52
C CYS S 235 -6.55 28.64 36.13
N LYS S 236 -6.65 27.55 36.90
CA LYS S 236 -7.70 26.60 36.52
C LYS S 236 -9.09 27.13 36.84
N SER S 237 -9.25 27.89 37.94
CA SER S 237 -10.55 28.49 38.21
C SER S 237 -10.92 29.48 37.12
N LEU S 238 -9.95 30.25 36.64
CA LEU S 238 -10.18 31.08 35.47
C LEU S 238 -10.60 30.24 34.27
N THR S 239 -9.89 29.12 34.05
CA THR S 239 -10.21 28.23 32.94
C THR S 239 -11.53 27.49 33.16
N ASP S 240 -12.00 27.41 34.41
CA ASP S 240 -13.20 26.65 34.73
C ASP S 240 -13.80 27.23 36.00
N HIS S 241 -14.90 27.95 35.87
CA HIS S 241 -15.54 28.57 37.02
C HIS S 241 -16.41 27.60 37.81
N SER S 242 -16.67 26.40 37.28
CA SER S 242 -17.34 25.38 38.08
C SER S 242 -16.51 25.02 39.31
N LEU S 243 -15.19 25.26 39.25
CA LEU S 243 -14.33 24.99 40.40
C LEU S 243 -14.61 25.94 41.54
N PHE S 244 -15.15 27.12 41.26
CA PHE S 244 -15.54 28.03 42.32
C PHE S 244 -16.57 27.39 43.24
N THR S 245 -17.45 26.55 42.70
CA THR S 245 -18.38 25.81 43.56
C THR S 245 -17.61 25.03 44.62
N ASN S 246 -16.65 24.22 44.19
CA ASN S 246 -15.91 23.39 45.13
C ASN S 246 -15.12 24.25 46.11
N LYS S 247 -14.52 25.33 45.62
CA LYS S 247 -13.68 26.17 46.48
C LYS S 247 -14.51 26.94 47.50
N LEU S 248 -15.73 27.32 47.15
CA LEU S 248 -16.53 28.20 48.00
C LEU S 248 -17.50 27.45 48.89
N ARG S 249 -17.98 26.28 48.48
CA ARG S 249 -18.68 25.41 49.41
C ARG S 249 -17.82 25.11 50.62
N SER S 250 -16.50 25.05 50.44
CA SER S 250 -15.61 24.85 51.57
C SER S 250 -15.62 26.06 52.49
N THR S 251 -15.62 27.27 51.93
CA THR S 251 -15.31 28.47 52.70
C THR S 251 -16.48 29.44 52.83
N MET S 252 -17.04 29.93 51.72
CA MET S 252 -18.04 30.99 51.83
C MET S 252 -19.39 30.46 52.28
N SER S 253 -19.80 29.29 51.79
CA SER S 253 -21.07 28.72 52.23
C SER S 253 -21.11 28.57 53.74
N THR S 254 -19.97 28.31 54.35
CA THR S 254 -19.88 28.18 55.80
C THR S 254 -20.02 29.53 56.48
N ASN S 258 -24.26 35.01 52.49
CA ASN S 258 -23.90 34.19 51.35
C ASN S 258 -23.47 35.07 50.18
N LEU S 259 -24.09 34.89 49.01
CA LEU S 259 -23.70 35.60 47.80
C LEU S 259 -24.87 36.46 47.32
N LEU S 260 -24.56 37.69 46.93
CA LEU S 260 -25.60 38.57 46.39
C LEU S 260 -26.15 38.03 45.07
N LEU S 261 -25.28 37.51 44.21
CA LEU S 261 -25.74 36.96 42.94
C LEU S 261 -26.59 35.71 43.14
N SER S 262 -26.40 34.99 44.25
CA SER S 262 -27.22 33.81 44.51
C SER S 262 -28.67 34.18 44.78
N LYS S 263 -28.96 35.46 45.01
CA LYS S 263 -30.35 35.88 45.18
C LYS S 263 -31.18 35.54 43.96
N PHE S 264 -30.57 35.45 42.78
CA PHE S 264 -31.24 35.07 41.55
C PHE S 264 -30.51 33.94 40.83
N LYS S 265 -31.27 33.24 40.00
CA LYS S 265 -30.75 32.28 39.04
C LYS S 265 -30.90 32.87 37.64
N PHE S 266 -29.81 32.87 36.88
CA PHE S 266 -29.78 33.46 35.55
C PHE S 266 -29.48 32.39 34.51
N THR S 267 -30.01 32.57 33.31
CA THR S 267 -29.76 31.66 32.21
C THR S 267 -29.61 32.47 30.94
N ILE S 268 -29.28 31.78 29.85
CA ILE S 268 -29.15 32.38 28.53
C ILE S 268 -30.19 31.73 27.63
N GLU S 269 -31.00 32.57 26.98
CA GLU S 269 -32.05 32.04 26.10
C GLU S 269 -31.43 31.20 24.99
N ASP S 270 -32.04 30.04 24.73
CA ASP S 270 -31.61 29.15 23.67
C ASP S 270 -30.20 28.62 23.91
N PHE S 271 -29.73 28.65 25.16
CA PHE S 271 -28.36 28.25 25.48
C PHE S 271 -28.04 26.88 24.89
N ASP S 272 -28.97 25.94 24.98
CA ASP S 272 -28.73 24.60 24.46
C ASP S 272 -28.36 24.63 22.98
N LYS S 273 -29.16 25.33 22.17
CA LYS S 273 -28.91 25.36 20.73
C LYS S 273 -27.80 26.33 20.35
N ILE S 274 -27.47 27.29 21.23
CA ILE S 274 -26.32 28.15 20.97
C ILE S 274 -25.02 27.36 21.13
N ASN S 275 -24.96 26.49 22.14
CA ASN S 275 -23.81 25.59 22.24
C ASN S 275 -23.69 24.69 21.02
N SER S 276 -24.78 24.44 20.30
CA SER S 276 -24.74 23.61 19.11
C SER S 276 -24.46 24.44 17.87
N THR T 44 -66.05 25.18 84.45
CA THR T 44 -66.62 26.11 83.47
C THR T 44 -67.09 27.39 84.15
N LEU T 45 -67.90 27.24 85.20
CA LEU T 45 -68.41 28.41 85.91
C LEU T 45 -67.26 29.23 86.49
N LYS T 46 -66.28 28.56 87.10
CA LYS T 46 -65.12 29.27 87.62
C LYS T 46 -64.31 29.91 86.51
N ILE T 47 -64.32 29.33 85.32
CA ILE T 47 -63.54 29.88 84.20
C ILE T 47 -64.08 31.25 83.81
N LYS T 48 -65.37 31.29 83.46
CA LYS T 48 -65.98 32.57 83.11
C LYS T 48 -66.10 33.48 84.32
N LEU T 49 -66.03 32.93 85.54
CA LEU T 49 -65.94 33.80 86.71
C LEU T 49 -64.60 34.53 86.76
N ALA T 50 -63.51 33.83 86.44
CA ALA T 50 -62.23 34.50 86.32
C ALA T 50 -62.26 35.56 85.24
N LEU T 51 -62.86 35.23 84.10
CA LEU T 51 -62.99 36.23 83.03
C LEU T 51 -63.83 37.42 83.48
N SER T 52 -64.92 37.16 84.21
CA SER T 52 -65.79 38.25 84.67
C SER T 52 -65.05 39.15 85.65
N LYS T 53 -64.29 38.56 86.57
CA LYS T 53 -63.50 39.37 87.49
C LYS T 53 -62.46 40.19 86.74
N TYR T 54 -61.80 39.60 85.75
CA TYR T 54 -60.80 40.33 84.99
C TYR T 54 -61.43 41.51 84.26
N MET T 55 -62.57 41.30 83.61
CA MET T 55 -63.20 42.39 82.89
C MET T 55 -63.81 43.41 83.84
N ALA T 56 -64.22 43.00 85.04
CA ALA T 56 -64.65 43.97 86.04
C ALA T 56 -63.50 44.86 86.47
N MET T 57 -62.32 44.28 86.67
CA MET T 57 -61.14 45.08 86.97
C MET T 57 -60.81 46.03 85.82
N LEU T 58 -60.91 45.54 84.58
CA LEU T 58 -60.64 46.39 83.43
C LEU T 58 -61.65 47.52 83.31
N SER T 59 -62.91 47.25 83.68
CA SER T 59 -63.92 48.32 83.70
C SER T 59 -63.64 49.31 84.82
N THR T 60 -63.08 48.84 85.94
CA THR T 60 -62.60 49.76 86.95
C THR T 60 -61.52 50.66 86.37
N LEU T 61 -60.62 50.10 85.57
CA LEU T 61 -59.73 50.93 84.77
C LEU T 61 -60.51 51.82 83.82
N GLU T 62 -61.67 51.35 83.36
CA GLU T 62 -62.61 52.15 82.57
C GLU T 62 -61.96 52.60 81.26
N MET T 63 -61.71 51.61 80.39
CA MET T 63 -61.16 51.89 79.06
C MET T 63 -62.23 51.65 77.99
N LEU T 67 -60.67 47.86 73.19
CA LEU T 67 -59.47 47.21 73.71
C LEU T 67 -58.48 46.84 72.60
N LEU T 68 -58.97 46.39 71.44
CA LEU T 68 -58.07 46.15 70.31
C LEU T 68 -57.61 47.47 69.71
N GLU T 69 -58.52 48.45 69.64
CA GLU T 69 -58.13 49.76 69.16
C GLU T 69 -57.14 50.42 70.09
N ILE T 70 -57.15 50.05 71.38
CA ILE T 70 -56.16 50.56 72.31
C ILE T 70 -54.79 49.99 71.98
N PHE T 71 -54.71 48.68 71.68
CA PHE T 71 -53.44 48.12 71.23
C PHE T 71 -52.97 48.82 69.95
N ARG T 72 -53.83 48.88 68.93
CA ARG T 72 -53.44 49.54 67.69
C ARG T 72 -52.98 50.97 67.95
N ASN T 73 -53.53 51.62 68.96
CA ASN T 73 -53.08 52.96 69.32
C ASN T 73 -51.64 52.89 69.81
N LYS T 74 -50.71 53.39 68.98
CA LYS T 74 -49.30 53.34 69.35
C LYS T 74 -48.93 54.40 70.38
N ALA T 75 -49.62 55.54 70.36
CA ALA T 75 -49.25 56.63 71.25
C ALA T 75 -49.54 56.30 72.71
N ASP T 76 -50.60 55.53 72.98
CA ASP T 76 -50.99 55.27 74.36
C ASP T 76 -50.21 54.11 74.96
N THR T 77 -48.87 54.18 74.87
CA THR T 77 -48.05 53.17 75.54
C THR T 77 -48.30 53.19 77.04
N ARG T 78 -48.67 54.35 77.59
CA ARG T 78 -49.03 54.43 79.00
C ARG T 78 -50.24 53.53 79.30
N GLN T 79 -51.25 53.56 78.42
CA GLN T 79 -52.42 52.71 78.62
C GLN T 79 -52.05 51.25 78.53
N ILE T 80 -51.19 50.88 77.57
CA ILE T 80 -50.77 49.49 77.45
C ILE T 80 -50.07 49.04 78.71
N ALA T 81 -49.14 49.86 79.21
CA ALA T 81 -48.41 49.52 80.42
C ALA T 81 -49.36 49.41 81.62
N ALA T 82 -50.32 50.33 81.73
CA ALA T 82 -51.25 50.30 82.85
C ALA T 82 -52.10 49.04 82.82
N VAL T 83 -52.63 48.69 81.65
CA VAL T 83 -53.44 47.48 81.53
C VAL T 83 -52.60 46.24 81.84
N VAL T 84 -51.37 46.20 81.33
CA VAL T 84 -50.51 45.06 81.59
C VAL T 84 -50.24 44.92 83.08
N PHE T 85 -49.93 46.03 83.75
CA PHE T 85 -49.67 45.97 85.19
C PHE T 85 -50.91 45.55 85.96
N SER T 86 -52.07 46.10 85.62
CA SER T 86 -53.29 45.72 86.32
C SER T 86 -53.58 44.23 86.15
N THR T 87 -53.44 43.73 84.92
CA THR T 87 -53.67 42.30 84.67
C THR T 87 -52.66 41.44 85.41
N LEU T 88 -51.38 41.85 85.42
CA LEU T 88 -50.37 41.09 86.14
C LEU T 88 -50.64 41.09 87.64
N ALA T 89 -51.06 42.23 88.19
CA ALA T 89 -51.39 42.29 89.60
C ALA T 89 -52.59 41.40 89.92
N PHE T 90 -53.60 41.39 89.05
CA PHE T 90 -54.76 40.53 89.28
C PHE T 90 -54.37 39.06 89.19
N ILE T 91 -53.49 38.70 88.26
CA ILE T 91 -53.06 37.31 88.13
C ILE T 91 -52.22 36.91 89.33
N HIS T 92 -51.40 37.84 89.85
CA HIS T 92 -50.69 37.60 91.10
C HIS T 92 -51.69 37.41 92.24
N ASN T 93 -52.79 38.15 92.21
CA ASN T 93 -53.81 38.02 93.25
C ASN T 93 -54.48 36.66 93.16
N ARG T 94 -54.62 36.13 91.94
CA ARG T 94 -55.31 34.87 91.72
C ARG T 94 -54.41 33.68 92.05
N PHE T 95 -53.25 33.61 91.40
CA PHE T 95 -52.27 32.56 91.70
C PHE T 95 -51.83 32.60 93.16
N HIS T 96 -51.98 33.74 93.82
CA HIS T 96 -51.77 33.87 95.26
C HIS T 96 -53.05 34.48 95.84
N PRO T 97 -54.08 33.66 96.06
CA PRO T 97 -55.34 34.22 96.57
C PRO T 97 -55.17 35.01 97.86
N LEU T 98 -54.28 34.56 98.74
CA LEU T 98 -54.08 35.24 100.01
C LEU T 98 -53.18 36.48 99.88
N VAL T 99 -52.35 36.54 98.85
CA VAL T 99 -51.44 37.66 98.64
C VAL T 99 -52.07 38.58 97.61
N THR T 100 -52.39 39.81 98.02
CA THR T 100 -52.95 40.79 97.11
C THR T 100 -51.90 41.77 96.58
N ASN T 101 -50.76 41.89 97.27
CA ASN T 101 -49.74 42.85 96.86
C ASN T 101 -48.99 42.36 95.63
N PHE T 102 -48.82 43.26 94.65
CA PHE T 102 -48.02 42.98 93.47
C PHE T 102 -47.17 44.20 93.18
N THR T 103 -46.02 43.97 92.54
CA THR T 103 -45.09 45.06 92.26
C THR T 103 -45.79 46.13 91.44
N ASN T 104 -45.90 47.33 92.01
CA ASN T 104 -46.66 48.42 91.40
C ASN T 104 -45.80 49.41 90.63
N LYS T 105 -44.47 49.32 90.71
CA LYS T 105 -43.58 50.26 90.04
C LYS T 105 -42.48 49.47 89.33
N MET T 106 -42.61 49.36 88.01
CA MET T 106 -41.60 48.71 87.18
C MET T 106 -41.41 49.55 85.92
N GLU T 107 -40.24 49.44 85.32
CA GLU T 107 -39.97 50.13 84.07
C GLU T 107 -40.77 49.49 82.94
N PHE T 108 -41.30 50.33 82.04
CA PHE T 108 -42.14 49.87 80.95
C PHE T 108 -41.63 50.41 79.62
N VAL T 109 -41.95 49.68 78.56
CA VAL T 109 -41.65 50.10 77.20
C VAL T 109 -42.50 49.28 76.25
N VAL T 110 -42.96 49.92 75.18
CA VAL T 110 -43.80 49.29 74.17
C VAL T 110 -43.04 49.33 72.86
N THR T 111 -42.72 48.15 72.32
CA THR T 111 -41.97 48.05 71.09
C THR T 111 -42.91 48.01 69.89
N GLU T 112 -42.34 48.18 68.70
CA GLU T 112 -43.13 48.27 67.48
C GLU T 112 -42.59 47.44 66.33
N THR T 113 -41.48 46.73 66.51
CA THR T 113 -40.86 45.94 65.45
C THR T 113 -40.92 44.46 65.80
N ASN T 114 -40.99 43.62 64.76
CA ASN T 114 -40.85 42.19 65.00
C ASN T 114 -39.43 41.83 65.38
N ASP T 115 -38.46 42.71 65.09
CA ASP T 115 -37.11 42.56 65.61
C ASP T 115 -37.05 42.84 67.11
N THR T 116 -38.08 43.47 67.67
CA THR T 116 -38.27 43.55 69.11
C THR T 116 -39.32 42.56 69.60
N SER T 117 -39.58 41.51 68.82
CA SER T 117 -40.61 40.54 69.12
C SER T 117 -40.01 39.15 69.09
N ILE T 118 -40.29 38.37 70.13
CA ILE T 118 -39.82 36.98 70.21
C ILE T 118 -40.92 36.08 69.65
N PRO T 119 -40.64 35.23 68.66
CA PRO T 119 -41.68 34.35 68.15
C PRO T 119 -42.16 33.35 69.19
N GLY T 120 -43.41 33.49 69.62
CA GLY T 120 -43.98 32.64 70.65
C GLY T 120 -43.92 33.22 72.05
N GLU T 121 -43.21 34.34 72.25
CA GLU T 121 -43.11 35.00 73.56
C GLU T 121 -43.43 36.47 73.38
N PRO T 122 -44.72 36.81 73.28
CA PRO T 122 -45.08 38.23 73.11
C PRO T 122 -44.58 39.13 74.22
N ILE T 123 -44.57 38.64 75.46
CA ILE T 123 -44.24 39.44 76.64
C ILE T 123 -42.84 39.05 77.11
N LEU T 124 -42.00 40.05 77.35
CA LEU T 124 -40.62 39.84 77.77
C LEU T 124 -40.38 40.60 79.07
N PHE T 125 -39.78 39.91 80.04
CA PHE T 125 -39.40 40.51 81.32
C PHE T 125 -37.88 40.54 81.38
N THR T 126 -37.30 41.63 80.88
CA THR T 126 -35.85 41.86 80.96
C THR T 126 -35.61 42.90 82.05
N GLU T 127 -34.71 42.58 82.98
CA GLU T 127 -34.42 43.47 84.10
C GLU T 127 -33.09 44.16 83.84
N ASN T 128 -33.11 45.49 83.90
CA ASN T 128 -31.93 46.30 83.63
C ASN T 128 -31.45 47.00 84.90
N GLY T 130 -32.43 44.04 88.34
CA GLY T 130 -33.02 45.09 89.14
C GLY T 130 -34.41 45.48 88.67
N VAL T 131 -34.52 46.69 88.12
CA VAL T 131 -35.81 47.15 87.61
C VAL T 131 -36.25 46.23 86.48
N LEU T 132 -37.48 45.72 86.59
CA LEU T 132 -38.00 44.72 85.65
C LEU T 132 -38.57 45.46 84.42
N LEU T 133 -37.66 45.86 83.53
CA LEU T 133 -38.08 46.49 82.29
C LEU T 133 -38.94 45.52 81.49
N CYS T 134 -40.12 45.98 81.08
CA CYS T 134 -41.11 45.14 80.41
C CYS T 134 -41.29 45.62 78.97
N SER T 135 -41.09 44.71 78.03
CA SER T 135 -41.30 45.00 76.61
C SER T 135 -42.69 44.54 76.19
N VAL T 136 -43.39 45.41 75.47
CA VAL T 136 -44.76 45.16 75.04
C VAL T 136 -44.80 45.37 73.53
N ASP T 137 -44.74 44.29 72.77
CA ASP T 137 -44.80 44.38 71.31
C ASP T 137 -46.25 44.65 70.92
N ARG T 138 -46.52 45.86 70.45
CA ARG T 138 -47.86 46.32 70.16
C ARG T 138 -48.40 45.73 68.84
N PRO T 139 -47.65 45.83 67.74
CA PRO T 139 -48.16 45.28 66.48
C PRO T 139 -48.43 43.78 66.57
N SER T 140 -47.57 43.04 67.25
CA SER T 140 -47.76 41.59 67.34
C SER T 140 -49.01 41.25 68.14
N ILE T 141 -49.24 41.95 69.24
CA ILE T 141 -50.46 41.68 70.01
C ILE T 141 -51.70 42.09 69.22
N VAL T 142 -51.61 43.16 68.42
CA VAL T 142 -52.74 43.51 67.57
C VAL T 142 -53.00 42.38 66.57
N LYS T 143 -51.94 41.83 65.98
CA LYS T 143 -52.10 40.68 65.10
C LYS T 143 -52.76 39.51 65.84
N MET T 144 -52.29 39.25 67.06
CA MET T 144 -52.88 38.19 67.88
C MET T 144 -54.39 38.38 68.02
N LEU T 145 -54.81 39.58 68.39
CA LEU T 145 -56.20 39.85 68.71
C LEU T 145 -57.06 40.07 67.46
N SER T 146 -56.45 40.28 66.29
CA SER T 146 -57.20 40.53 65.07
C SER T 146 -57.49 39.27 64.27
N ARG T 147 -57.11 38.10 64.77
CA ARG T 147 -57.32 36.85 64.06
C ARG T 147 -58.72 36.30 64.31
N CYS T 162 -74.46 14.99 74.14
CA CYS T 162 -75.40 14.74 73.06
C CYS T 162 -76.78 14.40 73.61
N ASN T 163 -76.82 13.46 74.56
CA ASN T 163 -78.09 13.11 75.19
C ASN T 163 -78.71 14.31 75.88
N VAL T 164 -77.89 15.23 76.38
CA VAL T 164 -78.41 16.47 76.94
C VAL T 164 -79.20 17.24 75.89
N ARG T 165 -78.70 17.26 74.66
CA ARG T 165 -79.44 17.90 73.58
C ARG T 165 -80.77 17.20 73.32
N ILE T 166 -80.80 15.86 73.45
CA ILE T 166 -82.06 15.14 73.27
C ILE T 166 -83.05 15.56 74.35
N ALA T 167 -82.59 15.63 75.60
CA ALA T 167 -83.46 16.06 76.69
C ALA T 167 -83.97 17.47 76.44
N LYS T 168 -83.09 18.36 75.95
CA LYS T 168 -83.53 19.71 75.60
C LYS T 168 -84.60 19.66 74.51
N THR T 169 -84.41 18.81 73.51
CA THR T 169 -85.44 18.60 72.50
C THR T 169 -86.77 18.25 73.17
N PHE T 170 -86.71 17.40 74.19
CA PHE T 170 -87.94 17.04 74.90
C PHE T 170 -88.43 18.18 75.77
N GLY T 171 -87.54 19.08 76.18
CA GLY T 171 -87.93 20.14 77.10
C GLY T 171 -89.04 21.02 76.54
N ALA T 172 -89.00 21.28 75.24
CA ALA T 172 -90.02 22.11 74.59
C ALA T 172 -90.88 21.26 73.65
N PHE T 199 -75.29 47.93 78.74
CA PHE T 199 -73.92 47.61 78.39
C PHE T 199 -73.76 46.09 78.24
N SER T 200 -73.23 45.67 77.08
CA SER T 200 -73.08 44.25 76.79
C SER T 200 -71.84 44.06 75.93
N ILE T 201 -71.40 42.80 75.85
CA ILE T 201 -70.23 42.42 75.06
C ILE T 201 -70.60 41.24 74.18
N THR T 202 -69.79 41.00 73.16
CA THR T 202 -70.03 39.97 72.17
C THR T 202 -69.06 38.80 72.35
N GLU T 203 -69.31 37.74 71.58
CA GLU T 203 -68.44 36.57 71.64
C GLU T 203 -67.03 36.90 71.14
N VAL T 204 -66.93 37.70 70.08
CA VAL T 204 -65.62 38.07 69.56
C VAL T 204 -64.85 38.87 70.62
N GLU T 205 -65.55 39.79 71.29
CA GLU T 205 -64.90 40.53 72.38
C GLU T 205 -64.52 39.61 73.52
N ALA T 206 -65.32 38.58 73.77
CA ALA T 206 -64.99 37.62 74.82
C ALA T 206 -63.70 36.88 74.49
N THR T 207 -63.57 36.40 73.26
CA THR T 207 -62.34 35.73 72.85
C THR T 207 -61.16 36.70 72.87
N GLN T 208 -61.41 37.95 72.48
CA GLN T 208 -60.39 39.00 72.56
C GLN T 208 -59.85 39.13 73.98
N TYR T 209 -60.74 39.33 74.94
CA TYR T 209 -60.31 39.54 76.32
C TYR T 209 -59.71 38.27 76.90
N LEU T 210 -60.21 37.11 76.49
CA LEU T 210 -59.59 35.86 76.90
C LEU T 210 -58.17 35.76 76.38
N THR T 211 -57.94 36.13 75.13
CA THR T 211 -56.57 36.13 74.59
C THR T 211 -55.68 37.09 75.36
N LEU T 212 -56.18 38.29 75.67
CA LEU T 212 -55.38 39.24 76.42
C LEU T 212 -55.02 38.67 77.79
N LEU T 213 -56.01 38.12 78.50
CA LEU T 213 -55.75 37.59 79.84
C LEU T 213 -54.82 36.38 79.78
N LEU T 214 -54.96 35.53 78.76
CA LEU T 214 -54.07 34.39 78.63
C LEU T 214 -52.63 34.85 78.37
N THR T 215 -52.47 35.85 77.49
CA THR T 215 -51.13 36.37 77.23
C THR T 215 -50.52 36.95 78.50
N VAL T 216 -51.29 37.73 79.25
CA VAL T 216 -50.71 38.36 80.43
C VAL T 216 -50.54 37.37 81.58
N GLU T 217 -51.30 36.26 81.62
CA GLU T 217 -51.04 35.27 82.65
C GLU T 217 -49.85 34.40 82.30
N HIS T 218 -49.62 34.15 81.02
CA HIS T 218 -48.35 33.55 80.61
C HIS T 218 -47.20 34.47 80.99
N ALA T 219 -47.40 35.78 80.78
CA ALA T 219 -46.41 36.76 81.21
C ALA T 219 -46.20 36.70 82.73
N TYR T 220 -47.28 36.54 83.49
CA TYR T 220 -47.14 36.50 84.94
C TYR T 220 -46.49 35.21 85.42
N LEU T 221 -46.81 34.09 84.78
CA LEU T 221 -46.13 32.84 85.10
C LEU T 221 -44.63 32.99 84.88
N HIS T 222 -44.26 33.59 83.75
CA HIS T 222 -42.85 33.86 83.48
C HIS T 222 -42.27 34.81 84.52
N TYR T 223 -43.01 35.84 84.90
CA TYR T 223 -42.55 36.78 85.92
C TYR T 223 -42.35 36.08 87.25
N TYR T 224 -43.25 35.16 87.60
CA TYR T 224 -43.10 34.39 88.82
C TYR T 224 -41.85 33.52 88.78
N ILE T 225 -41.59 32.89 87.62
CA ILE T 225 -40.34 32.14 87.49
C ILE T 225 -39.16 33.06 87.72
N PHE T 226 -39.22 34.26 87.17
CA PHE T 226 -38.13 35.23 87.33
C PHE T 226 -37.91 35.55 88.80
N LYS T 227 -39.00 35.86 89.52
CA LYS T 227 -38.86 36.36 90.89
C LYS T 227 -38.47 35.24 91.85
N ASN T 228 -39.11 34.09 91.77
CA ASN T 228 -38.84 32.99 92.69
C ASN T 228 -37.74 32.04 92.25
N TYR T 229 -37.15 32.23 91.07
CA TYR T 229 -36.04 31.38 90.66
C TYR T 229 -34.82 32.17 90.19
N GLY T 230 -35.01 33.29 89.50
CA GLY T 230 -33.91 34.13 89.06
C GLY T 230 -34.05 34.54 87.62
N VAL T 231 -33.08 35.34 87.16
CA VAL T 231 -33.09 35.81 85.79
C VAL T 231 -32.78 34.67 84.83
N PHE T 232 -31.78 33.86 85.15
CA PHE T 232 -31.42 32.75 84.26
C PHE T 232 -32.48 31.66 84.27
N GLU T 233 -33.06 31.38 85.45
CA GLU T 233 -34.16 30.43 85.51
C GLU T 233 -35.34 30.94 84.68
N TYR T 234 -35.58 32.26 84.73
CA TYR T 234 -36.55 32.88 83.84
C TYR T 234 -36.24 32.59 82.37
N CYS T 235 -35.01 32.86 81.96
CA CYS T 235 -34.66 32.67 80.55
C CYS T 235 -34.86 31.23 80.15
N LYS T 236 -34.47 30.29 81.02
CA LYS T 236 -34.66 28.89 80.72
C LYS T 236 -36.14 28.55 80.58
N SER T 237 -36.97 29.06 81.49
CA SER T 237 -38.41 28.86 81.34
C SER T 237 -38.89 29.35 79.98
N LEU T 238 -38.31 30.45 79.50
CA LEU T 238 -38.65 30.92 78.16
C LEU T 238 -38.22 29.93 77.09
N THR T 239 -36.97 29.46 77.15
CA THR T 239 -36.47 28.55 76.11
C THR T 239 -37.27 27.26 76.09
N ASP T 240 -37.38 26.57 77.23
CA ASP T 240 -38.19 25.37 77.36
C ASP T 240 -39.28 25.65 78.37
N HIS T 241 -40.54 25.46 77.95
CA HIS T 241 -41.69 25.73 78.79
C HIS T 241 -42.10 24.54 79.63
N SER T 242 -41.35 23.43 79.56
CA SER T 242 -41.63 22.28 80.42
C SER T 242 -41.41 22.60 81.89
N LEU T 243 -40.75 23.71 82.22
CA LEU T 243 -40.50 24.04 83.63
C LEU T 243 -41.80 24.25 84.38
N PHE T 244 -42.74 25.01 83.79
CA PHE T 244 -43.96 25.39 84.49
C PHE T 244 -45.17 24.59 84.05
N THR T 245 -44.97 23.49 83.32
CA THR T 245 -46.10 22.64 82.96
C THR T 245 -46.78 22.05 84.18
N ASN T 246 -46.06 21.94 85.31
CA ASN T 246 -46.68 21.46 86.53
C ASN T 246 -47.83 22.36 86.95
N LYS T 247 -47.64 23.68 86.82
CA LYS T 247 -48.69 24.64 87.11
C LYS T 247 -49.14 24.54 88.56
N LEU T 248 -50.19 23.77 88.83
CA LEU T 248 -50.81 23.78 90.15
C LEU T 248 -49.89 23.15 91.19
N ARG T 249 -49.13 23.98 91.90
CA ARG T 249 -48.25 23.52 92.96
C ARG T 249 -47.54 24.71 93.61
N LYS T 255 -51.68 26.31 93.33
CA LYS T 255 -51.64 27.77 93.24
C LYS T 255 -52.11 28.24 91.87
N THR T 256 -51.93 27.40 90.86
CA THR T 256 -52.28 27.72 89.48
C THR T 256 -53.72 27.33 89.14
N SER T 257 -54.49 26.86 90.12
CA SER T 257 -55.87 26.48 89.84
C SER T 257 -56.71 27.66 89.40
N ASN T 258 -56.34 28.87 89.80
CA ASN T 258 -57.06 30.08 89.43
C ASN T 258 -56.57 30.69 88.12
N LEU T 259 -55.54 30.11 87.50
CA LEU T 259 -55.01 30.62 86.24
C LEU T 259 -55.66 29.85 85.08
N LEU T 260 -56.08 30.60 84.06
CA LEU T 260 -56.85 30.02 82.97
C LEU T 260 -56.05 28.99 82.16
N LEU T 261 -54.73 29.08 82.16
CA LEU T 261 -53.93 28.16 81.36
C LEU T 261 -54.14 26.71 81.83
N SER T 262 -54.20 26.50 83.14
CA SER T 262 -54.41 25.16 83.67
C SER T 262 -55.82 24.65 83.42
N LYS T 263 -56.76 25.54 83.10
CA LYS T 263 -58.16 25.15 82.92
C LYS T 263 -58.47 24.69 81.51
N PHE T 264 -57.55 24.84 80.56
CA PHE T 264 -57.76 24.42 79.19
C PHE T 264 -56.47 23.85 78.62
N LYS T 265 -56.62 22.90 77.70
CA LYS T 265 -55.51 22.25 77.04
C LYS T 265 -55.70 22.32 75.53
N PHE T 266 -54.61 22.57 74.82
CA PHE T 266 -54.61 22.58 73.36
C PHE T 266 -53.38 21.85 72.86
N THR T 267 -53.56 21.02 71.83
CA THR T 267 -52.50 20.18 71.29
C THR T 267 -52.32 20.49 69.81
N ILE T 268 -51.21 20.00 69.26
CA ILE T 268 -50.83 20.26 67.89
C ILE T 268 -50.26 18.98 67.29
N GLU T 269 -50.60 18.72 66.04
CA GLU T 269 -50.18 17.48 65.38
C GLU T 269 -49.81 17.77 63.94
N ASP T 270 -48.88 16.98 63.42
CA ASP T 270 -48.40 17.14 62.04
C ASP T 270 -49.36 16.44 61.07
N LEU U 113 -44.35 60.29 -0.47
CA LEU U 113 -43.14 60.27 0.32
C LEU U 113 -43.30 59.35 1.53
N ILE U 114 -42.38 59.47 2.49
CA ILE U 114 -42.39 58.65 3.69
C ILE U 114 -42.06 59.54 4.89
N ASN U 115 -42.30 59.00 6.09
CA ASN U 115 -42.02 59.74 7.32
C ASN U 115 -40.56 59.54 7.69
N MET U 116 -39.82 60.64 7.77
CA MET U 116 -38.40 60.55 8.09
C MET U 116 -38.20 59.94 9.49
N ARG U 117 -38.99 60.40 10.47
CA ARG U 117 -38.72 60.05 11.85
C ARG U 117 -38.84 58.55 12.09
N ARG U 118 -39.85 57.90 11.52
CA ARG U 118 -40.06 56.49 11.84
C ARG U 118 -38.91 55.63 11.31
N TYR U 119 -38.51 55.84 10.06
CA TYR U 119 -37.38 55.09 9.52
C TYR U 119 -36.10 55.42 10.28
N ARG U 120 -35.89 56.70 10.61
CA ARG U 120 -34.70 57.10 11.35
C ARG U 120 -34.63 56.39 12.70
N ASN U 121 -35.73 56.38 13.44
CA ASN U 121 -35.74 55.74 14.75
C ASN U 121 -35.63 54.23 14.65
N ALA U 122 -36.22 53.63 13.61
CA ALA U 122 -36.04 52.20 13.40
C ALA U 122 -34.58 51.86 13.16
N ALA U 123 -33.91 52.65 12.32
CA ALA U 123 -32.49 52.44 12.07
C ALA U 123 -31.69 52.59 13.36
N ARG U 124 -31.99 53.63 14.14
CA ARG U 124 -31.30 53.82 15.41
C ARG U 124 -31.50 52.60 16.31
N LYS U 125 -32.74 52.12 16.42
CA LYS U 125 -33.03 50.99 17.28
C LYS U 125 -32.27 49.74 16.84
N LEU U 126 -32.28 49.45 15.54
CA LEU U 126 -31.60 48.25 15.05
C LEU U 126 -30.09 48.34 15.26
N ILE U 127 -29.51 49.51 14.98
CA ILE U 127 -28.07 49.65 15.18
C ILE U 127 -27.72 49.56 16.65
N HIS U 128 -28.58 50.08 17.53
CA HIS U 128 -28.35 49.92 18.96
C HIS U 128 -28.37 48.46 19.35
N HIS U 129 -29.35 47.70 18.84
CA HIS U 129 -29.47 46.31 19.25
C HIS U 129 -28.28 45.49 18.77
N TYR U 130 -27.95 45.59 17.48
CA TYR U 130 -26.80 44.83 16.98
C TYR U 130 -25.48 45.35 17.52
N SER U 131 -25.38 46.63 17.89
CA SER U 131 -24.19 47.13 18.54
C SER U 131 -24.13 46.68 19.98
N LEU U 132 -25.25 46.19 20.51
CA LEU U 132 -25.35 45.54 21.80
C LEU U 132 -25.25 46.53 22.95
N ASN U 133 -25.06 47.82 22.67
CA ASN U 133 -25.18 48.82 23.72
C ASN U 133 -26.58 48.81 24.31
N SER U 134 -27.60 48.72 23.45
CA SER U 134 -28.99 48.63 23.92
C SER U 134 -29.22 47.22 24.44
N THR U 135 -28.81 47.01 25.70
CA THR U 135 -29.06 45.74 26.35
C THR U 135 -30.55 45.45 26.45
N SER U 136 -31.39 46.47 26.32
CA SER U 136 -32.82 46.25 26.20
C SER U 136 -33.07 45.37 24.99
N SER U 137 -33.49 44.13 25.24
CA SER U 137 -33.73 43.17 24.17
C SER U 137 -35.16 43.33 23.67
N THR U 138 -35.30 43.53 22.36
CA THR U 138 -36.59 43.77 21.75
C THR U 138 -36.70 42.97 20.46
N GLU U 139 -37.91 42.54 20.15
CA GLU U 139 -38.14 41.74 18.95
C GLU U 139 -37.89 42.59 17.70
N TYR U 140 -37.60 41.89 16.60
CA TYR U 140 -37.42 42.53 15.31
C TYR U 140 -38.13 41.72 14.23
N LYS U 141 -38.52 42.41 13.17
CA LYS U 141 -39.25 41.82 12.07
C LYS U 141 -38.67 42.34 10.78
N ILE U 142 -39.03 41.69 9.67
CA ILE U 142 -38.63 42.20 8.37
C ILE U 142 -39.12 43.63 8.18
N SER U 143 -40.17 44.03 8.90
CA SER U 143 -40.62 45.41 8.85
C SER U 143 -39.55 46.33 9.42
N ASP U 144 -38.98 45.97 10.56
CA ASP U 144 -37.98 46.81 11.19
C ASP U 144 -36.74 46.95 10.30
N VAL U 145 -36.26 45.84 9.75
CA VAL U 145 -35.08 45.91 8.89
C VAL U 145 -35.38 46.71 7.64
N VAL U 146 -36.58 46.54 7.07
CA VAL U 146 -36.97 47.33 5.91
C VAL U 146 -36.94 48.82 6.24
N MET U 147 -37.49 49.20 7.39
CA MET U 147 -37.48 50.60 7.79
C MET U 147 -36.05 51.11 7.94
N THR U 148 -35.20 50.35 8.63
CA THR U 148 -33.83 50.80 8.87
C THR U 148 -33.08 50.97 7.55
N MET U 149 -33.20 49.99 6.66
CA MET U 149 -32.45 50.03 5.42
C MET U 149 -33.00 51.09 4.47
N ILE U 150 -34.30 51.37 4.53
CA ILE U 150 -34.85 52.50 3.78
C ILE U 150 -34.28 53.80 4.31
N PHE U 151 -34.21 53.94 5.64
CA PHE U 151 -33.58 55.12 6.22
C PHE U 151 -32.18 55.29 5.68
N LEU U 152 -31.39 54.22 5.70
CA LEU U 152 -30.01 54.32 5.24
C LEU U 152 -29.96 54.68 3.76
N LEU U 153 -30.86 54.13 2.96
CA LEU U 153 -30.91 54.47 1.54
C LEU U 153 -31.15 55.96 1.34
N ARG U 154 -32.16 56.50 2.03
CA ARG U 154 -32.54 57.89 1.84
C ARG U 154 -31.64 58.87 2.56
N SER U 155 -30.82 58.40 3.51
CA SER U 155 -30.00 59.29 4.32
C SER U 155 -28.70 59.57 3.58
N GLU U 156 -28.61 60.76 2.98
CA GLU U 156 -27.41 61.14 2.26
C GLU U 156 -26.20 61.14 3.18
N LYS U 157 -26.35 61.71 4.37
CA LYS U 157 -25.25 61.73 5.34
C LYS U 157 -24.90 60.32 5.81
N TYR U 158 -25.80 59.35 5.63
CA TYR U 158 -25.53 57.95 5.94
C TYR U 158 -25.52 57.09 4.69
N HIS U 159 -25.27 57.69 3.52
CA HIS U 159 -25.19 56.90 2.30
C HIS U 159 -24.00 55.96 2.32
N SER U 160 -22.88 56.39 2.92
CA SER U 160 -21.77 55.48 3.10
C SER U 160 -22.17 54.26 3.92
N LEU U 161 -22.92 54.48 5.00
CA LEU U 161 -23.41 53.37 5.80
C LEU U 161 -24.33 52.48 4.97
N PHE U 162 -25.16 53.09 4.13
CA PHE U 162 -26.05 52.30 3.28
C PHE U 162 -25.27 51.45 2.28
N LYS U 163 -24.22 52.00 1.69
CA LYS U 163 -23.41 51.19 0.77
C LYS U 163 -22.69 50.08 1.51
N LEU U 164 -22.30 50.31 2.76
CA LEU U 164 -21.81 49.21 3.58
C LEU U 164 -22.91 48.16 3.83
N LEU U 165 -24.15 48.60 3.97
CA LEU U 165 -25.25 47.65 4.06
C LEU U 165 -25.36 46.83 2.77
N GLU U 166 -25.23 47.49 1.63
CA GLU U 166 -25.29 46.77 0.37
C GLU U 166 -24.17 45.73 0.28
N THR U 167 -22.96 46.10 0.73
CA THR U 167 -21.88 45.14 0.76
C THR U 167 -22.21 43.97 1.70
N THR U 168 -22.77 44.27 2.87
CA THR U 168 -23.15 43.19 3.78
C THR U 168 -24.15 42.25 3.12
N PHE U 169 -25.02 42.79 2.27
CA PHE U 169 -25.98 41.95 1.54
C PHE U 169 -25.28 40.89 0.71
N ASP U 170 -24.08 41.19 0.22
CA ASP U 170 -23.38 40.29 -0.68
C ASP U 170 -22.78 39.13 0.12
N ASP U 171 -21.88 38.37 -0.51
CA ASP U 171 -21.27 37.20 0.11
C ASP U 171 -20.76 37.49 1.53
N TYR U 172 -20.47 38.75 1.85
CA TYR U 172 -20.19 39.20 3.21
C TYR U 172 -19.09 38.40 3.90
N THR U 173 -18.35 37.58 3.16
CA THR U 173 -17.25 36.82 3.71
C THR U 173 -15.94 37.59 3.64
N CYS U 174 -16.00 38.86 3.27
CA CYS U 174 -14.81 39.69 3.11
C CYS U 174 -15.19 41.15 3.30
N ARG U 175 -14.75 41.73 4.40
CA ARG U 175 -15.04 43.12 4.69
C ARG U 175 -14.45 44.01 3.59
N PRO U 176 -15.23 44.93 3.02
CA PRO U 176 -14.62 45.90 2.10
C PRO U 176 -13.64 46.80 2.83
N GLN U 177 -12.60 47.21 2.12
CA GLN U 177 -11.58 48.10 2.66
C GLN U 177 -11.88 49.53 2.24
N MET U 178 -11.72 50.45 3.19
CA MET U 178 -12.10 51.84 3.00
C MET U 178 -10.95 52.74 3.41
N THR U 179 -10.84 53.88 2.73
CA THR U 179 -9.82 54.86 3.08
C THR U 179 -10.01 55.32 4.52
N GLN U 180 -8.96 55.94 5.07
CA GLN U 180 -9.04 56.44 6.44
C GLN U 180 -10.11 57.51 6.57
N VAL U 181 -10.19 58.43 5.60
CA VAL U 181 -11.22 59.45 5.62
C VAL U 181 -12.60 58.80 5.50
N GLN U 182 -12.71 57.74 4.69
CA GLN U 182 -13.98 57.02 4.60
C GLN U 182 -14.34 56.42 5.96
N THR U 183 -13.36 55.86 6.67
CA THR U 183 -13.62 55.34 8.00
C THR U 183 -14.10 56.43 8.94
N ASP U 184 -13.44 57.59 8.90
CA ASP U 184 -13.82 58.69 9.78
C ASP U 184 -15.23 59.17 9.47
N THR U 185 -15.56 59.31 8.19
CA THR U 185 -16.91 59.73 7.82
C THR U 185 -17.94 58.69 8.24
N LEU U 186 -17.61 57.41 8.09
CA LEU U 186 -18.52 56.35 8.51
C LEU U 186 -18.78 56.43 10.00
N LEU U 187 -17.72 56.63 10.78
CA LEU U 187 -17.86 56.74 12.23
C LEU U 187 -18.69 57.97 12.61
N ASP U 188 -18.41 59.11 11.98
CA ASP U 188 -19.16 60.32 12.30
C ASP U 188 -20.64 60.14 11.97
N ALA U 189 -20.95 59.53 10.83
CA ALA U 189 -22.33 59.33 10.45
C ALA U 189 -23.04 58.38 11.42
N VAL U 190 -22.40 57.28 11.79
CA VAL U 190 -23.05 56.37 12.73
C VAL U 190 -23.23 57.04 14.08
N ARG U 191 -22.28 57.88 14.50
CA ARG U 191 -22.42 58.60 15.76
C ARG U 191 -23.55 59.62 15.69
N SER U 192 -23.75 60.23 14.52
CA SER U 192 -24.89 61.12 14.34
C SER U 192 -26.20 60.35 14.41
N LEU U 193 -26.22 59.15 13.84
CA LEU U 193 -27.46 58.36 13.83
C LEU U 193 -27.79 57.88 15.24
N LEU U 194 -26.90 57.08 15.83
CA LEU U 194 -27.08 56.64 17.21
C LEU U 194 -27.12 57.81 18.18
N GLU U 195 -26.55 58.95 17.82
CA GLU U 195 -26.49 60.12 18.69
C GLU U 195 -25.80 59.76 20.00
N MET U 196 -24.52 59.40 19.89
CA MET U 196 -23.71 59.05 21.06
C MET U 196 -23.80 60.12 22.13
N THR U 200 -17.93 55.45 23.48
CA THR U 200 -17.91 55.99 22.13
C THR U 200 -17.99 54.86 21.11
N ILE U 201 -18.06 55.22 19.84
CA ILE U 201 -18.14 54.26 18.75
C ILE U 201 -16.74 54.06 18.18
N ASP U 202 -16.56 52.97 17.43
CA ASP U 202 -15.27 52.64 16.85
C ASP U 202 -15.49 51.68 15.70
N LEU U 203 -14.39 51.15 15.15
CA LEU U 203 -14.49 50.24 14.01
C LEU U 203 -15.03 48.88 14.41
N THR U 204 -14.75 48.43 15.63
CA THR U 204 -15.23 47.11 16.06
C THR U 204 -16.75 47.06 16.06
N THR U 205 -17.40 48.12 16.55
CA THR U 205 -18.85 48.18 16.48
C THR U 205 -19.33 48.14 15.03
N VAL U 206 -18.58 48.73 14.11
CA VAL U 206 -18.94 48.67 12.70
C VAL U 206 -18.83 47.24 12.18
N ASP U 207 -17.80 46.51 12.61
CA ASP U 207 -17.69 45.11 12.22
C ASP U 207 -18.86 44.31 12.75
N ILE U 208 -19.29 44.60 13.99
CA ILE U 208 -20.47 43.95 14.54
C ILE U 208 -21.69 44.26 13.69
N MET U 209 -21.86 45.54 13.32
CA MET U 209 -22.91 45.92 12.39
C MET U 209 -22.86 45.06 11.14
N ARG U 210 -21.68 44.95 10.54
CA ARG U 210 -21.56 44.28 9.25
C ARG U 210 -21.94 42.81 9.38
N SER U 211 -21.41 42.13 10.40
CA SER U 211 -21.71 40.71 10.57
C SER U 211 -23.18 40.49 10.87
N SER U 212 -23.76 41.30 11.77
CA SER U 212 -25.16 41.12 12.12
C SER U 212 -26.07 41.35 10.92
N PHE U 213 -25.80 42.41 10.16
CA PHE U 213 -26.60 42.69 8.97
C PHE U 213 -26.48 41.57 7.95
N ALA U 214 -25.26 41.10 7.70
CA ALA U 214 -25.06 40.02 6.74
C ALA U 214 -25.81 38.76 7.16
N ARG U 215 -25.71 38.41 8.44
CA ARG U 215 -26.37 37.20 8.92
C ARG U 215 -27.89 37.35 8.90
N CYS U 216 -28.39 38.56 9.15
CA CYS U 216 -29.82 38.80 9.01
C CYS U 216 -30.25 38.61 7.55
N PHE U 217 -29.43 39.08 6.61
CA PHE U 217 -29.72 38.82 5.20
C PHE U 217 -29.74 37.33 4.93
N ASN U 218 -28.81 36.57 5.52
CA ASN U 218 -28.76 35.13 5.32
C ASN U 218 -29.91 34.40 6.00
N SER U 219 -30.66 35.08 6.87
CA SER U 219 -31.86 34.48 7.44
C SER U 219 -32.98 34.53 6.42
N PRO U 220 -33.57 33.40 6.03
CA PRO U 220 -34.71 33.44 5.12
C PRO U 220 -36.01 33.81 5.85
N ILE U 221 -37.06 34.03 5.05
CA ILE U 221 -38.35 34.35 5.62
C ILE U 221 -38.75 33.26 6.59
N MET U 222 -39.13 33.65 7.80
CA MET U 222 -39.29 32.70 8.88
C MET U 222 -40.29 33.21 9.90
N ARG U 223 -40.84 32.28 10.68
CA ARG U 223 -41.87 32.56 11.66
C ARG U 223 -41.33 32.60 13.08
N TYR U 224 -40.02 32.67 13.26
CA TYR U 224 -39.42 32.71 14.58
C TYR U 224 -38.13 33.52 14.49
N ALA U 225 -37.29 33.39 15.50
CA ALA U 225 -35.97 34.02 15.50
C ALA U 225 -34.93 32.99 15.92
N LYS U 226 -33.84 32.90 15.17
CA LYS U 226 -32.75 31.99 15.48
C LYS U 226 -31.76 32.70 16.40
N ILE U 227 -31.79 32.33 17.68
CA ILE U 227 -30.83 32.88 18.62
C ILE U 227 -29.42 32.49 18.18
N VAL U 228 -28.50 33.43 18.23
CA VAL U 228 -27.13 33.23 17.77
C VAL U 228 -26.17 34.02 18.66
N LEU U 229 -24.89 33.94 18.34
CA LEU U 229 -23.83 34.57 19.12
C LEU U 229 -22.82 35.22 18.18
N LEU U 230 -22.04 36.14 18.72
CA LEU U 230 -21.07 36.87 17.91
C LEU U 230 -20.09 35.91 17.26
N GLN U 231 -19.83 36.14 15.97
CA GLN U 231 -18.88 35.36 15.20
C GLN U 231 -18.67 36.06 13.87
N ASN U 232 -17.83 35.46 13.01
CA ASN U 232 -17.46 36.04 11.73
C ASN U 232 -16.76 37.38 11.89
N VAL U 233 -16.15 37.61 13.05
CA VAL U 233 -15.48 38.85 13.37
C VAL U 233 -14.10 38.53 13.93
N ALA U 234 -13.10 39.29 13.50
CA ALA U 234 -11.72 39.07 13.93
C ALA U 234 -11.26 37.68 13.53
N ASP U 238 -8.70 37.52 11.90
CA ASP U 238 -9.15 36.34 11.19
C ASP U 238 -8.62 35.07 11.84
N LYS U 239 -7.42 35.15 12.41
CA LYS U 239 -6.80 33.98 13.03
C LYS U 239 -7.65 33.49 14.20
N ARG U 240 -7.93 32.19 14.20
CA ARG U 240 -8.69 31.58 15.28
C ARG U 240 -7.77 31.32 16.46
N THR U 241 -8.13 31.84 17.62
CA THR U 241 -7.33 31.72 18.84
C THR U 241 -8.10 30.94 19.89
N THR U 242 -7.36 30.25 20.75
CA THR U 242 -7.93 29.49 21.84
C THR U 242 -7.83 30.28 23.15
N LEU U 243 -8.55 29.80 24.16
CA LEU U 243 -8.60 30.52 25.42
C LEU U 243 -7.31 30.38 26.19
N GLU U 244 -6.69 29.19 26.17
CA GLU U 244 -5.57 28.92 27.05
C GLU U 244 -4.33 29.72 26.65
N GLU U 245 -3.96 29.67 25.36
CA GLU U 245 -2.79 30.41 24.94
C GLU U 245 -3.08 31.91 24.86
N LEU U 246 -4.36 32.29 24.70
CA LEU U 246 -4.72 33.70 24.83
C LEU U 246 -4.48 34.18 26.26
N LEU U 247 -4.86 33.38 27.26
CA LEU U 247 -4.54 33.70 28.64
C LEU U 247 -3.03 33.84 28.81
N ILE U 248 -2.27 32.88 28.27
CA ILE U 248 -0.82 32.93 28.41
C ILE U 248 -0.26 34.19 27.77
N GLU U 249 -0.74 34.53 26.57
CA GLU U 249 -0.25 35.70 25.85
C GLU U 249 -0.58 36.98 26.60
N ARG U 250 -1.80 37.09 27.11
CA ARG U 250 -2.17 38.28 27.87
C ARG U 250 -1.33 38.38 29.15
N GLY U 251 -0.95 37.24 29.73
CA GLY U 251 0.02 37.28 30.82
C GLY U 251 1.36 37.83 30.38
N GLU U 252 1.85 37.37 29.23
CA GLU U 252 3.07 37.93 28.66
C GLU U 252 2.98 39.44 28.59
N LYS U 253 1.86 39.95 28.08
CA LYS U 253 1.74 41.39 27.87
C LYS U 253 1.61 42.14 29.18
N ILE U 254 0.78 41.64 30.11
CA ILE U 254 0.52 42.37 31.34
C ILE U 254 1.74 42.38 32.26
N GLN U 255 2.40 41.24 32.44
CA GLN U 255 3.44 41.15 33.46
C GLN U 255 4.72 41.87 33.07
N MET U 256 4.85 42.31 31.81
CA MET U 256 5.96 43.15 31.40
C MET U 256 5.72 44.62 31.68
N LEU U 257 4.56 44.99 32.22
CA LEU U 257 4.18 46.37 32.45
C LEU U 257 4.41 46.73 33.91
N GLN U 258 5.25 47.72 34.15
CA GLN U 258 5.45 48.21 35.51
C GLN U 258 4.21 48.97 35.97
N PRO U 259 3.66 48.66 37.13
CA PRO U 259 2.50 49.42 37.60
C PRO U 259 2.81 50.89 37.78
N GLN U 260 1.82 51.72 37.50
CA GLN U 260 1.93 53.16 37.71
C GLN U 260 1.38 53.59 39.05
N GLN U 261 0.55 52.78 39.69
CA GLN U 261 -0.28 53.23 40.80
C GLN U 261 0.17 52.58 42.11
N TYR U 262 0.22 53.38 43.17
CA TYR U 262 0.68 52.93 44.47
C TYR U 262 -0.39 53.18 45.51
N ILE U 263 -0.70 52.16 46.31
CA ILE U 263 -1.54 52.30 47.49
C ILE U 263 -0.69 51.91 48.68
N ASN U 264 -0.49 52.86 49.60
CA ASN U 264 0.44 52.70 50.70
C ASN U 264 -0.30 52.41 51.99
N SER U 265 0.41 51.76 52.91
CA SER U 265 -0.12 51.43 54.23
C SER U 265 -1.37 50.58 54.13
N GLY U 266 -1.85 50.06 55.26
CA GLY U 266 -3.11 49.35 55.27
C GLY U 266 -4.26 50.32 55.16
N THR U 267 -4.42 50.90 53.97
CA THR U 267 -5.39 51.97 53.76
C THR U 267 -6.77 51.54 54.26
N GLU U 268 -7.27 52.27 55.25
CA GLU U 268 -8.59 51.96 55.79
C GLU U 268 -9.64 52.14 54.71
N ILE U 269 -10.58 51.21 54.66
CA ILE U 269 -11.68 51.27 53.69
C ILE U 269 -12.57 52.42 54.12
N PRO U 270 -12.77 53.46 53.30
CA PRO U 270 -13.57 54.62 53.78
C PRO U 270 -15.08 54.36 53.78
N PHE U 271 -15.54 53.68 54.82
CA PHE U 271 -16.97 53.44 54.97
C PHE U 271 -17.69 54.76 55.21
N CYS U 272 -18.77 54.98 54.46
CA CYS U 272 -19.57 56.19 54.66
C CYS U 272 -20.54 55.92 55.80
N ASP U 273 -20.12 56.27 57.01
CA ASP U 273 -20.96 56.17 58.19
C ASP U 273 -21.99 57.30 58.26
N ASP U 274 -22.17 58.05 57.18
CA ASP U 274 -23.16 59.11 57.10
C ASP U 274 -24.53 58.45 56.99
N ALA U 275 -25.06 58.05 58.15
CA ALA U 275 -26.26 57.21 58.17
C ALA U 275 -27.43 57.90 57.51
N GLU U 276 -27.59 59.21 57.72
CA GLU U 276 -28.65 59.94 57.04
C GLU U 276 -28.46 59.85 55.53
N PHE U 277 -27.22 59.92 55.07
CA PHE U 277 -26.95 59.76 53.64
C PHE U 277 -27.33 58.37 53.16
N LEU U 278 -27.04 57.34 53.97
CA LEU U 278 -27.43 55.98 53.62
C LEU U 278 -28.94 55.88 53.46
N ASN U 279 -29.69 56.43 54.42
CA ASN U 279 -31.14 56.38 54.36
C ASN U 279 -31.67 57.16 53.16
N ARG U 280 -31.09 58.32 52.88
CA ARG U 280 -31.54 59.13 51.76
C ARG U 280 -31.32 58.40 50.45
N LEU U 281 -30.11 57.84 50.26
CA LEU U 281 -29.85 57.06 49.06
C LEU U 281 -30.81 55.88 48.97
N LEU U 282 -31.04 55.18 50.08
CA LEU U 282 -31.92 54.03 50.06
C LEU U 282 -33.31 54.41 49.61
N LYS U 283 -33.88 55.47 50.19
CA LYS U 283 -35.22 55.87 49.80
C LYS U 283 -35.25 56.30 48.34
N HIS U 284 -34.21 57.02 47.90
CA HIS U 284 -34.19 57.48 46.52
C HIS U 284 -34.17 56.31 45.55
N ILE U 285 -33.38 55.28 45.86
CA ILE U 285 -33.31 54.09 45.00
C ILE U 285 -34.35 53.05 45.37
N ASP U 286 -35.13 53.28 46.43
CA ASP U 286 -36.11 52.29 46.87
C ASP U 286 -37.12 51.97 45.78
N PRO U 287 -37.74 52.94 45.11
CA PRO U 287 -38.69 52.58 44.04
C PRO U 287 -38.05 51.83 42.89
N TYR U 288 -36.73 51.85 42.77
CA TYR U 288 -36.08 51.20 41.66
C TYR U 288 -36.42 49.72 41.65
N PRO U 289 -36.88 49.16 40.50
CA PRO U 289 -37.18 47.72 40.46
C PRO U 289 -35.91 46.89 40.39
N LEU U 290 -35.41 46.53 41.57
CA LEU U 290 -34.14 45.84 41.78
C LEU U 290 -33.92 44.73 40.74
N SER U 291 -34.96 43.95 40.47
CA SER U 291 -34.87 42.85 39.51
C SER U 291 -34.38 43.33 38.15
N ARG U 292 -34.93 44.45 37.67
CA ARG U 292 -34.57 44.90 36.33
C ARG U 292 -33.14 45.42 36.27
N MET U 293 -32.60 45.97 37.36
CA MET U 293 -31.18 46.30 37.34
C MET U 293 -30.35 45.03 37.24
N TYR U 294 -30.75 43.95 37.93
CA TYR U 294 -30.07 42.69 37.70
C TYR U 294 -30.14 42.30 36.22
N TYR U 295 -31.33 42.39 35.63
CA TYR U 295 -31.48 42.02 34.22
C TYR U 295 -30.49 42.79 33.37
N ASN U 296 -30.51 44.11 33.50
CA ASN U 296 -29.68 44.96 32.66
C ASN U 296 -28.20 44.63 32.85
N ALA U 297 -27.75 44.56 34.11
CA ALA U 297 -26.33 44.34 34.36
C ALA U 297 -25.89 42.96 33.88
N ALA U 298 -26.69 41.93 34.15
CA ALA U 298 -26.31 40.58 33.73
C ALA U 298 -26.22 40.50 32.20
N ASN U 299 -27.22 41.04 31.51
CA ASN U 299 -27.15 41.09 30.06
C ASN U 299 -25.90 41.84 29.61
N THR U 300 -25.55 42.92 30.30
CA THR U 300 -24.41 43.72 29.89
C THR U 300 -23.10 42.98 30.10
N MET U 301 -22.96 42.22 31.20
CA MET U 301 -21.75 41.43 31.38
C MET U 301 -21.66 40.34 30.32
N PHE U 302 -22.78 39.67 30.03
CA PHE U 302 -22.82 38.72 28.93
C PHE U 302 -22.36 39.36 27.62
N TYR U 303 -22.80 40.59 27.37
CA TYR U 303 -22.41 41.29 26.16
C TYR U 303 -20.92 41.58 26.15
N THR U 304 -20.38 42.05 27.28
CA THR U 304 -18.95 42.30 27.37
C THR U 304 -18.16 41.04 27.10
N THR U 305 -18.60 39.92 27.69
CA THR U 305 -17.88 38.66 27.52
C THR U 305 -17.87 38.26 26.05
N MET U 306 -19.04 38.26 25.40
CA MET U 306 -19.08 37.86 24.01
C MET U 306 -18.24 38.79 23.15
N GLU U 307 -18.33 40.10 23.41
CA GLU U 307 -17.59 41.07 22.59
C GLU U 307 -16.10 40.83 22.69
N ASN U 308 -15.59 40.68 23.93
CA ASN U 308 -14.16 40.48 24.09
C ASN U 308 -13.71 39.18 23.45
N TYR U 309 -14.49 38.10 23.61
CA TYR U 309 -14.09 36.85 22.99
C TYR U 309 -14.12 36.95 21.47
N ALA U 310 -15.09 37.68 20.91
CA ALA U 310 -15.20 37.77 19.46
C ALA U 310 -14.12 38.64 18.86
N VAL U 311 -13.80 39.77 19.50
CA VAL U 311 -12.77 40.65 18.98
C VAL U 311 -11.41 39.96 19.01
N SER U 312 -11.09 39.30 20.13
CA SER U 312 -9.92 38.45 20.18
C SER U 312 -10.06 37.23 19.30
N ASN U 313 -11.28 36.94 18.81
CA ASN U 313 -11.58 35.79 17.98
C ASN U 313 -11.41 34.47 18.73
N CYS U 314 -11.35 34.53 20.06
CA CYS U 314 -11.27 33.34 20.88
C CYS U 314 -12.62 32.66 20.98
N LYS U 315 -12.59 31.33 21.06
CA LYS U 315 -13.80 30.57 21.27
C LYS U 315 -14.52 31.04 22.53
N PHE U 316 -15.72 31.57 22.36
CA PHE U 316 -16.50 32.04 23.50
C PHE U 316 -17.02 30.82 24.26
N ASN U 317 -16.49 30.61 25.47
CA ASN U 317 -16.89 29.48 26.29
C ASN U 317 -18.12 29.87 27.12
N ILE U 318 -19.22 30.06 26.41
CA ILE U 318 -20.51 30.34 27.01
C ILE U 318 -20.88 29.23 28.00
N GLU U 319 -20.32 28.04 27.80
CA GLU U 319 -20.61 26.94 28.71
C GLU U 319 -20.09 27.22 30.10
N ASP U 320 -18.84 27.68 30.21
CA ASP U 320 -18.31 28.05 31.52
C ASP U 320 -18.94 29.35 32.01
N TYR U 321 -19.37 30.22 31.10
CA TYR U 321 -20.09 31.41 31.52
C TYR U 321 -21.38 31.01 32.26
N ASN U 322 -22.09 30.02 31.72
CA ASN U 322 -23.24 29.47 32.43
C ASN U 322 -22.82 28.79 33.73
N ASN U 323 -21.71 28.05 33.69
CA ASN U 323 -21.22 27.39 34.90
C ASN U 323 -20.97 28.40 36.01
N ILE U 324 -20.66 29.65 35.67
CA ILE U 324 -20.50 30.68 36.69
C ILE U 324 -21.82 30.84 37.46
N PHE U 325 -22.94 30.93 36.74
CA PHE U 325 -24.23 31.06 37.41
C PHE U 325 -24.61 29.78 38.12
N LYS U 326 -24.24 28.63 37.57
CA LYS U 326 -24.47 27.37 38.29
C LYS U 326 -23.76 27.39 39.63
N VAL U 327 -22.51 27.87 39.65
CA VAL U 327 -21.75 27.97 40.89
C VAL U 327 -22.44 28.93 41.84
N MET U 328 -22.84 30.09 41.33
CA MET U 328 -23.59 31.06 42.13
C MET U 328 -24.78 30.39 42.79
N GLU U 329 -25.58 29.67 42.01
CA GLU U 329 -26.78 29.04 42.52
C GLU U 329 -26.44 28.04 43.63
N ASN U 330 -25.48 27.15 43.36
CA ASN U 330 -25.24 26.05 44.29
C ASN U 330 -24.71 26.59 45.62
N ILE U 331 -23.70 27.44 45.59
CA ILE U 331 -23.18 28.06 46.81
C ILE U 331 -24.14 29.15 47.27
N GLU V 112 -24.47 52.65 -11.50
CA GLU V 112 -25.77 52.48 -10.89
C GLU V 112 -25.63 51.75 -9.55
N LEU V 113 -26.34 52.25 -8.54
CA LEU V 113 -26.22 51.68 -7.20
C LEU V 113 -26.71 50.23 -7.17
N ILE V 114 -27.85 49.95 -7.82
CA ILE V 114 -28.48 48.65 -7.78
C ILE V 114 -28.72 48.18 -9.21
N ASN V 115 -28.28 46.97 -9.52
CA ASN V 115 -28.48 46.41 -10.85
C ASN V 115 -29.97 46.13 -11.02
N MET V 116 -30.67 47.04 -11.69
CA MET V 116 -32.11 46.90 -11.84
C MET V 116 -32.51 45.63 -12.58
N ARG V 117 -31.56 44.90 -13.17
CA ARG V 117 -31.88 43.65 -13.84
C ARG V 117 -32.15 42.54 -12.82
N ARG V 118 -31.18 42.24 -11.97
CA ARG V 118 -31.40 41.25 -10.92
C ARG V 118 -32.50 41.70 -9.97
N TYR V 119 -32.55 43.00 -9.69
CA TYR V 119 -33.60 43.54 -8.84
C TYR V 119 -34.98 43.34 -9.47
N ARG V 120 -35.08 43.57 -10.79
CA ARG V 120 -36.34 43.31 -11.48
C ARG V 120 -36.68 41.83 -11.41
N ASN V 121 -35.70 40.96 -11.59
CA ASN V 121 -35.97 39.53 -11.54
C ASN V 121 -36.54 39.13 -10.18
N ALA V 122 -35.89 39.59 -9.10
CA ALA V 122 -36.37 39.25 -7.76
C ALA V 122 -37.75 39.83 -7.52
N ALA V 123 -37.96 41.11 -7.87
CA ALA V 123 -39.26 41.72 -7.65
C ALA V 123 -40.34 41.02 -8.44
N ARG V 124 -40.09 40.72 -9.71
CA ARG V 124 -41.06 40.02 -10.53
C ARG V 124 -41.42 38.66 -9.93
N LYS V 125 -40.42 37.85 -9.62
CA LYS V 125 -40.70 36.51 -9.13
C LYS V 125 -41.48 36.57 -7.82
N LEU V 126 -41.02 37.40 -6.88
CA LEU V 126 -41.67 37.45 -5.57
C LEU V 126 -43.09 38.01 -5.68
N ILE V 127 -43.27 39.07 -6.47
CA ILE V 127 -44.59 39.70 -6.59
C ILE V 127 -45.55 38.79 -7.31
N HIS V 128 -45.11 38.14 -8.40
CA HIS V 128 -45.97 37.18 -9.08
C HIS V 128 -46.36 36.05 -8.16
N HIS V 129 -45.42 35.51 -7.40
CA HIS V 129 -45.76 34.45 -6.47
C HIS V 129 -46.75 34.92 -5.42
N TYR V 130 -46.53 36.10 -4.86
CA TYR V 130 -47.48 36.64 -3.89
C TYR V 130 -48.87 36.78 -4.51
N SER V 131 -48.93 37.17 -5.77
CA SER V 131 -50.21 37.22 -6.48
C SER V 131 -50.83 35.84 -6.55
N LEU V 132 -50.02 34.80 -6.81
CA LEU V 132 -50.53 33.44 -6.85
C LEU V 132 -51.10 33.05 -5.49
N ASN V 133 -50.42 33.40 -4.41
CA ASN V 133 -50.84 33.02 -3.07
C ASN V 133 -50.11 33.88 -2.05
N SER V 134 -50.65 33.91 -0.84
CA SER V 134 -50.01 34.58 0.28
C SER V 134 -49.55 33.57 1.33
N THR V 135 -49.13 32.39 0.89
CA THR V 135 -48.75 31.29 1.77
C THR V 135 -47.23 31.26 1.94
N SER V 136 -46.75 30.26 2.69
CA SER V 136 -45.32 30.16 3.01
C SER V 136 -44.47 29.96 1.76
N SER V 137 -44.64 28.82 1.08
CA SER V 137 -43.94 28.55 -0.17
C SER V 137 -42.44 28.82 -0.01
N THR V 138 -41.80 27.99 0.82
CA THR V 138 -40.43 28.22 1.29
C THR V 138 -39.45 28.05 0.12
N GLU V 139 -39.32 29.12 -0.67
CA GLU V 139 -38.29 29.19 -1.70
C GLU V 139 -37.67 30.58 -1.80
N TYR V 140 -38.13 31.55 -1.02
CA TYR V 140 -37.63 32.91 -1.03
C TYR V 140 -36.94 33.23 0.29
N LYS V 141 -36.36 34.42 0.36
CA LYS V 141 -35.47 34.78 1.45
C LYS V 141 -35.71 36.23 1.85
N ILE V 142 -35.25 36.58 3.05
CA ILE V 142 -35.30 37.98 3.48
C ILE V 142 -34.51 38.85 2.51
N SER V 143 -33.34 38.36 2.10
CA SER V 143 -32.57 39.06 1.06
C SER V 143 -33.42 39.29 -0.19
N ASP V 144 -34.22 38.29 -0.57
CA ASP V 144 -35.07 38.43 -1.75
C ASP V 144 -36.09 39.55 -1.55
N VAL V 145 -36.71 39.62 -0.38
CA VAL V 145 -37.68 40.68 -0.11
C VAL V 145 -37.00 42.04 -0.14
N VAL V 146 -35.80 42.12 0.42
CA VAL V 146 -35.06 43.39 0.43
C VAL V 146 -34.78 43.84 -1.01
N MET V 147 -34.31 42.91 -1.85
CA MET V 147 -34.04 43.25 -3.24
C MET V 147 -35.32 43.69 -3.95
N THR V 148 -36.41 42.97 -3.72
CA THR V 148 -37.68 43.32 -4.36
C THR V 148 -38.12 44.72 -3.97
N MET V 149 -38.11 45.03 -2.67
CA MET V 149 -38.56 46.34 -2.23
C MET V 149 -37.63 47.45 -2.71
N ILE V 150 -36.32 47.18 -2.79
CA ILE V 150 -35.42 48.18 -3.36
C ILE V 150 -35.75 48.41 -4.83
N PHE V 151 -36.02 47.33 -5.57
CA PHE V 151 -36.43 47.49 -6.96
C PHE V 151 -37.65 48.39 -7.04
N LEU V 152 -38.64 48.13 -6.18
CA LEU V 152 -39.86 48.91 -6.23
C LEU V 152 -39.60 50.37 -5.88
N LEU V 153 -38.76 50.63 -4.88
CA LEU V 153 -38.45 51.99 -4.50
C LEU V 153 -37.73 52.74 -5.62
N ARG V 154 -36.78 52.07 -6.28
CA ARG V 154 -36.05 52.73 -7.35
C ARG V 154 -36.93 52.99 -8.57
N SER V 155 -37.89 52.10 -8.82
CA SER V 155 -38.74 52.19 -10.01
C SER V 155 -39.92 53.12 -9.69
N GLU V 156 -39.96 54.27 -10.37
CA GLU V 156 -40.98 55.26 -10.09
C GLU V 156 -42.38 54.75 -10.44
N LYS V 157 -42.48 53.93 -11.49
CA LYS V 157 -43.79 53.49 -11.96
C LYS V 157 -44.54 52.71 -10.88
N TYR V 158 -43.83 52.05 -9.97
CA TYR V 158 -44.45 51.25 -8.92
C TYR V 158 -44.51 51.98 -7.59
N HIS V 159 -44.33 53.30 -7.59
CA HIS V 159 -44.28 54.03 -6.33
C HIS V 159 -45.63 54.03 -5.62
N SER V 160 -46.73 53.94 -6.37
CA SER V 160 -48.04 53.89 -5.71
C SER V 160 -48.16 52.64 -4.85
N LEU V 161 -47.88 51.47 -5.42
CA LEU V 161 -47.91 50.26 -4.63
C LEU V 161 -46.78 50.22 -3.61
N PHE V 162 -45.69 50.97 -3.84
CA PHE V 162 -44.66 51.10 -2.81
C PHE V 162 -45.21 51.83 -1.60
N LYS V 163 -45.96 52.91 -1.82
CA LYS V 163 -46.64 53.58 -0.72
C LYS V 163 -47.63 52.63 -0.04
N LEU V 164 -48.35 51.86 -0.85
CA LEU V 164 -49.27 50.86 -0.31
C LEU V 164 -48.54 49.93 0.66
N LEU V 165 -47.40 49.38 0.22
CA LEU V 165 -46.69 48.40 1.04
C LEU V 165 -46.08 49.06 2.27
N GLU V 166 -45.41 50.21 2.10
CA GLU V 166 -44.87 50.90 3.27
C GLU V 166 -45.94 51.26 4.28
N THR V 167 -47.19 51.48 3.84
CA THR V 167 -48.25 51.65 4.81
C THR V 167 -48.69 50.32 5.42
N THR V 168 -48.58 49.22 4.66
CA THR V 168 -49.00 47.93 5.20
C THR V 168 -48.12 47.44 6.35
N PHE V 169 -46.94 48.03 6.55
CA PHE V 169 -46.11 47.63 7.67
C PHE V 169 -46.88 47.83 8.98
N ASP V 170 -46.37 47.19 10.04
CA ASP V 170 -47.09 47.18 11.31
C ASP V 170 -48.48 46.60 11.09
N ASP V 171 -49.51 47.46 11.08
CA ASP V 171 -50.84 47.02 10.72
C ASP V 171 -51.01 47.01 9.20
N TYR V 172 -51.90 46.15 8.73
CA TYR V 172 -52.23 46.10 7.31
C TYR V 172 -53.05 47.30 6.86
N THR V 173 -53.36 48.22 7.77
CA THR V 173 -54.03 49.48 7.45
C THR V 173 -55.29 49.24 6.61
N CYS V 174 -55.25 49.59 5.33
CA CYS V 174 -56.41 49.38 4.47
C CYS V 174 -56.08 49.87 3.06
N ARG V 175 -56.93 49.48 2.11
CA ARG V 175 -56.85 49.95 0.74
C ARG V 175 -57.96 50.96 0.49
N PRO V 176 -57.64 52.26 0.27
CA PRO V 176 -58.67 53.26 -0.03
C PRO V 176 -59.63 52.84 -1.13
N GLN V 180 -59.23 56.48 -10.46
CA GLN V 180 -59.38 55.20 -11.16
C GLN V 180 -58.27 55.01 -12.18
N VAL V 181 -57.80 56.12 -12.76
CA VAL V 181 -56.72 56.03 -13.74
C VAL V 181 -55.47 55.43 -13.10
N GLN V 182 -55.18 55.81 -11.85
CA GLN V 182 -54.02 55.23 -11.18
C GLN V 182 -54.21 53.75 -10.92
N THR V 183 -55.45 53.29 -10.75
CA THR V 183 -55.68 51.85 -10.64
C THR V 183 -55.27 51.14 -11.92
N ASP V 184 -55.62 51.72 -13.08
CA ASP V 184 -55.17 51.16 -14.35
C ASP V 184 -53.64 51.20 -14.43
N THR V 185 -53.04 52.30 -13.98
CA THR V 185 -51.58 52.40 -14.03
C THR V 185 -50.93 51.30 -13.21
N LEU V 186 -51.39 51.09 -11.97
CA LEU V 186 -50.78 50.09 -11.11
C LEU V 186 -51.07 48.68 -11.63
N LEU V 187 -52.25 48.46 -12.20
CA LEU V 187 -52.55 47.15 -12.78
C LEU V 187 -51.62 46.85 -13.95
N ASP V 188 -51.40 47.83 -14.82
CA ASP V 188 -50.45 47.65 -15.92
C ASP V 188 -49.04 47.43 -15.39
N ALA V 189 -48.66 48.16 -14.34
CA ALA V 189 -47.34 48.02 -13.76
C ALA V 189 -47.13 46.60 -13.24
N VAL V 190 -48.11 46.08 -12.50
CA VAL V 190 -48.00 44.71 -11.99
C VAL V 190 -47.97 43.71 -13.13
N ARG V 191 -48.85 43.89 -14.12
CA ARG V 191 -48.85 42.98 -15.26
C ARG V 191 -47.49 42.94 -15.94
N SER V 192 -46.85 44.09 -16.10
CA SER V 192 -45.49 44.10 -16.62
C SER V 192 -44.57 43.35 -15.68
N LEU V 193 -44.75 43.52 -14.36
CA LEU V 193 -43.99 42.73 -13.40
C LEU V 193 -44.29 41.24 -13.51
N LEU V 194 -45.41 40.86 -14.12
CA LEU V 194 -45.74 39.45 -14.30
C LEU V 194 -45.17 38.95 -15.62
N SER V 198 -47.73 39.74 -17.75
CA SER V 198 -48.08 38.42 -18.24
C SER V 198 -49.56 38.14 -18.05
N THR V 199 -49.93 37.57 -16.90
CA THR V 199 -51.31 37.21 -16.64
C THR V 199 -52.13 38.44 -16.29
N THR V 200 -53.44 38.35 -16.56
CA THR V 200 -54.35 39.42 -16.19
C THR V 200 -54.49 39.48 -14.67
N ILE V 201 -54.83 40.67 -14.17
CA ILE V 201 -54.92 40.90 -12.73
C ILE V 201 -56.05 41.87 -12.43
N ASP V 202 -56.23 42.17 -11.14
CA ASP V 202 -57.18 43.17 -10.68
C ASP V 202 -56.76 43.60 -9.28
N LEU V 203 -57.58 44.43 -8.63
CA LEU V 203 -57.26 44.85 -7.27
C LEU V 203 -57.29 43.70 -6.28
N THR V 204 -57.96 42.60 -6.61
CA THR V 204 -58.01 41.46 -5.70
C THR V 204 -56.62 40.85 -5.50
N THR V 205 -55.94 40.51 -6.60
CA THR V 205 -54.60 39.97 -6.48
C THR V 205 -53.63 41.05 -6.01
N VAL V 206 -53.92 42.31 -6.32
CA VAL V 206 -53.11 43.40 -5.78
C VAL V 206 -53.14 43.36 -4.26
N ASP V 207 -54.33 43.18 -3.68
CA ASP V 207 -54.44 43.13 -2.22
C ASP V 207 -53.90 41.83 -1.66
N ILE V 208 -54.01 40.72 -2.39
CA ILE V 208 -53.41 39.47 -1.91
C ILE V 208 -51.89 39.62 -1.83
N MET V 209 -51.28 40.18 -2.87
CA MET V 209 -49.86 40.47 -2.86
C MET V 209 -49.50 41.49 -1.78
N ARG V 210 -50.35 42.49 -1.58
CA ARG V 210 -50.14 43.46 -0.51
C ARG V 210 -50.13 42.77 0.85
N SER V 211 -51.03 41.81 1.05
CA SER V 211 -51.04 41.04 2.28
C SER V 211 -49.78 40.20 2.43
N SER V 212 -49.37 39.54 1.34
CA SER V 212 -48.14 38.77 1.40
C SER V 212 -47.00 39.64 1.89
N PHE V 213 -46.85 40.83 1.30
CA PHE V 213 -45.80 41.75 1.73
C PHE V 213 -46.00 42.20 3.17
N ALA V 214 -47.23 42.55 3.55
CA ALA V 214 -47.47 43.03 4.90
C ALA V 214 -47.07 41.99 5.93
N ARG V 215 -47.52 40.75 5.74
CA ARG V 215 -47.15 39.67 6.66
C ARG V 215 -45.64 39.45 6.63
N CYS V 216 -45.04 39.44 5.43
CA CYS V 216 -43.60 39.24 5.34
C CYS V 216 -42.85 40.26 6.19
N PHE V 217 -43.19 41.54 6.05
CA PHE V 217 -42.59 42.56 6.90
C PHE V 217 -42.70 42.15 8.36
N ASN V 218 -43.93 42.04 8.87
CA ASN V 218 -44.14 41.74 10.27
C ASN V 218 -43.66 40.34 10.66
N SER V 219 -43.14 39.56 9.72
CA SER V 219 -42.58 38.27 10.07
C SER V 219 -41.36 38.47 10.95
N PRO V 220 -41.11 37.59 11.92
CA PRO V 220 -39.90 37.71 12.74
C PRO V 220 -38.66 37.37 11.93
N ILE V 221 -37.52 37.73 12.49
CA ILE V 221 -36.22 37.55 11.86
C ILE V 221 -35.24 37.03 12.91
N MET V 222 -34.02 36.74 12.46
CA MET V 222 -32.98 36.24 13.34
C MET V 222 -32.69 37.21 14.47
N ARG V 223 -32.60 36.68 15.70
CA ARG V 223 -32.25 37.43 16.89
C ARG V 223 -31.03 36.80 17.55
N TYR V 224 -30.50 37.50 18.55
CA TYR V 224 -29.40 37.00 19.36
C TYR V 224 -29.90 36.61 20.75
N ALA V 225 -28.98 36.12 21.57
CA ALA V 225 -29.32 35.56 22.87
C ALA V 225 -29.59 36.69 23.88
N LYS V 226 -29.77 36.32 25.14
CA LYS V 226 -30.14 37.26 26.19
C LYS V 226 -30.03 36.57 27.53
N ILE V 227 -29.57 37.30 28.54
CA ILE V 227 -29.50 36.77 29.90
C ILE V 227 -30.91 36.82 30.47
N VAL V 228 -31.61 35.70 30.40
CA VAL V 228 -33.00 35.65 30.84
C VAL V 228 -33.04 35.68 32.36
N LEU V 229 -33.85 36.59 32.91
CA LEU V 229 -34.10 36.56 34.34
C LEU V 229 -34.94 35.35 34.71
N LEU V 230 -34.82 34.93 35.97
CA LEU V 230 -35.64 33.85 36.49
C LEU V 230 -35.82 34.10 37.99
N GLN V 231 -37.01 34.58 38.36
CA GLN V 231 -37.30 34.91 39.75
C GLN V 231 -37.30 33.63 40.58
N ASN V 232 -36.36 33.51 41.52
CA ASN V 232 -36.31 32.31 42.36
C ASN V 232 -37.62 32.16 43.13
N ASP V 238 -34.08 25.98 52.94
CA ASP V 238 -33.93 24.87 53.86
C ASP V 238 -33.39 25.35 55.22
N LYS V 239 -32.28 26.08 55.17
CA LYS V 239 -31.66 26.56 56.40
C LYS V 239 -32.63 27.42 57.19
N ARG V 240 -32.76 27.13 58.48
CA ARG V 240 -33.63 27.88 59.38
C ARG V 240 -32.80 28.38 60.54
N THR V 241 -32.84 29.69 60.78
CA THR V 241 -32.14 30.26 61.92
C THR V 241 -32.69 29.67 63.21
N THR V 242 -31.79 29.31 64.12
CA THR V 242 -32.20 28.71 65.38
C THR V 242 -32.71 29.79 66.33
N LEU V 243 -33.21 29.34 67.49
CA LEU V 243 -33.80 30.28 68.44
C LEU V 243 -32.76 31.12 69.15
N GLU V 244 -31.55 30.59 69.38
CA GLU V 244 -30.60 31.30 70.24
C GLU V 244 -30.07 32.56 69.57
N GLU V 245 -29.65 32.47 68.31
CA GLU V 245 -29.18 33.67 67.61
C GLU V 245 -30.31 34.67 67.38
N LEU V 246 -31.50 34.17 67.04
CA LEU V 246 -32.64 35.04 66.86
C LEU V 246 -32.93 35.80 68.15
N LEU V 247 -32.90 35.12 69.28
CA LEU V 247 -33.15 35.78 70.56
C LEU V 247 -32.01 36.73 70.92
N ILE V 248 -30.76 36.41 70.54
CA ILE V 248 -29.67 37.35 70.75
C ILE V 248 -29.97 38.67 70.03
N GLU V 249 -30.33 38.57 68.75
CA GLU V 249 -30.51 39.77 67.95
C GLU V 249 -31.80 40.50 68.32
N ARG V 250 -32.80 39.80 68.84
CA ARG V 250 -33.99 40.46 69.36
C ARG V 250 -33.69 41.19 70.66
N GLY V 251 -33.00 40.52 71.58
CA GLY V 251 -32.74 41.11 72.88
C GLY V 251 -31.81 42.30 72.82
N GLU V 252 -30.82 42.27 71.91
CA GLU V 252 -29.92 43.42 71.81
C GLU V 252 -30.68 44.68 71.42
N LYS V 253 -31.59 44.57 70.45
CA LYS V 253 -32.36 45.75 70.05
C LYS V 253 -33.41 46.09 71.09
N ILE V 254 -33.90 45.10 71.83
CA ILE V 254 -34.75 45.40 72.99
C ILE V 254 -33.99 46.28 73.98
N GLN V 255 -32.73 45.93 74.24
CA GLN V 255 -31.90 46.75 75.11
C GLN V 255 -31.73 48.15 74.55
N MET V 256 -31.46 48.25 73.24
CA MET V 256 -31.20 49.56 72.64
C MET V 256 -32.42 50.47 72.73
N LEU V 257 -33.61 49.91 72.93
CA LEU V 257 -34.81 50.73 73.09
C LEU V 257 -34.70 51.57 74.37
N GLN V 258 -35.40 52.71 74.37
CA GLN V 258 -35.35 53.62 75.50
C GLN V 258 -36.60 53.50 76.36
N PRO V 259 -36.49 53.57 77.68
CA PRO V 259 -37.68 53.45 78.53
C PRO V 259 -38.70 54.52 78.20
N GLN V 260 -39.96 54.12 78.07
CA GLN V 260 -41.04 55.01 77.66
C GLN V 260 -41.91 55.46 78.83
N GLN V 261 -42.46 54.51 79.57
CA GLN V 261 -43.39 54.80 80.65
C GLN V 261 -42.88 54.22 81.96
N TYR V 262 -43.30 54.85 83.06
CA TYR V 262 -42.83 54.51 84.41
C TYR V 262 -44.06 54.34 85.30
N ILE V 263 -44.53 53.11 85.43
CA ILE V 263 -45.70 52.81 86.26
C ILE V 263 -45.30 51.78 87.32
N ASP V 273 -64.73 44.50 91.78
CA ASP V 273 -65.05 44.68 93.19
C ASP V 273 -66.47 44.21 93.48
N ASP V 274 -67.45 44.86 92.86
CA ASP V 274 -68.84 44.49 93.05
C ASP V 274 -69.12 43.11 92.46
N ALA V 275 -70.01 42.38 93.11
CA ALA V 275 -70.37 41.04 92.68
C ALA V 275 -71.53 41.02 91.69
N GLU V 276 -72.38 42.05 91.68
CA GLU V 276 -73.57 42.04 90.84
C GLU V 276 -73.29 42.53 89.43
N PHE V 277 -72.51 43.61 89.28
CA PHE V 277 -72.03 43.95 87.94
C PHE V 277 -71.13 42.84 87.39
N LEU V 278 -70.38 42.18 88.28
CA LEU V 278 -69.64 41.00 87.88
C LEU V 278 -70.57 39.91 87.38
N ASN V 279 -71.72 39.72 88.05
CA ASN V 279 -72.68 38.72 87.62
C ASN V 279 -73.25 39.06 86.25
N ARG V 280 -73.59 40.33 86.02
CA ARG V 280 -74.15 40.72 84.72
C ARG V 280 -73.10 40.56 83.63
N LEU V 281 -71.85 40.89 83.92
CA LEU V 281 -70.77 40.62 82.98
C LEU V 281 -70.66 39.14 82.68
N LEU V 282 -70.80 38.30 83.72
CA LEU V 282 -70.79 36.85 83.53
C LEU V 282 -71.91 36.43 82.59
N LYS V 283 -73.11 36.99 82.78
CA LYS V 283 -74.21 36.70 81.88
C LYS V 283 -73.88 37.10 80.45
N HIS V 284 -73.23 38.27 80.28
CA HIS V 284 -72.84 38.70 78.94
C HIS V 284 -71.89 37.72 78.27
N ILE V 285 -71.20 36.88 79.05
CA ILE V 285 -70.24 35.91 78.51
C ILE V 285 -70.69 34.48 78.70
N ASP V 286 -71.83 34.25 79.35
CA ASP V 286 -72.29 32.88 79.57
C ASP V 286 -72.51 32.11 78.27
N PRO V 287 -73.22 32.62 77.28
CA PRO V 287 -73.57 31.78 76.12
C PRO V 287 -72.35 31.31 75.32
N TYR V 288 -71.23 32.00 75.42
CA TYR V 288 -70.08 31.66 74.59
C TYR V 288 -69.49 30.33 75.05
N PRO V 289 -69.41 29.31 74.19
CA PRO V 289 -68.89 28.01 74.66
C PRO V 289 -67.40 28.08 74.99
N LEU V 290 -67.06 27.93 76.28
CA LEU V 290 -65.67 28.09 76.68
C LEU V 290 -64.75 27.14 75.93
N SER V 291 -65.24 25.96 75.55
CA SER V 291 -64.41 25.04 74.78
C SER V 291 -63.97 25.67 73.47
N ARG V 292 -64.92 26.22 72.71
CA ARG V 292 -64.57 26.83 71.43
C ARG V 292 -63.77 28.11 71.61
N MET V 293 -64.05 28.87 72.67
CA MET V 293 -63.26 30.08 72.91
C MET V 293 -61.80 29.75 73.21
N TYR V 294 -61.58 28.73 74.05
CA TYR V 294 -60.21 28.29 74.32
C TYR V 294 -59.56 27.75 73.05
N TYR V 295 -60.30 26.99 72.26
CA TYR V 295 -59.77 26.49 70.99
C TYR V 295 -59.33 27.64 70.09
N ASN V 296 -60.21 28.63 69.93
CA ASN V 296 -59.89 29.77 69.08
C ASN V 296 -58.67 30.51 69.60
N ALA V 297 -58.62 30.77 70.91
CA ALA V 297 -57.50 31.51 71.46
C ALA V 297 -56.19 30.75 71.27
N ALA V 298 -56.20 29.46 71.56
CA ALA V 298 -54.97 28.67 71.45
C ALA V 298 -54.49 28.60 70.00
N ASN V 299 -55.41 28.35 69.07
CA ASN V 299 -55.01 28.26 67.67
C ASN V 299 -54.60 29.61 67.11
N THR V 300 -55.21 30.70 67.57
CA THR V 300 -54.78 32.02 67.14
C THR V 300 -53.38 32.33 67.65
N MET V 301 -53.11 31.99 68.92
CA MET V 301 -51.76 32.17 69.46
C MET V 301 -50.75 31.35 68.65
N PHE V 302 -51.09 30.10 68.35
CA PHE V 302 -50.20 29.27 67.55
C PHE V 302 -49.97 29.86 66.17
N TYR V 303 -51.03 30.29 65.49
CA TYR V 303 -50.86 30.81 64.14
C TYR V 303 -50.02 32.08 64.15
N THR V 304 -50.22 32.93 65.15
CA THR V 304 -49.40 34.13 65.27
C THR V 304 -47.94 33.78 65.53
N THR V 305 -47.70 32.78 66.38
CA THR V 305 -46.33 32.32 66.61
C THR V 305 -45.72 31.77 65.33
N MET V 306 -46.53 31.09 64.52
CA MET V 306 -46.05 30.60 63.23
C MET V 306 -45.68 31.77 62.34
N GLU V 307 -46.49 32.83 62.34
CA GLU V 307 -46.17 34.03 61.58
C GLU V 307 -44.85 34.63 62.05
N ASN V 308 -44.66 34.70 63.36
CA ASN V 308 -43.43 35.27 63.90
C ASN V 308 -42.21 34.43 63.50
N TYR V 309 -42.33 33.11 63.60
CA TYR V 309 -41.24 32.23 63.19
C TYR V 309 -40.98 32.37 61.70
N ALA V 310 -42.03 32.51 60.90
CA ALA V 310 -41.88 32.68 59.46
C ALA V 310 -41.14 33.98 59.15
N VAL V 311 -41.49 35.07 59.83
CA VAL V 311 -40.80 36.33 59.61
C VAL V 311 -39.34 36.20 60.01
N SER V 312 -39.09 35.60 61.17
CA SER V 312 -37.71 35.30 61.58
C SER V 312 -37.08 34.19 60.75
N ASN V 313 -37.87 33.49 59.93
CA ASN V 313 -37.42 32.29 59.23
C ASN V 313 -36.80 31.29 60.20
N CYS V 314 -37.20 31.36 61.47
CA CYS V 314 -36.62 30.56 62.53
C CYS V 314 -37.34 29.23 62.64
N LYS V 315 -36.57 28.15 62.78
CA LYS V 315 -37.16 26.83 62.96
C LYS V 315 -38.01 26.81 64.22
N PHE V 316 -39.23 26.29 64.10
CA PHE V 316 -40.16 26.25 65.20
C PHE V 316 -40.02 24.95 65.99
N ASN V 317 -40.21 25.05 67.30
CA ASN V 317 -40.10 23.92 68.21
C ASN V 317 -41.50 23.38 68.53
N ILE V 318 -41.82 22.21 67.98
CA ILE V 318 -43.15 21.62 68.19
C ILE V 318 -43.32 21.18 69.64
N GLU V 319 -42.34 20.43 70.16
CA GLU V 319 -42.47 19.89 71.51
C GLU V 319 -42.50 21.01 72.54
N ASP V 320 -41.67 22.03 72.36
CA ASP V 320 -41.70 23.18 73.26
C ASP V 320 -43.07 23.85 73.28
N TYR V 321 -43.64 24.09 72.10
CA TYR V 321 -44.94 24.76 72.07
C TYR V 321 -46.00 23.90 72.73
N ASN V 322 -45.96 22.59 72.50
CA ASN V 322 -46.83 21.70 73.25
C ASN V 322 -46.60 21.85 74.75
N ASN V 323 -45.36 22.10 75.16
CA ASN V 323 -45.07 22.33 76.58
C ASN V 323 -45.65 23.66 77.06
N ILE V 324 -45.80 24.64 76.16
CA ILE V 324 -46.31 25.94 76.58
C ILE V 324 -47.65 25.78 77.28
N PHE V 325 -48.55 24.99 76.69
CA PHE V 325 -49.88 24.77 77.23
C PHE V 325 -50.05 23.36 77.79
N LYS V 326 -48.96 22.65 78.04
CA LYS V 326 -49.06 21.31 78.61
C LYS V 326 -49.46 21.40 80.07
N VAL V 327 -50.75 21.31 80.34
CA VAL V 327 -51.27 21.39 81.71
C VAL V 327 -51.00 20.08 82.45
#